data_9KDE
#
_entry.id   9KDE
#
loop_
_entity.id
_entity.type
_entity.pdbx_description
1 polymer 'Short transient receptor potential channel 3'
2 non-polymer 'ZINC ION'
3 non-polymer 'ethyl 4-[2-methyl-7-oxidanyl-3-[4-(trifluoromethyl)phenyl]pyrazolo[1,5-a]pyrimidin-5-yl]piperidine-1-carboxylate'
#
_entity_poly.entity_id   1
_entity_poly.type   'polypeptide(L)'
_entity_poly.pdbx_seq_one_letter_code
;MSTKVRKCKEQARVTFPAPEEEEDEGEDEGAEPQRRRRGWRGVNGGLEPRSAPSQREPHGYCPPPFSHGPDLSMEGSPSL
RRMTVMREKGRRQAVRGPAFMFNDRGTSLTAEEERFLDAAEYGNIPVVRKMLEESKTLNVNCVDYMGQNALQLAVGNEHL
EVTELLLKKENLARIGDALLLAISKGYVRIVEAILNHPGFAASKRLTLSPCEQELQDDDFYAYDEDGTRFSPDITPIILA
AHCQKYEVVHMLLMKGARIERPHDYFCKCGDCMEKQRHDSFSHSRSRINAYKGLASPAYLSLSSEDPVLTALELSNELAK
LANIEKEFKNDYRKLSMQCKDFVVGVLDLCRDSEEVEAILNGDLESAEPLEVHRHKASLSRVKLAIKYEVKKFVAHPNCQ
QQLLTIWYENLSGLREQTIAIKCLVVLVVALGLPFLAIGYWIAPCSRLGKILRSPFMKFVAHAASFIIFLGLLVFNASDR
FEGITTLPNITVTDYPKQIFRVKTTQFTWTEMLIMVWVLGMMWSECKELWLEGPREYILQLWNVLDFGMLSIFIAAFTAR
FLAFLQATKAQQYVDSYVQESDLSEVTLPPEIQYFTYARDKWLPSDPQIISEGLYAIAVVLSFSRIAYILPANESFGPLQ
ISLGRTVKDIFKFMVLFIMVFFAFMIGMFILYSYYLGAKVNAAFTTVEESFKTLFWSIFGLSEVTSVVLKYDHKFIENIG
YVLYGIYNVTMVVVLLNMLIAMINSSYQEIEDDSDVEWKFARSKLWLSYFDDGKTLPPPFSLVPSPKSFVYFIMRIVNFP
KCRRRRLQKDIEMGMGNSKSRLNLFTQSNSRVFESHSFNSILNQPTRYQQIMKRLIKRYVLKAQVDKENDEVNEGELKEI
KQDISSLRYELLEDKSQATEELAILIHKLSEKLNPSMLRCE
;
_entity_poly.pdbx_strand_id   A,B,C,D
#
# COMPACT_ATOMS: atom_id res chain seq x y z
N THR A 107 -4.00 45.41 -39.63
CA THR A 107 -4.40 46.25 -38.51
C THR A 107 -4.28 47.73 -38.86
N SER A 108 -4.19 48.57 -37.83
CA SER A 108 -4.03 50.01 -38.00
C SER A 108 -2.58 50.43 -38.12
N LEU A 109 -1.65 49.48 -38.12
CA LEU A 109 -0.23 49.79 -38.20
C LEU A 109 0.16 50.27 -39.59
N THR A 110 1.22 51.07 -39.64
CA THR A 110 1.77 51.56 -40.90
C THR A 110 3.09 50.81 -41.21
N ALA A 111 3.67 51.15 -42.36
CA ALA A 111 4.85 50.44 -42.82
C ALA A 111 6.07 50.76 -41.98
N GLU A 112 6.31 52.05 -41.71
CA GLU A 112 7.52 52.46 -40.99
C GLU A 112 7.53 51.91 -39.57
N GLU A 113 6.40 52.03 -38.87
CA GLU A 113 6.35 51.52 -37.50
C GLU A 113 6.41 50.00 -37.46
N GLU A 114 5.87 49.32 -38.47
CA GLU A 114 6.01 47.87 -38.53
C GLU A 114 7.46 47.47 -38.75
N ARG A 115 8.18 48.20 -39.61
CA ARG A 115 9.60 47.95 -39.79
C ARG A 115 10.36 48.17 -38.48
N PHE A 116 10.03 49.25 -37.77
CA PHE A 116 10.60 49.49 -36.44
C PHE A 116 10.35 48.29 -35.52
N LEU A 117 9.10 47.82 -35.47
CA LEU A 117 8.74 46.75 -34.55
C LEU A 117 9.48 45.46 -34.89
N ASP A 118 9.54 45.10 -36.18
CA ASP A 118 10.20 43.86 -36.54
C ASP A 118 11.71 43.94 -36.34
N ALA A 119 12.30 45.11 -36.62
CA ALA A 119 13.73 45.28 -36.36
C ALA A 119 14.03 45.17 -34.87
N ALA A 120 13.20 45.77 -34.03
CA ALA A 120 13.42 45.69 -32.60
C ALA A 120 13.23 44.27 -32.08
N GLU A 121 12.20 43.57 -32.57
CA GLU A 121 11.94 42.21 -32.12
C GLU A 121 13.04 41.26 -32.55
N TYR A 122 13.55 41.42 -33.77
CA TYR A 122 14.60 40.57 -34.30
C TYR A 122 16.00 41.11 -34.02
N GLY A 123 16.12 42.18 -33.25
CA GLY A 123 17.41 42.70 -32.86
C GLY A 123 18.25 43.28 -33.97
N ASN A 124 17.64 44.10 -34.84
CA ASN A 124 18.39 44.84 -35.86
C ASN A 124 18.79 46.20 -35.29
N ILE A 125 19.95 46.21 -34.63
CA ILE A 125 20.40 47.42 -33.94
C ILE A 125 20.59 48.61 -34.89
N PRO A 126 21.31 48.50 -36.01
CA PRO A 126 21.45 49.68 -36.89
C PRO A 126 20.13 50.18 -37.44
N VAL A 127 19.19 49.27 -37.75
CA VAL A 127 17.90 49.68 -38.27
C VAL A 127 17.14 50.49 -37.23
N VAL A 128 17.14 50.03 -35.97
CA VAL A 128 16.49 50.77 -34.90
C VAL A 128 17.16 52.11 -34.69
N ARG A 129 18.49 52.14 -34.72
CA ARG A 129 19.21 53.41 -34.53
C ARG A 129 18.86 54.41 -35.61
N LYS A 130 18.77 53.95 -36.86
CA LYS A 130 18.35 54.83 -37.94
C LYS A 130 16.89 55.27 -37.75
N MET A 131 16.05 54.37 -37.24
CA MET A 131 14.65 54.71 -37.04
C MET A 131 14.47 55.79 -36.00
N LEU A 132 15.25 55.76 -34.93
CA LEU A 132 15.11 56.73 -33.84
C LEU A 132 15.93 58.00 -34.05
N GLU A 133 16.62 58.14 -35.17
CA GLU A 133 17.42 59.33 -35.44
C GLU A 133 16.78 60.14 -36.57
N GLU A 134 16.42 61.39 -36.27
CA GLU A 134 15.89 62.33 -37.26
C GLU A 134 14.66 61.77 -37.98
N SER A 135 13.72 61.24 -37.21
CA SER A 135 12.47 60.70 -37.75
C SER A 135 11.31 61.28 -36.96
N LYS A 136 10.55 62.18 -37.58
CA LYS A 136 9.39 62.75 -36.92
C LYS A 136 8.31 61.70 -36.66
N THR A 137 8.09 60.81 -37.62
CA THR A 137 7.09 59.75 -37.48
C THR A 137 7.70 58.59 -36.71
N LEU A 138 7.06 57.42 -36.78
CA LEU A 138 7.52 56.20 -36.11
C LEU A 138 7.61 56.41 -34.60
N ASN A 139 6.44 56.66 -34.01
CA ASN A 139 6.33 56.89 -32.57
C ASN A 139 6.91 55.70 -31.80
N VAL A 140 7.67 56.00 -30.75
CA VAL A 140 8.42 54.98 -30.05
C VAL A 140 7.49 53.98 -29.38
N ASN A 141 6.41 54.47 -28.75
CA ASN A 141 5.50 53.60 -28.02
C ASN A 141 4.29 53.18 -28.84
N CYS A 142 4.41 53.10 -30.16
CA CYS A 142 3.29 52.62 -30.97
C CYS A 142 3.07 51.13 -30.72
N VAL A 143 1.80 50.77 -30.49
CA VAL A 143 1.44 49.41 -30.12
C VAL A 143 0.28 48.96 -31.01
N ASP A 144 0.34 47.70 -31.42
CA ASP A 144 -0.74 47.10 -32.20
C ASP A 144 -1.99 46.98 -31.34
N TYR A 145 -3.12 46.67 -31.99
CA TYR A 145 -4.37 46.50 -31.27
C TYR A 145 -4.29 45.34 -30.30
N MET A 146 -3.69 44.23 -30.72
CA MET A 146 -3.53 43.04 -29.89
C MET A 146 -2.07 42.59 -29.89
N GLY A 147 -1.16 43.54 -29.97
CA GLY A 147 0.26 43.23 -29.97
C GLY A 147 1.02 43.86 -28.82
N GLN A 148 2.31 43.60 -28.74
CA GLN A 148 3.16 44.10 -27.67
C GLN A 148 3.85 45.39 -28.13
N ASN A 149 4.28 46.19 -27.16
CA ASN A 149 5.06 47.37 -27.44
C ASN A 149 6.42 46.97 -28.01
N ALA A 150 7.05 47.91 -28.72
CA ALA A 150 8.38 47.65 -29.27
C ALA A 150 9.38 47.36 -28.16
N LEU A 151 9.30 48.11 -27.06
CA LEU A 151 10.20 47.85 -25.94
C LEU A 151 9.92 46.50 -25.32
N GLN A 152 8.64 46.10 -25.24
CA GLN A 152 8.32 44.77 -24.74
C GLN A 152 8.88 43.68 -25.65
N LEU A 153 8.82 43.90 -26.96
CA LEU A 153 9.39 42.92 -27.89
C LEU A 153 10.91 42.85 -27.73
N ALA A 154 11.57 43.99 -27.52
CA ALA A 154 13.01 44.00 -27.32
C ALA A 154 13.38 43.33 -26.00
N VAL A 155 12.52 43.43 -25.00
CA VAL A 155 12.79 42.79 -23.72
C VAL A 155 12.58 41.28 -23.80
N GLY A 156 11.54 40.85 -24.52
CA GLY A 156 11.22 39.43 -24.56
C GLY A 156 12.35 38.58 -25.10
N ASN A 157 12.98 39.03 -26.18
CA ASN A 157 14.17 38.38 -26.73
C ASN A 157 15.36 39.25 -26.36
N GLU A 158 16.30 38.65 -25.63
CA GLU A 158 17.36 39.42 -24.96
C GLU A 158 18.15 40.27 -25.95
N HIS A 159 18.00 41.59 -25.82
CA HIS A 159 18.76 42.56 -26.62
C HIS A 159 19.00 43.78 -25.73
N LEU A 160 20.17 43.80 -25.09
CA LEU A 160 20.50 44.90 -24.18
C LEU A 160 20.62 46.22 -24.95
N GLU A 161 21.30 46.19 -26.11
CA GLU A 161 21.53 47.42 -26.85
C GLU A 161 20.21 48.03 -27.34
N VAL A 162 19.32 47.20 -27.89
CA VAL A 162 18.05 47.71 -28.39
C VAL A 162 17.22 48.27 -27.24
N THR A 163 17.17 47.57 -26.11
CA THR A 163 16.39 48.04 -24.97
C THR A 163 16.93 49.37 -24.44
N GLU A 164 18.26 49.50 -24.34
CA GLU A 164 18.84 50.74 -23.84
C GLU A 164 18.61 51.88 -24.82
N LEU A 165 18.74 51.60 -26.13
CA LEU A 165 18.48 52.62 -27.14
C LEU A 165 17.03 53.10 -27.09
N LEU A 166 16.09 52.18 -26.84
CA LEU A 166 14.71 52.58 -26.60
C LEU A 166 14.59 53.40 -25.33
N LEU A 167 15.31 53.02 -24.27
CA LEU A 167 15.29 53.76 -23.02
C LEU A 167 15.88 55.15 -23.14
N LYS A 168 16.60 55.44 -24.23
CA LYS A 168 17.04 56.82 -24.48
C LYS A 168 15.86 57.79 -24.48
N LYS A 169 14.74 57.40 -25.08
CA LYS A 169 13.61 58.31 -25.20
C LYS A 169 12.94 58.54 -23.85
N GLU A 170 12.62 59.81 -23.58
CA GLU A 170 12.03 60.17 -22.29
C GLU A 170 10.57 59.73 -22.20
N ASN A 171 9.79 59.97 -23.24
CA ASN A 171 8.36 59.64 -23.25
C ASN A 171 8.21 58.25 -23.84
N LEU A 172 7.95 57.27 -22.98
CA LEU A 172 7.83 55.88 -23.40
C LEU A 172 7.19 55.08 -22.28
N ALA A 173 6.15 54.32 -22.61
CA ALA A 173 5.32 53.65 -21.62
C ALA A 173 5.59 52.15 -21.59
N ARG A 174 4.84 51.46 -20.73
CA ARG A 174 4.96 50.01 -20.53
C ARG A 174 6.35 49.62 -20.05
N ILE A 175 7.01 50.51 -19.31
CA ILE A 175 8.32 50.18 -18.73
C ILE A 175 8.17 49.17 -17.61
N GLY A 176 7.15 49.34 -16.77
CA GLY A 176 6.95 48.43 -15.66
C GLY A 176 6.61 47.02 -16.10
N ASP A 177 5.78 46.90 -17.15
CA ASP A 177 5.46 45.57 -17.67
C ASP A 177 6.69 44.87 -18.20
N ALA A 178 7.56 45.60 -18.91
CA ALA A 178 8.79 44.99 -19.40
C ALA A 178 9.74 44.64 -18.25
N LEU A 179 9.75 45.46 -17.20
CA LEU A 179 10.55 45.11 -16.03
C LEU A 179 10.05 43.81 -15.42
N LEU A 180 8.74 43.65 -15.30
CA LEU A 180 8.17 42.40 -14.79
C LEU A 180 8.52 41.23 -15.71
N LEU A 181 8.46 41.44 -17.02
CA LEU A 181 8.79 40.38 -17.96
C LEU A 181 10.25 39.96 -17.82
N ALA A 182 11.16 40.93 -17.71
CA ALA A 182 12.57 40.62 -17.55
C ALA A 182 12.83 39.92 -16.22
N ILE A 183 12.14 40.34 -15.16
CA ILE A 183 12.29 39.69 -13.86
C ILE A 183 11.80 38.25 -13.92
N SER A 184 10.73 38.01 -14.68
CA SER A 184 10.21 36.65 -14.84
C SER A 184 11.24 35.71 -15.48
N LYS A 185 12.24 36.26 -16.15
CA LYS A 185 13.32 35.48 -16.75
C LYS A 185 14.64 35.90 -16.11
N GLY A 186 15.74 35.40 -16.67
CA GLY A 186 17.05 35.65 -16.11
C GLY A 186 17.75 36.87 -16.67
N TYR A 187 16.99 37.79 -17.26
CA TYR A 187 17.56 38.97 -17.90
C TYR A 187 18.03 39.97 -16.86
N VAL A 188 19.15 39.67 -16.19
CA VAL A 188 19.65 40.55 -15.14
C VAL A 188 20.13 41.87 -15.73
N ARG A 189 20.84 41.81 -16.86
CA ARG A 189 21.35 43.03 -17.48
C ARG A 189 20.22 43.94 -17.95
N ILE A 190 19.17 43.35 -18.52
CA ILE A 190 18.01 44.15 -18.94
C ILE A 190 17.31 44.76 -17.73
N VAL A 191 17.22 44.02 -16.63
CA VAL A 191 16.64 44.56 -15.41
C VAL A 191 17.45 45.76 -14.92
N GLU A 192 18.78 45.61 -14.93
CA GLU A 192 19.64 46.71 -14.50
C GLU A 192 19.48 47.93 -15.40
N ALA A 193 19.39 47.71 -16.71
CA ALA A 193 19.21 48.82 -17.64
C ALA A 193 17.88 49.53 -17.40
N ILE A 194 16.81 48.75 -17.19
CA ILE A 194 15.49 49.34 -16.97
C ILE A 194 15.47 50.13 -15.67
N LEU A 195 16.07 49.59 -14.61
CA LEU A 195 16.09 50.29 -13.33
C LEU A 195 16.89 51.58 -13.41
N ASN A 196 17.79 51.70 -14.39
CA ASN A 196 18.54 52.94 -14.57
C ASN A 196 17.70 54.05 -15.17
N HIS A 197 16.48 53.76 -15.62
CA HIS A 197 15.62 54.80 -16.17
C HIS A 197 15.26 55.81 -15.08
N PRO A 198 15.21 57.09 -15.41
CA PRO A 198 14.89 58.10 -14.38
C PRO A 198 13.51 57.94 -13.78
N GLY A 199 12.59 57.23 -14.44
CA GLY A 199 11.25 57.07 -13.90
C GLY A 199 11.24 56.36 -12.56
N PHE A 200 11.98 55.26 -12.46
CA PHE A 200 12.04 54.53 -11.19
C PHE A 200 12.80 55.31 -10.13
N ALA A 201 13.87 56.00 -10.54
CA ALA A 201 14.71 56.70 -9.57
C ALA A 201 13.97 57.83 -8.89
N ALA A 202 13.16 58.58 -9.64
CA ALA A 202 12.47 59.76 -9.12
C ALA A 202 10.98 59.51 -8.89
N SER A 203 10.60 58.29 -8.50
CA SER A 203 9.21 57.99 -8.21
C SER A 203 9.13 56.80 -7.29
N LYS A 204 7.95 56.61 -6.70
CA LYS A 204 7.66 55.48 -5.82
C LYS A 204 7.13 54.27 -6.58
N ARG A 205 7.39 54.19 -7.89
CA ARG A 205 6.85 53.10 -8.70
C ARG A 205 7.44 51.76 -8.29
N LEU A 206 8.75 51.73 -8.03
CA LEU A 206 9.42 50.46 -7.76
C LEU A 206 8.95 49.84 -6.45
N THR A 207 8.83 50.66 -5.39
CA THR A 207 8.53 50.12 -4.07
C THR A 207 7.07 49.67 -3.94
N LEU A 208 6.14 50.46 -4.47
CA LEU A 208 4.72 50.23 -4.25
C LEU A 208 4.10 49.43 -5.39
N SER A 209 3.04 48.70 -5.07
CA SER A 209 2.36 47.86 -6.03
C SER A 209 1.63 48.70 -7.07
N PRO A 210 1.46 48.18 -8.29
CA PRO A 210 0.76 48.95 -9.33
C PRO A 210 -0.68 49.29 -8.96
N CYS A 211 -1.33 48.46 -8.13
CA CYS A 211 -2.73 48.70 -7.79
C CYS A 211 -2.91 50.00 -7.02
N GLU A 212 -1.99 50.29 -6.08
CA GLU A 212 -2.14 51.44 -5.20
C GLU A 212 -0.99 52.42 -5.30
N GLN A 213 -0.15 52.33 -6.34
CA GLN A 213 0.98 53.25 -6.46
C GLN A 213 0.51 54.68 -6.67
N GLU A 214 -0.46 54.88 -7.54
CA GLU A 214 -0.97 56.21 -7.88
C GLU A 214 -2.32 56.05 -8.55
N LEU A 215 -2.80 57.13 -9.17
CA LEU A 215 -4.04 57.09 -9.94
C LEU A 215 -3.92 56.23 -11.19
N GLN A 216 -2.74 55.66 -11.46
CA GLN A 216 -2.49 54.76 -12.59
C GLN A 216 -3.09 55.28 -13.90
N ASP A 217 -2.99 56.61 -14.10
CA ASP A 217 -3.44 57.19 -15.35
C ASP A 217 -2.62 56.67 -16.53
N ASP A 218 -1.30 56.57 -16.36
CA ASP A 218 -0.44 56.07 -17.41
C ASP A 218 -0.42 54.55 -17.42
N ASP A 219 -0.11 54.00 -18.59
CA ASP A 219 -0.03 52.54 -18.78
C ASP A 219 1.36 52.02 -18.43
N PHE A 220 1.79 52.28 -17.19
CA PHE A 220 3.15 51.91 -16.80
C PHE A 220 3.30 50.40 -16.66
N TYR A 221 2.36 49.75 -15.97
CA TYR A 221 2.38 48.31 -15.78
C TYR A 221 1.40 47.58 -16.69
N ALA A 222 0.75 48.29 -17.61
CA ALA A 222 -0.32 47.70 -18.39
C ALA A 222 0.20 46.65 -19.37
N TYR A 223 -0.60 45.61 -19.58
CA TYR A 223 -0.31 44.58 -20.56
C TYR A 223 -0.91 45.00 -21.90
N ASP A 224 -1.02 44.06 -22.85
CA ASP A 224 -1.39 44.33 -24.23
C ASP A 224 -2.54 45.35 -24.36
N GLU A 225 -3.73 45.00 -23.87
CA GLU A 225 -4.90 45.87 -24.04
C GLU A 225 -5.42 46.39 -22.72
N ASP A 226 -5.80 45.52 -21.79
CA ASP A 226 -6.47 45.95 -20.56
C ASP A 226 -5.74 45.54 -19.30
N GLY A 227 -5.42 44.26 -19.14
CA GLY A 227 -4.94 43.74 -17.89
C GLY A 227 -3.45 43.96 -17.67
N THR A 228 -2.90 43.15 -16.78
CA THR A 228 -1.48 43.17 -16.45
C THR A 228 -0.90 41.78 -16.67
N ARG A 229 0.40 41.74 -16.95
CA ARG A 229 1.07 40.46 -17.19
C ARG A 229 0.91 39.52 -16.01
N PHE A 230 0.98 40.05 -14.80
CA PHE A 230 0.75 39.30 -13.57
C PHE A 230 -0.36 39.97 -12.77
N SER A 231 -0.56 39.51 -11.54
CA SER A 231 -1.62 40.06 -10.70
C SER A 231 -1.33 41.53 -10.40
N PRO A 232 -2.37 42.35 -10.24
CA PRO A 232 -2.15 43.78 -9.96
C PRO A 232 -1.43 44.04 -8.64
N ASP A 233 -1.44 43.08 -7.72
CA ASP A 233 -0.84 43.25 -6.41
C ASP A 233 0.56 42.63 -6.32
N ILE A 234 1.16 42.27 -7.45
CA ILE A 234 2.50 41.71 -7.48
C ILE A 234 3.48 42.82 -7.83
N THR A 235 4.30 43.19 -6.85
CA THR A 235 5.38 44.15 -7.08
C THR A 235 6.53 43.46 -7.80
N PRO A 236 7.44 44.23 -8.41
CA PRO A 236 8.62 43.59 -9.03
C PRO A 236 9.44 42.76 -8.05
N ILE A 237 9.57 43.19 -6.79
CA ILE A 237 10.34 42.41 -5.82
C ILE A 237 9.61 41.12 -5.47
N ILE A 238 8.28 41.16 -5.38
CA ILE A 238 7.50 39.95 -5.12
C ILE A 238 7.68 38.96 -6.27
N LEU A 239 7.65 39.46 -7.51
CA LEU A 239 7.85 38.58 -8.66
C LEU A 239 9.26 37.99 -8.67
N ALA A 240 10.26 38.81 -8.32
CA ALA A 240 11.63 38.32 -8.27
C ALA A 240 11.78 37.22 -7.23
N ALA A 241 11.14 37.39 -6.07
CA ALA A 241 11.12 36.33 -5.07
C ALA A 241 10.39 35.09 -5.61
N HIS A 242 9.31 35.30 -6.35
CA HIS A 242 8.56 34.17 -6.91
C HIS A 242 9.44 33.35 -7.85
N CYS A 243 10.21 34.00 -8.70
CA CYS A 243 11.11 33.30 -9.60
C CYS A 243 12.42 32.88 -8.95
N GLN A 244 12.65 33.26 -7.69
CA GLN A 244 13.86 32.90 -6.95
C GLN A 244 15.12 33.36 -7.69
N LYS A 245 15.05 34.55 -8.28
CA LYS A 245 16.19 35.13 -8.97
C LYS A 245 17.03 35.88 -7.94
N TYR A 246 18.10 35.25 -7.48
CA TYR A 246 18.90 35.83 -6.40
C TYR A 246 19.51 37.16 -6.82
N GLU A 247 20.04 37.24 -8.04
CA GLU A 247 20.66 38.48 -8.50
C GLU A 247 19.62 39.59 -8.62
N VAL A 248 18.47 39.29 -9.21
CA VAL A 248 17.42 40.29 -9.38
C VAL A 248 16.89 40.73 -8.02
N VAL A 249 16.70 39.78 -7.11
CA VAL A 249 16.23 40.12 -5.76
C VAL A 249 17.24 41.04 -5.07
N HIS A 250 18.53 40.73 -5.20
CA HIS A 250 19.55 41.57 -4.56
C HIS A 250 19.55 42.97 -5.15
N MET A 251 19.45 43.09 -6.47
CA MET A 251 19.42 44.42 -7.09
C MET A 251 18.20 45.21 -6.66
N LEU A 252 17.03 44.55 -6.61
CA LEU A 252 15.82 45.26 -6.20
C LEU A 252 15.89 45.68 -4.74
N LEU A 253 16.48 44.84 -3.88
CA LEU A 253 16.62 45.20 -2.48
C LEU A 253 17.61 46.35 -2.30
N MET A 254 18.67 46.39 -3.11
CA MET A 254 19.63 47.47 -3.02
C MET A 254 19.02 48.82 -3.40
N LYS A 255 17.94 48.82 -4.17
CA LYS A 255 17.27 50.06 -4.56
C LYS A 255 16.23 50.52 -3.56
N GLY A 256 16.01 49.76 -2.49
CA GLY A 256 15.05 50.13 -1.47
C GLY A 256 13.69 49.49 -1.62
N ALA A 257 13.52 48.53 -2.51
CA ALA A 257 12.25 47.85 -2.69
C ALA A 257 12.22 46.57 -1.89
N ARG A 258 11.26 46.47 -0.97
CA ARG A 258 11.12 45.30 -0.11
C ARG A 258 9.67 44.85 -0.10
N ILE A 259 9.46 43.57 0.19
CA ILE A 259 8.12 43.00 0.27
C ILE A 259 7.53 43.43 1.61
N GLU A 260 6.53 44.32 1.56
CA GLU A 260 5.87 44.76 2.78
C GLU A 260 5.11 43.60 3.40
N ARG A 261 5.29 43.40 4.70
CA ARG A 261 4.66 42.29 5.38
C ARG A 261 3.14 42.49 5.43
N PRO A 262 2.35 41.51 4.98
CA PRO A 262 0.90 41.66 5.07
C PRO A 262 0.42 41.71 6.51
N HIS A 263 -0.69 42.42 6.72
CA HIS A 263 -1.23 42.57 8.06
C HIS A 263 -1.78 41.25 8.57
N ASP A 264 -2.14 41.24 9.85
CA ASP A 264 -2.73 40.06 10.45
C ASP A 264 -4.08 39.76 9.79
N TYR A 265 -4.45 38.47 9.79
CA TYR A 265 -5.70 38.06 9.16
C TYR A 265 -6.91 38.72 9.82
N PHE A 266 -6.81 39.05 11.10
CA PHE A 266 -7.90 39.68 11.84
C PHE A 266 -7.74 41.18 11.97
N CYS A 267 -6.83 41.79 11.20
CA CYS A 267 -6.62 43.22 11.27
C CYS A 267 -7.88 43.97 10.83
N LYS A 268 -8.20 45.04 11.55
CA LYS A 268 -9.42 45.81 11.31
C LYS A 268 -9.12 47.27 10.96
N CYS A 269 -7.94 47.55 10.41
CA CYS A 269 -7.60 48.92 10.05
C CYS A 269 -8.43 49.38 8.85
N GLY A 270 -8.32 50.68 8.54
CA GLY A 270 -9.07 51.23 7.44
C GLY A 270 -8.67 50.62 6.10
N ASP A 271 -7.38 50.40 5.91
CA ASP A 271 -6.90 49.85 4.64
C ASP A 271 -7.38 48.41 4.45
N CYS A 272 -7.17 47.57 5.48
CA CYS A 272 -7.59 46.17 5.39
C CYS A 272 -9.10 46.05 5.25
N MET A 273 -9.85 46.86 5.99
CA MET A 273 -11.31 46.82 5.88
C MET A 273 -11.77 47.31 4.51
N GLU A 274 -11.10 48.31 3.96
CA GLU A 274 -11.45 48.81 2.62
C GLU A 274 -11.21 47.73 1.57
N LYS A 275 -10.10 46.99 1.69
CA LYS A 275 -9.85 45.91 0.74
C LYS A 275 -10.81 44.74 0.95
N GLN A 276 -11.18 44.46 2.20
CA GLN A 276 -12.05 43.31 2.47
C GLN A 276 -13.51 43.60 2.09
N ARG A 277 -13.91 44.87 2.10
CA ARG A 277 -15.30 45.21 1.82
C ARG A 277 -15.70 44.80 0.40
N HIS A 278 -14.83 45.05 -0.57
CA HIS A 278 -15.09 44.73 -1.96
C HIS A 278 -13.95 43.89 -2.52
N ASP A 279 -14.29 42.84 -3.26
CA ASP A 279 -13.32 41.97 -3.94
C ASP A 279 -12.36 41.36 -2.92
N SER A 280 -12.91 40.54 -2.02
CA SER A 280 -12.10 39.92 -0.98
C SER A 280 -11.22 38.81 -1.53
N PHE A 281 -11.62 38.20 -2.64
CA PHE A 281 -10.79 37.15 -3.23
C PHE A 281 -9.45 37.72 -3.71
N SER A 282 -9.47 38.92 -4.29
CA SER A 282 -8.21 39.54 -4.70
C SER A 282 -7.35 39.84 -3.49
N HIS A 283 -7.96 40.24 -2.37
CA HIS A 283 -7.22 40.49 -1.15
C HIS A 283 -6.55 39.21 -0.64
N SER A 284 -7.29 38.11 -0.61
CA SER A 284 -6.71 36.84 -0.17
C SER A 284 -5.59 36.40 -1.10
N ARG A 285 -5.79 36.54 -2.41
CA ARG A 285 -4.75 36.15 -3.36
C ARG A 285 -3.51 37.03 -3.21
N SER A 286 -3.70 38.32 -2.95
CA SER A 286 -2.57 39.20 -2.73
C SER A 286 -1.81 38.83 -1.46
N ARG A 287 -2.54 38.47 -0.39
CA ARG A 287 -1.87 38.02 0.82
C ARG A 287 -1.07 36.75 0.56
N ILE A 288 -1.64 35.81 -0.19
CA ILE A 288 -0.93 34.57 -0.49
C ILE A 288 0.30 34.85 -1.34
N ASN A 289 0.19 35.76 -2.30
CA ASN A 289 1.34 36.11 -3.13
C ASN A 289 2.44 36.77 -2.31
N ALA A 290 2.05 37.66 -1.39
CA ALA A 290 3.05 38.31 -0.54
C ALA A 290 3.76 37.28 0.34
N TYR A 291 3.02 36.32 0.88
CA TYR A 291 3.65 35.29 1.70
C TYR A 291 4.53 34.38 0.87
N LYS A 292 4.12 34.07 -0.36
CA LYS A 292 4.97 33.27 -1.25
C LYS A 292 6.26 34.00 -1.59
N GLY A 293 6.18 35.32 -1.76
CA GLY A 293 7.41 36.09 -1.93
C GLY A 293 8.27 36.07 -0.68
N LEU A 294 7.64 36.21 0.49
CA LEU A 294 8.38 36.18 1.75
C LEU A 294 9.00 34.81 2.00
N ALA A 295 8.27 33.74 1.68
CA ALA A 295 8.72 32.39 1.96
C ALA A 295 9.72 31.87 0.93
N SER A 296 9.98 32.63 -0.13
CA SER A 296 10.94 32.19 -1.13
C SER A 296 12.35 32.13 -0.53
N PRO A 297 13.13 31.10 -0.86
CA PRO A 297 14.49 31.03 -0.31
C PRO A 297 15.36 32.22 -0.68
N ALA A 298 15.16 32.79 -1.87
CA ALA A 298 15.96 33.93 -2.30
C ALA A 298 15.73 35.14 -1.40
N TYR A 299 14.47 35.50 -1.20
CA TYR A 299 14.17 36.65 -0.36
C TYR A 299 14.53 36.37 1.09
N LEU A 300 14.33 35.14 1.55
CA LEU A 300 14.71 34.80 2.92
C LEU A 300 16.21 34.98 3.13
N SER A 301 17.01 34.51 2.16
CA SER A 301 18.46 34.57 2.34
C SER A 301 19.00 35.98 2.17
N LEU A 302 18.44 36.76 1.25
CA LEU A 302 18.99 38.07 0.93
C LEU A 302 18.24 39.22 1.60
N SER A 303 17.26 38.93 2.45
CA SER A 303 16.40 39.97 2.98
C SER A 303 17.04 40.68 4.17
N SER A 304 17.29 39.95 5.26
CA SER A 304 17.72 40.56 6.51
C SER A 304 18.74 39.67 7.20
N GLU A 305 19.37 40.23 8.24
CA GLU A 305 20.38 39.50 8.99
C GLU A 305 19.77 38.33 9.75
N ASP A 306 20.57 37.27 9.88
CA ASP A 306 20.18 36.04 10.58
C ASP A 306 18.90 35.49 9.98
N PRO A 307 18.95 34.97 8.74
CA PRO A 307 17.70 34.58 8.06
C PRO A 307 17.07 33.30 8.59
N VAL A 308 17.79 32.49 9.37
CA VAL A 308 17.20 31.24 9.83
C VAL A 308 16.09 31.51 10.84
N LEU A 309 16.30 32.47 11.74
CA LEU A 309 15.24 32.84 12.67
C LEU A 309 14.04 33.43 11.93
N THR A 310 14.31 34.27 10.93
CA THR A 310 13.21 34.84 10.14
C THR A 310 12.42 33.73 9.45
N ALA A 311 13.12 32.74 8.89
CA ALA A 311 12.44 31.62 8.24
C ALA A 311 11.62 30.82 9.24
N LEU A 312 12.14 30.62 10.45
CA LEU A 312 11.40 29.84 11.45
C LEU A 312 10.13 30.58 11.88
N GLU A 313 10.24 31.88 12.16
CA GLU A 313 9.05 32.64 12.54
C GLU A 313 8.06 32.71 11.37
N LEU A 314 8.57 32.81 10.14
CA LEU A 314 7.67 32.80 8.98
C LEU A 314 6.98 31.45 8.82
N SER A 315 7.67 30.35 9.13
CA SER A 315 7.03 29.05 9.11
C SER A 315 5.92 28.98 10.15
N ASN A 316 6.18 29.52 11.35
CA ASN A 316 5.13 29.59 12.36
C ASN A 316 3.92 30.37 11.85
N GLU A 317 4.18 31.54 11.26
CA GLU A 317 3.09 32.40 10.79
C GLU A 317 2.30 31.72 9.68
N LEU A 318 2.99 31.03 8.77
CA LEU A 318 2.33 30.36 7.67
C LEU A 318 1.50 29.18 8.16
N ALA A 319 2.02 28.43 9.15
CA ALA A 319 1.22 27.34 9.72
C ALA A 319 -0.02 27.87 10.42
N LYS A 320 0.13 28.96 11.18
CA LYS A 320 -1.02 29.54 11.87
C LYS A 320 -2.06 30.04 10.87
N LEU A 321 -1.62 30.65 9.77
CA LEU A 321 -2.56 31.13 8.77
C LEU A 321 -3.18 29.98 7.99
N ALA A 322 -2.45 28.87 7.82
CA ALA A 322 -3.05 27.69 7.22
C ALA A 322 -4.17 27.15 8.10
N ASN A 323 -3.94 27.13 9.41
CA ASN A 323 -5.00 26.70 10.33
C ASN A 323 -6.19 27.66 10.31
N ILE A 324 -5.91 28.97 10.27
CA ILE A 324 -6.99 29.95 10.35
C ILE A 324 -7.83 29.98 9.08
N GLU A 325 -7.17 29.97 7.92
CA GLU A 325 -7.87 30.16 6.65
C GLU A 325 -8.80 28.98 6.35
N LYS A 326 -8.24 27.78 6.26
CA LYS A 326 -8.93 26.53 5.92
C LYS A 326 -9.44 26.51 4.50
N GLU A 327 -9.26 27.59 3.72
CA GLU A 327 -9.60 27.62 2.31
C GLU A 327 -8.38 27.36 1.43
N PHE A 328 -7.31 28.14 1.63
CA PHE A 328 -6.05 27.97 0.94
C PHE A 328 -5.03 27.26 1.82
N LYS A 329 -5.49 26.31 2.62
CA LYS A 329 -4.62 25.62 3.57
C LYS A 329 -3.45 24.95 2.86
N ASN A 330 -3.69 24.40 1.67
CA ASN A 330 -2.61 23.75 0.93
C ASN A 330 -1.50 24.73 0.58
N ASP A 331 -1.86 25.94 0.13
CA ASP A 331 -0.85 26.92 -0.26
C ASP A 331 -0.02 27.36 0.94
N TYR A 332 -0.66 27.67 2.05
CA TYR A 332 0.08 28.11 3.24
C TYR A 332 0.93 26.98 3.80
N ARG A 333 0.42 25.75 3.78
CA ARG A 333 1.23 24.62 4.22
C ARG A 333 2.43 24.42 3.32
N LYS A 334 2.26 24.59 2.01
CA LYS A 334 3.39 24.49 1.09
C LYS A 334 4.42 25.58 1.37
N LEU A 335 3.98 26.79 1.67
CA LEU A 335 4.91 27.86 2.01
C LEU A 335 5.65 27.56 3.31
N SER A 336 4.95 27.01 4.30
CA SER A 336 5.61 26.63 5.54
C SER A 336 6.63 25.53 5.30
N MET A 337 6.30 24.56 4.44
CA MET A 337 7.27 23.52 4.09
C MET A 337 8.47 24.12 3.37
N GLN A 338 8.25 25.15 2.55
CA GLN A 338 9.37 25.83 1.90
C GLN A 338 10.28 26.48 2.94
N CYS A 339 9.70 27.14 3.94
CA CYS A 339 10.51 27.75 4.99
C CYS A 339 11.28 26.70 5.77
N LYS A 340 10.63 25.58 6.11
CA LYS A 340 11.32 24.50 6.83
C LYS A 340 12.45 23.93 5.98
N ASP A 341 12.22 23.77 4.68
CA ASP A 341 13.26 23.25 3.80
C ASP A 341 14.43 24.22 3.71
N PHE A 342 14.15 25.53 3.68
CA PHE A 342 15.24 26.50 3.68
C PHE A 342 16.06 26.39 4.96
N VAL A 343 15.38 26.27 6.10
CA VAL A 343 16.10 26.15 7.38
C VAL A 343 16.97 24.89 7.38
N VAL A 344 16.41 23.77 6.91
CA VAL A 344 17.15 22.51 6.88
C VAL A 344 18.34 22.62 5.94
N GLY A 345 18.15 23.24 4.77
CA GLY A 345 19.25 23.40 3.83
C GLY A 345 20.35 24.29 4.37
N VAL A 346 19.99 25.35 5.09
CA VAL A 346 21.00 26.20 5.72
C VAL A 346 21.78 25.40 6.77
N LEU A 347 21.07 24.57 7.55
CA LEU A 347 21.75 23.74 8.54
C LEU A 347 22.66 22.70 7.86
N ASP A 348 22.27 22.24 6.67
CA ASP A 348 22.95 21.11 6.04
C ASP A 348 24.38 21.46 5.64
N LEU A 349 24.62 22.72 5.26
CA LEU A 349 25.91 23.11 4.72
C LEU A 349 26.98 23.30 5.79
N CYS A 350 26.71 22.95 7.04
CA CYS A 350 27.72 23.04 8.07
C CYS A 350 28.89 22.12 7.77
N ARG A 351 30.10 22.59 8.09
CA ARG A 351 31.31 21.80 7.93
C ARG A 351 32.21 21.84 9.16
N ASP A 352 31.82 22.57 10.21
CA ASP A 352 32.59 22.64 11.44
C ASP A 352 31.63 22.75 12.61
N SER A 353 32.13 22.40 13.80
CA SER A 353 31.28 22.47 14.99
C SER A 353 30.89 23.90 15.31
N GLU A 354 31.74 24.86 14.95
CA GLU A 354 31.42 26.27 15.21
C GLU A 354 30.20 26.71 14.42
N GLU A 355 30.13 26.33 13.14
CA GLU A 355 28.98 26.68 12.32
C GLU A 355 27.71 25.98 12.82
N VAL A 356 27.84 24.72 13.23
CA VAL A 356 26.70 24.00 13.78
C VAL A 356 26.18 24.72 15.03
N GLU A 357 27.07 25.10 15.93
CA GLU A 357 26.64 25.84 17.11
C GLU A 357 26.02 27.17 16.74
N ALA A 358 26.60 27.89 15.78
CA ALA A 358 26.05 29.18 15.40
C ALA A 358 24.63 29.06 14.86
N ILE A 359 24.37 28.04 14.06
CA ILE A 359 22.99 27.85 13.58
C ILE A 359 22.09 27.40 14.73
N LEU A 360 22.59 26.53 15.61
CA LEU A 360 21.75 25.99 16.68
C LEU A 360 21.43 27.01 17.76
N ASN A 361 22.19 28.11 17.87
CA ASN A 361 21.79 29.21 18.73
C ASN A 361 22.50 30.50 18.34
N GLY A 362 21.83 31.63 18.52
CA GLY A 362 22.39 32.91 18.13
C GLY A 362 23.44 33.44 19.08
N ASP A 363 23.63 34.75 19.10
CA ASP A 363 24.63 35.37 19.97
C ASP A 363 24.18 35.35 21.43
N SER A 378 22.65 26.56 25.78
CA SER A 378 21.36 27.13 25.42
C SER A 378 21.07 26.92 23.94
N LEU A 379 20.33 25.84 23.64
CA LEU A 379 19.99 25.50 22.26
C LEU A 379 18.73 26.28 21.88
N SER A 380 18.90 27.60 21.73
CA SER A 380 17.75 28.47 21.52
C SER A 380 17.02 28.13 20.23
N ARG A 381 17.77 27.92 19.14
CA ARG A 381 17.12 27.64 17.86
C ARG A 381 16.50 26.24 17.84
N VAL A 382 17.13 25.28 18.51
CA VAL A 382 16.54 23.94 18.58
C VAL A 382 15.23 23.97 19.36
N LYS A 383 15.20 24.70 20.47
CA LYS A 383 13.98 24.83 21.25
C LYS A 383 12.90 25.55 20.44
N LEU A 384 13.29 26.61 19.74
CA LEU A 384 12.33 27.38 18.95
C LEU A 384 11.81 26.58 17.75
N ALA A 385 12.61 25.67 17.20
CA ALA A 385 12.13 24.80 16.14
C ALA A 385 11.25 23.69 16.67
N ILE A 386 11.54 23.19 17.88
CA ILE A 386 10.66 22.22 18.52
C ILE A 386 9.31 22.86 18.80
N LYS A 387 9.30 24.12 19.22
CA LYS A 387 8.05 24.84 19.44
C LYS A 387 7.25 24.98 18.15
N TYR A 388 7.92 25.07 17.00
CA TYR A 388 7.25 25.26 15.72
C TYR A 388 7.10 23.97 14.94
N GLU A 389 7.42 22.82 15.55
CA GLU A 389 7.27 21.52 14.90
C GLU A 389 8.06 21.43 13.60
N VAL A 390 9.28 21.95 13.60
CA VAL A 390 10.18 21.82 12.45
C VAL A 390 10.93 20.51 12.65
N LYS A 391 10.30 19.43 12.18
CA LYS A 391 10.81 18.08 12.47
C LYS A 391 12.17 17.84 11.82
N LYS A 392 12.33 18.25 10.56
CA LYS A 392 13.54 17.92 9.81
C LYS A 392 14.76 18.71 10.28
N PHE A 393 14.57 19.91 10.84
CA PHE A 393 15.71 20.66 11.36
C PHE A 393 16.26 20.05 12.64
N VAL A 394 15.38 19.52 13.49
CA VAL A 394 15.82 18.94 14.76
C VAL A 394 16.33 17.51 14.57
N ALA A 395 15.76 16.76 13.64
CA ALA A 395 16.18 15.39 13.38
C ALA A 395 17.38 15.29 12.46
N HIS A 396 17.90 16.41 11.97
CA HIS A 396 19.06 16.39 11.08
C HIS A 396 20.29 15.90 11.84
N PRO A 397 21.14 15.10 11.19
CA PRO A 397 22.34 14.60 11.88
C PRO A 397 23.26 15.70 12.39
N ASN A 398 23.31 16.85 11.72
CA ASN A 398 24.16 17.94 12.19
C ASN A 398 23.71 18.46 13.54
N CYS A 399 22.42 18.35 13.86
CA CYS A 399 21.91 18.72 15.16
C CYS A 399 21.93 17.55 16.14
N GLN A 400 21.73 16.32 15.64
CA GLN A 400 21.76 15.15 16.50
C GLN A 400 23.15 14.92 17.07
N GLN A 401 24.19 15.22 16.30
CA GLN A 401 25.55 15.07 16.81
C GLN A 401 25.81 16.00 17.99
N GLN A 402 25.23 17.20 17.97
CA GLN A 402 25.37 18.11 19.11
C GLN A 402 24.50 17.67 20.28
N LEU A 403 23.27 17.24 19.99
CA LEU A 403 22.36 16.83 21.05
C LEU A 403 22.88 15.59 21.78
N LEU A 404 23.56 14.70 21.07
CA LEU A 404 24.11 13.51 21.71
C LEU A 404 25.34 13.85 22.55
N THR A 405 26.18 14.76 22.07
CA THR A 405 27.33 15.19 22.86
C THR A 405 26.89 15.87 24.15
N ILE A 406 25.85 16.70 24.07
CA ILE A 406 25.33 17.35 25.28
C ILE A 406 24.62 16.33 26.16
N TRP A 407 23.87 15.41 25.55
CA TRP A 407 23.12 14.41 26.31
C TRP A 407 24.06 13.50 27.10
N TYR A 408 25.12 13.03 26.46
CA TYR A 408 26.14 12.23 27.14
C TYR A 408 27.29 13.09 27.64
N GLU A 409 26.97 14.13 28.39
CA GLU A 409 27.97 15.05 28.91
C GLU A 409 28.61 14.50 30.17
N ASN A 410 29.93 14.66 30.26
CA ASN A 410 30.71 14.26 31.44
C ASN A 410 30.74 12.75 31.63
N LEU A 411 30.13 12.00 30.72
CA LEU A 411 30.31 10.55 30.67
C LEU A 411 30.20 10.14 29.20
N SER A 412 31.36 9.98 28.56
CA SER A 412 31.41 9.68 27.13
C SER A 412 31.58 8.20 26.85
N GLY A 413 32.15 7.45 27.80
CA GLY A 413 32.37 6.03 27.57
C GLY A 413 31.08 5.23 27.49
N LEU A 414 30.01 5.73 28.10
CA LEU A 414 28.74 5.01 28.11
C LEU A 414 28.02 5.08 26.77
N ARG A 415 28.33 6.07 25.94
CA ARG A 415 27.63 6.22 24.66
C ARG A 415 27.84 5.00 23.76
N GLU A 416 29.06 4.46 23.74
CA GLU A 416 29.39 3.37 22.85
C GLU A 416 28.99 2.00 23.39
N GLN A 417 28.55 1.94 24.65
CA GLN A 417 28.15 0.66 25.23
C GLN A 417 26.82 0.19 24.65
N THR A 418 26.55 -1.09 24.78
CA THR A 418 25.33 -1.68 24.25
C THR A 418 24.14 -1.34 25.13
N ILE A 419 22.94 -1.72 24.66
CA ILE A 419 21.72 -1.47 25.41
C ILE A 419 21.73 -2.25 26.72
N ALA A 420 22.31 -3.45 26.71
CA ALA A 420 22.38 -4.25 27.94
C ALA A 420 23.20 -3.54 29.01
N ILE A 421 24.32 -2.93 28.62
CA ILE A 421 25.14 -2.19 29.58
C ILE A 421 24.38 -1.01 30.14
N LYS A 422 23.62 -0.32 29.29
CA LYS A 422 22.82 0.82 29.76
C LYS A 422 21.75 0.36 30.74
N CYS A 423 21.10 -0.77 30.46
CA CYS A 423 20.12 -1.31 31.40
C CYS A 423 20.76 -1.73 32.70
N LEU A 424 21.98 -2.29 32.63
CA LEU A 424 22.72 -2.60 33.85
C LEU A 424 23.02 -1.35 34.66
N VAL A 425 23.38 -0.26 33.97
CA VAL A 425 23.61 1.01 34.66
C VAL A 425 22.32 1.49 35.33
N VAL A 426 21.19 1.37 34.64
CA VAL A 426 19.91 1.76 35.23
C VAL A 426 19.62 0.95 36.48
N LEU A 427 19.86 -0.37 36.42
CA LEU A 427 19.63 -1.22 37.58
C LEU A 427 20.56 -0.86 38.73
N VAL A 428 21.82 -0.55 38.41
CA VAL A 428 22.79 -0.16 39.45
C VAL A 428 22.33 1.12 40.13
N VAL A 429 21.87 2.09 39.34
CA VAL A 429 21.36 3.33 39.92
C VAL A 429 20.13 3.06 40.77
N ALA A 430 19.24 2.19 40.31
CA ALA A 430 18.03 1.88 41.06
C ALA A 430 18.36 1.24 42.41
N LEU A 431 19.33 0.32 42.42
CA LEU A 431 19.71 -0.34 43.66
C LEU A 431 20.32 0.66 44.65
N GLY A 432 21.16 1.57 44.16
CA GLY A 432 21.84 2.50 45.02
C GLY A 432 21.33 3.92 44.96
N LEU A 433 20.09 4.11 44.53
CA LEU A 433 19.51 5.44 44.43
C LEU A 433 19.49 6.19 45.77
N PRO A 434 19.01 5.61 46.87
CA PRO A 434 19.07 6.35 48.15
C PRO A 434 20.49 6.70 48.57
N PHE A 435 21.46 5.81 48.31
CA PHE A 435 22.83 6.08 48.71
C PHE A 435 23.41 7.28 47.97
N LEU A 436 23.24 7.31 46.65
CA LEU A 436 23.73 8.44 45.87
C LEU A 436 22.95 9.71 46.19
N ALA A 437 21.65 9.59 46.49
CA ALA A 437 20.89 10.76 46.90
C ALA A 437 21.42 11.34 48.20
N ILE A 438 21.75 10.47 49.17
CA ILE A 438 22.32 10.93 50.43
C ILE A 438 23.68 11.56 50.20
N GLY A 439 24.49 10.96 49.34
CA GLY A 439 25.80 11.50 49.03
C GLY A 439 25.80 12.71 48.14
N TYR A 440 24.65 13.06 47.56
CA TYR A 440 24.55 14.24 46.70
C TYR A 440 24.87 15.53 47.44
N TRP A 441 24.83 15.52 48.78
CA TRP A 441 25.18 16.73 49.53
C TRP A 441 26.63 17.12 49.27
N ILE A 442 27.53 16.13 49.20
CA ILE A 442 28.94 16.39 48.89
C ILE A 442 29.20 16.36 47.40
N ALA A 443 28.20 15.99 46.58
CA ALA A 443 28.40 15.84 45.15
C ALA A 443 28.92 17.10 44.46
N PRO A 444 28.43 18.32 44.74
CA PRO A 444 28.99 19.50 44.06
C PRO A 444 30.48 19.65 44.23
N CYS A 445 31.03 19.28 45.39
CA CYS A 445 32.46 19.27 45.60
C CYS A 445 33.10 17.92 45.27
N SER A 446 32.32 16.94 44.85
CA SER A 446 32.82 15.61 44.56
C SER A 446 32.90 15.38 43.05
N ARG A 447 33.74 14.43 42.65
CA ARG A 447 33.89 14.12 41.24
C ARG A 447 32.63 13.50 40.66
N LEU A 448 31.96 12.63 41.43
CA LEU A 448 30.76 11.95 40.96
C LEU A 448 29.56 12.88 40.83
N GLY A 449 29.60 14.05 41.45
CA GLY A 449 28.49 14.99 41.30
C GLY A 449 28.34 15.47 39.87
N LYS A 450 29.46 15.62 39.16
CA LYS A 450 29.40 15.99 37.75
C LYS A 450 28.69 14.92 36.93
N ILE A 451 28.97 13.65 37.23
CA ILE A 451 28.30 12.56 36.52
C ILE A 451 26.81 12.54 36.84
N LEU A 452 26.48 12.67 38.13
CA LEU A 452 25.06 12.65 38.51
C LEU A 452 24.30 13.88 38.03
N ARG A 453 24.99 14.97 37.70
CA ARG A 453 24.34 16.16 37.17
C ARG A 453 24.27 16.17 35.64
N SER A 454 24.73 15.10 34.99
CA SER A 454 24.70 15.05 33.54
C SER A 454 23.27 14.93 33.03
N PRO A 455 23.00 15.39 31.80
CA PRO A 455 21.64 15.28 31.26
C PRO A 455 21.16 13.85 31.07
N PHE A 456 22.06 12.87 31.03
CA PHE A 456 21.65 11.47 30.87
C PHE A 456 21.35 10.83 32.21
N MET A 457 22.25 11.00 33.19
CA MET A 457 22.02 10.42 34.51
C MET A 457 20.78 10.99 35.18
N LYS A 458 20.33 12.17 34.79
CA LYS A 458 19.03 12.65 35.24
C LYS A 458 17.91 11.76 34.72
N PHE A 459 17.97 11.41 33.43
CA PHE A 459 16.95 10.53 32.85
C PHE A 459 17.02 9.14 33.45
N VAL A 460 18.23 8.60 33.64
CA VAL A 460 18.36 7.29 34.27
C VAL A 460 17.86 7.31 35.69
N ALA A 461 18.16 8.37 36.44
CA ALA A 461 17.67 8.50 37.81
C ALA A 461 16.15 8.55 37.83
N HIS A 462 15.53 9.33 36.94
CA HIS A 462 14.07 9.41 36.91
C HIS A 462 13.44 8.08 36.50
N ALA A 463 14.04 7.39 35.52
CA ALA A 463 13.50 6.11 35.09
C ALA A 463 13.60 5.06 36.19
N ALA A 464 14.76 4.98 36.85
CA ALA A 464 14.92 4.05 37.95
C ALA A 464 14.01 4.41 39.11
N SER A 465 13.78 5.71 39.33
CA SER A 465 12.84 6.16 40.34
C SER A 465 11.42 5.68 40.05
N PHE A 466 10.97 5.85 38.82
CA PHE A 466 9.61 5.42 38.48
C PHE A 466 9.51 3.90 38.52
N ILE A 467 10.59 3.19 38.16
CA ILE A 467 10.59 1.74 38.27
C ILE A 467 10.51 1.30 39.73
N ILE A 468 11.20 2.01 40.62
CA ILE A 468 11.10 1.72 42.05
C ILE A 468 9.68 1.98 42.53
N PHE A 469 9.03 3.04 42.02
CA PHE A 469 7.66 3.31 42.41
C PHE A 469 6.72 2.20 41.96
N LEU A 470 6.91 1.70 40.74
CA LEU A 470 6.12 0.57 40.26
C LEU A 470 6.37 -0.66 41.12
N GLY A 471 7.63 -0.90 41.48
CA GLY A 471 7.94 -2.02 42.36
C GLY A 471 7.27 -1.88 43.72
N LEU A 472 7.20 -0.65 44.23
CA LEU A 472 6.49 -0.42 45.49
C LEU A 472 5.00 -0.69 45.36
N LEU A 473 4.41 -0.28 44.23
CA LEU A 473 2.99 -0.55 44.00
C LEU A 473 2.74 -2.06 43.93
N VAL A 474 3.62 -2.80 43.27
CA VAL A 474 3.45 -4.24 43.17
C VAL A 474 3.65 -4.91 44.52
N PHE A 475 4.69 -4.48 45.26
CA PHE A 475 5.00 -5.10 46.54
C PHE A 475 3.97 -4.74 47.61
N ASN A 476 3.23 -3.65 47.42
CA ASN A 476 2.14 -3.33 48.33
C ASN A 476 1.06 -4.41 48.31
N ALA A 477 0.80 -4.97 47.12
CA ALA A 477 -0.17 -6.04 46.97
C ALA A 477 0.35 -7.39 47.41
N SER A 478 1.50 -7.45 48.09
CA SER A 478 2.04 -8.72 48.56
C SER A 478 1.12 -9.31 49.63
N ASP A 479 1.46 -10.53 50.04
CA ASP A 479 0.66 -11.35 50.95
C ASP A 479 -0.68 -11.74 50.37
N ARG A 480 -0.96 -11.33 49.12
CA ARG A 480 -2.20 -11.71 48.45
C ARG A 480 -1.94 -12.28 47.06
N PHE A 481 -0.67 -12.52 46.68
CA PHE A 481 -0.38 -13.08 45.37
C PHE A 481 -1.00 -14.45 45.20
N GLU A 482 -0.91 -15.30 46.22
CA GLU A 482 -1.53 -16.62 46.21
C GLU A 482 -2.97 -16.60 46.71
N GLY A 483 -3.52 -15.42 46.98
CA GLY A 483 -4.87 -15.30 47.46
C GLY A 483 -4.93 -15.08 48.96
N ILE A 484 -5.95 -14.35 49.40
CA ILE A 484 -6.12 -14.11 50.82
C ILE A 484 -6.45 -15.42 51.52
N THR A 485 -5.78 -15.66 52.65
CA THR A 485 -5.93 -16.95 53.33
C THR A 485 -7.28 -17.06 54.02
N THR A 486 -7.87 -15.94 54.42
CA THR A 486 -9.14 -15.94 55.13
C THR A 486 -10.27 -15.52 54.19
N LEU A 487 -11.42 -16.16 54.36
CA LEU A 487 -12.59 -15.82 53.56
C LEU A 487 -13.08 -14.42 53.92
N PRO A 488 -13.73 -13.74 52.97
CA PRO A 488 -14.25 -12.39 53.29
C PRO A 488 -15.24 -12.38 54.44
N ASN A 489 -15.97 -13.46 54.64
CA ASN A 489 -16.98 -13.55 55.70
C ASN A 489 -16.39 -13.64 57.11
N ILE A 490 -15.09 -13.87 57.27
CA ILE A 490 -14.48 -14.10 58.58
C ILE A 490 -13.53 -12.96 58.90
N THR A 491 -13.62 -12.45 60.12
CA THR A 491 -12.79 -11.34 60.58
C THR A 491 -11.63 -11.88 61.43
N VAL A 492 -10.47 -11.24 61.27
CA VAL A 492 -9.27 -11.61 62.00
C VAL A 492 -8.80 -10.40 62.79
N THR A 493 -8.59 -10.59 64.10
CA THR A 493 -8.16 -9.52 64.99
C THR A 493 -6.87 -9.93 65.68
N ASP A 494 -5.92 -8.99 65.76
CA ASP A 494 -4.68 -9.27 66.47
C ASP A 494 -4.94 -9.52 67.95
N TYR A 495 -5.79 -8.71 68.57
CA TYR A 495 -6.25 -8.94 69.93
C TYR A 495 -7.76 -8.78 69.99
N PRO A 496 -8.42 -9.46 70.94
CA PRO A 496 -9.89 -9.46 70.93
C PRO A 496 -10.53 -8.08 71.04
N LYS A 497 -9.86 -7.12 71.68
CA LYS A 497 -10.44 -5.80 71.86
C LYS A 497 -10.25 -4.89 70.66
N GLN A 498 -9.58 -5.35 69.61
CA GLN A 498 -9.29 -4.50 68.46
C GLN A 498 -10.45 -4.52 67.46
N ILE A 499 -10.76 -3.35 66.93
CA ILE A 499 -11.76 -3.23 65.87
C ILE A 499 -11.18 -3.78 64.57
N PHE A 500 -12.00 -4.53 63.83
CA PHE A 500 -11.53 -5.12 62.58
C PHE A 500 -11.17 -4.06 61.55
N ARG A 501 -11.95 -2.98 61.48
CA ARG A 501 -11.64 -1.90 60.56
C ARG A 501 -10.31 -1.23 60.89
N VAL A 502 -9.92 -1.23 62.17
CA VAL A 502 -8.59 -0.76 62.51
C VAL A 502 -7.53 -1.65 61.87
N LYS A 503 -7.75 -2.97 61.88
CA LYS A 503 -6.81 -3.89 61.27
C LYS A 503 -6.74 -3.70 59.76
N THR A 504 -7.89 -3.51 59.11
CA THR A 504 -7.91 -3.49 57.65
C THR A 504 -7.62 -2.11 57.06
N THR A 505 -7.80 -1.03 57.82
CA THR A 505 -7.59 0.31 57.27
C THR A 505 -6.21 0.87 57.62
N GLN A 506 -5.54 0.30 58.61
CA GLN A 506 -4.27 0.86 59.06
C GLN A 506 -3.25 0.87 57.94
N PHE A 507 -2.47 1.95 57.87
CA PHE A 507 -1.48 2.12 56.81
C PHE A 507 -0.25 1.26 57.11
N THR A 508 0.14 0.44 56.14
CA THR A 508 1.42 -0.23 56.25
C THR A 508 2.54 0.71 55.82
N TRP A 509 3.78 0.30 56.10
CA TRP A 509 4.92 1.15 55.79
C TRP A 509 5.05 1.36 54.28
N THR A 510 4.75 0.33 53.49
CA THR A 510 4.78 0.48 52.04
C THR A 510 3.76 1.49 51.56
N GLU A 511 2.55 1.46 52.13
CA GLU A 511 1.54 2.45 51.77
C GLU A 511 1.96 3.85 52.18
N MET A 512 2.59 3.99 53.34
CA MET A 512 3.07 5.30 53.75
C MET A 512 4.17 5.82 52.82
N LEU A 513 5.05 4.92 52.35
CA LEU A 513 6.06 5.33 51.38
C LEU A 513 5.44 5.71 50.04
N ILE A 514 4.43 4.97 49.59
CA ILE A 514 3.74 5.31 48.35
C ILE A 514 3.04 6.66 48.48
N MET A 515 2.53 6.96 49.67
CA MET A 515 1.92 8.26 49.91
C MET A 515 2.93 9.39 49.72
N VAL A 516 4.12 9.24 50.31
CA VAL A 516 5.17 10.24 50.13
C VAL A 516 5.54 10.34 48.66
N TRP A 517 5.57 9.21 47.97
CA TRP A 517 5.93 9.19 46.55
C TRP A 517 4.92 10.00 45.73
N VAL A 518 3.63 9.78 45.97
CA VAL A 518 2.58 10.45 45.22
C VAL A 518 2.55 11.94 45.56
N LEU A 519 2.75 12.29 46.83
CA LEU A 519 2.82 13.70 47.19
C LEU A 519 4.02 14.38 46.54
N GLY A 520 5.15 13.68 46.41
CA GLY A 520 6.27 14.26 45.70
C GLY A 520 5.97 14.53 44.24
N MET A 521 5.39 13.54 43.56
CA MET A 521 5.01 13.75 42.17
C MET A 521 3.97 14.86 42.03
N MET A 522 3.02 14.92 42.97
CA MET A 522 1.99 15.95 42.93
C MET A 522 2.59 17.34 43.15
N TRP A 523 3.56 17.44 44.05
CA TRP A 523 4.25 18.71 44.26
C TRP A 523 5.00 19.15 43.01
N SER A 524 5.68 18.21 42.35
CA SER A 524 6.37 18.55 41.12
C SER A 524 5.40 19.05 40.05
N GLU A 525 4.27 18.36 39.89
CA GLU A 525 3.29 18.77 38.88
C GLU A 525 2.63 20.09 39.25
N CYS A 526 2.39 20.32 40.54
CA CYS A 526 1.81 21.60 40.98
C CYS A 526 2.77 22.75 40.71
N LYS A 527 4.07 22.54 40.97
CA LYS A 527 5.05 23.57 40.67
C LYS A 527 5.09 23.85 39.18
N GLU A 528 5.06 22.80 38.36
CA GLU A 528 5.07 23.00 36.91
C GLU A 528 3.83 23.75 36.45
N LEU A 529 2.66 23.38 36.98
CA LEU A 529 1.42 24.04 36.60
C LEU A 529 1.42 25.50 37.00
N TRP A 530 1.87 25.80 38.22
CA TRP A 530 1.89 27.19 38.67
C TRP A 530 2.89 28.01 37.87
N LEU A 531 4.01 27.40 37.48
CA LEU A 531 4.97 28.11 36.63
C LEU A 531 4.41 28.40 35.25
N GLU A 532 3.75 27.42 34.65
CA GLU A 532 3.27 27.57 33.28
C GLU A 532 1.94 28.29 33.17
N GLY A 533 0.85 27.72 33.68
CA GLY A 533 -0.47 28.26 33.46
C GLY A 533 -1.49 27.17 33.17
N PRO A 534 -2.64 27.24 33.83
CA PRO A 534 -3.63 26.15 33.71
C PRO A 534 -4.12 25.92 32.29
N ARG A 535 -4.29 26.98 31.50
CA ARG A 535 -4.85 26.82 30.16
C ARG A 535 -3.96 25.93 29.28
N GLU A 536 -2.72 26.37 29.04
CA GLU A 536 -1.85 25.58 28.18
C GLU A 536 -1.35 24.33 28.90
N TYR A 537 -1.48 24.29 30.23
CA TYR A 537 -1.20 23.04 30.94
C TYR A 537 -2.24 21.98 30.59
N ILE A 538 -3.52 22.36 30.55
CA ILE A 538 -4.56 21.44 30.12
C ILE A 538 -4.52 21.20 28.62
N LEU A 539 -3.93 22.12 27.86
CA LEU A 539 -3.85 21.94 26.41
C LEU A 539 -3.13 20.64 26.05
N GLN A 540 -2.07 20.30 26.76
CA GLN A 540 -1.42 19.02 26.54
C GLN A 540 -2.31 17.89 27.06
N LEU A 541 -2.50 16.87 26.23
CA LEU A 541 -3.38 15.77 26.62
C LEU A 541 -2.71 14.84 27.62
N TRP A 542 -1.41 14.61 27.48
CA TRP A 542 -0.74 13.64 28.33
C TRP A 542 -0.48 14.21 29.73
N ASN A 543 -0.21 15.50 29.82
CA ASN A 543 -0.10 16.13 31.13
C ASN A 543 -1.40 16.06 31.90
N VAL A 544 -2.53 16.20 31.21
CA VAL A 544 -3.83 16.04 31.84
C VAL A 544 -3.98 14.62 32.38
N LEU A 545 -3.53 13.62 31.62
CA LEU A 545 -3.60 12.23 32.08
C LEU A 545 -2.75 12.03 33.32
N ASP A 546 -1.54 12.59 33.33
CA ASP A 546 -0.68 12.47 34.50
C ASP A 546 -1.29 13.13 35.73
N PHE A 547 -1.85 14.33 35.55
CA PHE A 547 -2.49 15.03 36.66
C PHE A 547 -3.68 14.26 37.17
N GLY A 548 -4.48 13.67 36.27
CA GLY A 548 -5.60 12.84 36.69
C GLY A 548 -5.16 11.60 37.43
N MET A 549 -4.06 10.99 36.99
CA MET A 549 -3.50 9.84 37.70
C MET A 549 -3.15 10.20 39.14
N LEU A 550 -2.42 11.30 39.32
CA LEU A 550 -2.06 11.70 40.68
C LEU A 550 -3.28 12.10 41.50
N SER A 551 -4.27 12.74 40.87
CA SER A 551 -5.49 13.09 41.60
C SER A 551 -6.25 11.85 42.04
N ILE A 552 -6.28 10.82 41.19
CA ILE A 552 -6.92 9.56 41.57
C ILE A 552 -6.17 8.89 42.71
N PHE A 553 -4.84 8.92 42.68
CA PHE A 553 -4.06 8.39 43.81
C PHE A 553 -4.41 9.14 45.09
N ILE A 554 -4.47 10.47 45.02
CA ILE A 554 -4.76 11.28 46.20
C ILE A 554 -6.16 10.99 46.72
N ALA A 555 -7.13 10.86 45.82
CA ALA A 555 -8.50 10.55 46.23
C ALA A 555 -8.58 9.19 46.91
N ALA A 556 -7.88 8.19 46.35
CA ALA A 556 -7.88 6.87 46.96
C ALA A 556 -7.26 6.90 48.36
N PHE A 557 -6.13 7.58 48.50
CA PHE A 557 -5.50 7.66 49.81
C PHE A 557 -6.32 8.50 50.79
N THR A 558 -7.03 9.51 50.31
CA THR A 558 -7.91 10.29 51.18
C THR A 558 -9.08 9.44 51.69
N ALA A 559 -9.67 8.63 50.80
CA ALA A 559 -10.73 7.74 51.24
C ALA A 559 -10.20 6.71 52.24
N ARG A 560 -9.00 6.18 51.99
CA ARG A 560 -8.39 5.26 52.94
C ARG A 560 -8.14 5.92 54.29
N PHE A 561 -7.69 7.18 54.26
CA PHE A 561 -7.43 7.90 55.50
C PHE A 561 -8.72 8.17 56.25
N LEU A 562 -9.80 8.47 55.53
CA LEU A 562 -11.11 8.64 56.17
C LEU A 562 -11.58 7.34 56.82
N ALA A 563 -11.40 6.22 56.12
CA ALA A 563 -11.74 4.93 56.72
C ALA A 563 -10.91 4.65 57.96
N PHE A 564 -9.62 4.99 57.91
CA PHE A 564 -8.76 4.84 59.08
C PHE A 564 -9.24 5.71 60.24
N LEU A 565 -9.66 6.94 59.94
CA LEU A 565 -10.16 7.83 60.98
C LEU A 565 -11.42 7.27 61.63
N GLN A 566 -12.35 6.74 60.82
CA GLN A 566 -13.54 6.14 61.40
C GLN A 566 -13.19 4.93 62.25
N ALA A 567 -12.28 4.08 61.76
CA ALA A 567 -11.88 2.91 62.50
C ALA A 567 -11.23 3.29 63.82
N THR A 568 -10.37 4.30 63.81
CA THR A 568 -9.68 4.69 65.04
C THR A 568 -10.62 5.42 66.00
N LYS A 569 -11.65 6.09 65.48
CA LYS A 569 -12.69 6.63 66.36
C LYS A 569 -13.43 5.50 67.06
N ALA A 570 -13.76 4.44 66.33
CA ALA A 570 -14.39 3.28 66.96
C ALA A 570 -13.45 2.64 67.99
N GLN A 571 -12.16 2.57 67.66
CA GLN A 571 -11.19 2.01 68.60
C GLN A 571 -11.07 2.84 69.87
N GLN A 572 -11.07 4.17 69.75
CA GLN A 572 -11.09 5.02 70.93
C GLN A 572 -12.36 4.80 71.74
N TYR A 573 -13.51 4.69 71.06
CA TYR A 573 -14.77 4.54 71.77
C TYR A 573 -14.81 3.24 72.56
N VAL A 574 -14.34 2.13 71.95
CA VAL A 574 -14.50 0.84 72.60
C VAL A 574 -13.70 0.77 73.89
N ASP A 575 -12.49 1.33 73.91
CA ASP A 575 -11.75 1.37 75.16
C ASP A 575 -12.17 2.52 76.06
N SER A 576 -12.92 3.49 75.54
CA SER A 576 -13.31 4.65 76.33
C SER A 576 -14.38 4.31 77.36
N TYR A 577 -15.41 3.55 76.97
CA TYR A 577 -16.57 3.34 77.82
C TYR A 577 -16.67 1.91 78.36
N VAL A 578 -16.70 0.90 77.49
CA VAL A 578 -16.89 -0.47 77.94
C VAL A 578 -15.55 -1.05 78.37
N GLN A 579 -15.53 -1.70 79.54
CA GLN A 579 -14.33 -2.28 80.13
C GLN A 579 -14.60 -3.77 80.37
N GLU A 580 -14.34 -4.59 79.36
CA GLU A 580 -14.52 -6.03 79.48
C GLU A 580 -13.32 -6.74 78.88
N SER A 581 -13.11 -7.98 79.30
CA SER A 581 -11.99 -8.76 78.81
C SER A 581 -12.15 -9.11 77.34
N ASP A 582 -13.39 -9.30 76.89
CA ASP A 582 -13.67 -9.69 75.51
C ASP A 582 -14.66 -8.71 74.89
N LEU A 583 -14.54 -8.54 73.57
CA LEU A 583 -15.42 -7.63 72.83
C LEU A 583 -16.64 -8.33 72.25
N SER A 584 -16.56 -9.63 72.02
CA SER A 584 -17.65 -10.36 71.38
C SER A 584 -18.92 -10.32 72.23
N GLU A 585 -18.79 -10.50 73.54
CA GLU A 585 -19.95 -10.54 74.41
C GLU A 585 -20.60 -9.17 74.60
N VAL A 586 -19.94 -8.10 74.21
CA VAL A 586 -20.47 -6.76 74.41
C VAL A 586 -21.43 -6.41 73.27
N THR A 587 -22.58 -5.84 73.64
CA THR A 587 -23.57 -5.35 72.67
C THR A 587 -23.24 -3.89 72.38
N LEU A 588 -22.33 -3.67 71.44
CA LEU A 588 -21.91 -2.33 71.09
C LEU A 588 -23.03 -1.58 70.38
N PRO A 589 -23.02 -0.25 70.45
CA PRO A 589 -24.00 0.52 69.69
C PRO A 589 -23.86 0.24 68.21
N PRO A 590 -24.97 0.25 67.46
CA PRO A 590 -24.90 -0.16 66.05
C PRO A 590 -23.91 0.64 65.21
N GLU A 591 -23.77 1.94 65.49
CA GLU A 591 -22.81 2.75 64.75
C GLU A 591 -21.39 2.22 64.96
N ILE A 592 -21.03 1.94 66.21
CA ILE A 592 -19.72 1.37 66.49
C ILE A 592 -19.68 -0.11 66.11
N GLN A 593 -20.78 -0.82 66.34
CA GLN A 593 -20.82 -2.26 66.04
C GLN A 593 -20.63 -2.55 64.56
N TYR A 594 -21.01 -1.61 63.68
CA TYR A 594 -20.79 -1.81 62.25
C TYR A 594 -19.31 -1.99 61.94
N PHE A 595 -18.44 -1.35 62.73
CA PHE A 595 -17.01 -1.46 62.50
C PHE A 595 -16.44 -2.82 62.90
N THR A 596 -17.22 -3.70 63.53
CA THR A 596 -16.79 -5.06 63.81
C THR A 596 -17.33 -6.05 62.78
N TYR A 597 -17.61 -5.59 61.58
CA TYR A 597 -18.21 -6.41 60.54
C TYR A 597 -17.18 -6.75 59.47
N ALA A 598 -17.50 -7.77 58.68
CA ALA A 598 -16.64 -8.22 57.59
C ALA A 598 -17.01 -7.51 56.30
N ARG A 599 -16.45 -7.98 55.17
CA ARG A 599 -16.72 -7.36 53.87
C ARG A 599 -18.16 -7.58 53.43
N ASP A 600 -18.75 -8.71 53.81
CA ASP A 600 -20.10 -9.06 53.39
C ASP A 600 -21.13 -8.04 53.87
N LYS A 601 -20.87 -7.39 55.00
CA LYS A 601 -21.81 -6.46 55.60
C LYS A 601 -21.39 -4.99 55.44
N TRP A 602 -20.38 -4.71 54.61
CA TRP A 602 -19.98 -3.33 54.37
C TRP A 602 -21.02 -2.63 53.49
N LEU A 603 -21.18 -1.32 53.70
CA LEU A 603 -22.04 -0.53 52.86
C LEU A 603 -21.43 -0.40 51.46
N PRO A 604 -22.26 -0.32 50.43
CA PRO A 604 -21.73 -0.17 49.07
C PRO A 604 -20.92 1.10 48.87
N SER A 605 -21.19 2.14 49.65
CA SER A 605 -20.48 3.41 49.56
C SER A 605 -19.49 3.59 50.72
N ASP A 606 -18.93 2.50 51.21
CA ASP A 606 -17.95 2.58 52.28
C ASP A 606 -16.70 3.31 51.78
N PRO A 607 -16.06 4.12 52.62
CA PRO A 607 -14.84 4.82 52.18
C PRO A 607 -13.73 3.87 51.73
N GLN A 608 -13.60 2.71 52.37
CA GLN A 608 -12.55 1.78 51.95
C GLN A 608 -12.81 1.21 50.58
N ILE A 609 -14.08 0.97 50.23
CA ILE A 609 -14.41 0.47 48.89
C ILE A 609 -14.04 1.52 47.85
N ILE A 610 -14.38 2.79 48.11
CA ILE A 610 -13.99 3.86 47.21
C ILE A 610 -12.48 3.93 47.07
N SER A 611 -11.77 3.79 48.20
CA SER A 611 -10.32 3.85 48.19
C SER A 611 -9.73 2.72 47.36
N GLU A 612 -10.24 1.49 47.52
CA GLU A 612 -9.71 0.37 46.76
C GLU A 612 -9.98 0.53 45.27
N GLY A 613 -11.18 0.96 44.90
CA GLY A 613 -11.47 1.15 43.49
C GLY A 613 -10.59 2.21 42.85
N LEU A 614 -10.47 3.37 43.52
CA LEU A 614 -9.63 4.44 42.97
C LEU A 614 -8.17 4.04 42.96
N TYR A 615 -7.72 3.28 43.96
CA TYR A 615 -6.34 2.81 43.98
C TYR A 615 -6.08 1.82 42.85
N ALA A 616 -7.04 0.96 42.54
CA ALA A 616 -6.89 0.06 41.41
C ALA A 616 -6.81 0.83 40.09
N ILE A 617 -7.66 1.84 39.92
CA ILE A 617 -7.59 2.67 38.71
C ILE A 617 -6.24 3.37 38.64
N ALA A 618 -5.75 3.88 39.77
CA ALA A 618 -4.47 4.56 39.80
C ALA A 618 -3.33 3.62 39.46
N VAL A 619 -3.38 2.37 39.95
CA VAL A 619 -2.34 1.40 39.61
C VAL A 619 -2.38 1.07 38.12
N VAL A 620 -3.59 0.95 37.56
CA VAL A 620 -3.71 0.71 36.12
C VAL A 620 -3.09 1.85 35.33
N LEU A 621 -3.34 3.11 35.75
CA LEU A 621 -2.81 4.25 35.01
C LEU A 621 -1.33 4.49 35.31
N SER A 622 -0.81 3.92 36.40
CA SER A 622 0.56 4.22 36.81
C SER A 622 1.60 3.67 35.84
N PHE A 623 1.29 2.58 35.14
CA PHE A 623 2.23 2.01 34.20
C PHE A 623 2.23 2.72 32.85
N SER A 624 1.41 3.74 32.69
CA SER A 624 1.39 4.54 31.47
C SER A 624 2.52 5.55 31.42
N ARG A 625 3.24 5.76 32.51
CA ARG A 625 4.37 6.68 32.51
C ARG A 625 5.56 6.14 31.73
N ILE A 626 5.52 4.87 31.33
CA ILE A 626 6.57 4.28 30.51
C ILE A 626 6.67 4.96 29.15
N ALA A 627 5.68 5.78 28.78
CA ALA A 627 5.79 6.60 27.58
C ALA A 627 6.78 7.74 27.75
N TYR A 628 7.21 8.01 28.99
CA TYR A 628 8.32 8.94 29.21
C TYR A 628 9.68 8.27 29.06
N ILE A 629 9.74 6.95 29.06
CA ILE A 629 10.99 6.21 28.98
C ILE A 629 11.22 5.61 27.60
N LEU A 630 10.14 5.18 26.94
CA LEU A 630 10.28 4.57 25.62
C LEU A 630 10.94 5.45 24.57
N PRO A 631 10.64 6.75 24.45
CA PRO A 631 11.23 7.52 23.33
C PRO A 631 12.74 7.54 23.33
N ALA A 632 13.38 7.48 24.51
CA ALA A 632 14.83 7.46 24.55
C ALA A 632 15.40 6.21 23.89
N ASN A 633 14.68 5.09 23.94
CA ASN A 633 15.14 3.89 23.29
C ASN A 633 14.99 4.01 21.76
N GLU A 634 15.80 3.24 21.04
CA GLU A 634 15.83 3.28 19.59
C GLU A 634 14.86 2.29 18.96
N SER A 635 14.71 1.10 19.55
CA SER A 635 13.82 0.10 18.96
C SER A 635 12.35 0.44 19.21
N PHE A 636 12.02 0.91 20.41
CA PHE A 636 10.64 1.16 20.79
C PHE A 636 10.20 2.61 20.57
N GLY A 637 11.08 3.45 20.03
CA GLY A 637 10.71 4.80 19.71
C GLY A 637 9.65 4.89 18.62
N PRO A 638 9.99 4.41 17.42
CA PRO A 638 8.98 4.37 16.35
C PRO A 638 7.77 3.54 16.71
N LEU A 639 7.94 2.52 17.56
CA LEU A 639 6.80 1.76 18.07
C LEU A 639 5.81 2.69 18.78
N GLN A 640 6.29 3.48 19.74
CA GLN A 640 5.41 4.38 20.46
C GLN A 640 4.88 5.47 19.55
N ILE A 641 5.67 5.92 18.58
CA ILE A 641 5.20 6.94 17.65
C ILE A 641 4.02 6.41 16.84
N SER A 642 4.15 5.18 16.31
CA SER A 642 3.06 4.58 15.56
C SER A 642 1.84 4.35 16.44
N LEU A 643 2.05 3.91 17.68
CA LEU A 643 0.92 3.71 18.58
C LEU A 643 0.20 5.02 18.87
N GLY A 644 0.96 6.10 19.07
CA GLY A 644 0.34 7.40 19.29
C GLY A 644 -0.43 7.89 18.08
N ARG A 645 0.14 7.69 16.89
CA ARG A 645 -0.57 8.08 15.67
C ARG A 645 -1.87 7.29 15.51
N THR A 646 -1.83 5.98 15.77
CA THR A 646 -3.04 5.18 15.68
C THR A 646 -4.07 5.62 16.71
N VAL A 647 -3.63 5.89 17.94
CA VAL A 647 -4.57 6.31 18.99
C VAL A 647 -5.21 7.65 18.61
N LYS A 648 -4.42 8.57 18.06
CA LYS A 648 -4.97 9.84 17.60
C LYS A 648 -5.98 9.63 16.48
N ASP A 649 -5.70 8.68 15.59
CA ASP A 649 -6.64 8.40 14.49
C ASP A 649 -7.90 7.72 15.01
N ILE A 650 -7.81 7.01 16.15
CA ILE A 650 -8.96 6.27 16.66
C ILE A 650 -10.14 7.19 16.98
N PHE A 651 -9.88 8.32 17.63
CA PHE A 651 -10.98 9.10 18.22
C PHE A 651 -11.99 9.56 17.18
N LYS A 652 -11.53 9.91 15.97
CA LYS A 652 -12.44 10.35 14.93
C LYS A 652 -13.44 9.26 14.57
N PHE A 653 -12.97 8.02 14.40
CA PHE A 653 -13.85 6.89 14.15
C PHE A 653 -14.64 6.50 15.40
N MET A 654 -14.08 6.74 16.58
CA MET A 654 -14.70 6.31 17.82
C MET A 654 -15.89 7.20 18.15
N VAL A 655 -15.88 8.44 17.66
CA VAL A 655 -17.09 9.28 17.76
C VAL A 655 -18.25 8.64 16.98
N LEU A 656 -17.98 8.15 15.77
CA LEU A 656 -19.01 7.47 14.99
C LEU A 656 -19.39 6.15 15.63
N PHE A 657 -18.41 5.48 16.25
CA PHE A 657 -18.73 4.31 17.08
C PHE A 657 -19.75 4.66 18.15
N ILE A 658 -19.53 5.78 18.85
CA ILE A 658 -20.49 6.22 19.86
C ILE A 658 -21.86 6.46 19.23
N MET A 659 -21.88 7.14 18.08
CA MET A 659 -23.16 7.45 17.44
C MET A 659 -23.95 6.19 17.12
N VAL A 660 -23.33 5.25 16.41
CA VAL A 660 -24.03 4.04 15.99
C VAL A 660 -24.38 3.18 17.21
N PHE A 661 -23.45 3.07 18.15
CA PHE A 661 -23.67 2.27 19.35
C PHE A 661 -24.83 2.81 20.16
N PHE A 662 -24.89 4.13 20.34
CA PHE A 662 -26.01 4.74 21.05
C PHE A 662 -27.32 4.59 20.28
N ALA A 663 -27.28 4.69 18.94
CA ALA A 663 -28.48 4.45 18.15
C ALA A 663 -29.06 3.06 18.43
N PHE A 664 -28.24 2.02 18.27
CA PHE A 664 -28.71 0.67 18.51
C PHE A 664 -29.04 0.42 19.98
N MET A 665 -28.29 1.04 20.90
CA MET A 665 -28.55 0.86 22.32
C MET A 665 -29.90 1.39 22.71
N ILE A 666 -30.23 2.61 22.31
CA ILE A 666 -31.55 3.17 22.57
C ILE A 666 -32.64 2.40 21.83
N GLY A 667 -32.40 2.00 20.58
CA GLY A 667 -33.41 1.26 19.86
C GLY A 667 -33.77 -0.06 20.50
N MET A 668 -32.76 -0.82 20.94
CA MET A 668 -33.02 -2.10 21.57
C MET A 668 -33.56 -1.94 22.99
N PHE A 669 -33.11 -0.91 23.72
CA PHE A 669 -33.67 -0.65 25.03
C PHE A 669 -35.15 -0.34 24.95
N ILE A 670 -35.55 0.47 23.97
CA ILE A 670 -36.98 0.77 23.79
C ILE A 670 -37.75 -0.49 23.46
N LEU A 671 -37.16 -1.36 22.65
CA LEU A 671 -37.84 -2.60 22.26
C LEU A 671 -38.04 -3.53 23.45
N TYR A 672 -37.01 -3.71 24.28
CA TYR A 672 -37.02 -4.73 25.31
C TYR A 672 -37.27 -4.20 26.72
N SER A 673 -37.57 -2.91 26.86
CA SER A 673 -37.76 -2.35 28.21
C SER A 673 -38.99 -2.92 28.91
N TYR A 674 -39.95 -3.45 28.16
CA TYR A 674 -41.20 -3.93 28.73
C TYR A 674 -41.14 -5.40 29.12
N TYR A 675 -39.99 -6.05 28.97
CA TYR A 675 -39.86 -7.47 29.26
C TYR A 675 -38.81 -7.72 30.33
N LEU A 676 -38.87 -6.96 31.43
CA LEU A 676 -37.86 -7.08 32.48
C LEU A 676 -37.80 -8.51 33.02
N GLY A 677 -38.96 -9.08 33.36
CA GLY A 677 -38.99 -10.44 33.87
C GLY A 677 -39.28 -11.48 32.80
N ALA A 678 -39.74 -11.03 31.64
CA ALA A 678 -40.10 -11.95 30.57
C ALA A 678 -38.86 -12.51 29.86
N LYS A 679 -37.82 -11.69 29.70
CA LYS A 679 -36.63 -12.15 28.99
C LYS A 679 -35.90 -13.21 29.80
N VAL A 680 -35.40 -14.22 29.11
CA VAL A 680 -34.67 -15.30 29.78
C VAL A 680 -33.37 -14.77 30.37
N ASN A 681 -32.71 -13.86 29.67
CA ASN A 681 -31.49 -13.21 30.15
C ASN A 681 -31.69 -11.70 30.01
N ALA A 682 -31.76 -11.01 31.14
CA ALA A 682 -32.02 -9.58 31.11
C ALA A 682 -30.80 -8.84 30.58
N ALA A 683 -30.77 -8.61 29.28
CA ALA A 683 -29.64 -7.99 28.61
C ALA A 683 -29.99 -6.69 27.91
N PHE A 684 -31.26 -6.43 27.66
CA PHE A 684 -31.71 -5.18 27.08
C PHE A 684 -32.86 -4.55 27.85
N THR A 685 -33.25 -5.14 28.98
CA THR A 685 -34.42 -4.66 29.71
C THR A 685 -34.23 -3.24 30.26
N THR A 686 -33.00 -2.88 30.65
CA THR A 686 -32.74 -1.55 31.17
C THR A 686 -31.64 -0.90 30.33
N VAL A 687 -31.41 0.39 30.60
CA VAL A 687 -30.41 1.13 29.85
C VAL A 687 -29.01 0.58 30.13
N GLU A 688 -28.73 0.26 31.39
CA GLU A 688 -27.39 -0.22 31.76
C GLU A 688 -27.10 -1.58 31.13
N GLU A 689 -28.09 -2.49 31.17
CA GLU A 689 -27.88 -3.81 30.58
C GLU A 689 -27.74 -3.72 29.07
N SER A 690 -28.52 -2.85 28.43
CA SER A 690 -28.39 -2.67 26.98
C SER A 690 -27.00 -2.17 26.62
N PHE A 691 -26.51 -1.16 27.35
CA PHE A 691 -25.16 -0.67 27.11
C PHE A 691 -24.12 -1.76 27.32
N LYS A 692 -24.24 -2.51 28.42
CA LYS A 692 -23.28 -3.57 28.72
C LYS A 692 -23.26 -4.62 27.62
N THR A 693 -24.44 -5.12 27.24
CA THR A 693 -24.54 -6.17 26.24
C THR A 693 -24.03 -5.70 24.88
N LEU A 694 -24.41 -4.50 24.43
CA LEU A 694 -23.97 -4.08 23.11
C LEU A 694 -22.49 -3.69 23.10
N PHE A 695 -21.93 -3.31 24.25
CA PHE A 695 -20.49 -3.09 24.30
C PHE A 695 -19.73 -4.40 24.25
N TRP A 696 -20.18 -5.40 25.01
CA TRP A 696 -19.49 -6.67 25.03
C TRP A 696 -19.72 -7.46 23.75
N SER A 697 -20.74 -7.11 22.98
CA SER A 697 -20.95 -7.75 21.68
C SER A 697 -19.84 -7.41 20.69
N ILE A 698 -19.11 -6.33 20.92
CA ILE A 698 -17.99 -5.99 20.03
C ILE A 698 -16.92 -7.05 20.09
N PHE A 699 -16.61 -7.54 21.30
CA PHE A 699 -15.57 -8.54 21.50
C PHE A 699 -16.13 -9.96 21.53
N GLY A 700 -17.43 -10.13 21.31
CA GLY A 700 -18.02 -11.45 21.23
C GLY A 700 -18.33 -12.09 22.56
N LEU A 701 -18.15 -11.38 23.67
CA LEU A 701 -18.36 -11.96 24.99
C LEU A 701 -19.83 -11.99 25.41
N SER A 702 -20.73 -11.42 24.62
CA SER A 702 -22.14 -11.42 24.92
C SER A 702 -22.83 -12.56 24.17
N GLU A 703 -23.63 -13.34 24.89
CA GLU A 703 -24.28 -14.49 24.29
C GLU A 703 -25.35 -14.05 23.30
N VAL A 704 -25.61 -14.92 22.31
CA VAL A 704 -26.63 -14.68 21.31
C VAL A 704 -28.04 -14.85 21.86
N THR A 705 -28.19 -15.51 23.00
CA THR A 705 -29.48 -15.72 23.63
C THR A 705 -29.99 -14.49 24.37
N SER A 706 -29.39 -13.33 24.13
CA SER A 706 -29.79 -12.10 24.81
C SER A 706 -31.04 -11.47 24.20
N VAL A 707 -31.50 -11.96 23.06
CA VAL A 707 -32.61 -11.35 22.34
C VAL A 707 -33.78 -12.33 22.19
N VAL A 708 -33.87 -13.34 23.05
CA VAL A 708 -34.92 -14.34 22.99
C VAL A 708 -35.74 -14.24 24.27
N LEU A 709 -37.06 -14.33 24.14
CA LEU A 709 -37.98 -14.13 25.25
C LEU A 709 -38.55 -15.46 25.74
N LYS A 710 -39.23 -15.39 26.88
CA LYS A 710 -39.99 -16.52 27.39
C LYS A 710 -41.45 -16.50 26.94
N TYR A 711 -41.94 -15.37 26.45
CA TYR A 711 -43.29 -15.26 25.92
C TYR A 711 -43.28 -15.57 24.42
N ASP A 712 -44.46 -15.93 23.92
CA ASP A 712 -44.61 -16.25 22.50
C ASP A 712 -44.92 -15.01 21.67
N HIS A 713 -44.12 -13.96 21.84
CA HIS A 713 -44.21 -12.75 21.03
C HIS A 713 -43.06 -12.82 20.02
N LYS A 714 -43.29 -13.54 18.92
CA LYS A 714 -42.22 -13.77 17.97
C LYS A 714 -41.86 -12.52 17.18
N PHE A 715 -42.77 -11.54 17.12
CA PHE A 715 -42.47 -10.31 16.39
C PHE A 715 -41.35 -9.53 17.06
N ILE A 716 -41.47 -9.31 18.37
CA ILE A 716 -40.45 -8.58 19.11
C ILE A 716 -39.12 -9.33 19.08
N GLU A 717 -39.18 -10.66 19.29
CA GLU A 717 -37.97 -11.47 19.30
C GLU A 717 -37.27 -11.44 17.94
N ASN A 718 -38.04 -11.54 16.86
CA ASN A 718 -37.45 -11.54 15.53
C ASN A 718 -36.86 -10.18 15.19
N ILE A 719 -37.55 -9.10 15.57
CA ILE A 719 -37.01 -7.77 15.34
C ILE A 719 -35.75 -7.56 16.16
N GLY A 720 -35.71 -8.08 17.38
CA GLY A 720 -34.49 -8.00 18.16
C GLY A 720 -33.35 -8.76 17.52
N TYR A 721 -33.63 -9.96 16.99
CA TYR A 721 -32.60 -10.72 16.28
C TYR A 721 -32.07 -9.95 15.08
N VAL A 722 -32.98 -9.37 14.30
CA VAL A 722 -32.58 -8.63 13.09
C VAL A 722 -31.75 -7.41 13.47
N LEU A 723 -32.18 -6.68 14.50
CA LEU A 723 -31.45 -5.49 14.92
C LEU A 723 -30.08 -5.85 15.47
N TYR A 724 -30.00 -6.95 16.22
CA TYR A 724 -28.70 -7.39 16.74
C TYR A 724 -27.76 -7.79 15.62
N GLY A 725 -28.28 -8.52 14.62
CA GLY A 725 -27.46 -8.86 13.47
C GLY A 725 -26.99 -7.64 12.69
N ILE A 726 -27.88 -6.67 12.50
CA ILE A 726 -27.51 -5.45 11.81
C ILE A 726 -26.47 -4.67 12.60
N TYR A 727 -26.60 -4.65 13.93
CA TYR A 727 -25.63 -3.97 14.77
C TYR A 727 -24.25 -4.62 14.66
N ASN A 728 -24.22 -5.96 14.69
CA ASN A 728 -22.93 -6.65 14.55
C ASN A 728 -22.32 -6.40 13.18
N VAL A 729 -23.16 -6.41 12.13
CA VAL A 729 -22.66 -6.13 10.78
C VAL A 729 -22.12 -4.71 10.71
N THR A 730 -22.81 -3.75 11.35
CA THR A 730 -22.34 -2.38 11.35
C THR A 730 -21.02 -2.24 12.09
N MET A 731 -20.87 -2.93 13.22
CA MET A 731 -19.60 -2.91 13.94
C MET A 731 -18.48 -3.46 13.08
N VAL A 732 -18.73 -4.57 12.37
CA VAL A 732 -17.72 -5.14 11.49
C VAL A 732 -17.37 -4.15 10.37
N VAL A 733 -18.38 -3.54 9.77
CA VAL A 733 -18.15 -2.62 8.65
C VAL A 733 -17.33 -1.43 9.10
N VAL A 734 -17.69 -0.85 10.26
CA VAL A 734 -16.98 0.32 10.77
C VAL A 734 -15.56 -0.06 11.17
N LEU A 735 -15.37 -1.26 11.73
CA LEU A 735 -14.02 -1.70 12.10
C LEU A 735 -13.13 -1.82 10.87
N LEU A 736 -13.62 -2.49 9.82
CA LEU A 736 -12.83 -2.61 8.60
C LEU A 736 -12.62 -1.25 7.94
N ASN A 737 -13.62 -0.37 7.97
CA ASN A 737 -13.45 0.96 7.42
C ASN A 737 -12.35 1.73 8.17
N MET A 738 -12.35 1.65 9.49
CA MET A 738 -11.32 2.32 10.29
C MET A 738 -9.95 1.75 9.98
N LEU A 739 -9.85 0.41 9.92
CA LEU A 739 -8.58 -0.23 9.64
C LEU A 739 -8.04 0.19 8.28
N ILE A 740 -8.90 0.18 7.26
CA ILE A 740 -8.46 0.56 5.92
C ILE A 740 -8.06 2.03 5.87
N ALA A 741 -8.86 2.90 6.49
CA ALA A 741 -8.59 4.33 6.42
C ALA A 741 -7.28 4.68 7.13
N MET A 742 -7.02 4.06 8.28
CA MET A 742 -5.80 4.35 9.03
C MET A 742 -4.63 3.46 8.60
N ILE A 743 -4.84 2.60 7.61
CA ILE A 743 -3.76 2.10 6.77
C ILE A 743 -3.40 3.11 5.69
N ASN A 744 -4.40 3.64 4.99
CA ASN A 744 -4.14 4.63 3.94
C ASN A 744 -3.58 5.92 4.53
N SER A 745 -4.01 6.28 5.74
CA SER A 745 -3.50 7.49 6.38
C SER A 745 -2.03 7.37 6.76
N SER A 746 -1.49 6.14 6.81
CA SER A 746 -0.09 5.97 7.14
C SER A 746 0.81 6.60 6.08
N TYR A 747 0.47 6.43 4.81
CA TYR A 747 1.24 7.03 3.73
C TYR A 747 0.32 7.73 2.73
N ASP A 752 11.94 8.61 5.07
CA ASP A 752 12.41 8.61 6.45
C ASP A 752 11.54 9.49 7.33
N ASP A 753 10.27 9.64 6.96
CA ASP A 753 9.36 10.47 7.74
C ASP A 753 9.16 9.90 9.14
N SER A 754 9.01 8.57 9.24
CA SER A 754 8.92 7.95 10.57
C SER A 754 10.21 8.14 11.34
N ASP A 755 11.35 8.02 10.67
CA ASP A 755 12.64 8.20 11.34
C ASP A 755 12.78 9.61 11.89
N VAL A 756 12.46 10.63 11.07
CA VAL A 756 12.62 12.00 11.55
C VAL A 756 11.59 12.31 12.64
N GLU A 757 10.38 11.75 12.55
CA GLU A 757 9.40 11.95 13.61
C GLU A 757 9.88 11.36 14.93
N TRP A 758 10.40 10.13 14.89
CA TRP A 758 10.91 9.51 16.12
C TRP A 758 12.09 10.28 16.67
N LYS A 759 12.99 10.75 15.80
CA LYS A 759 14.14 11.51 16.26
C LYS A 759 13.72 12.84 16.85
N PHE A 760 12.66 13.45 16.30
CA PHE A 760 12.14 14.69 16.87
C PHE A 760 11.55 14.45 18.26
N ALA A 761 10.80 13.36 18.42
CA ALA A 761 10.27 13.04 19.75
C ALA A 761 11.38 12.77 20.75
N ARG A 762 12.40 12.01 20.33
CA ARG A 762 13.52 11.72 21.22
C ARG A 762 14.31 12.98 21.55
N SER A 763 14.40 13.91 20.60
CA SER A 763 15.09 15.17 20.87
C SER A 763 14.31 16.03 21.85
N LYS A 764 12.98 16.01 21.74
CA LYS A 764 12.16 16.70 22.75
C LYS A 764 12.40 16.08 24.13
N LEU A 765 12.45 14.75 24.20
CA LEU A 765 12.73 14.09 25.47
C LEU A 765 14.10 14.49 26.00
N TRP A 766 15.10 14.55 25.13
CA TRP A 766 16.44 14.96 25.54
C TRP A 766 16.43 16.38 26.09
N LEU A 767 15.80 17.30 25.36
CA LEU A 767 15.80 18.71 25.79
C LEU A 767 14.98 18.90 27.05
N SER A 768 14.07 17.97 27.35
CA SER A 768 13.31 18.07 28.60
C SER A 768 14.20 17.92 29.83
N TYR A 769 15.39 17.34 29.69
CA TYR A 769 16.27 17.08 30.82
C TYR A 769 17.51 17.97 30.86
N PHE A 770 17.74 18.80 29.83
CA PHE A 770 18.96 19.61 29.80
C PHE A 770 18.97 20.61 30.96
N ASP A 771 17.89 21.36 31.12
CA ASP A 771 17.79 22.33 32.21
C ASP A 771 16.35 22.45 32.69
N LYS A 774 15.40 20.24 37.82
CA LYS A 774 15.22 18.86 37.40
C LYS A 774 16.52 18.08 37.52
N THR A 775 16.96 17.86 38.76
CA THR A 775 18.17 17.10 39.04
C THR A 775 17.91 15.85 39.88
N LEU A 776 17.00 15.93 40.83
CA LEU A 776 16.66 14.83 41.72
C LEU A 776 15.30 14.25 41.33
N PRO A 777 15.06 12.98 41.65
CA PRO A 777 13.76 12.37 41.33
C PRO A 777 12.64 13.01 42.13
N PRO A 778 11.38 12.77 41.75
CA PRO A 778 10.25 13.40 42.45
C PRO A 778 10.27 13.16 43.95
N PRO A 779 10.41 11.91 44.43
CA PRO A 779 10.37 11.72 45.89
C PRO A 779 11.51 12.40 46.62
N PHE A 780 12.66 12.58 45.97
CA PHE A 780 13.83 13.18 46.60
C PHE A 780 13.93 14.68 46.34
N SER A 781 12.99 15.27 45.61
CA SER A 781 13.02 16.70 45.34
C SER A 781 12.42 17.53 46.46
N LEU A 782 11.72 16.91 47.41
CA LEU A 782 11.12 17.65 48.51
C LEU A 782 12.18 18.29 49.39
N VAL A 783 13.26 17.57 49.67
CA VAL A 783 14.32 18.11 50.54
C VAL A 783 14.99 19.28 49.84
N PRO A 784 15.28 20.39 50.53
CA PRO A 784 15.99 21.52 49.93
C PRO A 784 17.49 21.50 50.21
N GLN A 844 33.99 44.95 11.24
CA GLN A 844 33.94 43.96 12.31
C GLN A 844 32.54 43.86 12.92
N PRO A 845 31.55 43.39 12.14
CA PRO A 845 30.17 43.36 12.64
C PRO A 845 30.00 42.49 13.87
N THR A 846 30.28 41.19 13.74
CA THR A 846 30.22 40.21 14.81
C THR A 846 30.75 38.89 14.24
N ARG A 847 31.30 38.06 15.12
CA ARG A 847 31.72 36.73 14.70
C ARG A 847 30.54 35.89 14.23
N TYR A 848 29.43 35.95 14.97
CA TYR A 848 28.24 35.20 14.58
C TYR A 848 27.67 35.73 13.27
N GLN A 849 27.69 37.06 13.09
CA GLN A 849 27.25 37.63 11.83
C GLN A 849 28.15 37.18 10.68
N GLN A 850 29.46 37.10 10.92
CA GLN A 850 30.37 36.59 9.91
C GLN A 850 30.05 35.15 9.55
N ILE A 851 29.78 34.32 10.55
CA ILE A 851 29.45 32.91 10.30
C ILE A 851 28.17 32.81 9.48
N MET A 852 27.15 33.57 9.86
CA MET A 852 25.89 33.53 9.13
C MET A 852 26.04 34.04 7.70
N LYS A 853 26.83 35.10 7.52
CA LYS A 853 27.08 35.62 6.17
C LYS A 853 27.78 34.57 5.32
N ARG A 854 28.77 33.89 5.87
CA ARG A 854 29.46 32.84 5.13
C ARG A 854 28.51 31.71 4.76
N LEU A 855 27.67 31.29 5.71
CA LEU A 855 26.73 30.20 5.44
C LEU A 855 25.72 30.59 4.37
N ILE A 856 25.21 31.82 4.41
CA ILE A 856 24.23 32.26 3.42
C ILE A 856 24.88 32.42 2.06
N LYS A 857 26.12 32.90 2.02
CA LYS A 857 26.84 32.98 0.75
C LYS A 857 27.02 31.59 0.15
N ARG A 858 27.39 30.62 1.00
CA ARG A 858 27.52 29.24 0.54
C ARG A 858 26.19 28.69 0.03
N TYR A 859 25.09 28.98 0.73
CA TYR A 859 23.78 28.50 0.29
C TYR A 859 23.38 29.11 -1.04
N VAL A 860 23.63 30.41 -1.22
CA VAL A 860 23.31 31.07 -2.48
C VAL A 860 24.12 30.46 -3.62
N LEU A 861 25.42 30.26 -3.39
CA LEU A 861 26.26 29.66 -4.42
C LEU A 861 25.80 28.25 -4.76
N LYS A 862 25.47 27.45 -3.76
CA LYS A 862 25.02 26.08 -4.00
C LYS A 862 23.71 26.07 -4.76
N ALA A 863 22.77 26.92 -4.38
CA ALA A 863 21.49 26.98 -5.08
C ALA A 863 21.66 27.40 -6.53
N GLN A 864 22.50 28.41 -6.78
CA GLN A 864 22.74 28.85 -8.14
C GLN A 864 23.41 27.76 -8.96
N VAL A 865 24.39 27.06 -8.37
CA VAL A 865 25.08 25.99 -9.08
C VAL A 865 24.10 24.87 -9.43
N ASP A 866 23.25 24.49 -8.47
CA ASP A 866 22.27 23.44 -8.73
C ASP A 866 21.27 23.85 -9.80
N LYS A 867 20.83 25.11 -9.77
CA LYS A 867 19.83 25.56 -10.75
C LYS A 867 20.42 25.64 -12.14
N GLU A 868 21.62 26.23 -12.28
CA GLU A 868 22.22 26.36 -13.61
C GLU A 868 22.71 25.02 -14.14
N ASN A 869 23.15 24.11 -13.27
CA ASN A 869 23.58 22.79 -13.73
C ASN A 869 22.42 22.00 -14.31
N ASP A 870 21.22 22.18 -13.76
CA ASP A 870 20.03 21.53 -14.30
C ASP A 870 19.47 22.23 -15.52
N GLU A 871 19.98 23.43 -15.85
CA GLU A 871 19.55 24.19 -17.01
C GLU A 871 20.75 24.62 -17.85
N VAL A 872 21.75 23.74 -17.94
CA VAL A 872 22.94 24.05 -18.73
C VAL A 872 22.59 24.20 -20.21
N ASN A 873 21.74 23.33 -20.71
CA ASN A 873 21.32 23.38 -22.12
C ASN A 873 20.43 24.59 -22.37
N THR B 107 54.22 5.05 -26.14
CA THR B 107 54.08 3.65 -26.53
C THR B 107 55.06 3.29 -27.64
N SER B 108 54.76 2.23 -28.38
CA SER B 108 55.58 1.77 -29.48
C SER B 108 55.22 2.46 -30.79
N LEU B 109 54.28 3.39 -30.78
CA LEU B 109 53.83 4.07 -31.99
C LEU B 109 54.90 5.05 -32.49
N THR B 110 54.86 5.29 -33.80
CA THR B 110 55.75 6.25 -34.43
C THR B 110 54.98 7.51 -34.81
N ALA B 111 55.70 8.49 -35.37
CA ALA B 111 55.09 9.79 -35.65
C ALA B 111 54.10 9.69 -36.81
N GLU B 112 54.50 9.04 -37.91
CA GLU B 112 53.66 9.00 -39.09
C GLU B 112 52.36 8.25 -38.84
N GLU B 113 52.45 7.09 -38.18
CA GLU B 113 51.24 6.33 -37.89
C GLU B 113 50.35 7.04 -36.86
N GLU B 114 50.96 7.76 -35.92
CA GLU B 114 50.15 8.55 -34.99
C GLU B 114 49.42 9.68 -35.71
N ARG B 115 50.09 10.32 -36.67
CA ARG B 115 49.41 11.34 -37.48
C ARG B 115 48.26 10.72 -38.27
N PHE B 116 48.49 9.55 -38.86
CA PHE B 116 47.43 8.81 -39.52
C PHE B 116 46.25 8.58 -38.58
N LEU B 117 46.53 8.08 -37.37
CA LEU B 117 45.47 7.73 -36.44
C LEU B 117 44.68 8.95 -36.01
N ASP B 118 45.36 10.06 -35.71
CA ASP B 118 44.63 11.25 -35.26
C ASP B 118 43.84 11.88 -36.40
N ALA B 119 44.40 11.86 -37.63
CA ALA B 119 43.65 12.36 -38.76
C ALA B 119 42.40 11.54 -39.01
N ALA B 120 42.51 10.21 -38.93
CA ALA B 120 41.36 9.35 -39.14
C ALA B 120 40.32 9.54 -38.04
N GLU B 121 40.78 9.64 -36.78
CA GLU B 121 39.84 9.81 -35.68
C GLU B 121 39.12 11.15 -35.75
N TYR B 122 39.82 12.20 -36.12
CA TYR B 122 39.25 13.55 -36.21
C TYR B 122 38.71 13.86 -37.59
N GLY B 123 38.69 12.88 -38.49
CA GLY B 123 38.09 13.06 -39.81
C GLY B 123 38.80 14.02 -40.72
N ASN B 124 40.13 13.94 -40.80
CA ASN B 124 40.90 14.74 -41.77
C ASN B 124 41.05 13.91 -43.05
N ILE B 125 40.06 14.07 -43.94
CA ILE B 125 40.01 13.27 -45.16
C ILE B 125 41.23 13.50 -46.06
N PRO B 126 41.63 14.73 -46.40
CA PRO B 126 42.81 14.89 -47.26
C PRO B 126 44.09 14.34 -46.64
N VAL B 127 44.24 14.47 -45.32
CA VAL B 127 45.44 13.95 -44.65
C VAL B 127 45.49 12.43 -44.78
N VAL B 128 44.35 11.76 -44.55
CA VAL B 128 44.31 10.32 -44.69
C VAL B 128 44.58 9.90 -46.13
N ARG B 129 43.99 10.63 -47.10
CA ARG B 129 44.20 10.32 -48.51
C ARG B 129 45.67 10.43 -48.88
N LYS B 130 46.34 11.48 -48.40
CA LYS B 130 47.78 11.60 -48.63
C LYS B 130 48.55 10.49 -47.94
N MET B 131 48.09 10.08 -46.75
CA MET B 131 48.80 9.03 -46.01
C MET B 131 48.73 7.69 -46.74
N LEU B 132 47.59 7.38 -47.36
CA LEU B 132 47.42 6.09 -48.02
C LEU B 132 47.88 6.10 -49.48
N GLU B 133 48.42 7.19 -49.98
CA GLU B 133 48.88 7.28 -51.36
C GLU B 133 50.40 7.36 -51.39
N GLU B 134 51.03 6.38 -52.04
CA GLU B 134 52.48 6.36 -52.27
C GLU B 134 53.25 6.47 -50.94
N SER B 135 52.86 5.65 -49.97
CA SER B 135 53.52 5.61 -48.67
C SER B 135 53.82 4.15 -48.32
N LYS B 136 55.10 3.77 -48.37
CA LYS B 136 55.49 2.41 -48.01
C LYS B 136 55.24 2.13 -46.54
N THR B 137 55.53 3.10 -45.67
CA THR B 137 55.32 2.95 -44.24
C THR B 137 53.86 3.26 -43.90
N LEU B 138 53.58 3.51 -42.62
CA LEU B 138 52.24 3.84 -42.14
C LEU B 138 51.26 2.72 -42.47
N ASN B 139 51.52 1.55 -41.86
CA ASN B 139 50.67 0.38 -42.06
C ASN B 139 49.23 0.69 -41.69
N VAL B 140 48.30 0.23 -42.52
CA VAL B 140 46.90 0.61 -42.38
C VAL B 140 46.32 0.09 -41.08
N ASN B 141 46.65 -1.16 -40.71
CA ASN B 141 46.08 -1.78 -39.52
C ASN B 141 47.00 -1.65 -38.30
N CYS B 142 47.83 -0.63 -38.23
CA CYS B 142 48.65 -0.43 -37.04
C CYS B 142 47.78 -0.05 -35.85
N VAL B 143 48.00 -0.73 -34.73
CA VAL B 143 47.19 -0.57 -33.53
C VAL B 143 48.09 -0.36 -32.33
N ASP B 144 47.67 0.54 -31.45
CA ASP B 144 48.41 0.78 -30.21
C ASP B 144 48.31 -0.44 -29.31
N TYR B 145 49.13 -0.45 -28.25
CA TYR B 145 49.11 -1.56 -27.30
C TYR B 145 47.75 -1.67 -26.62
N MET B 146 47.18 -0.54 -26.22
CA MET B 146 45.88 -0.49 -25.56
C MET B 146 44.96 0.50 -26.26
N GLY B 147 45.11 0.61 -27.58
CA GLY B 147 44.28 1.52 -28.36
C GLY B 147 43.46 0.84 -29.42
N GLN B 148 42.66 1.60 -30.15
CA GLN B 148 41.79 1.07 -31.19
C GLN B 148 42.49 1.16 -32.54
N ASN B 149 42.04 0.35 -33.49
CA ASN B 149 42.52 0.44 -34.85
C ASN B 149 42.08 1.75 -35.48
N ALA B 150 42.79 2.16 -36.53
CA ALA B 150 42.42 3.38 -37.24
C ALA B 150 41.02 3.28 -37.83
N LEU B 151 40.68 2.11 -38.39
CA LEU B 151 39.34 1.92 -38.93
C LEU B 151 38.30 1.96 -37.82
N GLN B 152 38.62 1.39 -36.65
CA GLN B 152 37.71 1.47 -35.52
C GLN B 152 37.50 2.91 -35.08
N LEU B 153 38.57 3.71 -35.07
CA LEU B 153 38.43 5.12 -34.72
C LEU B 153 37.57 5.86 -35.75
N ALA B 154 37.74 5.55 -37.03
CA ALA B 154 36.94 6.19 -38.06
C ALA B 154 35.48 5.75 -37.96
N VAL B 155 35.23 4.53 -37.50
CA VAL B 155 33.86 4.06 -37.35
C VAL B 155 33.20 4.70 -36.12
N GLY B 156 33.94 4.86 -35.03
CA GLY B 156 33.36 5.36 -33.80
C GLY B 156 32.76 6.74 -33.95
N ASN B 157 33.46 7.63 -34.63
CA ASN B 157 32.96 8.95 -34.96
C ASN B 157 32.60 8.95 -36.44
N GLU B 158 31.33 9.20 -36.75
CA GLU B 158 30.80 8.96 -38.07
C GLU B 158 31.59 9.69 -39.15
N HIS B 159 32.26 8.92 -40.00
CA HIS B 159 33.01 9.44 -41.14
C HIS B 159 32.93 8.39 -42.25
N LEU B 160 31.94 8.55 -43.14
CA LEU B 160 31.75 7.59 -44.22
C LEU B 160 32.95 7.60 -45.17
N GLU B 161 33.42 8.79 -45.55
CA GLU B 161 34.51 8.88 -46.51
C GLU B 161 35.78 8.23 -45.98
N VAL B 162 36.14 8.52 -44.73
CA VAL B 162 37.35 7.96 -44.14
C VAL B 162 37.24 6.43 -44.06
N THR B 163 36.09 5.93 -43.61
CA THR B 163 35.90 4.49 -43.49
C THR B 163 35.99 3.81 -44.84
N GLU B 164 35.38 4.39 -45.88
CA GLU B 164 35.44 3.78 -47.20
C GLU B 164 36.84 3.83 -47.77
N LEU B 165 37.56 4.94 -47.56
CA LEU B 165 38.93 5.05 -48.02
C LEU B 165 39.82 4.01 -47.34
N LEU B 166 39.58 3.75 -46.06
CA LEU B 166 40.27 2.65 -45.39
C LEU B 166 39.88 1.31 -45.98
N LEU B 167 38.59 1.14 -46.30
CA LEU B 167 38.11 -0.09 -46.91
C LEU B 167 38.68 -0.32 -48.30
N LYS B 168 39.28 0.69 -48.92
CA LYS B 168 39.98 0.47 -50.19
C LYS B 168 41.06 -0.60 -50.05
N LYS B 169 41.79 -0.61 -48.93
CA LYS B 169 42.90 -1.54 -48.76
C LYS B 169 42.38 -2.97 -48.56
N GLU B 170 43.01 -3.92 -49.27
CA GLU B 170 42.57 -5.30 -49.21
C GLU B 170 42.94 -5.96 -47.88
N ASN B 171 44.18 -5.76 -47.42
CA ASN B 171 44.66 -6.37 -46.18
C ASN B 171 44.40 -5.40 -45.04
N LEU B 172 43.38 -5.69 -44.23
CA LEU B 172 42.98 -4.82 -43.13
C LEU B 172 42.07 -5.60 -42.20
N ALA B 173 42.37 -5.58 -40.91
CA ALA B 173 41.70 -6.42 -39.93
C ALA B 173 40.73 -5.60 -39.07
N ARG B 174 40.11 -6.30 -38.12
CA ARG B 174 39.12 -5.72 -37.20
C ARG B 174 37.93 -5.13 -37.94
N ILE B 175 37.59 -5.71 -39.09
CA ILE B 175 36.40 -5.25 -39.82
C ILE B 175 35.13 -5.67 -39.09
N GLY B 176 35.11 -6.89 -38.56
CA GLY B 176 33.93 -7.36 -37.86
C GLY B 176 33.63 -6.58 -36.59
N ASP B 177 34.68 -6.24 -35.85
CA ASP B 177 34.50 -5.44 -34.64
C ASP B 177 33.91 -4.07 -34.97
N ALA B 178 34.40 -3.43 -36.04
CA ALA B 178 33.85 -2.15 -36.43
C ALA B 178 32.42 -2.28 -36.94
N LEU B 179 32.10 -3.40 -37.62
CA LEU B 179 30.73 -3.63 -38.02
C LEU B 179 29.82 -3.74 -36.80
N LEU B 180 30.28 -4.46 -35.77
CA LEU B 180 29.50 -4.55 -34.54
C LEU B 180 29.35 -3.19 -33.88
N LEU B 181 30.42 -2.39 -33.88
CA LEU B 181 30.35 -1.05 -33.29
C LEU B 181 29.36 -0.18 -34.03
N ALA B 182 29.37 -0.21 -35.36
CA ALA B 182 28.44 0.58 -36.15
C ALA B 182 27.01 0.10 -35.94
N ILE B 183 26.81 -1.20 -35.83
CA ILE B 183 25.48 -1.74 -35.58
C ILE B 183 24.97 -1.31 -34.22
N SER B 184 25.87 -1.24 -33.23
CA SER B 184 25.48 -0.79 -31.90
C SER B 184 24.96 0.64 -31.91
N LYS B 185 25.26 1.42 -32.94
CA LYS B 185 24.76 2.77 -33.11
C LYS B 185 23.92 2.85 -34.38
N GLY B 186 23.54 4.07 -34.76
CA GLY B 186 22.67 4.27 -35.90
C GLY B 186 23.40 4.48 -37.22
N TYR B 187 24.67 4.06 -37.27
CA TYR B 187 25.48 4.28 -38.46
C TYR B 187 25.08 3.34 -39.59
N VAL B 188 23.93 3.60 -40.21
CA VAL B 188 23.44 2.73 -41.27
C VAL B 188 24.34 2.81 -42.50
N ARG B 189 24.78 4.01 -42.86
CA ARG B 189 25.63 4.16 -44.04
C ARG B 189 26.97 3.47 -43.84
N ILE B 190 27.55 3.57 -42.64
CA ILE B 190 28.80 2.89 -42.36
C ILE B 190 28.62 1.38 -42.39
N VAL B 191 27.48 0.89 -41.89
CA VAL B 191 27.19 -0.54 -41.96
C VAL B 191 27.10 -0.99 -43.42
N GLU B 192 26.42 -0.21 -44.25
CA GLU B 192 26.31 -0.53 -45.66
C GLU B 192 27.67 -0.55 -46.35
N ALA B 193 28.52 0.43 -46.02
CA ALA B 193 29.86 0.47 -46.60
C ALA B 193 30.68 -0.74 -46.19
N ILE B 194 30.62 -1.10 -44.90
CA ILE B 194 31.39 -2.25 -44.41
C ILE B 194 30.91 -3.54 -45.06
N LEU B 195 29.59 -3.71 -45.18
CA LEU B 195 29.06 -4.93 -45.79
C LEU B 195 29.45 -5.03 -47.26
N ASN B 196 29.79 -3.91 -47.90
CA ASN B 196 30.23 -3.93 -49.28
C ASN B 196 31.65 -4.48 -49.43
N HIS B 197 32.36 -4.68 -48.33
CA HIS B 197 33.72 -5.23 -48.41
C HIS B 197 33.65 -6.65 -48.97
N PRO B 198 34.61 -7.05 -49.81
CA PRO B 198 34.56 -8.41 -50.38
C PRO B 198 34.71 -9.51 -49.35
N GLY B 199 35.20 -9.21 -48.15
CA GLY B 199 35.36 -10.24 -47.14
C GLY B 199 34.04 -10.86 -46.73
N PHE B 200 33.03 -10.03 -46.48
CA PHE B 200 31.72 -10.55 -46.11
C PHE B 200 31.04 -11.25 -47.28
N ALA B 201 31.21 -10.70 -48.49
CA ALA B 201 30.51 -11.26 -49.65
C ALA B 201 31.00 -12.67 -49.98
N ALA B 202 32.30 -12.91 -49.88
CA ALA B 202 32.90 -14.18 -50.26
C ALA B 202 33.28 -15.04 -49.07
N SER B 203 32.52 -14.96 -47.97
CA SER B 203 32.81 -15.78 -46.80
C SER B 203 31.55 -15.92 -45.97
N LYS B 204 31.58 -16.89 -45.06
CA LYS B 204 30.49 -17.16 -44.13
C LYS B 204 30.61 -16.35 -42.84
N ARG B 205 31.38 -15.25 -42.86
CA ARG B 205 31.61 -14.48 -41.65
C ARG B 205 30.31 -13.83 -41.15
N LEU B 206 29.51 -13.29 -42.07
CA LEU B 206 28.32 -12.53 -41.66
C LEU B 206 27.29 -13.43 -41.00
N THR B 207 27.05 -14.62 -41.57
CA THR B 207 25.96 -15.46 -41.08
C THR B 207 26.30 -16.14 -39.76
N LEU B 208 27.53 -16.62 -39.61
CA LEU B 208 27.91 -17.45 -38.47
C LEU B 208 28.56 -16.61 -37.38
N SER B 209 28.44 -17.08 -36.14
CA SER B 209 28.97 -16.37 -35.00
C SER B 209 30.51 -16.43 -35.00
N PRO B 210 31.15 -15.41 -34.41
CA PRO B 210 32.63 -15.42 -34.38
C PRO B 210 33.21 -16.61 -33.64
N CYS B 211 32.49 -17.16 -32.66
CA CYS B 211 33.02 -18.26 -31.87
C CYS B 211 33.26 -19.50 -32.73
N GLU B 212 32.34 -19.81 -33.65
CA GLU B 212 32.40 -21.03 -34.43
C GLU B 212 32.47 -20.79 -35.93
N GLN B 213 32.77 -19.56 -36.36
CA GLN B 213 32.82 -19.28 -37.80
C GLN B 213 33.96 -20.05 -38.47
N GLU B 214 35.14 -20.06 -37.85
CA GLU B 214 36.32 -20.70 -38.41
C GLU B 214 37.34 -20.87 -37.29
N LEU B 215 38.58 -21.19 -37.67
CA LEU B 215 39.66 -21.30 -36.71
C LEU B 215 40.04 -19.96 -36.08
N GLN B 216 39.36 -18.87 -36.49
CA GLN B 216 39.56 -17.52 -35.95
C GLN B 216 41.03 -17.16 -35.79
N ASP B 217 41.84 -17.56 -36.77
CA ASP B 217 43.25 -17.19 -36.77
C ASP B 217 43.41 -15.68 -36.89
N ASP B 218 42.64 -15.05 -37.76
CA ASP B 218 42.70 -13.61 -37.93
C ASP B 218 41.89 -12.89 -36.86
N ASP B 219 42.27 -11.65 -36.59
CA ASP B 219 41.57 -10.81 -35.62
C ASP B 219 40.40 -10.07 -36.25
N PHE B 220 39.46 -10.82 -36.84
CA PHE B 220 38.37 -10.20 -37.56
C PHE B 220 37.38 -9.53 -36.61
N TYR B 221 36.99 -10.23 -35.54
CA TYR B 221 36.07 -9.69 -34.55
C TYR B 221 36.77 -9.25 -33.28
N ALA B 222 38.09 -9.26 -33.25
CA ALA B 222 38.83 -9.03 -32.02
C ALA B 222 38.71 -7.57 -31.57
N TYR B 223 38.66 -7.37 -30.26
CA TYR B 223 38.66 -6.05 -29.65
C TYR B 223 40.10 -5.62 -29.42
N ASP B 224 40.31 -4.59 -28.60
CA ASP B 224 41.61 -3.94 -28.42
C ASP B 224 42.77 -4.92 -28.32
N GLU B 225 42.79 -5.75 -27.27
CA GLU B 225 43.92 -6.65 -27.06
C GLU B 225 43.52 -8.12 -27.17
N ASP B 226 42.57 -8.58 -26.36
CA ASP B 226 42.25 -10.00 -26.28
C ASP B 226 40.80 -10.31 -26.61
N GLY B 227 39.86 -9.66 -25.94
CA GLY B 227 38.46 -10.05 -26.01
C GLY B 227 37.75 -9.51 -27.23
N THR B 228 36.43 -9.46 -27.11
CA THR B 228 35.55 -8.95 -28.16
C THR B 228 34.69 -7.84 -27.57
N ARG B 229 34.25 -6.92 -28.43
CA ARG B 229 33.42 -5.80 -27.98
C ARG B 229 32.16 -6.29 -27.29
N PHE B 230 31.56 -7.36 -27.82
CA PHE B 230 30.40 -8.00 -27.22
C PHE B 230 30.72 -9.48 -26.98
N SER B 231 29.70 -10.24 -26.60
CA SER B 231 29.89 -11.65 -26.32
C SER B 231 30.34 -12.39 -27.59
N PRO B 232 31.15 -13.44 -27.45
CA PRO B 232 31.62 -14.16 -28.63
C PRO B 232 30.51 -14.83 -29.42
N ASP B 233 29.35 -15.05 -28.81
CA ASP B 233 28.23 -15.72 -29.46
C ASP B 233 27.20 -14.75 -30.02
N ILE B 234 27.52 -13.47 -30.09
CA ILE B 234 26.61 -12.46 -30.63
C ILE B 234 27.00 -12.20 -32.08
N THR B 235 26.14 -12.62 -33.00
CA THR B 235 26.31 -12.31 -34.42
C THR B 235 25.92 -10.86 -34.68
N PRO B 236 26.33 -10.30 -35.82
CA PRO B 236 25.88 -8.93 -36.15
C PRO B 236 24.37 -8.80 -36.20
N ILE B 237 23.66 -9.81 -36.70
CA ILE B 237 22.20 -9.72 -36.77
C ILE B 237 21.59 -9.77 -35.37
N ILE B 238 22.17 -10.59 -34.48
CA ILE B 238 21.68 -10.63 -33.10
C ILE B 238 21.88 -9.26 -32.43
N LEU B 239 23.03 -8.63 -32.65
CA LEU B 239 23.27 -7.31 -32.09
C LEU B 239 22.31 -6.28 -32.67
N ALA B 240 22.04 -6.35 -33.98
CA ALA B 240 21.11 -5.42 -34.59
C ALA B 240 19.71 -5.58 -34.02
N ALA B 241 19.30 -6.82 -33.77
CA ALA B 241 18.03 -7.04 -33.08
C ALA B 241 18.06 -6.50 -31.66
N HIS B 242 19.20 -6.65 -30.98
CA HIS B 242 19.33 -6.14 -29.62
C HIS B 242 19.14 -4.63 -29.58
N CYS B 243 19.74 -3.91 -30.52
CA CYS B 243 19.58 -2.46 -30.57
C CYS B 243 18.29 -2.02 -31.25
N GLN B 244 17.51 -2.98 -31.79
CA GLN B 244 16.23 -2.68 -32.44
C GLN B 244 16.41 -1.69 -33.59
N LYS B 245 17.50 -1.84 -34.34
CA LYS B 245 17.77 -1.00 -35.50
C LYS B 245 17.07 -1.63 -36.69
N TYR B 246 15.90 -1.09 -37.05
CA TYR B 246 15.09 -1.68 -38.09
C TYR B 246 15.81 -1.67 -39.43
N GLU B 247 16.47 -0.55 -39.77
CA GLU B 247 17.17 -0.47 -41.05
C GLU B 247 18.34 -1.45 -41.09
N VAL B 248 19.13 -1.51 -40.02
CA VAL B 248 20.27 -2.42 -39.98
C VAL B 248 19.80 -3.87 -40.02
N VAL B 249 18.73 -4.18 -39.29
CA VAL B 249 18.18 -5.54 -39.31
C VAL B 249 17.73 -5.91 -40.72
N HIS B 250 17.05 -4.98 -41.41
CA HIS B 250 16.59 -5.26 -42.76
C HIS B 250 17.77 -5.49 -43.70
N MET B 251 18.81 -4.66 -43.61
CA MET B 251 19.96 -4.85 -44.48
C MET B 251 20.66 -6.17 -44.21
N LEU B 252 20.80 -6.54 -42.94
CA LEU B 252 21.46 -7.81 -42.61
C LEU B 252 20.62 -9.00 -43.07
N LEU B 253 19.29 -8.89 -42.96
CA LEU B 253 18.44 -9.98 -43.43
C LEU B 253 18.48 -10.10 -44.95
N MET B 254 18.58 -8.96 -45.65
CA MET B 254 18.66 -9.01 -47.10
C MET B 254 19.92 -9.69 -47.60
N LYS B 255 20.98 -9.73 -46.78
CA LYS B 255 22.23 -10.37 -47.14
C LYS B 255 22.25 -11.86 -46.83
N GLY B 256 21.19 -12.39 -46.22
CA GLY B 256 21.13 -13.80 -45.89
C GLY B 256 21.51 -14.14 -44.47
N ALA B 257 21.69 -13.14 -43.60
CA ALA B 257 22.05 -13.39 -42.20
C ALA B 257 20.79 -13.39 -41.35
N ARG B 258 20.55 -14.52 -40.67
CA ARG B 258 19.38 -14.67 -39.82
C ARG B 258 19.79 -15.25 -38.49
N ILE B 259 19.00 -14.98 -37.45
CA ILE B 259 19.24 -15.50 -36.12
C ILE B 259 18.82 -16.96 -36.11
N GLU B 260 19.79 -17.86 -36.03
CA GLU B 260 19.48 -19.28 -35.97
C GLU B 260 18.78 -19.62 -34.67
N ARG B 261 17.67 -20.34 -34.76
CA ARG B 261 16.88 -20.65 -33.57
C ARG B 261 17.66 -21.60 -32.66
N PRO B 262 17.81 -21.26 -31.38
CA PRO B 262 18.51 -22.17 -30.46
C PRO B 262 17.74 -23.47 -30.28
N HIS B 263 18.48 -24.54 -30.02
CA HIS B 263 17.87 -25.85 -29.86
C HIS B 263 17.05 -25.90 -28.57
N ASP B 264 16.32 -27.00 -28.41
CA ASP B 264 15.54 -27.20 -27.20
C ASP B 264 16.45 -27.33 -26.00
N TYR B 265 15.94 -26.94 -24.83
CA TYR B 265 16.74 -26.98 -23.61
C TYR B 265 17.19 -28.40 -23.28
N PHE B 266 16.42 -29.41 -23.68
CA PHE B 266 16.74 -30.80 -23.42
C PHE B 266 17.39 -31.49 -24.60
N CYS B 267 17.83 -30.73 -25.61
CA CYS B 267 18.46 -31.32 -26.78
C CYS B 267 19.75 -32.03 -26.38
N LYS B 268 19.98 -33.21 -26.97
CA LYS B 268 21.13 -34.05 -26.64
C LYS B 268 22.02 -34.31 -27.86
N CYS B 269 22.02 -33.41 -28.84
CA CYS B 269 22.84 -33.61 -30.02
C CYS B 269 24.32 -33.41 -29.67
N GLY B 270 25.18 -33.73 -30.64
CA GLY B 270 26.61 -33.60 -30.41
C GLY B 270 27.04 -32.17 -30.15
N ASP B 271 26.46 -31.22 -30.88
CA ASP B 271 26.83 -29.82 -30.73
C ASP B 271 26.40 -29.29 -29.37
N CYS B 272 25.14 -29.53 -29.00
CA CYS B 272 24.64 -29.04 -27.71
C CYS B 272 25.38 -29.71 -26.55
N MET B 273 25.64 -31.01 -26.65
CA MET B 273 26.37 -31.70 -25.59
C MET B 273 27.81 -31.20 -25.50
N GLU B 274 28.43 -30.91 -26.64
CA GLU B 274 29.79 -30.37 -26.64
C GLU B 274 29.85 -29.01 -25.96
N LYS B 275 28.85 -28.15 -26.23
CA LYS B 275 28.81 -26.86 -25.56
C LYS B 275 28.48 -26.99 -24.08
N GLN B 276 27.62 -27.94 -23.72
CA GLN B 276 27.22 -28.08 -22.32
C GLN B 276 28.30 -28.73 -21.48
N ARG B 277 29.17 -29.54 -22.09
CA ARG B 277 30.19 -30.24 -21.32
C ARG B 277 31.16 -29.27 -20.65
N HIS B 278 31.58 -28.23 -21.36
CA HIS B 278 32.51 -27.24 -20.83
C HIS B 278 31.92 -25.84 -21.01
N ASP B 279 32.02 -25.02 -19.96
CA ASP B 279 31.59 -23.63 -19.97
C ASP B 279 30.09 -23.54 -20.30
N SER B 280 29.28 -24.10 -19.40
CA SER B 280 27.83 -24.12 -19.62
C SER B 280 27.21 -22.74 -19.41
N PHE B 281 27.84 -21.89 -18.61
CA PHE B 281 27.31 -20.54 -18.41
C PHE B 281 27.34 -19.75 -19.71
N SER B 282 28.40 -19.89 -20.50
CA SER B 282 28.44 -19.22 -21.79
C SER B 282 27.35 -19.74 -22.71
N HIS B 283 27.07 -21.04 -22.63
CA HIS B 283 25.99 -21.62 -23.44
C HIS B 283 24.64 -21.04 -23.05
N SER B 284 24.37 -20.94 -21.75
CA SER B 284 23.10 -20.37 -21.30
C SER B 284 23.00 -18.90 -21.70
N ARG B 285 24.09 -18.15 -21.55
CA ARG B 285 24.08 -16.75 -21.93
C ARG B 285 23.86 -16.57 -23.43
N SER B 286 24.46 -17.46 -24.24
CA SER B 286 24.26 -17.41 -25.68
C SER B 286 22.82 -17.72 -26.04
N ARG B 287 22.21 -18.70 -25.37
CA ARG B 287 20.81 -19.00 -25.61
C ARG B 287 19.92 -17.79 -25.26
N ILE B 288 20.21 -17.15 -24.13
CA ILE B 288 19.43 -15.98 -23.73
C ILE B 288 19.60 -14.85 -24.73
N ASN B 289 20.83 -14.64 -25.22
CA ASN B 289 21.06 -13.59 -26.20
C ASN B 289 20.35 -13.89 -27.51
N ALA B 290 20.35 -15.15 -27.95
CA ALA B 290 19.64 -15.52 -29.17
C ALA B 290 18.14 -15.28 -29.01
N TYR B 291 17.59 -15.62 -27.85
CA TYR B 291 16.16 -15.39 -27.63
C TYR B 291 15.85 -13.90 -27.55
N LYS B 292 16.73 -13.11 -26.94
CA LYS B 292 16.54 -11.67 -26.90
C LYS B 292 16.57 -11.07 -28.29
N GLY B 293 17.43 -11.59 -29.16
CA GLY B 293 17.40 -11.16 -30.56
C GLY B 293 16.11 -11.58 -31.25
N LEU B 294 15.66 -12.80 -30.99
CA LEU B 294 14.41 -13.27 -31.60
C LEU B 294 13.21 -12.50 -31.08
N ALA B 295 13.19 -12.18 -29.79
CA ALA B 295 12.06 -11.50 -29.17
C ALA B 295 12.05 -10.01 -29.42
N SER B 296 13.07 -9.46 -30.06
CA SER B 296 13.10 -8.03 -30.35
C SER B 296 12.01 -7.68 -31.34
N PRO B 297 11.31 -6.56 -31.14
CA PRO B 297 10.25 -6.17 -32.10
C PRO B 297 10.76 -5.99 -33.51
N ALA B 298 11.99 -5.50 -33.68
CA ALA B 298 12.53 -5.29 -35.01
C ALA B 298 12.66 -6.60 -35.77
N TYR B 299 13.31 -7.60 -35.16
CA TYR B 299 13.47 -8.88 -35.83
C TYR B 299 12.13 -9.58 -36.01
N LEU B 300 11.24 -9.45 -35.03
CA LEU B 300 9.92 -10.06 -35.16
C LEU B 300 9.17 -9.47 -36.36
N SER B 301 9.23 -8.15 -36.53
CA SER B 301 8.46 -7.51 -37.59
C SER B 301 9.09 -7.76 -38.96
N LEU B 302 10.42 -7.75 -39.04
CA LEU B 302 11.10 -7.84 -40.32
C LEU B 302 11.60 -9.24 -40.66
N SER B 303 11.29 -10.23 -39.84
CA SER B 303 11.88 -11.56 -40.02
C SER B 303 11.13 -12.38 -41.06
N SER B 304 9.85 -12.68 -40.80
CA SER B 304 9.10 -13.61 -41.63
C SER B 304 7.66 -13.14 -41.78
N GLU B 305 6.95 -13.79 -42.69
CA GLU B 305 5.56 -13.44 -42.96
C GLU B 305 4.68 -13.77 -41.76
N ASP B 306 3.64 -12.95 -41.58
CA ASP B 306 2.66 -13.08 -40.50
C ASP B 306 3.38 -13.09 -39.15
N PRO B 307 3.95 -11.96 -38.73
CA PRO B 307 4.79 -11.97 -37.52
C PRO B 307 4.02 -12.10 -36.21
N VAL B 308 2.71 -11.90 -36.21
CA VAL B 308 1.98 -11.96 -34.95
C VAL B 308 1.93 -13.40 -34.44
N LEU B 309 1.73 -14.37 -35.33
CA LEU B 309 1.76 -15.77 -34.92
C LEU B 309 3.15 -16.16 -34.45
N THR B 310 4.19 -15.70 -35.14
CA THR B 310 5.55 -15.98 -34.71
C THR B 310 5.80 -15.41 -33.32
N ALA B 311 5.34 -14.19 -33.06
CA ALA B 311 5.51 -13.59 -31.74
C ALA B 311 4.75 -14.36 -30.68
N LEU B 312 3.55 -14.85 -31.00
CA LEU B 312 2.78 -15.60 -30.01
C LEU B 312 3.45 -16.93 -29.67
N GLU B 313 3.90 -17.66 -30.69
CA GLU B 313 4.61 -18.92 -30.41
C GLU B 313 5.92 -18.66 -29.68
N LEU B 314 6.61 -17.56 -30.00
CA LEU B 314 7.83 -17.23 -29.29
C LEU B 314 7.54 -16.87 -27.83
N SER B 315 6.42 -16.21 -27.57
CA SER B 315 6.01 -15.94 -26.20
C SER B 315 5.76 -17.24 -25.44
N ASN B 316 5.08 -18.20 -26.10
CA ASN B 316 4.91 -19.51 -25.49
C ASN B 316 6.24 -20.15 -25.16
N GLU B 317 7.17 -20.15 -26.12
CA GLU B 317 8.47 -20.79 -25.92
C GLU B 317 9.24 -20.12 -24.80
N LEU B 318 9.19 -18.79 -24.73
CA LEU B 318 9.91 -18.06 -23.70
C LEU B 318 9.31 -18.32 -22.32
N ALA B 319 7.98 -18.40 -22.23
CA ALA B 319 7.35 -18.73 -20.95
C ALA B 319 7.72 -20.14 -20.51
N LYS B 320 7.70 -21.09 -21.44
CA LYS B 320 8.07 -22.47 -21.10
C LYS B 320 9.52 -22.54 -20.63
N LEU B 321 10.41 -21.81 -21.30
CA LEU B 321 11.82 -21.83 -20.89
C LEU B 321 12.03 -21.09 -19.58
N ALA B 322 11.22 -20.07 -19.30
CA ALA B 322 11.28 -19.42 -17.99
C ALA B 322 10.88 -20.40 -16.89
N ASN B 323 9.85 -21.20 -17.14
CA ASN B 323 9.46 -22.22 -16.16
C ASN B 323 10.54 -23.28 -16.01
N ILE B 324 11.15 -23.71 -17.12
CA ILE B 324 12.12 -24.80 -17.07
C ILE B 324 13.41 -24.37 -16.40
N GLU B 325 13.92 -23.19 -16.77
CA GLU B 325 15.24 -22.75 -16.30
C GLU B 325 15.24 -22.51 -14.80
N LYS B 326 14.41 -21.59 -14.33
CA LYS B 326 14.28 -21.15 -12.94
C LYS B 326 15.52 -20.41 -12.44
N GLU B 327 16.55 -20.26 -13.28
CA GLU B 327 17.72 -19.46 -12.95
C GLU B 327 17.63 -18.07 -13.56
N PHE B 328 17.43 -17.99 -14.87
CA PHE B 328 17.23 -16.73 -15.58
C PHE B 328 15.76 -16.49 -15.87
N LYS B 329 14.90 -16.86 -14.93
CA LYS B 329 13.45 -16.75 -15.14
C LYS B 329 13.05 -15.31 -15.43
N ASN B 330 13.70 -14.34 -14.78
CA ASN B 330 13.37 -12.95 -15.02
C ASN B 330 13.63 -12.54 -16.47
N ASP B 331 14.77 -12.98 -17.03
CA ASP B 331 15.11 -12.61 -18.40
C ASP B 331 14.11 -13.19 -19.39
N TYR B 332 13.80 -14.48 -19.25
CA TYR B 332 12.86 -15.11 -20.16
C TYR B 332 11.45 -14.54 -20.02
N ARG B 333 11.04 -14.23 -18.79
CA ARG B 333 9.75 -13.60 -18.59
C ARG B 333 9.71 -12.22 -19.23
N LYS B 334 10.81 -11.46 -19.12
CA LYS B 334 10.88 -10.16 -19.78
C LYS B 334 10.79 -10.29 -21.29
N LEU B 335 11.45 -11.30 -21.86
CA LEU B 335 11.35 -11.52 -23.30
C LEU B 335 9.92 -11.90 -23.71
N SER B 336 9.27 -12.74 -22.90
CA SER B 336 7.88 -13.09 -23.19
C SER B 336 6.97 -11.85 -23.12
N MET B 337 7.21 -10.99 -22.14
CA MET B 337 6.45 -9.74 -22.06
C MET B 337 6.72 -8.86 -23.27
N GLN B 338 7.96 -8.86 -23.77
CA GLN B 338 8.26 -8.12 -24.99
C GLN B 338 7.47 -8.65 -26.17
N CYS B 339 7.39 -9.98 -26.30
CA CYS B 339 6.60 -10.56 -27.40
C CYS B 339 5.12 -10.21 -27.25
N LYS B 340 4.58 -10.30 -26.03
CA LYS B 340 3.19 -9.94 -25.81
C LYS B 340 2.94 -8.46 -26.13
N ASP B 341 3.87 -7.59 -25.75
CA ASP B 341 3.74 -6.17 -26.05
C ASP B 341 3.79 -5.92 -27.54
N PHE B 342 4.64 -6.64 -28.27
CA PHE B 342 4.66 -6.51 -29.73
C PHE B 342 3.33 -6.93 -30.33
N VAL B 343 2.76 -8.03 -29.86
CA VAL B 343 1.46 -8.49 -30.38
C VAL B 343 0.39 -7.45 -30.10
N VAL B 344 0.37 -6.91 -28.88
CA VAL B 344 -0.63 -5.92 -28.51
C VAL B 344 -0.46 -4.65 -29.34
N GLY B 345 0.78 -4.22 -29.57
CA GLY B 345 1.02 -3.04 -30.38
C GLY B 345 0.61 -3.22 -31.82
N VAL B 346 0.84 -4.42 -32.37
CA VAL B 346 0.39 -4.70 -33.73
C VAL B 346 -1.13 -4.65 -33.79
N LEU B 347 -1.81 -5.22 -32.78
CA LEU B 347 -3.27 -5.16 -32.75
C LEU B 347 -3.77 -3.72 -32.60
N ASP B 348 -3.00 -2.88 -31.90
CA ASP B 348 -3.49 -1.55 -31.53
C ASP B 348 -3.67 -0.66 -32.76
N LEU B 349 -2.83 -0.84 -33.78
CA LEU B 349 -2.83 0.06 -34.92
C LEU B 349 -3.99 -0.19 -35.89
N CYS B 350 -4.93 -1.07 -35.55
CA CYS B 350 -6.07 -1.29 -36.42
C CYS B 350 -6.90 -0.02 -36.56
N ARG B 351 -7.43 0.18 -37.77
CA ARG B 351 -8.31 1.32 -38.04
C ARG B 351 -9.56 0.91 -38.81
N ASP B 352 -9.73 -0.37 -39.12
CA ASP B 352 -10.91 -0.86 -39.82
C ASP B 352 -11.23 -2.26 -39.31
N SER B 353 -12.48 -2.67 -39.51
CA SER B 353 -12.90 -3.99 -39.06
C SER B 353 -12.17 -5.10 -39.82
N GLU B 354 -11.79 -4.82 -41.08
CA GLU B 354 -11.07 -5.82 -41.86
C GLU B 354 -9.70 -6.12 -41.25
N GLU B 355 -8.98 -5.08 -40.84
CA GLU B 355 -7.67 -5.28 -40.20
C GLU B 355 -7.82 -6.00 -38.86
N VAL B 356 -8.85 -5.64 -38.09
CA VAL B 356 -9.10 -6.33 -36.83
C VAL B 356 -9.34 -7.81 -37.06
N GLU B 357 -10.19 -8.14 -38.04
CA GLU B 357 -10.43 -9.55 -38.35
C GLU B 357 -9.16 -10.24 -38.83
N ALA B 358 -8.36 -9.57 -39.66
CA ALA B 358 -7.14 -10.18 -40.17
C ALA B 358 -6.18 -10.52 -39.03
N ILE B 359 -6.03 -9.62 -38.05
CA ILE B 359 -5.17 -9.94 -36.93
C ILE B 359 -5.80 -11.04 -36.07
N LEU B 360 -7.12 -10.98 -35.87
CA LEU B 360 -7.77 -11.94 -34.98
C LEU B 360 -7.83 -13.36 -35.57
N ASN B 361 -7.66 -13.52 -36.87
CA ASN B 361 -7.50 -14.85 -37.45
C ASN B 361 -6.86 -14.78 -38.84
N GLY B 362 -6.06 -15.79 -39.17
CA GLY B 362 -5.35 -15.80 -40.44
C GLY B 362 -6.23 -16.14 -41.63
N ASP B 363 -5.62 -16.65 -42.69
CA ASP B 363 -6.36 -17.01 -43.89
C ASP B 363 -7.19 -18.27 -43.68
N SER B 378 -14.28 -18.15 -36.73
CA SER B 378 -13.12 -18.86 -36.21
C SER B 378 -12.06 -17.88 -35.72
N LEU B 379 -12.09 -17.57 -34.43
CA LEU B 379 -11.14 -16.62 -33.84
C LEU B 379 -9.88 -17.39 -33.48
N SER B 380 -9.14 -17.79 -34.51
CA SER B 380 -7.99 -18.67 -34.31
C SER B 380 -6.93 -17.98 -33.44
N ARG B 381 -6.61 -16.72 -33.74
CA ARG B 381 -5.58 -16.04 -32.98
C ARG B 381 -6.03 -15.71 -31.56
N VAL B 382 -7.31 -15.40 -31.37
CA VAL B 382 -7.81 -15.16 -30.02
C VAL B 382 -7.72 -16.44 -29.18
N LYS B 383 -8.11 -17.57 -29.77
CA LYS B 383 -8.01 -18.85 -29.06
C LYS B 383 -6.56 -19.18 -28.75
N LEU B 384 -5.67 -18.96 -29.72
CA LEU B 384 -4.26 -19.26 -29.52
C LEU B 384 -3.61 -18.34 -28.50
N ALA B 385 -4.08 -17.10 -28.37
CA ALA B 385 -3.59 -16.20 -27.33
C ALA B 385 -4.15 -16.56 -25.97
N ILE B 386 -5.41 -17.02 -25.91
CA ILE B 386 -5.97 -17.51 -24.67
C ILE B 386 -5.19 -18.73 -24.18
N LYS B 387 -4.81 -19.61 -25.11
CA LYS B 387 -4.00 -20.76 -24.75
C LYS B 387 -2.63 -20.35 -24.19
N TYR B 388 -2.10 -19.21 -24.63
CA TYR B 388 -0.78 -18.77 -24.19
C TYR B 388 -0.86 -17.70 -23.11
N GLU B 389 -2.05 -17.43 -22.57
CA GLU B 389 -2.23 -16.46 -21.50
C GLU B 389 -1.72 -15.07 -21.88
N VAL B 390 -2.01 -14.65 -23.11
CA VAL B 390 -1.70 -13.30 -23.57
C VAL B 390 -2.89 -12.43 -23.18
N LYS B 391 -2.86 -11.93 -21.93
CA LYS B 391 -4.01 -11.25 -21.36
C LYS B 391 -4.31 -9.95 -22.10
N LYS B 392 -3.28 -9.17 -22.41
CA LYS B 392 -3.51 -7.83 -22.97
C LYS B 392 -3.96 -7.86 -24.41
N PHE B 393 -3.63 -8.90 -25.17
CA PHE B 393 -4.11 -9.01 -26.54
C PHE B 393 -5.59 -9.34 -26.60
N VAL B 394 -6.08 -10.17 -25.68
CA VAL B 394 -7.49 -10.56 -25.68
C VAL B 394 -8.37 -9.50 -25.01
N ALA B 395 -7.85 -8.80 -24.01
CA ALA B 395 -8.60 -7.77 -23.31
C ALA B 395 -8.55 -6.42 -24.01
N HIS B 396 -7.84 -6.32 -25.13
CA HIS B 396 -7.77 -5.06 -25.86
C HIS B 396 -9.14 -4.69 -26.44
N PRO B 397 -9.51 -3.41 -26.43
CA PRO B 397 -10.82 -3.02 -26.97
C PRO B 397 -11.01 -3.40 -28.43
N ASN B 398 -9.95 -3.41 -29.22
CA ASN B 398 -10.07 -3.79 -30.63
C ASN B 398 -10.54 -5.22 -30.79
N CYS B 399 -10.22 -6.09 -29.82
CA CYS B 399 -10.71 -7.46 -29.84
C CYS B 399 -12.04 -7.60 -29.10
N GLN B 400 -12.25 -6.79 -28.06
CA GLN B 400 -13.49 -6.85 -27.31
C GLN B 400 -14.68 -6.41 -28.17
N GLN B 401 -14.45 -5.43 -29.06
CA GLN B 401 -15.51 -4.99 -29.95
C GLN B 401 -15.97 -6.11 -30.88
N GLN B 402 -15.04 -6.96 -31.33
CA GLN B 402 -15.41 -8.10 -32.15
C GLN B 402 -16.07 -9.20 -31.32
N LEU B 403 -15.53 -9.46 -30.13
CA LEU B 403 -16.08 -10.52 -29.29
C LEU B 403 -17.48 -10.18 -28.83
N LEU B 404 -17.79 -8.90 -28.63
CA LEU B 404 -19.14 -8.51 -28.22
C LEU B 404 -20.12 -8.60 -29.39
N THR B 405 -19.67 -8.23 -30.59
CA THR B 405 -20.53 -8.36 -31.77
C THR B 405 -20.86 -9.83 -32.04
N ILE B 406 -19.88 -10.71 -31.89
CA ILE B 406 -20.14 -12.13 -32.07
C ILE B 406 -20.97 -12.69 -30.93
N TRP B 407 -20.71 -12.22 -29.70
CA TRP B 407 -21.43 -12.71 -28.53
C TRP B 407 -22.91 -12.34 -28.60
N TYR B 408 -23.21 -11.10 -28.97
CA TYR B 408 -24.59 -10.66 -29.17
C TYR B 408 -25.01 -10.79 -30.63
N GLU B 409 -24.83 -11.97 -31.20
CA GLU B 409 -25.16 -12.21 -32.59
C GLU B 409 -26.64 -12.51 -32.75
N ASN B 410 -27.23 -11.94 -33.80
CA ASN B 410 -28.63 -12.17 -34.17
C ASN B 410 -29.60 -11.60 -33.14
N LEU B 411 -29.08 -10.94 -32.11
CA LEU B 411 -29.91 -10.14 -31.19
C LEU B 411 -29.04 -8.97 -30.71
N SER B 412 -29.21 -7.83 -31.37
CA SER B 412 -28.40 -6.66 -31.08
C SER B 412 -29.08 -5.68 -30.13
N GLY B 413 -30.41 -5.71 -30.08
CA GLY B 413 -31.11 -4.78 -29.21
C GLY B 413 -30.90 -5.04 -27.73
N LEU B 414 -30.57 -6.28 -27.38
CA LEU B 414 -30.38 -6.65 -25.98
C LEU B 414 -29.06 -6.12 -25.42
N ARG B 415 -28.08 -5.82 -26.27
CA ARG B 415 -26.78 -5.36 -25.77
C ARG B 415 -26.90 -4.06 -25.00
N GLU B 416 -27.73 -3.14 -25.47
CA GLU B 416 -27.85 -1.82 -24.85
C GLU B 416 -28.79 -1.80 -23.66
N GLN B 417 -29.51 -2.89 -23.40
CA GLN B 417 -30.42 -2.94 -22.26
C GLN B 417 -29.64 -3.04 -20.95
N THR B 418 -30.31 -2.67 -19.86
CA THR B 418 -29.69 -2.69 -18.55
C THR B 418 -29.56 -4.13 -18.02
N ILE B 419 -28.90 -4.26 -16.88
CA ILE B 419 -28.72 -5.56 -16.25
C ILE B 419 -30.06 -6.12 -15.81
N ALA B 420 -30.98 -5.26 -15.37
CA ALA B 420 -32.30 -5.71 -14.95
C ALA B 420 -33.06 -6.35 -16.11
N ILE B 421 -32.96 -5.76 -17.30
CA ILE B 421 -33.62 -6.32 -18.47
C ILE B 421 -33.02 -7.68 -18.82
N LYS B 422 -31.70 -7.80 -18.70
CA LYS B 422 -31.05 -9.08 -18.98
C LYS B 422 -31.50 -10.15 -17.99
N CYS B 423 -31.59 -9.79 -16.71
CA CYS B 423 -32.09 -10.73 -15.71
C CYS B 423 -33.55 -11.11 -15.97
N LEU B 424 -34.35 -10.15 -16.43
CA LEU B 424 -35.72 -10.46 -16.81
C LEU B 424 -35.76 -11.44 -17.98
N VAL B 425 -34.85 -11.27 -18.95
CA VAL B 425 -34.76 -12.22 -20.07
C VAL B 425 -34.38 -13.60 -19.55
N VAL B 426 -33.44 -13.67 -18.62
CA VAL B 426 -33.04 -14.96 -18.04
C VAL B 426 -34.23 -15.62 -17.36
N LEU B 427 -35.00 -14.85 -16.59
CA LEU B 427 -36.17 -15.41 -15.92
C LEU B 427 -37.22 -15.87 -16.92
N VAL B 428 -37.42 -15.11 -18.01
CA VAL B 428 -38.37 -15.50 -19.03
C VAL B 428 -37.96 -16.82 -19.68
N VAL B 429 -36.66 -16.95 -19.98
CA VAL B 429 -36.17 -18.20 -20.54
C VAL B 429 -36.34 -19.35 -19.55
N ALA B 430 -36.07 -19.10 -18.27
CA ALA B 430 -36.21 -20.14 -17.26
C ALA B 430 -37.65 -20.62 -17.15
N LEU B 431 -38.60 -19.68 -17.17
CA LEU B 431 -40.02 -20.06 -17.08
C LEU B 431 -40.45 -20.87 -18.29
N GLY B 432 -40.00 -20.50 -19.48
CA GLY B 432 -40.43 -21.17 -20.70
C GLY B 432 -39.38 -22.05 -21.34
N LEU B 433 -38.40 -22.50 -20.55
CA LEU B 433 -37.35 -23.36 -21.10
C LEU B 433 -37.87 -24.65 -21.71
N PRO B 434 -38.74 -25.42 -21.05
CA PRO B 434 -39.26 -26.64 -21.71
C PRO B 434 -40.03 -26.33 -22.99
N PHE B 435 -40.76 -25.21 -23.02
CA PHE B 435 -41.54 -24.88 -24.21
C PHE B 435 -40.64 -24.59 -25.40
N LEU B 436 -39.62 -23.75 -25.20
CA LEU B 436 -38.69 -23.47 -26.29
C LEU B 436 -37.86 -24.69 -26.66
N ALA B 437 -37.54 -25.55 -25.68
CA ALA B 437 -36.84 -26.79 -26.01
C ALA B 437 -37.70 -27.69 -26.90
N ILE B 438 -39.00 -27.80 -26.59
CA ILE B 438 -39.89 -28.59 -27.41
C ILE B 438 -40.02 -27.99 -28.80
N GLY B 439 -40.13 -26.66 -28.88
CA GLY B 439 -40.22 -25.99 -30.16
C GLY B 439 -38.94 -25.91 -30.95
N TYR B 440 -37.80 -26.28 -30.33
CA TYR B 440 -36.52 -26.27 -31.03
C TYR B 440 -36.50 -27.21 -32.23
N TRP B 441 -37.42 -28.18 -32.29
CA TRP B 441 -37.47 -29.06 -33.45
C TRP B 441 -37.74 -28.28 -34.73
N ILE B 442 -38.65 -27.29 -34.66
CA ILE B 442 -38.93 -26.43 -35.80
C ILE B 442 -38.02 -25.21 -35.84
N ALA B 443 -37.19 -25.02 -34.82
CA ALA B 443 -36.35 -23.83 -34.74
C ALA B 443 -35.42 -23.63 -35.94
N PRO B 444 -34.74 -24.66 -36.48
CA PRO B 444 -33.87 -24.42 -37.65
C PRO B 444 -34.61 -23.79 -38.83
N CYS B 445 -35.87 -24.15 -39.03
CA CYS B 445 -36.70 -23.52 -40.06
C CYS B 445 -37.49 -22.33 -39.54
N SER B 446 -37.36 -22.01 -38.26
CA SER B 446 -38.10 -20.92 -37.64
C SER B 446 -37.19 -19.71 -37.41
N ARG B 447 -37.83 -18.53 -37.30
CA ARG B 447 -37.08 -17.31 -37.07
C ARG B 447 -36.42 -17.30 -35.71
N LEU B 448 -37.11 -17.81 -34.69
CA LEU B 448 -36.60 -17.81 -33.32
C LEU B 448 -35.45 -18.79 -33.12
N GLY B 449 -35.27 -19.75 -34.03
CA GLY B 449 -34.15 -20.66 -33.90
C GLY B 449 -32.81 -19.95 -34.01
N LYS B 450 -32.74 -18.93 -34.86
CA LYS B 450 -31.52 -18.13 -34.97
C LYS B 450 -31.20 -17.44 -33.65
N ILE B 451 -32.23 -16.91 -32.96
CA ILE B 451 -32.01 -16.28 -31.67
C ILE B 451 -31.55 -17.30 -30.64
N LEU B 452 -32.22 -18.45 -30.59
CA LEU B 452 -31.86 -19.48 -29.61
C LEU B 452 -30.50 -20.11 -29.91
N ARG B 453 -29.99 -20.00 -31.13
CA ARG B 453 -28.69 -20.52 -31.48
C ARG B 453 -27.58 -19.49 -31.31
N SER B 454 -27.90 -18.29 -30.84
CA SER B 454 -26.90 -17.26 -30.67
C SER B 454 -25.95 -17.61 -29.53
N PRO B 455 -24.71 -17.11 -29.57
CA PRO B 455 -23.75 -17.40 -28.49
C PRO B 455 -24.17 -16.88 -27.13
N PHE B 456 -25.09 -15.91 -27.07
CA PHE B 456 -25.54 -15.37 -25.78
C PHE B 456 -26.70 -16.19 -25.22
N MET B 457 -27.70 -16.48 -26.05
CA MET B 457 -28.83 -17.26 -25.58
C MET B 457 -28.43 -18.67 -25.16
N LYS B 458 -27.31 -19.19 -25.66
CA LYS B 458 -26.76 -20.42 -25.11
C LYS B 458 -26.37 -20.24 -23.65
N PHE B 459 -25.67 -19.14 -23.34
CA PHE B 459 -25.27 -18.89 -21.97
C PHE B 459 -26.48 -18.63 -21.08
N VAL B 460 -27.46 -17.88 -21.57
CA VAL B 460 -28.66 -17.63 -20.77
C VAL B 460 -29.42 -18.93 -20.55
N ALA B 461 -29.50 -19.78 -21.58
CA ALA B 461 -30.17 -21.07 -21.42
C ALA B 461 -29.46 -21.93 -20.39
N HIS B 462 -28.13 -21.99 -20.44
CA HIS B 462 -27.39 -22.79 -19.47
C HIS B 462 -27.53 -22.23 -18.06
N ALA B 463 -27.50 -20.91 -17.91
CA ALA B 463 -27.62 -20.31 -16.59
C ALA B 463 -29.01 -20.55 -16.01
N ALA B 464 -30.06 -20.35 -16.82
CA ALA B 464 -31.41 -20.62 -16.36
C ALA B 464 -31.60 -22.10 -16.07
N SER B 465 -30.95 -22.96 -16.83
CA SER B 465 -31.00 -24.39 -16.58
C SER B 465 -30.39 -24.73 -15.22
N PHE B 466 -29.21 -24.19 -14.92
CA PHE B 466 -28.59 -24.47 -13.64
C PHE B 466 -29.39 -23.87 -12.50
N ILE B 467 -30.01 -22.71 -12.73
CA ILE B 467 -30.88 -22.12 -11.71
C ILE B 467 -32.10 -23.00 -11.46
N ILE B 468 -32.67 -23.57 -12.52
CA ILE B 468 -33.78 -24.52 -12.35
C ILE B 468 -33.32 -25.74 -11.58
N PHE B 469 -32.10 -26.21 -11.83
CA PHE B 469 -31.57 -27.35 -11.09
C PHE B 469 -31.43 -27.03 -9.61
N LEU B 470 -30.93 -25.82 -9.29
CA LEU B 470 -30.85 -25.40 -7.90
C LEU B 470 -32.23 -25.30 -7.27
N GLY B 471 -33.19 -24.78 -8.02
CA GLY B 471 -34.55 -24.73 -7.51
C GLY B 471 -35.12 -26.10 -7.25
N LEU B 472 -34.79 -27.07 -8.11
CA LEU B 472 -35.22 -28.45 -7.88
C LEU B 472 -34.58 -29.03 -6.62
N LEU B 473 -33.29 -28.75 -6.41
CA LEU B 473 -32.63 -29.21 -5.20
C LEU B 473 -33.27 -28.63 -3.96
N VAL B 474 -33.61 -27.34 -3.99
CA VAL B 474 -34.24 -26.69 -2.84
C VAL B 474 -35.65 -27.24 -2.63
N PHE B 475 -36.41 -27.39 -3.71
CA PHE B 475 -37.79 -27.86 -3.61
C PHE B 475 -37.88 -29.32 -3.22
N ASN B 476 -36.81 -30.09 -3.45
CA ASN B 476 -36.78 -31.47 -2.99
C ASN B 476 -36.84 -31.53 -1.46
N ALA B 477 -36.19 -30.58 -0.79
CA ALA B 477 -36.21 -30.52 0.66
C ALA B 477 -37.50 -29.93 1.22
N SER B 478 -38.53 -29.75 0.40
CA SER B 478 -39.79 -29.22 0.88
C SER B 478 -40.45 -30.20 1.85
N ASP B 479 -41.54 -29.75 2.45
CA ASP B 479 -42.27 -30.44 3.52
C ASP B 479 -41.43 -30.59 4.78
N ARG B 480 -40.21 -30.03 4.80
CA ARG B 480 -39.38 -30.05 5.98
C ARG B 480 -38.82 -28.68 6.31
N PHE B 481 -39.27 -27.62 5.62
CA PHE B 481 -38.79 -26.28 5.91
C PHE B 481 -39.12 -25.86 7.33
N GLU B 482 -40.34 -26.15 7.78
CA GLU B 482 -40.76 -25.86 9.16
C GLU B 482 -40.43 -27.00 10.11
N GLY B 483 -39.74 -28.02 9.65
CA GLY B 483 -39.38 -29.16 10.47
C GLY B 483 -40.29 -30.34 10.25
N ILE B 484 -39.72 -31.55 10.40
CA ILE B 484 -40.51 -32.75 10.25
C ILE B 484 -41.57 -32.82 11.35
N THR B 485 -42.79 -33.15 10.96
CA THR B 485 -43.91 -33.12 11.91
C THR B 485 -43.83 -34.28 12.89
N THR B 486 -43.23 -35.40 12.48
CA THR B 486 -43.14 -36.59 13.32
C THR B 486 -41.74 -36.72 13.89
N LEU B 487 -41.66 -37.17 15.15
CA LEU B 487 -40.38 -37.39 15.78
C LEU B 487 -39.65 -38.55 15.11
N PRO B 488 -38.31 -38.55 15.16
CA PRO B 488 -37.56 -39.67 14.55
C PRO B 488 -37.91 -41.03 15.14
N ASN B 489 -38.29 -41.07 16.41
CA ASN B 489 -38.62 -42.32 17.10
C ASN B 489 -39.93 -42.94 16.64
N ILE B 490 -40.77 -42.26 15.87
CA ILE B 490 -42.09 -42.75 15.51
C ILE B 490 -42.14 -42.98 14.01
N THR B 491 -42.69 -44.13 13.60
CA THR B 491 -42.81 -44.51 12.21
C THR B 491 -44.22 -44.24 11.70
N VAL B 492 -44.31 -43.78 10.46
CA VAL B 492 -45.58 -43.49 9.81
C VAL B 492 -45.70 -44.35 8.56
N THR B 493 -46.81 -45.08 8.44
CA THR B 493 -47.06 -45.96 7.32
C THR B 493 -48.36 -45.56 6.64
N ASP B 494 -48.36 -45.54 5.31
CA ASP B 494 -49.58 -45.24 4.57
C ASP B 494 -50.64 -46.31 4.81
N TYR B 495 -50.23 -47.58 4.80
CA TYR B 495 -51.11 -48.69 5.17
C TYR B 495 -50.37 -49.61 6.11
N PRO B 496 -51.09 -50.34 6.98
CA PRO B 496 -50.40 -51.13 8.02
C PRO B 496 -49.45 -52.17 7.49
N LYS B 497 -49.69 -52.69 6.29
CA LYS B 497 -48.84 -53.75 5.75
C LYS B 497 -47.58 -53.22 5.06
N GLN B 498 -47.40 -51.91 5.00
CA GLN B 498 -46.27 -51.32 4.29
C GLN B 498 -45.05 -51.24 5.19
N ILE B 499 -43.89 -51.57 4.63
CA ILE B 499 -42.63 -51.40 5.33
C ILE B 499 -42.27 -49.92 5.41
N PHE B 500 -41.78 -49.50 6.57
CA PHE B 500 -41.44 -48.08 6.76
C PHE B 500 -40.30 -47.66 5.84
N ARG B 501 -39.30 -48.53 5.64
CA ARG B 501 -38.22 -48.20 4.73
C ARG B 501 -38.71 -48.02 3.30
N VAL B 502 -39.79 -48.71 2.92
CA VAL B 502 -40.40 -48.45 1.62
C VAL B 502 -40.91 -47.02 1.56
N LYS B 503 -41.53 -46.55 2.64
CA LYS B 503 -42.04 -45.18 2.68
C LYS B 503 -40.90 -44.16 2.62
N THR B 504 -39.81 -44.41 3.35
CA THR B 504 -38.76 -43.40 3.46
C THR B 504 -37.74 -43.45 2.33
N THR B 505 -37.60 -44.59 1.64
CA THR B 505 -36.60 -44.70 0.57
C THR B 505 -37.17 -44.46 -0.81
N GLN B 506 -38.50 -44.53 -0.97
CA GLN B 506 -39.09 -44.43 -2.29
C GLN B 506 -38.77 -43.08 -2.92
N PHE B 507 -38.50 -43.11 -4.23
CA PHE B 507 -38.12 -41.91 -4.96
C PHE B 507 -39.36 -41.07 -5.24
N THR B 508 -39.31 -39.79 -4.86
CA THR B 508 -40.34 -38.86 -5.29
C THR B 508 -40.05 -38.40 -6.71
N TRP B 509 -41.04 -37.73 -7.32
CA TRP B 509 -40.89 -37.28 -8.69
C TRP B 509 -39.78 -36.24 -8.82
N THR B 510 -39.64 -35.38 -7.81
CA THR B 510 -38.55 -34.40 -7.82
C THR B 510 -37.19 -35.09 -7.78
N GLU B 511 -37.05 -36.13 -6.96
CA GLU B 511 -35.79 -36.86 -6.91
C GLU B 511 -35.52 -37.57 -8.23
N MET B 512 -36.55 -38.11 -8.86
CA MET B 512 -36.37 -38.75 -10.17
C MET B 512 -35.94 -37.73 -11.22
N LEU B 513 -36.49 -36.52 -11.18
CA LEU B 513 -36.06 -35.48 -12.09
C LEU B 513 -34.63 -35.03 -11.82
N ILE B 514 -34.24 -34.91 -10.56
CA ILE B 514 -32.86 -34.57 -10.21
C ILE B 514 -31.91 -35.66 -10.69
N MET B 515 -32.35 -36.92 -10.63
CA MET B 515 -31.53 -38.01 -11.14
C MET B 515 -31.26 -37.84 -12.63
N VAL B 516 -32.31 -37.55 -13.41
CA VAL B 516 -32.12 -37.31 -14.85
C VAL B 516 -31.19 -36.13 -15.06
N TRP B 517 -31.34 -35.09 -14.23
CA TRP B 517 -30.52 -33.90 -14.34
C TRP B 517 -29.04 -34.23 -14.15
N VAL B 518 -28.74 -34.99 -13.10
CA VAL B 518 -27.36 -35.35 -12.78
C VAL B 518 -26.78 -36.28 -13.83
N LEU B 519 -27.58 -37.23 -14.33
CA LEU B 519 -27.10 -38.09 -15.41
C LEU B 519 -26.83 -37.30 -16.68
N GLY B 520 -27.63 -36.28 -16.96
CA GLY B 520 -27.35 -35.44 -18.12
C GLY B 520 -26.04 -34.69 -17.97
N MET B 521 -25.82 -34.07 -16.81
CA MET B 521 -24.55 -33.39 -16.58
C MET B 521 -23.38 -34.36 -16.63
N MET B 522 -23.56 -35.55 -16.07
CA MET B 522 -22.50 -36.56 -16.07
C MET B 522 -22.19 -37.02 -17.49
N TRP B 523 -23.22 -37.19 -18.32
CA TRP B 523 -22.99 -37.55 -19.71
C TRP B 523 -22.22 -36.46 -20.45
N SER B 524 -22.58 -35.19 -20.21
CA SER B 524 -21.85 -34.10 -20.84
C SER B 524 -20.39 -34.11 -20.43
N GLU B 525 -20.12 -34.28 -19.13
CA GLU B 525 -18.74 -34.29 -18.66
C GLU B 525 -17.97 -35.52 -19.15
N CYS B 526 -18.65 -36.66 -19.25
CA CYS B 526 -18.01 -37.86 -19.78
C CYS B 526 -17.64 -37.68 -21.25
N LYS B 527 -18.54 -37.08 -22.03
CA LYS B 527 -18.22 -36.80 -23.43
C LYS B 527 -17.03 -35.86 -23.53
N GLU B 528 -17.02 -34.80 -22.71
CA GLU B 528 -15.90 -33.87 -22.74
C GLU B 528 -14.58 -34.56 -22.36
N LEU B 529 -14.62 -35.39 -21.32
CA LEU B 529 -13.42 -36.09 -20.87
C LEU B 529 -12.91 -37.05 -21.95
N TRP B 530 -13.82 -37.81 -22.58
CA TRP B 530 -13.40 -38.75 -23.61
C TRP B 530 -12.85 -38.02 -24.83
N LEU B 531 -13.42 -36.86 -25.15
CA LEU B 531 -12.90 -36.07 -26.27
C LEU B 531 -11.51 -35.53 -25.96
N GLU B 532 -11.30 -35.01 -24.75
CA GLU B 532 -10.04 -34.36 -24.41
C GLU B 532 -8.95 -35.35 -23.98
N GLY B 533 -9.12 -36.04 -22.85
CA GLY B 533 -8.06 -36.83 -22.29
C GLY B 533 -7.98 -36.67 -20.78
N PRO B 534 -7.87 -37.80 -20.08
CA PRO B 534 -7.91 -37.76 -18.60
C PRO B 534 -6.81 -36.91 -17.98
N ARG B 535 -5.60 -36.93 -18.54
CA ARG B 535 -4.49 -36.20 -17.93
C ARG B 535 -4.77 -34.71 -17.86
N GLU B 536 -4.93 -34.06 -19.01
CA GLU B 536 -5.16 -32.62 -19.00
C GLU B 536 -6.56 -32.28 -18.52
N TYR B 537 -7.46 -33.27 -18.51
CA TYR B 537 -8.76 -33.06 -17.88
C TYR B 537 -8.62 -32.88 -16.37
N ILE B 538 -7.79 -33.72 -15.74
CA ILE B 538 -7.50 -33.57 -14.33
C ILE B 538 -6.60 -32.36 -14.07
N LEU B 539 -5.83 -31.94 -15.07
CA LEU B 539 -4.95 -30.78 -14.88
C LEU B 539 -5.72 -29.54 -14.44
N GLN B 540 -6.91 -29.32 -15.01
CA GLN B 540 -7.75 -28.22 -14.54
C GLN B 540 -8.31 -28.55 -13.16
N LEU B 541 -8.19 -27.60 -12.23
CA LEU B 541 -8.64 -27.84 -10.87
C LEU B 541 -10.16 -27.78 -10.77
N TRP B 542 -10.79 -26.87 -11.51
CA TRP B 542 -12.22 -26.65 -11.36
C TRP B 542 -13.01 -27.76 -12.05
N ASN B 543 -12.50 -28.29 -13.17
CA ASN B 543 -13.14 -29.43 -13.80
C ASN B 543 -13.12 -30.66 -12.89
N VAL B 544 -12.03 -30.84 -12.14
CA VAL B 544 -11.97 -31.90 -11.16
C VAL B 544 -13.04 -31.71 -10.10
N LEU B 545 -13.24 -30.48 -9.64
CA LEU B 545 -14.28 -30.21 -8.65
C LEU B 545 -15.67 -30.54 -9.21
N ASP B 546 -15.94 -30.15 -10.46
CA ASP B 546 -17.23 -30.44 -11.06
C ASP B 546 -17.44 -31.95 -11.19
N PHE B 547 -16.42 -32.68 -11.64
CA PHE B 547 -16.53 -34.13 -11.78
C PHE B 547 -16.74 -34.78 -10.42
N GLY B 548 -16.06 -34.30 -9.39
CA GLY B 548 -16.28 -34.83 -8.05
C GLY B 548 -17.67 -34.55 -7.53
N MET B 549 -18.21 -33.36 -7.85
CA MET B 549 -19.58 -33.03 -7.48
C MET B 549 -20.56 -34.01 -8.10
N LEU B 550 -20.44 -34.26 -9.40
CA LEU B 550 -21.34 -35.21 -10.05
C LEU B 550 -21.14 -36.62 -9.52
N SER B 551 -19.89 -37.02 -9.24
CA SER B 551 -19.65 -38.34 -8.69
C SER B 551 -20.28 -38.50 -7.31
N ILE B 552 -20.23 -37.44 -6.50
CA ILE B 552 -20.87 -37.48 -5.18
C ILE B 552 -22.37 -37.59 -5.33
N PHE B 553 -22.96 -36.84 -6.28
CA PHE B 553 -24.39 -36.99 -6.54
C PHE B 553 -24.73 -38.42 -6.93
N ILE B 554 -23.94 -39.01 -7.82
CA ILE B 554 -24.20 -40.37 -8.29
C ILE B 554 -24.08 -41.37 -7.14
N ALA B 555 -23.07 -41.18 -6.28
CA ALA B 555 -22.89 -42.08 -5.15
C ALA B 555 -24.07 -41.97 -4.18
N ALA B 556 -24.53 -40.75 -3.92
CA ALA B 556 -25.68 -40.57 -3.03
C ALA B 556 -26.92 -41.24 -3.60
N PHE B 557 -27.18 -41.05 -4.89
CA PHE B 557 -28.35 -41.67 -5.50
C PHE B 557 -28.21 -43.18 -5.59
N THR B 558 -26.99 -43.70 -5.76
CA THR B 558 -26.79 -45.14 -5.76
C THR B 558 -27.05 -45.74 -4.38
N ALA B 559 -26.59 -45.07 -3.32
CA ALA B 559 -26.90 -45.53 -1.98
C ALA B 559 -28.40 -45.48 -1.70
N ARG B 560 -29.06 -44.42 -2.16
CA ARG B 560 -30.51 -44.33 -2.01
C ARG B 560 -31.21 -45.47 -2.76
N PHE B 561 -30.72 -45.78 -3.97
CA PHE B 561 -31.33 -46.84 -4.76
C PHE B 561 -31.11 -48.19 -4.10
N LEU B 562 -29.94 -48.40 -3.49
CA LEU B 562 -29.70 -49.64 -2.75
C LEU B 562 -30.64 -49.76 -1.55
N ALA B 563 -30.84 -48.65 -0.82
CA ALA B 563 -31.80 -48.66 0.28
C ALA B 563 -33.20 -48.97 -0.21
N PHE B 564 -33.58 -48.40 -1.36
CA PHE B 564 -34.89 -48.69 -1.94
C PHE B 564 -35.00 -50.17 -2.31
N LEU B 565 -33.93 -50.74 -2.85
CA LEU B 565 -33.95 -52.15 -3.23
C LEU B 565 -34.13 -53.04 -1.99
N GLN B 566 -33.42 -52.72 -0.91
CA GLN B 566 -33.59 -53.50 0.32
C GLN B 566 -35.01 -53.36 0.87
N ALA B 567 -35.53 -52.13 0.86
CA ALA B 567 -36.88 -51.90 1.35
C ALA B 567 -37.91 -52.66 0.51
N THR B 568 -37.76 -52.65 -0.81
CA THR B 568 -38.73 -53.32 -1.67
C THR B 568 -38.58 -54.83 -1.59
N LYS B 569 -37.37 -55.33 -1.29
CA LYS B 569 -37.22 -56.76 -1.02
C LYS B 569 -37.98 -57.15 0.24
N ALA B 570 -37.87 -56.33 1.28
CA ALA B 570 -38.66 -56.58 2.49
C ALA B 570 -40.16 -56.51 2.21
N GLN B 571 -40.56 -55.55 1.37
CA GLN B 571 -41.98 -55.42 1.01
C GLN B 571 -42.47 -56.63 0.24
N GLN B 572 -41.67 -57.16 -0.69
CA GLN B 572 -42.05 -58.39 -1.37
C GLN B 572 -42.14 -59.55 -0.39
N TYR B 573 -41.19 -59.64 0.55
CA TYR B 573 -41.19 -60.76 1.49
C TYR B 573 -42.42 -60.73 2.38
N VAL B 574 -42.81 -59.55 2.87
CA VAL B 574 -43.89 -59.50 3.86
C VAL B 574 -45.21 -59.96 3.24
N ASP B 575 -45.47 -59.58 1.99
CA ASP B 575 -46.68 -60.08 1.33
C ASP B 575 -46.49 -61.47 0.75
N SER B 576 -45.25 -61.94 0.64
CA SER B 576 -45.01 -63.25 0.02
C SER B 576 -45.42 -64.39 0.94
N TYR B 577 -45.08 -64.32 2.23
CA TYR B 577 -45.25 -65.45 3.14
C TYR B 577 -46.35 -65.23 4.17
N VAL B 578 -46.27 -64.18 4.97
CA VAL B 578 -47.25 -63.96 6.03
C VAL B 578 -48.49 -63.28 5.46
N GLN B 579 -49.65 -63.80 5.82
CA GLN B 579 -50.94 -63.30 5.35
C GLN B 579 -51.80 -62.94 6.55
N GLU B 580 -51.65 -61.71 7.04
CA GLU B 580 -52.43 -61.23 8.17
C GLU B 580 -52.94 -59.83 7.87
N SER B 581 -54.00 -59.45 8.58
CA SER B 581 -54.60 -58.14 8.38
C SER B 581 -53.68 -57.02 8.85
N ASP B 582 -52.89 -57.29 9.90
CA ASP B 582 -52.00 -56.30 10.47
C ASP B 582 -50.58 -56.83 10.52
N LEU B 583 -49.61 -55.92 10.43
CA LEU B 583 -48.20 -56.29 10.46
C LEU B 583 -47.60 -56.21 11.86
N SER B 584 -48.18 -55.40 12.74
CA SER B 584 -47.61 -55.21 14.08
C SER B 584 -47.60 -56.51 14.87
N GLU B 585 -48.69 -57.28 14.81
CA GLU B 585 -48.79 -58.52 15.58
C GLU B 585 -47.88 -59.62 15.06
N VAL B 586 -47.32 -59.49 13.86
CA VAL B 586 -46.50 -60.52 13.27
C VAL B 586 -45.07 -60.40 13.79
N THR B 587 -44.49 -61.54 14.16
CA THR B 587 -43.09 -61.61 14.59
C THR B 587 -42.25 -61.90 13.35
N LEU B 588 -41.89 -60.84 12.63
CA LEU B 588 -41.11 -60.98 11.42
C LEU B 588 -39.69 -61.43 11.75
N PRO B 589 -39.02 -62.08 10.79
CA PRO B 589 -37.62 -62.43 11.00
C PRO B 589 -36.79 -61.17 11.21
N PRO B 590 -35.73 -61.25 12.03
CA PRO B 590 -35.00 -60.03 12.39
C PRO B 590 -34.43 -59.27 11.19
N GLU B 591 -34.00 -59.98 10.16
CA GLU B 591 -33.50 -59.31 8.97
C GLU B 591 -34.58 -58.46 8.32
N ILE B 592 -35.78 -59.01 8.17
CA ILE B 592 -36.90 -58.24 7.63
C ILE B 592 -37.44 -57.28 8.68
N GLN B 593 -37.48 -57.70 9.94
CA GLN B 593 -38.01 -56.86 11.00
C GLN B 593 -37.22 -55.58 11.19
N TYR B 594 -35.92 -55.58 10.87
CA TYR B 594 -35.12 -54.37 10.97
C TYR B 594 -35.70 -53.27 10.08
N PHE B 595 -36.31 -53.64 8.95
CA PHE B 595 -36.87 -52.66 8.04
C PHE B 595 -38.15 -52.01 8.57
N THR B 596 -38.69 -52.49 9.69
CA THR B 596 -39.83 -51.83 10.32
C THR B 596 -39.39 -50.94 11.49
N TYR B 597 -38.16 -50.46 11.46
CA TYR B 597 -37.60 -49.66 12.54
C TYR B 597 -37.52 -48.19 12.14
N ALA B 598 -37.36 -47.34 13.15
CA ALA B 598 -37.23 -45.91 12.95
C ALA B 598 -35.77 -45.51 12.81
N ARG B 599 -35.48 -44.21 12.83
CA ARG B 599 -34.12 -43.72 12.69
C ARG B 599 -33.26 -44.08 13.89
N ASP B 600 -33.86 -44.15 15.07
CA ASP B 600 -33.14 -44.42 16.30
C ASP B 600 -32.44 -45.78 16.28
N LYS B 601 -33.01 -46.73 15.54
CA LYS B 601 -32.49 -48.09 15.50
C LYS B 601 -31.78 -48.42 14.18
N TRP B 602 -31.52 -47.43 13.33
CA TRP B 602 -30.78 -47.68 12.10
C TRP B 602 -29.31 -47.93 12.39
N LEU B 603 -28.68 -48.77 11.56
CA LEU B 603 -27.25 -48.99 11.69
C LEU B 603 -26.49 -47.74 11.27
N PRO B 604 -25.33 -47.50 11.88
CA PRO B 604 -24.54 -46.31 11.52
C PRO B 604 -24.09 -46.33 10.06
N SER B 605 -23.95 -47.50 9.45
CA SER B 605 -23.53 -47.62 8.06
C SER B 605 -24.70 -48.00 7.15
N ASP B 606 -25.90 -47.53 7.49
CA ASP B 606 -27.06 -47.80 6.65
C ASP B 606 -26.90 -47.11 5.30
N PRO B 607 -27.34 -47.74 4.21
CA PRO B 607 -27.22 -47.07 2.90
C PRO B 607 -27.93 -45.73 2.82
N GLN B 608 -29.06 -45.57 3.51
CA GLN B 608 -29.77 -44.30 3.45
C GLN B 608 -28.98 -43.20 4.16
N ILE B 609 -28.28 -43.53 5.24
CA ILE B 609 -27.46 -42.54 5.92
C ILE B 609 -26.32 -42.07 5.01
N ILE B 610 -25.67 -43.02 4.33
CA ILE B 610 -24.63 -42.66 3.37
C ILE B 610 -25.21 -41.78 2.27
N SER B 611 -26.40 -42.15 1.78
CA SER B 611 -27.05 -41.37 0.73
C SER B 611 -27.33 -39.96 1.17
N GLU B 612 -27.87 -39.79 2.38
CA GLU B 612 -28.19 -38.45 2.87
C GLU B 612 -26.93 -37.61 3.06
N GLY B 613 -25.88 -38.20 3.63
CA GLY B 613 -24.64 -37.44 3.81
C GLY B 613 -24.03 -37.00 2.49
N LEU B 614 -23.95 -37.93 1.53
CA LEU B 614 -23.36 -37.59 0.24
C LEU B 614 -24.26 -36.60 -0.51
N TYR B 615 -25.57 -36.72 -0.37
CA TYR B 615 -26.48 -35.78 -1.02
C TYR B 615 -26.34 -34.39 -0.42
N ALA B 616 -26.14 -34.30 0.90
CA ALA B 616 -25.89 -33.00 1.52
C ALA B 616 -24.59 -32.38 1.03
N ILE B 617 -23.53 -33.19 0.93
CA ILE B 617 -22.27 -32.67 0.38
C ILE B 617 -22.47 -32.21 -1.05
N ALA B 618 -23.22 -32.98 -1.84
CA ALA B 618 -23.46 -32.62 -3.24
C ALA B 618 -24.26 -31.33 -3.34
N VAL B 619 -25.25 -31.14 -2.47
CA VAL B 619 -26.02 -29.89 -2.48
C VAL B 619 -25.12 -28.71 -2.10
N VAL B 620 -24.24 -28.91 -1.12
CA VAL B 620 -23.30 -27.84 -0.76
C VAL B 620 -22.41 -27.49 -1.94
N LEU B 621 -21.91 -28.48 -2.67
CA LEU B 621 -21.03 -28.20 -3.80
C LEU B 621 -21.79 -27.73 -5.04
N SER B 622 -23.11 -27.95 -5.09
CA SER B 622 -23.87 -27.63 -6.29
C SER B 622 -23.97 -26.14 -6.56
N PHE B 623 -23.92 -25.32 -5.52
CA PHE B 623 -24.00 -23.87 -5.70
C PHE B 623 -22.67 -23.25 -6.09
N SER B 624 -21.61 -24.06 -6.23
CA SER B 624 -20.33 -23.56 -6.67
C SER B 624 -20.26 -23.37 -8.18
N ARG B 625 -21.25 -23.86 -8.93
CA ARG B 625 -21.27 -23.67 -10.37
C ARG B 625 -21.58 -22.23 -10.77
N ILE B 626 -21.96 -21.38 -9.80
CA ILE B 626 -22.18 -19.98 -10.06
C ILE B 626 -20.91 -19.27 -10.50
N ALA B 627 -19.76 -19.91 -10.35
CA ALA B 627 -18.51 -19.38 -10.91
C ALA B 627 -18.48 -19.49 -12.43
N TYR B 628 -19.40 -20.26 -13.03
CA TYR B 628 -19.57 -20.23 -14.48
C TYR B 628 -20.45 -19.09 -14.95
N ILE B 629 -21.19 -18.45 -14.05
CA ILE B 629 -22.12 -17.39 -14.41
C ILE B 629 -21.56 -16.02 -14.04
N LEU B 630 -20.85 -15.94 -12.93
CA LEU B 630 -20.30 -14.65 -12.48
C LEU B 630 -19.40 -13.95 -13.49
N PRO B 631 -18.47 -14.62 -14.18
CA PRO B 631 -17.55 -13.87 -15.06
C PRO B 631 -18.24 -13.06 -16.14
N ALA B 632 -19.39 -13.52 -16.63
CA ALA B 632 -20.11 -12.76 -17.65
C ALA B 632 -20.57 -11.41 -17.11
N ASN B 633 -20.88 -11.33 -15.82
CA ASN B 633 -21.28 -10.06 -15.23
C ASN B 633 -20.08 -9.12 -15.10
N GLU B 634 -20.37 -7.83 -15.08
CA GLU B 634 -19.33 -6.80 -15.00
C GLU B 634 -18.98 -6.42 -13.57
N SER B 635 -19.97 -6.37 -12.67
CA SER B 635 -19.68 -5.99 -11.30
C SER B 635 -18.99 -7.10 -10.52
N PHE B 636 -19.42 -8.34 -10.71
CA PHE B 636 -18.92 -9.48 -9.94
C PHE B 636 -17.78 -10.21 -10.65
N GLY B 637 -17.34 -9.76 -11.81
CA GLY B 637 -16.22 -10.35 -12.49
C GLY B 637 -14.93 -10.19 -11.72
N PRO B 638 -14.49 -8.94 -11.53
CA PRO B 638 -13.30 -8.71 -10.71
C PRO B 638 -13.44 -9.23 -9.29
N LEU B 639 -14.66 -9.28 -8.75
CA LEU B 639 -14.90 -9.91 -7.46
C LEU B 639 -14.45 -11.37 -7.48
N GLN B 640 -14.92 -12.14 -8.45
CA GLN B 640 -14.53 -13.55 -8.52
C GLN B 640 -13.05 -13.69 -8.84
N ILE B 641 -12.50 -12.78 -9.64
CA ILE B 641 -11.07 -12.84 -9.95
C ILE B 641 -10.24 -12.66 -8.69
N SER B 642 -10.59 -11.66 -7.87
CA SER B 642 -9.90 -11.44 -6.62
C SER B 642 -10.07 -12.61 -5.68
N LEU B 643 -11.28 -13.18 -5.61
CA LEU B 643 -11.49 -14.34 -4.75
C LEU B 643 -10.65 -15.52 -5.19
N GLY B 644 -10.56 -15.76 -6.49
CA GLY B 644 -9.72 -16.84 -7.00
C GLY B 644 -8.26 -16.62 -6.71
N ARG B 645 -7.78 -15.38 -6.87
CA ARG B 645 -6.39 -15.07 -6.54
C ARG B 645 -6.11 -15.31 -5.06
N THR B 646 -7.02 -14.87 -4.19
CA THR B 646 -6.82 -15.09 -2.76
C THR B 646 -6.83 -16.58 -2.43
N VAL B 647 -7.75 -17.34 -3.03
CA VAL B 647 -7.83 -18.77 -2.75
C VAL B 647 -6.55 -19.46 -3.22
N LYS B 648 -6.03 -19.07 -4.38
CA LYS B 648 -4.76 -19.63 -4.86
C LYS B 648 -3.63 -19.28 -3.91
N ASP B 649 -3.63 -18.06 -3.35
CA ASP B 649 -2.59 -17.67 -2.42
C ASP B 649 -2.73 -18.41 -1.08
N ILE B 650 -3.95 -18.84 -0.74
CA ILE B 650 -4.18 -19.47 0.55
C ILE B 650 -3.37 -20.75 0.71
N PHE B 651 -3.33 -21.60 -0.33
CA PHE B 651 -2.82 -22.97 -0.16
C PHE B 651 -1.37 -22.98 0.32
N LYS B 652 -0.55 -22.04 -0.16
CA LYS B 652 0.85 -22.01 0.26
C LYS B 652 0.98 -21.78 1.76
N PHE B 653 0.20 -20.85 2.31
CA PHE B 653 0.18 -20.62 3.75
C PHE B 653 -0.54 -21.75 4.49
N MET B 654 -1.51 -22.39 3.82
CA MET B 654 -2.32 -23.41 4.46
C MET B 654 -1.51 -24.70 4.65
N VAL B 655 -0.51 -24.92 3.81
CA VAL B 655 0.43 -26.01 4.05
C VAL B 655 1.16 -25.80 5.38
N LEU B 656 1.63 -24.57 5.63
CA LEU B 656 2.29 -24.28 6.90
C LEU B 656 1.30 -24.32 8.05
N PHE B 657 0.05 -23.93 7.80
CA PHE B 657 -1.02 -24.15 8.77
C PHE B 657 -1.10 -25.62 9.16
N ILE B 658 -1.09 -26.51 8.16
CA ILE B 658 -1.12 -27.94 8.45
C ILE B 658 0.08 -28.34 9.28
N MET B 659 1.26 -27.85 8.91
CA MET B 659 2.48 -28.23 9.63
C MET B 659 2.39 -27.85 11.11
N VAL B 660 2.09 -26.58 11.40
CA VAL B 660 2.06 -26.12 12.78
C VAL B 660 0.90 -26.77 13.53
N PHE B 661 -0.26 -26.88 12.88
CA PHE B 661 -1.43 -27.48 13.50
C PHE B 661 -1.17 -28.93 13.87
N PHE B 662 -0.55 -29.69 12.98
CA PHE B 662 -0.19 -31.08 13.28
C PHE B 662 0.85 -31.17 14.36
N ALA B 663 1.83 -30.24 14.37
CA ALA B 663 2.81 -30.22 15.45
C ALA B 663 2.14 -30.11 16.81
N PHE B 664 1.31 -29.07 16.98
CA PHE B 664 0.63 -28.88 18.25
C PHE B 664 -0.38 -29.98 18.55
N MET B 665 -1.04 -30.50 17.51
CA MET B 665 -2.02 -31.57 17.69
C MET B 665 -1.37 -32.83 18.25
N ILE B 666 -0.28 -33.28 17.64
CA ILE B 666 0.45 -34.42 18.16
C ILE B 666 1.05 -34.13 19.53
N GLY B 667 1.61 -32.94 19.74
CA GLY B 667 2.19 -32.63 21.04
C GLY B 667 1.18 -32.68 22.16
N MET B 668 -0.01 -32.09 21.96
CA MET B 668 -1.02 -32.10 22.99
C MET B 668 -1.68 -33.47 23.15
N PHE B 669 -1.84 -34.21 22.05
CA PHE B 669 -2.37 -35.56 22.15
C PHE B 669 -1.45 -36.44 22.99
N ILE B 670 -0.14 -36.34 22.77
CA ILE B 670 0.81 -37.12 23.57
C ILE B 670 0.72 -36.73 25.03
N LEU B 671 0.53 -35.43 25.31
CA LEU B 671 0.45 -34.96 26.68
C LEU B 671 -0.79 -35.48 27.38
N TYR B 672 -1.94 -35.42 26.72
CA TYR B 672 -3.22 -35.69 27.37
C TYR B 672 -3.80 -37.07 27.06
N SER B 673 -3.07 -37.93 26.34
CA SER B 673 -3.63 -39.22 25.98
C SER B 673 -3.86 -40.13 27.19
N TYR B 674 -3.16 -39.88 28.30
CA TYR B 674 -3.26 -40.73 29.47
C TYR B 674 -4.35 -40.30 30.44
N TYR B 675 -5.13 -39.27 30.11
CA TYR B 675 -6.15 -38.77 30.99
C TYR B 675 -7.53 -38.84 30.34
N LEU B 676 -7.87 -39.99 29.76
CA LEU B 676 -9.13 -40.14 29.06
C LEU B 676 -10.31 -39.84 29.98
N GLY B 677 -10.33 -40.43 31.17
CA GLY B 677 -11.41 -40.19 32.10
C GLY B 677 -11.08 -39.12 33.13
N ALA B 678 -9.80 -38.75 33.23
CA ALA B 678 -9.39 -37.76 34.21
C ALA B 678 -9.75 -36.35 33.80
N LYS B 679 -9.69 -36.05 32.50
CA LYS B 679 -9.98 -34.70 32.05
C LYS B 679 -11.47 -34.38 32.21
N VAL B 680 -11.76 -33.15 32.64
CA VAL B 680 -13.16 -32.74 32.83
C VAL B 680 -13.89 -32.71 31.50
N ASN B 681 -13.21 -32.27 30.44
CA ASN B 681 -13.76 -32.24 29.09
C ASN B 681 -12.75 -32.94 28.18
N ALA B 682 -13.14 -34.11 27.64
CA ALA B 682 -12.22 -34.88 26.82
C ALA B 682 -12.02 -34.18 25.48
N ALA B 683 -10.99 -33.35 25.40
CA ALA B 683 -10.72 -32.55 24.21
C ALA B 683 -9.36 -32.84 23.60
N PHE B 684 -8.45 -33.47 24.34
CA PHE B 684 -7.16 -33.87 23.81
C PHE B 684 -6.83 -35.33 24.11
N THR B 685 -7.76 -36.07 24.71
CA THR B 685 -7.48 -37.43 25.14
C THR B 685 -7.19 -38.36 23.97
N THR B 686 -7.83 -38.14 22.82
CA THR B 686 -7.60 -38.97 21.65
C THR B 686 -7.17 -38.10 20.48
N VAL B 687 -6.77 -38.74 19.39
CA VAL B 687 -6.30 -38.02 18.22
C VAL B 687 -7.44 -37.21 17.60
N GLU B 688 -8.64 -37.80 17.53
CA GLU B 688 -9.77 -37.12 16.90
C GLU B 688 -10.20 -35.90 17.70
N GLU B 689 -10.26 -36.04 19.04
CA GLU B 689 -10.65 -34.91 19.87
C GLU B 689 -9.60 -33.81 19.83
N SER B 690 -8.33 -34.18 19.81
CA SER B 690 -7.28 -33.17 19.71
C SER B 690 -7.39 -32.39 18.41
N PHE B 691 -7.59 -33.10 17.29
CA PHE B 691 -7.78 -32.42 16.01
C PHE B 691 -9.00 -31.50 16.04
N LYS B 692 -10.12 -32.01 16.56
CA LYS B 692 -11.34 -31.22 16.62
C LYS B 692 -11.15 -29.95 17.43
N THR B 693 -10.61 -30.09 18.64
CA THR B 693 -10.42 -28.96 19.53
C THR B 693 -9.45 -27.93 18.96
N LEU B 694 -8.32 -28.37 18.41
CA LEU B 694 -7.36 -27.39 17.90
C LEU B 694 -7.82 -26.77 16.60
N PHE B 695 -8.69 -27.45 15.84
CA PHE B 695 -9.26 -26.82 14.66
C PHE B 695 -10.29 -25.77 15.07
N TRP B 696 -11.15 -26.10 16.02
CA TRP B 696 -12.19 -25.14 16.44
C TRP B 696 -11.60 -24.00 17.26
N SER B 697 -10.39 -24.18 17.79
CA SER B 697 -9.73 -23.08 18.48
C SER B 697 -9.37 -21.92 17.55
N ILE B 698 -9.29 -22.19 16.25
CA ILE B 698 -8.98 -21.12 15.29
C ILE B 698 -10.10 -20.09 15.29
N PHE B 699 -11.35 -20.56 15.32
CA PHE B 699 -12.52 -19.68 15.28
C PHE B 699 -13.04 -19.35 16.68
N GLY B 700 -12.37 -19.81 17.72
CA GLY B 700 -12.76 -19.48 19.07
C GLY B 700 -13.91 -20.29 19.64
N LEU B 701 -14.38 -21.31 18.93
CA LEU B 701 -15.53 -22.09 19.38
C LEU B 701 -15.16 -23.16 20.41
N SER B 702 -13.88 -23.35 20.69
CA SER B 702 -13.43 -24.33 21.67
C SER B 702 -13.20 -23.65 23.01
N GLU B 703 -13.76 -24.23 24.07
CA GLU B 703 -13.66 -23.64 25.39
C GLU B 703 -12.22 -23.70 25.92
N VAL B 704 -11.89 -22.74 26.79
CA VAL B 704 -10.58 -22.71 27.41
C VAL B 704 -10.40 -23.77 28.48
N THR B 705 -11.50 -24.36 28.96
CA THR B 705 -11.45 -25.41 29.97
C THR B 705 -11.08 -26.76 29.39
N SER B 706 -10.56 -26.81 28.17
CA SER B 706 -10.19 -28.07 27.53
C SER B 706 -8.84 -28.60 28.01
N VAL B 707 -8.08 -27.81 28.77
CA VAL B 707 -6.74 -28.19 29.18
C VAL B 707 -6.61 -28.26 30.71
N VAL B 708 -7.73 -28.45 31.41
CA VAL B 708 -7.74 -28.53 32.86
C VAL B 708 -8.21 -29.92 33.26
N LEU B 709 -7.56 -30.50 34.27
CA LEU B 709 -7.80 -31.87 34.68
C LEU B 709 -8.59 -31.92 35.99
N LYS B 710 -9.05 -33.12 36.33
CA LYS B 710 -9.66 -33.38 37.62
C LYS B 710 -8.67 -33.85 38.67
N TYR B 711 -7.48 -34.28 38.25
CA TYR B 711 -6.43 -34.68 39.16
C TYR B 711 -5.55 -33.48 39.51
N ASP B 712 -4.83 -33.60 40.63
CA ASP B 712 -3.94 -32.52 41.07
C ASP B 712 -2.54 -32.68 40.49
N HIS B 713 -2.48 -32.84 39.16
CA HIS B 713 -1.21 -32.87 38.44
C HIS B 713 -1.06 -31.52 37.75
N LYS B 714 -0.57 -30.53 38.51
CA LYS B 714 -0.53 -29.17 37.99
C LYS B 714 0.54 -29.00 36.92
N PHE B 715 1.53 -29.89 36.88
CA PHE B 715 2.57 -29.78 35.85
C PHE B 715 2.00 -30.01 34.46
N ILE B 716 1.25 -31.10 34.28
CA ILE B 716 0.65 -31.40 32.99
C ILE B 716 -0.36 -30.32 32.60
N GLU B 717 -1.18 -29.89 33.56
CA GLU B 717 -2.19 -28.87 33.27
C GLU B 717 -1.54 -27.55 32.86
N ASN B 718 -0.48 -27.15 33.57
CA ASN B 718 0.18 -25.89 33.26
C ASN B 718 0.89 -25.96 31.92
N ILE B 719 1.52 -27.10 31.60
CA ILE B 719 2.15 -27.25 30.30
C ILE B 719 1.10 -27.24 29.20
N GLY B 720 -0.05 -27.85 29.44
CA GLY B 720 -1.13 -27.78 28.46
C GLY B 720 -1.62 -26.36 28.25
N TYR B 721 -1.76 -25.59 29.33
CA TYR B 721 -2.15 -24.19 29.20
C TYR B 721 -1.13 -23.40 28.39
N VAL B 722 0.16 -23.61 28.68
CA VAL B 722 1.21 -22.88 27.97
C VAL B 722 1.22 -23.25 26.50
N LEU B 723 1.10 -24.56 26.20
CA LEU B 723 1.11 -25.00 24.82
C LEU B 723 -0.11 -24.48 24.06
N TYR B 724 -1.28 -24.47 24.71
CA TYR B 724 -2.47 -23.94 24.08
C TYR B 724 -2.34 -22.45 23.79
N GLY B 725 -1.79 -21.69 24.74
CA GLY B 725 -1.55 -20.27 24.50
C GLY B 725 -0.56 -20.04 23.37
N ILE B 726 0.52 -20.82 23.33
CA ILE B 726 1.50 -20.69 22.26
C ILE B 726 0.88 -21.06 20.92
N TYR B 727 0.01 -22.07 20.89
CA TYR B 727 -0.66 -22.44 19.65
C TYR B 727 -1.58 -21.33 19.16
N ASN B 728 -2.34 -20.72 20.08
CA ASN B 728 -3.20 -19.61 19.67
C ASN B 728 -2.38 -18.42 19.18
N VAL B 729 -1.28 -18.13 19.85
CA VAL B 729 -0.40 -17.04 19.41
C VAL B 729 0.16 -17.35 18.03
N THR B 730 0.55 -18.60 17.79
CA THR B 730 1.08 -18.98 16.48
C THR B 730 0.01 -18.85 15.40
N MET B 731 -1.22 -19.26 15.70
CA MET B 731 -2.30 -19.09 14.74
C MET B 731 -2.51 -17.62 14.41
N VAL B 732 -2.49 -16.75 15.43
CA VAL B 732 -2.64 -15.32 15.19
C VAL B 732 -1.50 -14.80 14.32
N VAL B 733 -0.26 -15.20 14.65
CA VAL B 733 0.90 -14.70 13.93
C VAL B 733 0.86 -15.14 12.47
N VAL B 734 0.51 -16.40 12.23
CA VAL B 734 0.45 -16.91 10.87
C VAL B 734 -0.69 -16.25 10.10
N LEU B 735 -1.82 -16.00 10.77
CA LEU B 735 -2.93 -15.34 10.10
C LEU B 735 -2.56 -13.93 9.66
N LEU B 736 -1.94 -13.15 10.56
CA LEU B 736 -1.52 -11.81 10.18
C LEU B 736 -0.42 -11.85 9.13
N ASN B 737 0.49 -12.81 9.21
CA ASN B 737 1.52 -12.94 8.18
C ASN B 737 0.91 -13.22 6.82
N MET B 738 -0.06 -14.13 6.77
CA MET B 738 -0.74 -14.44 5.51
C MET B 738 -1.47 -13.23 4.97
N LEU B 739 -2.20 -12.52 5.85
CA LEU B 739 -2.94 -11.34 5.43
C LEU B 739 -2.00 -10.27 4.86
N ILE B 740 -0.89 -10.01 5.55
CA ILE B 740 0.06 -9.00 5.09
C ILE B 740 0.70 -9.42 3.77
N ALA B 741 1.11 -10.69 3.67
CA ALA B 741 1.79 -11.16 2.46
C ALA B 741 0.88 -11.11 1.24
N MET B 742 -0.39 -11.49 1.41
CA MET B 742 -1.32 -11.49 0.29
C MET B 742 -2.04 -10.15 0.13
N ILE B 743 -1.72 -9.17 0.97
CA ILE B 743 -1.89 -7.77 0.63
C ILE B 743 -0.75 -7.28 -0.26
N ASN B 744 0.49 -7.56 0.13
CA ASN B 744 1.64 -7.13 -0.67
C ASN B 744 1.66 -7.84 -2.02
N SER B 745 1.22 -9.10 -2.07
CA SER B 745 1.18 -9.82 -3.33
C SER B 745 0.17 -9.24 -4.31
N SER B 746 -0.78 -8.44 -3.83
CA SER B 746 -1.76 -7.83 -4.73
C SER B 746 -1.10 -6.88 -5.71
N TYR B 747 -0.12 -6.09 -5.25
CA TYR B 747 0.60 -5.18 -6.12
C TYR B 747 2.10 -5.28 -5.90
N ASP B 752 -4.45 -1.08 -14.88
CA ASP B 752 -5.64 -1.79 -15.32
C ASP B 752 -5.38 -3.30 -15.41
N ASP B 753 -4.45 -3.79 -14.59
CA ASP B 753 -4.13 -5.20 -14.59
C ASP B 753 -5.33 -6.04 -14.16
N SER B 754 -6.04 -5.60 -13.12
CA SER B 754 -7.27 -6.29 -12.72
C SER B 754 -8.31 -6.23 -13.83
N ASP B 755 -8.43 -5.09 -14.50
CA ASP B 755 -9.40 -4.95 -15.58
C ASP B 755 -9.09 -5.91 -16.72
N VAL B 756 -7.82 -5.96 -17.15
CA VAL B 756 -7.48 -6.84 -18.26
C VAL B 756 -7.61 -8.31 -17.85
N GLU B 757 -7.29 -8.65 -16.60
CA GLU B 757 -7.47 -10.02 -16.13
C GLU B 757 -8.94 -10.42 -16.15
N TRP B 758 -9.82 -9.55 -15.65
CA TRP B 758 -11.25 -9.85 -15.66
C TRP B 758 -11.76 -9.97 -17.09
N LYS B 759 -11.32 -9.08 -17.98
CA LYS B 759 -11.77 -9.12 -19.37
C LYS B 759 -11.27 -10.39 -20.05
N PHE B 760 -10.07 -10.84 -19.71
CA PHE B 760 -9.55 -12.09 -20.24
C PHE B 760 -10.40 -13.28 -19.78
N ALA B 761 -10.75 -13.31 -18.49
CA ALA B 761 -11.61 -14.39 -17.99
C ALA B 761 -12.97 -14.36 -18.67
N ARG B 762 -13.56 -13.17 -18.82
CA ARG B 762 -14.86 -13.06 -19.47
C ARG B 762 -14.77 -13.45 -20.94
N SER B 763 -13.65 -13.15 -21.59
CA SER B 763 -13.47 -13.55 -22.98
C SER B 763 -13.33 -15.05 -23.12
N LYS B 764 -12.65 -15.70 -22.16
CA LYS B 764 -12.62 -17.16 -22.16
C LYS B 764 -14.02 -17.72 -21.99
N LEU B 765 -14.81 -17.14 -21.09
CA LEU B 765 -16.20 -17.58 -20.92
C LEU B 765 -16.99 -17.40 -22.22
N TRP B 766 -16.81 -16.27 -22.89
CA TRP B 766 -17.50 -16.03 -24.16
C TRP B 766 -17.12 -17.06 -25.20
N LEU B 767 -15.82 -17.31 -25.35
CA LEU B 767 -15.35 -18.25 -26.37
C LEU B 767 -15.75 -19.69 -26.03
N SER B 768 -16.04 -19.97 -24.76
CA SER B 768 -16.53 -21.29 -24.39
C SER B 768 -17.88 -21.62 -25.01
N TYR B 769 -18.65 -20.61 -25.43
CA TYR B 769 -19.99 -20.82 -25.95
C TYR B 769 -20.10 -20.59 -27.45
N PHE B 770 -19.05 -20.10 -28.12
CA PHE B 770 -19.15 -19.80 -29.54
C PHE B 770 -19.43 -21.06 -30.36
N ASP B 771 -18.64 -22.11 -30.15
CA ASP B 771 -18.84 -23.38 -30.84
C ASP B 771 -18.45 -24.55 -29.95
N LYS B 774 -22.80 -27.67 -28.13
CA LYS B 774 -23.16 -26.85 -26.99
C LYS B 774 -24.28 -25.87 -27.37
N THR B 775 -25.47 -26.41 -27.62
CA THR B 775 -26.64 -25.60 -27.95
C THR B 775 -27.78 -25.77 -26.96
N LEU B 776 -27.99 -26.97 -26.45
CA LEU B 776 -29.05 -27.27 -25.50
C LEU B 776 -28.47 -27.47 -24.10
N PRO B 777 -29.25 -27.24 -23.06
CA PRO B 777 -28.76 -27.44 -21.70
C PRO B 777 -28.45 -28.90 -21.42
N PRO B 778 -27.74 -29.20 -20.33
CA PRO B 778 -27.37 -30.59 -20.04
C PRO B 778 -28.56 -31.54 -20.00
N PRO B 779 -29.63 -31.23 -19.26
CA PRO B 779 -30.75 -32.19 -19.21
C PRO B 779 -31.42 -32.41 -20.56
N PHE B 780 -31.40 -31.41 -21.44
CA PHE B 780 -32.06 -31.50 -22.73
C PHE B 780 -31.12 -31.94 -23.84
N SER B 781 -29.85 -32.21 -23.53
CA SER B 781 -28.91 -32.65 -24.55
C SER B 781 -28.95 -34.15 -24.80
N LEU B 782 -29.65 -34.90 -23.95
CA LEU B 782 -29.73 -36.35 -24.13
C LEU B 782 -30.50 -36.71 -25.40
N VAL B 783 -31.58 -35.99 -25.68
CA VAL B 783 -32.39 -36.28 -26.87
C VAL B 783 -31.58 -35.95 -28.11
N PRO B 784 -31.61 -36.80 -29.16
CA PRO B 784 -30.90 -36.51 -30.40
C PRO B 784 -31.80 -35.89 -31.47
N GLN B 844 0.62 -10.18 -56.55
CA GLN B 844 -0.64 -10.51 -55.89
C GLN B 844 -0.47 -11.66 -54.89
N PRO B 845 0.27 -11.42 -53.82
CA PRO B 845 0.54 -12.49 -52.85
C PRO B 845 -0.72 -13.06 -52.22
N THR B 846 -1.45 -12.23 -51.49
CA THR B 846 -2.71 -12.56 -50.83
C THR B 846 -3.26 -11.28 -50.23
N ARG B 847 -4.58 -11.21 -50.10
CA ARG B 847 -5.21 -10.08 -49.42
C ARG B 847 -4.78 -10.01 -47.97
N TYR B 848 -4.76 -11.15 -47.28
CA TYR B 848 -4.33 -11.18 -45.89
C TYR B 848 -2.86 -10.81 -45.76
N GLN B 849 -2.03 -11.27 -46.69
CA GLN B 849 -0.62 -10.88 -46.69
C GLN B 849 -0.48 -9.38 -46.92
N GLN B 850 -1.30 -8.81 -47.80
CA GLN B 850 -1.27 -7.37 -48.00
C GLN B 850 -1.66 -6.62 -46.71
N ILE B 851 -2.69 -7.10 -46.02
CA ILE B 851 -3.11 -6.46 -44.78
C ILE B 851 -2.00 -6.52 -43.75
N MET B 852 -1.38 -7.69 -43.59
CA MET B 852 -0.31 -7.83 -42.62
C MET B 852 0.89 -6.98 -42.98
N LYS B 853 1.23 -6.90 -44.26
CA LYS B 853 2.34 -6.06 -44.69
C LYS B 853 2.06 -4.59 -44.38
N ARG B 854 0.83 -4.14 -44.64
CA ARG B 854 0.48 -2.75 -44.33
C ARG B 854 0.57 -2.50 -42.82
N LEU B 855 0.06 -3.43 -42.01
CA LEU B 855 0.10 -3.25 -40.56
C LEU B 855 1.52 -3.21 -40.05
N ILE B 856 2.39 -4.08 -40.57
CA ILE B 856 3.78 -4.10 -40.10
C ILE B 856 4.53 -2.87 -40.56
N LYS B 857 4.25 -2.40 -41.78
CA LYS B 857 4.84 -1.14 -42.24
C LYS B 857 4.43 0.01 -41.34
N ARG B 858 3.15 0.06 -40.97
CA ARG B 858 2.67 1.08 -40.05
C ARG B 858 3.34 0.97 -38.69
N TYR B 859 3.51 -0.24 -38.18
CA TYR B 859 4.17 -0.42 -36.89
C TYR B 859 5.62 0.02 -36.93
N VAL B 860 6.34 -0.31 -38.01
CA VAL B 860 7.73 0.11 -38.14
C VAL B 860 7.82 1.62 -38.19
N LEU B 861 6.94 2.26 -38.99
CA LEU B 861 6.96 3.71 -39.07
C LEU B 861 6.65 4.35 -37.72
N LYS B 862 5.66 3.83 -37.01
CA LYS B 862 5.30 4.39 -35.70
C LYS B 862 6.44 4.23 -34.71
N ALA B 863 7.07 3.05 -34.69
CA ALA B 863 8.18 2.83 -33.77
C ALA B 863 9.35 3.76 -34.07
N GLN B 864 9.69 3.91 -35.36
CA GLN B 864 10.77 4.81 -35.73
C GLN B 864 10.44 6.26 -35.37
N VAL B 865 9.20 6.68 -35.61
CA VAL B 865 8.80 8.05 -35.27
C VAL B 865 8.90 8.28 -33.78
N ASP B 866 8.42 7.31 -32.98
CA ASP B 866 8.47 7.46 -31.53
C ASP B 866 9.91 7.49 -31.03
N LYS B 867 10.78 6.65 -31.61
CA LYS B 867 12.17 6.59 -31.16
C LYS B 867 12.92 7.87 -31.51
N GLU B 868 12.78 8.34 -32.76
CA GLU B 868 13.51 9.54 -33.16
C GLU B 868 12.93 10.79 -32.53
N ASN B 869 11.63 10.82 -32.26
CA ASN B 869 11.04 11.98 -31.60
C ASN B 869 11.55 12.13 -30.18
N ASP B 870 11.83 11.02 -29.50
CA ASP B 870 12.40 11.05 -28.16
C ASP B 870 13.91 11.29 -28.17
N GLU B 871 14.54 11.26 -29.34
CA GLU B 871 15.97 11.49 -29.49
C GLU B 871 16.23 12.53 -30.58
N VAL B 872 15.37 13.55 -30.64
CA VAL B 872 15.53 14.60 -31.65
C VAL B 872 16.81 15.38 -31.39
N ASN B 873 17.10 15.69 -30.13
CA ASN B 873 18.30 16.42 -29.77
C ASN B 873 19.55 15.58 -29.96
N THR C 107 35.29 48.48 -7.27
CA THR C 107 36.17 47.90 -6.26
C THR C 107 37.55 48.55 -6.28
N SER C 108 38.54 47.85 -5.75
CA SER C 108 39.92 48.33 -5.72
C SER C 108 40.69 47.95 -6.98
N LEU C 109 40.04 47.32 -7.95
CA LEU C 109 40.69 46.88 -9.17
C LEU C 109 41.02 48.06 -10.07
N THR C 110 42.06 47.89 -10.89
CA THR C 110 42.45 48.89 -11.87
C THR C 110 42.05 48.43 -13.28
N ALA C 111 42.33 49.29 -14.27
CA ALA C 111 41.89 49.01 -15.63
C ALA C 111 42.67 47.86 -16.25
N GLU C 112 44.01 47.88 -16.12
CA GLU C 112 44.84 46.87 -16.77
C GLU C 112 44.56 45.48 -16.22
N GLU C 113 44.49 45.37 -14.89
CA GLU C 113 44.23 44.06 -14.30
C GLU C 113 42.81 43.58 -14.59
N GLU C 114 41.85 44.50 -14.69
CA GLU C 114 40.49 44.10 -15.08
C GLU C 114 40.47 43.60 -16.52
N ARG C 115 41.21 44.25 -17.41
CA ARG C 115 41.33 43.75 -18.78
C ARG C 115 41.96 42.37 -18.80
N PHE C 116 43.01 42.17 -18.02
CA PHE C 116 43.61 40.84 -17.85
C PHE C 116 42.57 39.82 -17.41
N LEU C 117 41.80 40.15 -16.38
CA LEU C 117 40.84 39.20 -15.82
C LEU C 117 39.76 38.86 -16.83
N ASP C 118 39.21 39.85 -17.54
CA ASP C 118 38.15 39.56 -18.49
C ASP C 118 38.67 38.79 -19.69
N ALA C 119 39.89 39.11 -20.15
CA ALA C 119 40.48 38.36 -21.24
C ALA C 119 40.71 36.90 -20.84
N ALA C 120 41.20 36.66 -19.63
CA ALA C 120 41.42 35.30 -19.18
C ALA C 120 40.11 34.55 -19.01
N GLU C 121 39.09 35.22 -18.45
CA GLU C 121 37.81 34.56 -18.24
C GLU C 121 37.13 34.22 -19.56
N TYR C 122 37.21 35.12 -20.53
CA TYR C 122 36.59 34.92 -21.84
C TYR C 122 37.53 34.26 -22.84
N GLY C 123 38.71 33.83 -22.40
CA GLY C 123 39.61 33.10 -23.27
C GLY C 123 40.21 33.88 -24.41
N ASN C 124 40.67 35.10 -24.15
CA ASN C 124 41.40 35.89 -25.16
C ASN C 124 42.89 35.60 -25.01
N ILE C 125 43.33 34.55 -25.72
CA ILE C 125 44.71 34.10 -25.60
C ILE C 125 45.73 35.16 -26.00
N PRO C 126 45.63 35.82 -27.17
CA PRO C 126 46.64 36.84 -27.50
C PRO C 126 46.66 38.01 -26.51
N VAL C 127 45.50 38.40 -26.00
CA VAL C 127 45.45 39.51 -25.03
C VAL C 127 46.19 39.12 -23.76
N VAL C 128 45.96 37.90 -23.27
CA VAL C 128 46.67 37.44 -22.08
C VAL C 128 48.16 37.35 -22.34
N ARG C 129 48.55 36.83 -23.52
CA ARG C 129 49.97 36.71 -23.85
C ARG C 129 50.64 38.07 -23.87
N LYS C 130 49.97 39.08 -24.45
CA LYS C 130 50.51 40.44 -24.43
C LYS C 130 50.57 40.98 -23.00
N MET C 131 49.58 40.63 -22.17
CA MET C 131 49.55 41.13 -20.80
C MET C 131 50.71 40.59 -19.98
N LEU C 132 51.07 39.32 -20.19
CA LEU C 132 52.14 38.70 -19.40
C LEU C 132 53.52 38.89 -20.00
N GLU C 133 53.66 39.62 -21.10
CA GLU C 133 54.95 39.86 -21.73
C GLU C 133 55.36 41.31 -21.55
N GLU C 134 56.50 41.53 -20.89
CA GLU C 134 57.08 42.87 -20.74
C GLU C 134 56.10 43.85 -20.09
N SER C 135 55.47 43.42 -19.00
CA SER C 135 54.53 44.25 -18.25
C SER C 135 54.90 44.20 -16.77
N LYS C 136 55.44 45.30 -16.25
CA LYS C 136 55.79 45.36 -14.83
C LYS C 136 54.55 45.28 -13.95
N THR C 137 53.48 45.96 -14.34
CA THR C 137 52.24 45.96 -13.59
C THR C 137 51.42 44.72 -13.95
N LEU C 138 50.13 44.73 -13.62
CA LEU C 138 49.21 43.63 -13.91
C LEU C 138 49.69 42.34 -13.26
N ASN C 139 49.71 42.37 -11.92
CA ASN C 139 50.14 41.22 -11.14
C ASN C 139 49.30 40.00 -11.48
N VAL C 140 49.97 38.85 -11.61
CA VAL C 140 49.32 37.65 -12.12
C VAL C 140 48.24 37.17 -11.15
N ASN C 141 48.51 37.20 -9.84
CA ASN C 141 47.57 36.70 -8.86
C ASN C 141 46.71 37.80 -8.24
N CYS C 142 46.44 38.89 -8.97
CA CYS C 142 45.55 39.91 -8.45
C CYS C 142 44.12 39.39 -8.38
N VAL C 143 43.48 39.60 -7.24
CA VAL C 143 42.15 39.06 -6.97
C VAL C 143 41.26 40.18 -6.44
N ASP C 144 40.01 40.17 -6.90
CA ASP C 144 39.03 41.13 -6.41
C ASP C 144 38.72 40.86 -4.94
N TYR C 145 38.01 41.81 -4.31
CA TYR C 145 37.64 41.64 -2.91
C TYR C 145 36.72 40.45 -2.73
N MET C 146 35.76 40.27 -3.63
CA MET C 146 34.82 39.16 -3.58
C MET C 146 34.78 38.44 -4.92
N GLY C 147 35.92 38.39 -5.61
CA GLY C 147 36.00 37.73 -6.90
C GLY C 147 37.00 36.59 -6.92
N GLN C 148 37.11 35.92 -8.06
CA GLN C 148 38.00 34.78 -8.23
C GLN C 148 39.32 35.25 -8.82
N ASN C 149 40.36 34.43 -8.62
CA ASN C 149 41.65 34.69 -9.24
C ASN C 149 41.53 34.52 -10.75
N ALA C 150 42.48 35.14 -11.47
CA ALA C 150 42.49 35.00 -12.92
C ALA C 150 42.67 33.55 -13.34
N LEU C 151 43.54 32.82 -12.64
CA LEU C 151 43.73 31.41 -12.94
C LEU C 151 42.48 30.61 -12.64
N GLN C 152 41.77 30.96 -11.56
CA GLN C 152 40.51 30.30 -11.26
C GLN C 152 39.48 30.56 -12.35
N LEU C 153 39.44 31.80 -12.86
CA LEU C 153 38.51 32.10 -13.95
C LEU C 153 38.87 31.32 -15.22
N ALA C 154 40.17 31.19 -15.50
CA ALA C 154 40.60 30.43 -16.67
C ALA C 154 40.29 28.94 -16.50
N VAL C 155 40.32 28.45 -15.26
CA VAL C 155 40.01 27.05 -15.01
C VAL C 155 38.50 26.80 -15.11
N GLY C 156 37.69 27.73 -14.62
CA GLY C 156 36.26 27.51 -14.59
C GLY C 156 35.66 27.29 -15.96
N ASN C 157 36.08 28.09 -16.93
CA ASN C 157 35.68 27.91 -18.33
C ASN C 157 36.89 27.33 -19.06
N GLU C 158 36.70 26.15 -19.64
CA GLU C 158 37.82 25.35 -20.13
C GLU C 158 38.67 26.12 -21.13
N HIS C 159 39.91 26.41 -20.73
CA HIS C 159 40.90 27.07 -21.59
C HIS C 159 42.27 26.53 -21.20
N LEU C 160 42.71 25.50 -21.92
CA LEU C 160 44.00 24.87 -21.61
C LEU C 160 45.15 25.85 -21.85
N GLU C 161 45.11 26.57 -22.98
CA GLU C 161 46.22 27.46 -23.32
C GLU C 161 46.35 28.58 -22.30
N VAL C 162 45.23 29.20 -21.91
CA VAL C 162 45.29 30.29 -20.94
C VAL C 162 45.80 29.79 -19.59
N THR C 163 45.31 28.64 -19.15
CA THR C 163 45.74 28.09 -17.86
C THR C 163 47.23 27.76 -17.88
N GLU C 164 47.73 27.17 -18.97
CA GLU C 164 49.15 26.84 -19.03
C GLU C 164 50.00 28.09 -19.10
N LEU C 165 49.55 29.11 -19.86
CA LEU C 165 50.28 30.37 -19.93
C LEU C 165 50.35 31.04 -18.56
N LEU C 166 49.27 30.95 -17.79
CA LEU C 166 49.32 31.42 -16.40
C LEU C 166 50.28 30.59 -15.57
N LEU C 167 50.29 29.27 -15.79
CA LEU C 167 51.19 28.38 -15.07
C LEU C 167 52.66 28.62 -15.41
N LYS C 168 52.93 29.37 -16.49
CA LYS C 168 54.32 29.77 -16.76
C LYS C 168 54.92 30.52 -15.58
N LYS C 169 54.15 31.39 -14.93
CA LYS C 169 54.69 32.21 -13.85
C LYS C 169 54.96 31.38 -12.60
N GLU C 170 56.12 31.60 -12.00
CA GLU C 170 56.52 30.82 -10.84
C GLU C 170 55.73 31.21 -9.59
N ASN C 171 55.58 32.52 -9.34
CA ASN C 171 54.88 33.01 -8.16
C ASN C 171 53.41 33.21 -8.53
N LEU C 172 52.56 32.30 -8.07
CA LEU C 172 51.14 32.34 -8.39
C LEU C 172 50.39 31.41 -7.44
N ALA C 173 49.34 31.92 -6.81
CA ALA C 173 48.65 31.22 -5.74
C ALA C 173 47.30 30.67 -6.22
N ARG C 174 46.59 30.04 -5.28
CA ARG C 174 45.29 29.41 -5.53
C ARG C 174 45.37 28.32 -6.59
N ILE C 175 46.52 27.65 -6.67
CA ILE C 175 46.66 26.53 -7.60
C ILE C 175 45.84 25.33 -7.12
N GLY C 176 45.88 25.07 -5.81
CA GLY C 176 45.14 23.93 -5.28
C GLY C 176 43.64 24.07 -5.42
N ASP C 177 43.13 25.29 -5.20
CA ASP C 177 41.70 25.53 -5.38
C ASP C 177 41.27 25.29 -6.82
N ALA C 178 42.08 25.74 -7.78
CA ALA C 178 41.74 25.51 -9.18
C ALA C 178 41.87 24.03 -9.53
N LEU C 179 42.82 23.32 -8.93
CA LEU C 179 42.91 21.88 -9.14
C LEU C 179 41.64 21.20 -8.64
N LEU C 180 41.16 21.60 -7.46
CA LEU C 180 39.90 21.04 -6.95
C LEU C 180 38.73 21.38 -7.86
N LEU C 181 38.70 22.61 -8.38
CA LEU C 181 37.62 23.00 -9.28
C LEU C 181 37.63 22.18 -10.55
N ALA C 182 38.82 21.97 -11.14
CA ALA C 182 38.93 21.16 -12.35
C ALA C 182 38.56 19.71 -12.07
N ILE C 183 38.95 19.18 -10.92
CA ILE C 183 38.60 17.82 -10.55
C ILE C 183 37.09 17.68 -10.39
N SER C 184 36.44 18.71 -9.85
CA SER C 184 34.99 18.69 -9.69
C SER C 184 34.27 18.58 -11.03
N LYS C 185 34.94 18.90 -12.13
CA LYS C 185 34.39 18.77 -13.48
C LYS C 185 35.25 17.78 -14.27
N GLY C 186 34.98 17.69 -15.57
CA GLY C 186 35.66 16.73 -16.41
C GLY C 186 36.92 17.27 -17.08
N TYR C 187 37.48 18.35 -16.53
CA TYR C 187 38.64 18.98 -17.13
C TYR C 187 39.90 18.16 -16.90
N VAL C 188 40.03 17.04 -17.60
CA VAL C 188 41.18 16.16 -17.42
C VAL C 188 42.46 16.83 -17.90
N ARG C 189 42.40 17.51 -19.04
CA ARG C 189 43.59 18.17 -19.57
C ARG C 189 44.06 19.29 -18.65
N ILE C 190 43.13 20.06 -18.09
CA ILE C 190 43.50 21.11 -17.15
C ILE C 190 44.10 20.52 -15.88
N VAL C 191 43.56 19.39 -15.42
CA VAL C 191 44.12 18.72 -14.25
C VAL C 191 45.56 18.27 -14.54
N GLU C 192 45.78 17.70 -15.73
CA GLU C 192 47.12 17.27 -16.11
C GLU C 192 48.08 18.45 -16.18
N ALA C 193 47.63 19.57 -16.74
CA ALA C 193 48.47 20.76 -16.82
C ALA C 193 48.83 21.28 -15.44
N ILE C 194 47.84 21.33 -14.53
CA ILE C 194 48.08 21.83 -13.18
C ILE C 194 49.05 20.92 -12.44
N LEU C 195 48.88 19.60 -12.57
CA LEU C 195 49.75 18.67 -11.87
C LEU C 195 51.19 18.77 -12.40
N ASN C 196 51.38 19.29 -13.61
CA ASN C 196 52.72 19.47 -14.15
C ASN C 196 53.45 20.65 -13.50
N HIS C 197 52.76 21.45 -12.70
CA HIS C 197 53.43 22.57 -12.03
C HIS C 197 54.47 22.03 -11.06
N PRO C 198 55.62 22.69 -10.94
CA PRO C 198 56.66 22.19 -10.03
C PRO C 198 56.25 22.20 -8.57
N GLY C 199 55.21 22.95 -8.19
CA GLY C 199 54.80 22.99 -6.80
C GLY C 199 54.34 21.63 -6.29
N PHE C 200 53.51 20.94 -7.07
CA PHE C 200 53.06 19.61 -6.67
C PHE C 200 54.18 18.59 -6.71
N ALA C 201 55.05 18.69 -7.72
CA ALA C 201 56.10 17.70 -7.89
C ALA C 201 57.09 17.72 -6.73
N ALA C 202 57.45 18.91 -6.25
CA ALA C 202 58.48 19.06 -5.22
C ALA C 202 57.88 19.39 -3.86
N SER C 203 56.69 18.87 -3.55
CA SER C 203 56.08 19.12 -2.25
C SER C 203 55.08 18.02 -1.95
N LYS C 204 54.68 17.94 -0.68
CA LYS C 204 53.69 16.98 -0.21
C LYS C 204 52.27 17.53 -0.30
N ARG C 205 52.04 18.55 -1.14
CA ARG C 205 50.73 19.18 -1.22
C ARG C 205 49.68 18.21 -1.77
N LEU C 206 50.05 17.44 -2.80
CA LEU C 206 49.07 16.58 -3.47
C LEU C 206 48.58 15.47 -2.56
N THR C 207 49.50 14.83 -1.82
CA THR C 207 49.13 13.65 -1.05
C THR C 207 48.34 14.01 0.21
N LEU C 208 48.74 15.06 0.90
CA LEU C 208 48.18 15.39 2.21
C LEU C 208 47.07 16.41 2.09
N SER C 209 46.14 16.38 3.05
CA SER C 209 45.00 17.26 3.05
C SER C 209 45.43 18.70 3.36
N PRO C 210 44.68 19.69 2.86
CA PRO C 210 45.05 21.10 3.13
C PRO C 210 45.05 21.45 4.60
N CYS C 211 44.23 20.77 5.41
CA CYS C 211 44.14 21.10 6.82
C CYS C 211 45.45 20.86 7.55
N GLU C 212 46.13 19.75 7.24
CA GLU C 212 47.32 19.35 7.96
C GLU C 212 48.55 19.23 7.06
N GLN C 213 48.52 19.77 5.85
CA GLN C 213 49.67 19.66 4.95
C GLN C 213 50.87 20.43 5.51
N GLU C 214 50.65 21.64 5.99
CA GLU C 214 51.72 22.49 6.49
C GLU C 214 51.09 23.60 7.34
N LEU C 215 51.88 24.63 7.65
CA LEU C 215 51.37 25.78 8.37
C LEU C 215 50.38 26.61 7.55
N GLN C 216 50.11 26.19 6.30
CA GLN C 216 49.14 26.83 5.40
C GLN C 216 49.25 28.36 5.42
N ASP C 217 50.50 28.85 5.45
CA ASP C 217 50.71 30.29 5.37
C ASP C 217 50.24 30.83 4.02
N ASP C 218 50.53 30.13 2.94
CA ASP C 218 50.11 30.55 1.61
C ASP C 218 48.68 30.15 1.35
N ASP C 219 48.03 30.89 0.45
CA ASP C 219 46.64 30.62 0.05
C ASP C 219 46.58 29.60 -1.09
N PHE C 220 47.15 28.42 -0.86
CA PHE C 220 47.23 27.43 -1.92
C PHE C 220 45.86 26.83 -2.23
N TYR C 221 45.11 26.45 -1.20
CA TYR C 221 43.78 25.88 -1.37
C TYR C 221 42.68 26.87 -1.05
N ALA C 222 43.02 28.13 -0.79
CA ALA C 222 42.04 29.10 -0.31
C ALA C 222 41.02 29.45 -1.39
N TYR C 223 39.79 29.67 -0.98
CA TYR C 223 38.72 30.13 -1.84
C TYR C 223 38.73 31.65 -1.87
N ASP C 224 37.64 32.27 -2.36
CA ASP C 224 37.57 33.71 -2.62
C ASP C 224 38.21 34.55 -1.52
N GLU C 225 37.63 34.52 -0.31
CA GLU C 225 38.12 35.39 0.77
C GLU C 225 38.70 34.59 1.92
N ASP C 226 37.93 33.69 2.54
CA ASP C 226 38.36 33.02 3.76
C ASP C 226 38.38 31.50 3.63
N GLY C 227 37.29 30.90 3.22
CA GLY C 227 37.13 29.46 3.29
C GLY C 227 37.77 28.73 2.13
N THR C 228 37.30 27.50 1.92
CA THR C 228 37.76 26.64 0.84
C THR C 228 36.57 26.22 0.00
N ARG C 229 36.82 25.92 -1.27
CA ARG C 229 35.75 25.51 -2.18
C ARG C 229 35.01 24.29 -1.65
N PHE C 230 35.74 23.35 -1.06
CA PHE C 230 35.17 22.17 -0.42
C PHE C 230 35.65 22.12 1.03
N SER C 231 35.36 21.00 1.70
CA SER C 231 35.75 20.84 3.09
C SER C 231 37.27 20.86 3.22
N PRO C 232 37.79 21.37 4.34
CA PRO C 232 39.26 21.42 4.51
C PRO C 232 39.92 20.06 4.54
N ASP C 233 39.16 19.00 4.81
CA ASP C 233 39.70 17.65 4.91
C ASP C 233 39.51 16.84 3.64
N ILE C 234 39.14 17.49 2.53
CA ILE C 234 38.96 16.81 1.25
C ILE C 234 40.22 17.01 0.42
N THR C 235 40.96 15.93 0.22
CA THR C 235 42.11 15.94 -0.67
C THR C 235 41.65 15.92 -2.12
N PRO C 236 42.52 16.27 -3.07
CA PRO C 236 42.13 16.16 -4.49
C PRO C 236 41.72 14.75 -4.88
N ILE C 237 42.38 13.72 -4.35
CA ILE C 237 42.01 12.35 -4.70
C ILE C 237 40.65 11.99 -4.11
N ILE C 238 40.35 12.47 -2.90
CA ILE C 238 39.03 12.22 -2.31
C ILE C 238 37.95 12.89 -3.16
N LEU C 239 38.20 14.12 -3.61
CA LEU C 239 37.24 14.79 -4.47
C LEU C 239 37.05 14.07 -5.80
N ALA C 240 38.15 13.58 -6.38
CA ALA C 240 38.06 12.84 -7.63
C ALA C 240 37.24 11.57 -7.46
N ALA C 241 37.42 10.88 -6.34
CA ALA C 241 36.58 9.73 -6.04
C ALA C 241 35.12 10.15 -5.86
N HIS C 242 34.90 11.30 -5.22
CA HIS C 242 33.53 11.79 -5.02
C HIS C 242 32.83 12.01 -6.35
N CYS C 243 33.52 12.62 -7.31
CA CYS C 243 32.94 12.85 -8.62
C CYS C 243 33.01 11.64 -9.53
N GLN C 244 33.64 10.55 -9.08
CA GLN C 244 33.75 9.32 -9.86
C GLN C 244 34.40 9.56 -11.22
N LYS C 245 35.40 10.43 -11.25
CA LYS C 245 36.15 10.72 -12.46
C LYS C 245 37.25 9.69 -12.59
N TYR C 246 37.02 8.67 -13.42
CA TYR C 246 37.97 7.57 -13.52
C TYR C 246 39.32 8.04 -14.03
N GLU C 247 39.34 8.91 -15.04
CA GLU C 247 40.61 9.39 -15.59
C GLU C 247 41.36 10.22 -14.56
N VAL C 248 40.66 11.13 -13.87
CA VAL C 248 41.30 11.97 -12.87
C VAL C 248 41.81 11.13 -11.70
N VAL C 249 41.01 10.15 -11.28
CA VAL C 249 41.44 9.26 -10.20
C VAL C 249 42.69 8.49 -10.60
N HIS C 250 42.73 7.99 -11.84
CA HIS C 250 43.90 7.26 -12.29
C HIS C 250 45.13 8.15 -12.33
N MET C 251 44.99 9.38 -12.84
CA MET C 251 46.14 10.27 -12.88
C MET C 251 46.63 10.62 -11.48
N LEU C 252 45.71 10.87 -10.55
CA LEU C 252 46.12 11.21 -9.19
C LEU C 252 46.78 10.01 -8.50
N LEU C 253 46.29 8.80 -8.77
CA LEU C 253 46.91 7.62 -8.19
C LEU C 253 48.29 7.38 -8.77
N MET C 254 48.48 7.66 -10.07
CA MET C 254 49.78 7.48 -10.68
C MET C 254 50.83 8.41 -10.11
N LYS C 255 50.41 9.54 -9.52
CA LYS C 255 51.34 10.49 -8.91
C LYS C 255 51.67 10.16 -7.47
N GLY C 256 51.06 9.11 -6.90
CA GLY C 256 51.33 8.73 -5.53
C GLY C 256 50.34 9.23 -4.52
N ALA C 257 49.23 9.81 -4.95
CA ALA C 257 48.21 10.32 -4.03
C ALA C 257 47.12 9.27 -3.85
N ARG C 258 46.93 8.85 -2.60
CA ARG C 258 45.92 7.83 -2.27
C ARG C 258 45.12 8.29 -1.08
N ILE C 259 43.90 7.77 -0.98
CA ILE C 259 43.00 8.09 0.13
C ILE C 259 43.48 7.30 1.34
N GLU C 260 44.04 7.98 2.33
CA GLU C 260 44.49 7.31 3.54
C GLU C 260 43.29 6.77 4.31
N ARG C 261 43.37 5.51 4.71
CA ARG C 261 42.27 4.87 5.40
C ARG C 261 42.06 5.51 6.77
N PRO C 262 40.84 5.96 7.10
CA PRO C 262 40.61 6.52 8.43
C PRO C 262 40.77 5.47 9.51
N HIS C 263 41.18 5.92 10.69
CA HIS C 263 41.40 5.01 11.80
C HIS C 263 40.09 4.44 12.30
N ASP C 264 40.20 3.47 13.20
CA ASP C 264 39.02 2.87 13.81
C ASP C 264 38.26 3.91 14.63
N TYR C 265 36.94 3.72 14.74
CA TYR C 265 36.12 4.67 15.47
C TYR C 265 36.52 4.77 16.93
N PHE C 266 37.08 3.70 17.50
CA PHE C 266 37.51 3.66 18.89
C PHE C 266 39.00 3.90 19.06
N CYS C 267 39.68 4.36 18.00
CA CYS C 267 41.12 4.60 18.09
C CYS C 267 41.41 5.70 19.11
N LYS C 268 42.46 5.49 19.90
CA LYS C 268 42.83 6.42 20.98
C LYS C 268 44.23 6.99 20.80
N CYS C 269 44.72 7.07 19.57
CA CYS C 269 46.05 7.60 19.33
C CYS C 269 46.07 9.12 19.57
N GLY C 270 47.27 9.69 19.54
CA GLY C 270 47.41 11.11 19.78
C GLY C 270 46.70 11.95 18.73
N ASP C 271 46.81 11.53 17.47
CA ASP C 271 46.20 12.29 16.37
C ASP C 271 44.68 12.25 16.47
N CYS C 272 44.11 11.05 16.63
CA CYS C 272 42.66 10.92 16.72
C CYS C 272 42.12 11.63 17.96
N MET C 273 42.81 11.52 19.09
CA MET C 273 42.36 12.20 20.30
C MET C 273 42.46 13.71 20.15
N GLU C 274 43.51 14.19 19.48
CA GLU C 274 43.65 15.63 19.24
C GLU C 274 42.52 16.16 18.37
N LYS C 275 42.14 15.40 17.34
CA LYS C 275 41.01 15.82 16.51
C LYS C 275 39.68 15.72 17.25
N GLN C 276 39.53 14.70 18.10
CA GLN C 276 38.25 14.52 18.79
C GLN C 276 38.07 15.51 19.93
N ARG C 277 39.17 16.01 20.50
CA ARG C 277 39.07 16.92 21.64
C ARG C 277 38.34 18.21 21.26
N HIS C 278 38.65 18.77 20.11
CA HIS C 278 38.04 20.01 19.64
C HIS C 278 37.45 19.80 18.25
N ASP C 279 36.24 20.29 18.03
CA ASP C 279 35.56 20.26 16.74
C ASP C 279 35.41 18.80 16.26
N SER C 280 34.64 18.03 17.02
CA SER C 280 34.44 16.62 16.69
C SER C 280 33.54 16.44 15.49
N PHE C 281 32.66 17.40 15.22
CA PHE C 281 31.79 17.29 14.05
C PHE C 281 32.60 17.32 12.75
N SER C 282 33.64 18.16 12.70
CA SER C 282 34.49 18.17 11.52
C SER C 282 35.22 16.84 11.37
N HIS C 283 35.62 16.23 12.50
CA HIS C 283 36.26 14.92 12.44
C HIS C 283 35.32 13.86 11.88
N SER C 284 34.08 13.84 12.36
CA SER C 284 33.11 12.88 11.85
C SER C 284 32.83 13.10 10.37
N ARG C 285 32.69 14.37 9.97
CA ARG C 285 32.44 14.68 8.57
C ARG C 285 33.63 14.27 7.69
N SER C 286 34.84 14.46 8.19
CA SER C 286 36.02 14.06 7.45
C SER C 286 36.09 12.54 7.32
N ARG C 287 35.74 11.81 8.37
CA ARG C 287 35.69 10.36 8.28
C ARG C 287 34.66 9.90 7.25
N ILE C 288 33.48 10.54 7.25
CA ILE C 288 32.45 10.18 6.29
C ILE C 288 32.90 10.49 4.87
N ASN C 289 33.57 11.63 4.67
CA ASN C 289 34.07 11.97 3.35
C ASN C 289 35.14 10.99 2.88
N ALA C 290 36.03 10.58 3.78
CA ALA C 290 37.05 9.60 3.41
C ALA C 290 36.42 8.27 3.03
N TYR C 291 35.40 7.85 3.77
CA TYR C 291 34.73 6.59 3.42
C TYR C 291 33.97 6.72 2.11
N LYS C 292 33.35 7.87 1.86
CA LYS C 292 32.68 8.09 0.58
C LYS C 292 33.65 8.04 -0.58
N GLY C 293 34.86 8.58 -0.38
CA GLY C 293 35.89 8.44 -1.40
C GLY C 293 36.32 6.99 -1.58
N LEU C 294 36.47 6.27 -0.47
CA LEU C 294 36.86 4.86 -0.54
C LEU C 294 35.77 4.01 -1.19
N ALA C 295 34.50 4.30 -0.87
CA ALA C 295 33.39 3.51 -1.37
C ALA C 295 32.99 3.86 -2.79
N SER C 296 33.60 4.88 -3.39
CA SER C 296 33.28 5.24 -4.75
C SER C 296 33.70 4.13 -5.71
N PRO C 297 32.88 3.82 -6.71
CA PRO C 297 33.27 2.76 -7.67
C PRO C 297 34.57 3.05 -8.40
N ALA C 298 34.85 4.32 -8.68
CA ALA C 298 36.07 4.68 -9.39
C ALA C 298 37.31 4.32 -8.58
N TYR C 299 37.35 4.76 -7.31
CA TYR C 299 38.50 4.46 -6.48
C TYR C 299 38.58 2.97 -6.18
N LEU C 300 37.43 2.32 -5.99
CA LEU C 300 37.44 0.88 -5.75
C LEU C 300 38.05 0.13 -6.93
N SER C 301 37.67 0.51 -8.15
CA SER C 301 38.14 -0.22 -9.33
C SER C 301 39.59 0.09 -9.64
N LEU C 302 40.02 1.33 -9.45
CA LEU C 302 41.36 1.75 -9.85
C LEU C 302 42.36 1.78 -8.71
N SER C 303 41.97 1.36 -7.51
CA SER C 303 42.82 1.53 -6.34
C SER C 303 43.86 0.42 -6.23
N SER C 304 43.42 -0.82 -6.07
CA SER C 304 44.32 -1.92 -5.77
C SER C 304 43.87 -3.18 -6.49
N GLU C 305 44.74 -4.19 -6.46
CA GLU C 305 44.46 -5.46 -7.12
C GLU C 305 43.30 -6.18 -6.44
N ASP C 306 42.54 -6.92 -7.25
CA ASP C 306 41.39 -7.70 -6.79
C ASP C 306 40.41 -6.80 -6.04
N PRO C 307 39.73 -5.88 -6.74
CA PRO C 307 38.91 -4.89 -6.03
C PRO C 307 37.62 -5.44 -5.45
N VAL C 308 37.17 -6.63 -5.85
CA VAL C 308 35.91 -7.13 -5.33
C VAL C 308 36.04 -7.49 -3.85
N LEU C 309 37.16 -8.08 -3.45
CA LEU C 309 37.38 -8.36 -2.04
C LEU C 309 37.50 -7.08 -1.24
N THR C 310 38.19 -6.08 -1.79
CA THR C 310 38.30 -4.79 -1.12
C THR C 310 36.92 -4.17 -0.93
N ALA C 311 36.08 -4.24 -1.95
CA ALA C 311 34.72 -3.69 -1.84
C ALA C 311 33.91 -4.45 -0.80
N LEU C 312 34.06 -5.77 -0.73
CA LEU C 312 33.30 -6.55 0.25
C LEU C 312 33.72 -6.21 1.67
N GLU C 313 35.03 -6.15 1.92
CA GLU C 313 35.50 -5.77 3.27
C GLU C 313 35.11 -4.34 3.60
N LEU C 314 35.13 -3.44 2.61
CA LEU C 314 34.69 -2.08 2.85
C LEU C 314 33.19 -2.01 3.16
N SER C 315 32.39 -2.86 2.52
CA SER C 315 30.98 -2.94 2.85
C SER C 315 30.78 -3.41 4.29
N ASN C 316 31.57 -4.42 4.70
CA ASN C 316 31.53 -4.84 6.10
C ASN C 316 31.86 -3.70 7.04
N GLU C 317 32.94 -2.97 6.74
CA GLU C 317 33.38 -1.88 7.62
C GLU C 317 32.33 -0.78 7.68
N LEU C 318 31.71 -0.46 6.54
CA LEU C 318 30.71 0.59 6.51
C LEU C 318 29.45 0.18 7.26
N ALA C 319 29.05 -1.08 7.15
CA ALA C 319 27.90 -1.56 7.92
C ALA C 319 28.19 -1.52 9.41
N LYS C 320 29.39 -1.95 9.81
CA LYS C 320 29.75 -1.92 11.23
C LYS C 320 29.77 -0.49 11.75
N LEU C 321 30.29 0.45 10.96
CA LEU C 321 30.31 1.84 11.41
C LEU C 321 28.93 2.46 11.40
N ALA C 322 28.04 2.02 10.50
CA ALA C 322 26.66 2.46 10.55
C ALA C 322 26.00 2.00 11.84
N ASN C 323 26.26 0.77 12.25
CA ASN C 323 25.72 0.28 13.52
C ASN C 323 26.31 1.04 14.70
N ILE C 324 27.62 1.32 14.67
CA ILE C 324 28.28 1.95 15.80
C ILE C 324 27.86 3.41 15.95
N GLU C 325 27.84 4.15 14.84
CA GLU C 325 27.61 5.59 14.90
C GLU C 325 26.20 5.91 15.38
N LYS C 326 25.19 5.45 14.65
CA LYS C 326 23.77 5.67 14.89
C LYS C 326 23.37 7.13 14.68
N GLU C 327 24.31 8.02 14.34
CA GLU C 327 24.01 9.40 13.99
C GLU C 327 23.94 9.59 12.48
N PHE C 328 25.00 9.21 11.77
CA PHE C 328 25.06 9.24 10.33
C PHE C 328 24.81 7.86 9.73
N LYS C 329 23.92 7.09 10.34
CA LYS C 329 23.66 5.72 9.90
C LYS C 329 23.22 5.68 8.44
N ASN C 330 22.43 6.67 8.01
CA ASN C 330 21.98 6.69 6.63
C ASN C 330 23.15 6.81 5.65
N ASP C 331 24.12 7.68 5.97
CA ASP C 331 25.26 7.87 5.07
C ASP C 331 26.10 6.60 4.96
N TYR C 332 26.41 5.99 6.09
CA TYR C 332 27.22 4.77 6.06
C TYR C 332 26.48 3.62 5.39
N ARG C 333 25.17 3.51 5.62
CA ARG C 333 24.39 2.50 4.94
C ARG C 333 24.37 2.73 3.43
N LYS C 334 24.27 3.99 3.02
CA LYS C 334 24.32 4.31 1.59
C LYS C 334 25.68 3.93 0.99
N LEU C 335 26.76 4.19 1.72
CA LEU C 335 28.08 3.80 1.24
C LEU C 335 28.21 2.27 1.14
N SER C 336 27.67 1.56 2.13
CA SER C 336 27.69 0.10 2.06
C SER C 336 26.89 -0.41 0.87
N MET C 337 25.74 0.21 0.60
CA MET C 337 24.95 -0.16 -0.57
C MET C 337 25.72 0.13 -1.86
N GLN C 338 26.50 1.22 -1.88
CA GLN C 338 27.33 1.51 -3.04
C GLN C 338 28.37 0.42 -3.24
N CYS C 339 29.01 -0.04 -2.16
CA CYS C 339 29.98 -1.13 -2.30
C CYS C 339 29.32 -2.41 -2.78
N LYS C 340 28.14 -2.74 -2.24
CA LYS C 340 27.43 -3.93 -2.68
C LYS C 340 27.05 -3.82 -4.16
N ASP C 341 26.61 -2.63 -4.58
CA ASP C 341 26.25 -2.42 -5.98
C ASP C 341 27.47 -2.56 -6.88
N PHE C 342 28.63 -2.07 -6.44
CA PHE C 342 29.84 -2.25 -7.23
C PHE C 342 30.18 -3.72 -7.37
N VAL C 343 30.08 -4.49 -6.28
CA VAL C 343 30.37 -5.93 -6.34
C VAL C 343 29.41 -6.61 -7.30
N VAL C 344 28.12 -6.29 -7.21
CA VAL C 344 27.12 -6.90 -8.07
C VAL C 344 27.38 -6.54 -9.53
N GLY C 345 27.72 -5.28 -9.80
CA GLY C 345 28.01 -4.87 -11.17
C GLY C 345 29.24 -5.55 -11.74
N VAL C 346 30.26 -5.74 -10.91
CA VAL C 346 31.45 -6.47 -11.36
C VAL C 346 31.08 -7.91 -11.69
N LEU C 347 30.24 -8.53 -10.85
CA LEU C 347 29.80 -9.90 -11.13
C LEU C 347 28.94 -9.96 -12.40
N ASP C 348 28.19 -8.89 -12.68
CA ASP C 348 27.20 -8.93 -13.75
C ASP C 348 27.86 -9.06 -15.12
N LEU C 349 29.04 -8.48 -15.30
CA LEU C 349 29.67 -8.43 -16.61
C LEU C 349 30.32 -9.76 -17.03
N CYS C 350 30.12 -10.83 -16.26
CA CYS C 350 30.66 -12.12 -16.67
C CYS C 350 30.05 -12.59 -17.98
N ARG C 351 30.87 -13.23 -18.80
CA ARG C 351 30.42 -13.80 -20.06
C ARG C 351 30.91 -15.22 -20.28
N ASP C 352 31.67 -15.79 -19.33
CA ASP C 352 32.16 -17.14 -19.43
C ASP C 352 32.20 -17.74 -18.03
N SER C 353 32.21 -19.08 -17.97
CA SER C 353 32.24 -19.76 -16.68
C SER C 353 33.54 -19.49 -15.95
N GLU C 354 34.63 -19.26 -16.70
CA GLU C 354 35.92 -18.98 -16.07
C GLU C 354 35.88 -17.66 -15.30
N GLU C 355 35.28 -16.63 -15.89
CA GLU C 355 35.17 -15.34 -15.20
C GLU C 355 34.25 -15.45 -13.98
N VAL C 356 33.16 -16.21 -14.11
CA VAL C 356 32.26 -16.41 -12.98
C VAL C 356 33.01 -17.09 -11.83
N GLU C 357 33.77 -18.14 -12.14
CA GLU C 357 34.55 -18.80 -11.10
C GLU C 357 35.59 -17.86 -10.50
N ALA C 358 36.26 -17.06 -11.34
CA ALA C 358 37.28 -16.16 -10.83
C ALA C 358 36.68 -15.15 -9.85
N ILE C 359 35.51 -14.60 -10.15
CA ILE C 359 34.88 -13.69 -9.21
C ILE C 359 34.41 -14.44 -7.97
N LEU C 360 33.86 -15.65 -8.15
CA LEU C 360 33.31 -16.38 -7.00
C LEU C 360 34.37 -16.91 -6.06
N ASN C 361 35.63 -17.01 -6.49
CA ASN C 361 36.72 -17.31 -5.57
C ASN C 361 38.07 -16.92 -6.16
N GLY C 362 38.99 -16.49 -5.30
CA GLY C 362 40.29 -16.03 -5.76
C GLY C 362 41.23 -17.15 -6.15
N ASP C 363 42.53 -16.89 -6.09
CA ASP C 363 43.53 -17.88 -6.45
C ASP C 363 43.64 -18.98 -5.40
N SER C 378 35.63 -24.53 -3.51
CA SER C 378 35.77 -23.53 -2.45
C SER C 378 35.24 -22.17 -2.91
N LEU C 379 33.96 -21.91 -2.59
CA LEU C 379 33.31 -20.65 -2.98
C LEU C 379 33.65 -19.60 -1.93
N SER C 380 34.92 -19.18 -1.93
CA SER C 380 35.40 -18.29 -0.88
C SER C 380 34.67 -16.96 -0.89
N ARG C 381 34.48 -16.36 -2.08
CA ARG C 381 33.82 -15.07 -2.15
C ARG C 381 32.33 -15.18 -1.86
N VAL C 382 31.70 -16.28 -2.25
CA VAL C 382 30.29 -16.47 -1.93
C VAL C 382 30.10 -16.59 -0.41
N LYS C 383 30.97 -17.36 0.24
CA LYS C 383 30.89 -17.50 1.69
C LYS C 383 31.15 -16.16 2.37
N LEU C 384 32.14 -15.42 1.89
CA LEU C 384 32.48 -14.13 2.48
C LEU C 384 31.38 -13.09 2.25
N ALA C 385 30.64 -13.19 1.15
CA ALA C 385 29.50 -12.30 0.93
C ALA C 385 28.30 -12.70 1.77
N ILE C 386 28.11 -14.02 1.99
CA ILE C 386 27.07 -14.47 2.89
C ILE C 386 27.35 -13.98 4.31
N LYS C 387 28.62 -14.01 4.71
CA LYS C 387 29.00 -13.50 6.03
C LYS C 387 28.71 -12.00 6.16
N TYR C 388 28.78 -11.26 5.06
CA TYR C 388 28.56 -9.82 5.08
C TYR C 388 27.16 -9.43 4.64
N GLU C 389 26.26 -10.39 4.45
CA GLU C 389 24.87 -10.13 4.07
C GLU C 389 24.79 -9.33 2.77
N VAL C 390 25.61 -9.69 1.79
CA VAL C 390 25.53 -9.10 0.45
C VAL C 390 24.52 -9.93 -0.33
N LYS C 391 23.25 -9.56 -0.18
CA LYS C 391 22.16 -10.38 -0.71
C LYS C 391 22.19 -10.43 -2.23
N LYS C 392 22.41 -9.29 -2.88
CA LYS C 392 22.29 -9.23 -4.34
C LYS C 392 23.44 -9.91 -5.06
N PHE C 393 24.62 -10.01 -4.44
CA PHE C 393 25.73 -10.71 -5.06
C PHE C 393 25.52 -12.22 -5.05
N VAL C 394 24.92 -12.76 -3.99
CA VAL C 394 24.70 -14.20 -3.89
C VAL C 394 23.45 -14.63 -4.65
N ALA C 395 22.43 -13.79 -4.71
CA ALA C 395 21.20 -14.10 -5.42
C ALA C 395 21.27 -13.81 -6.90
N HIS C 396 22.40 -13.30 -7.39
CA HIS C 396 22.53 -13.00 -8.81
C HIS C 396 22.53 -14.29 -9.62
N PRO C 397 21.89 -14.30 -10.80
CA PRO C 397 21.85 -15.53 -11.60
C PRO C 397 23.22 -16.05 -11.98
N ASN C 398 24.22 -15.17 -12.16
CA ASN C 398 25.55 -15.63 -12.49
C ASN C 398 26.16 -16.50 -11.40
N CYS C 399 25.76 -16.26 -10.15
CA CYS C 399 26.19 -17.10 -9.03
C CYS C 399 25.26 -18.28 -8.81
N GLN C 400 23.96 -18.08 -9.08
CA GLN C 400 23.00 -19.16 -8.88
C GLN C 400 23.25 -20.30 -9.87
N GLN C 401 23.69 -19.96 -11.09
CA GLN C 401 23.99 -21.01 -12.06
C GLN C 401 25.14 -21.89 -11.60
N GLN C 402 26.13 -21.32 -10.90
CA GLN C 402 27.22 -22.12 -10.34
C GLN C 402 26.76 -22.90 -9.12
N LEU C 403 25.98 -22.26 -8.25
CA LEU C 403 25.53 -22.93 -7.04
C LEU C 403 24.61 -24.10 -7.35
N LEU C 404 23.83 -24.01 -8.43
CA LEU C 404 22.96 -25.12 -8.81
C LEU C 404 23.75 -26.25 -9.44
N THR C 405 24.76 -25.93 -10.24
CA THR C 405 25.61 -26.98 -10.81
C THR C 405 26.36 -27.73 -9.71
N ILE C 406 26.85 -27.01 -8.71
CA ILE C 406 27.53 -27.68 -7.59
C ILE C 406 26.52 -28.44 -6.74
N TRP C 407 25.34 -27.84 -6.52
CA TRP C 407 24.32 -28.47 -5.68
C TRP C 407 23.85 -29.79 -6.28
N TYR C 408 23.58 -29.79 -7.58
CA TYR C 408 23.20 -31.02 -8.29
C TYR C 408 24.42 -31.69 -8.93
N GLU C 409 25.44 -31.94 -8.13
CA GLU C 409 26.67 -32.55 -8.61
C GLU C 409 26.53 -34.06 -8.67
N ASN C 410 27.06 -34.63 -9.76
CA ASN C 410 27.09 -36.09 -9.96
C ASN C 410 25.70 -36.68 -10.15
N LEU C 411 24.66 -35.83 -10.16
CA LEU C 411 23.33 -36.26 -10.58
C LEU C 411 22.66 -35.04 -11.23
N SER C 412 22.71 -35.00 -12.56
CA SER C 412 22.20 -33.86 -13.31
C SER C 412 20.80 -34.09 -13.84
N GLY C 413 20.40 -35.34 -14.02
CA GLY C 413 19.07 -35.62 -14.55
C GLY C 413 17.96 -35.25 -13.60
N LEU C 414 18.24 -35.21 -12.30
CA LEU C 414 17.22 -34.89 -11.31
C LEU C 414 16.87 -33.41 -11.28
N ARG C 415 17.75 -32.54 -11.77
CA ARG C 415 17.48 -31.10 -11.72
C ARG C 415 16.24 -30.74 -12.52
N GLU C 416 16.05 -31.35 -13.68
CA GLU C 416 14.94 -31.00 -14.56
C GLU C 416 13.63 -31.70 -14.19
N GLN C 417 13.67 -32.63 -13.24
CA GLN C 417 12.45 -33.32 -12.83
C GLN C 417 11.55 -32.39 -12.00
N THR C 418 10.29 -32.75 -11.93
CA THR C 418 9.30 -31.94 -11.21
C THR C 418 9.46 -32.13 -9.70
N ILE C 419 8.70 -31.34 -8.95
CA ILE C 419 8.73 -31.42 -7.49
C ILE C 419 8.22 -32.77 -7.02
N ALA C 420 7.23 -33.34 -7.73
CA ALA C 420 6.70 -34.65 -7.36
C ALA C 420 7.78 -35.73 -7.47
N ILE C 421 8.59 -35.67 -8.52
CA ILE C 421 9.67 -36.65 -8.68
C ILE C 421 10.69 -36.50 -7.55
N LYS C 422 10.99 -35.26 -7.16
CA LYS C 422 11.93 -35.04 -6.07
C LYS C 422 11.38 -35.59 -4.76
N CYS C 423 10.09 -35.37 -4.51
CA CYS C 423 9.47 -35.93 -3.30
C CYS C 423 9.46 -37.46 -3.34
N LEU C 424 9.25 -38.04 -4.52
CA LEU C 424 9.35 -39.49 -4.66
C LEU C 424 10.76 -39.98 -4.35
N VAL C 425 11.78 -39.23 -4.79
CA VAL C 425 13.16 -39.59 -4.47
C VAL C 425 13.38 -39.52 -2.96
N VAL C 426 12.84 -38.48 -2.31
CA VAL C 426 12.97 -38.36 -0.86
C VAL C 426 12.33 -39.56 -0.17
N LEU C 427 11.14 -39.95 -0.61
CA LEU C 427 10.47 -41.10 -0.02
C LEU C 427 11.25 -42.39 -0.25
N VAL C 428 11.83 -42.55 -1.44
CA VAL C 428 12.63 -43.73 -1.74
C VAL C 428 13.84 -43.80 -0.82
N VAL C 429 14.50 -42.66 -0.62
CA VAL C 429 15.65 -42.62 0.29
C VAL C 429 15.20 -42.93 1.72
N ALA C 430 14.06 -42.40 2.14
CA ALA C 430 13.56 -42.65 3.49
C ALA C 430 13.28 -44.13 3.71
N LEU C 431 12.66 -44.78 2.73
CA LEU C 431 12.35 -46.20 2.85
C LEU C 431 13.63 -47.04 2.93
N GLY C 432 14.63 -46.70 2.14
CA GLY C 432 15.84 -47.49 2.08
C GLY C 432 17.05 -46.84 2.74
N LEU C 433 16.82 -45.90 3.66
CA LEU C 433 17.91 -45.23 4.33
C LEU C 433 18.84 -46.18 5.08
N PRO C 434 18.35 -47.10 5.92
CA PRO C 434 19.28 -48.03 6.58
C PRO C 434 20.06 -48.89 5.59
N PHE C 435 19.44 -49.29 4.49
CA PHE C 435 20.14 -50.14 3.51
C PHE C 435 21.29 -49.40 2.87
N LEU C 436 21.05 -48.17 2.40
CA LEU C 436 22.13 -47.39 1.81
C LEU C 436 23.18 -47.00 2.85
N ALA C 437 22.76 -46.76 4.10
CA ALA C 437 23.74 -46.49 5.14
C ALA C 437 24.65 -47.69 5.37
N ILE C 438 24.08 -48.90 5.39
CA ILE C 438 24.88 -50.11 5.55
C ILE C 438 25.81 -50.29 4.37
N GLY C 439 25.31 -50.04 3.15
CA GLY C 439 26.12 -50.16 1.96
C GLY C 439 27.12 -49.05 1.75
N TYR C 440 27.05 -47.98 2.55
CA TYR C 440 27.99 -46.87 2.43
C TYR C 440 29.43 -47.30 2.70
N TRP C 441 29.63 -48.44 3.36
CA TRP C 441 31.00 -48.93 3.59
C TRP C 441 31.71 -49.19 2.28
N ILE C 442 31.01 -49.76 1.29
CA ILE C 442 31.58 -49.99 -0.03
C ILE C 442 31.36 -48.81 -0.95
N ALA C 443 30.61 -47.79 -0.51
CA ALA C 443 30.28 -46.66 -1.37
C ALA C 443 31.50 -45.93 -1.94
N PRO C 444 32.57 -45.65 -1.18
CA PRO C 444 33.72 -44.95 -1.78
C PRO C 444 34.30 -45.68 -2.99
N CYS C 445 34.28 -47.00 -2.98
CA CYS C 445 34.70 -47.78 -4.15
C CYS C 445 33.54 -48.13 -5.08
N SER C 446 32.33 -47.70 -4.75
CA SER C 446 31.14 -48.01 -5.54
C SER C 446 30.70 -46.78 -6.34
N ARG C 447 29.96 -47.05 -7.42
CA ARG C 447 29.46 -45.97 -8.25
C ARG C 447 28.43 -45.11 -7.52
N LEU C 448 27.56 -45.74 -6.72
CA LEU C 448 26.52 -45.03 -6.00
C LEU C 448 27.05 -44.18 -4.86
N GLY C 449 28.28 -44.41 -4.42
CA GLY C 449 28.85 -43.58 -3.37
C GLY C 449 29.02 -42.13 -3.82
N LYS C 450 29.34 -41.93 -5.09
CA LYS C 450 29.44 -40.58 -5.63
C LYS C 450 28.09 -39.86 -5.56
N ILE C 451 27.02 -40.59 -5.88
CA ILE C 451 25.68 -39.99 -5.81
C ILE C 451 25.32 -39.67 -4.36
N LEU C 452 25.57 -40.61 -3.45
CA LEU C 452 25.23 -40.38 -2.04
C LEU C 452 26.12 -39.31 -1.40
N ARG C 453 27.28 -39.00 -1.97
CA ARG C 453 28.15 -37.96 -1.46
C ARG C 453 27.88 -36.60 -2.09
N SER C 454 26.88 -36.51 -2.97
CA SER C 454 26.58 -35.25 -3.62
C SER C 454 25.99 -34.25 -2.63
N PRO C 455 26.14 -32.95 -2.88
CA PRO C 455 25.59 -31.94 -1.96
C PRO C 455 24.07 -31.97 -1.87
N PHE C 456 23.37 -32.57 -2.84
CA PHE C 456 21.91 -32.64 -2.78
C PHE C 456 21.45 -33.87 -2.01
N MET C 457 22.01 -35.03 -2.31
CA MET C 457 21.63 -36.26 -1.60
C MET C 457 21.95 -36.18 -0.12
N LYS C 458 22.88 -35.33 0.29
CA LYS C 458 23.07 -35.06 1.71
C LYS C 458 21.83 -34.39 2.29
N PHE C 459 21.29 -33.38 1.60
CA PHE C 459 20.09 -32.71 2.07
C PHE C 459 18.89 -33.64 2.06
N VAL C 460 18.74 -34.44 1.01
CA VAL C 460 17.63 -35.39 0.96
C VAL C 460 17.76 -36.42 2.07
N ALA C 461 18.98 -36.90 2.32
CA ALA C 461 19.20 -37.86 3.40
C ALA C 461 18.84 -37.25 4.75
N HIS C 462 19.26 -36.01 5.00
CA HIS C 462 18.95 -35.36 6.27
C HIS C 462 17.44 -35.11 6.41
N ALA C 463 16.78 -34.70 5.33
CA ALA C 463 15.35 -34.43 5.39
C ALA C 463 14.57 -35.72 5.63
N ALA C 464 14.91 -36.79 4.91
CA ALA C 464 14.26 -38.07 5.13
C ALA C 464 14.55 -38.61 6.52
N SER C 465 15.76 -38.35 7.03
CA SER C 465 16.11 -38.74 8.38
C SER C 465 15.22 -38.04 9.41
N PHE C 466 15.06 -36.72 9.27
CA PHE C 466 14.23 -36.00 10.22
C PHE C 466 12.76 -36.40 10.08
N ILE C 467 12.32 -36.72 8.86
CA ILE C 467 10.96 -37.21 8.67
C ILE C 467 10.77 -38.56 9.34
N ILE C 468 11.78 -39.44 9.26
CA ILE C 468 11.71 -40.71 9.97
C ILE C 468 11.67 -40.48 11.47
N PHE C 469 12.41 -39.49 11.97
CA PHE C 469 12.37 -39.18 13.40
C PHE C 469 10.98 -38.72 13.81
N LEU C 470 10.36 -37.87 13.00
CA LEU C 470 8.99 -37.44 13.29
C LEU C 470 8.03 -38.62 13.26
N GLY C 471 8.20 -39.52 12.29
CA GLY C 471 7.38 -40.71 12.25
C GLY C 471 7.56 -41.58 13.48
N LEU C 472 8.79 -41.67 13.97
CA LEU C 472 9.04 -42.41 15.21
C LEU C 472 8.36 -41.75 16.41
N LEU C 473 8.40 -40.42 16.47
CA LEU C 473 7.72 -39.72 17.55
C LEU C 473 6.21 -39.96 17.50
N VAL C 474 5.63 -39.94 16.30
CA VAL C 474 4.20 -40.18 16.17
C VAL C 474 3.85 -41.63 16.50
N PHE C 475 4.66 -42.57 16.01
CA PHE C 475 4.38 -43.98 16.23
C PHE C 475 4.62 -44.40 17.67
N ASN C 476 5.42 -43.63 18.41
CA ASN C 476 5.58 -43.90 19.83
C ASN C 476 4.27 -43.73 20.58
N ALA C 477 3.47 -42.74 20.17
CA ALA C 477 2.17 -42.50 20.78
C ALA C 477 1.10 -43.47 20.30
N SER C 478 1.47 -44.54 19.60
CA SER C 478 0.49 -45.51 19.14
C SER C 478 -0.14 -46.24 20.33
N ASP C 479 -1.14 -47.05 20.03
CA ASP C 479 -1.98 -47.76 21.01
C ASP C 479 -2.80 -46.79 21.85
N ARG C 480 -2.70 -45.49 21.59
CA ARG C 480 -3.51 -44.50 22.29
C ARG C 480 -4.21 -43.55 21.34
N PHE C 481 -4.16 -43.80 20.02
CA PHE C 481 -4.83 -42.93 19.06
C PHE C 481 -6.33 -42.90 19.30
N GLU C 482 -6.94 -44.06 19.55
CA GLU C 482 -8.37 -44.15 19.86
C GLU C 482 -8.64 -43.99 21.35
N GLY C 483 -7.63 -43.69 22.15
CA GLY C 483 -7.80 -43.52 23.57
C GLY C 483 -7.35 -44.74 24.35
N ILE C 484 -6.85 -44.51 25.57
CA ILE C 484 -6.44 -45.60 26.41
C ILE C 484 -7.65 -46.44 26.80
N THR C 485 -7.50 -47.76 26.70
CA THR C 485 -8.65 -48.65 26.93
C THR C 485 -9.00 -48.74 28.40
N THR C 486 -8.03 -48.53 29.28
CA THR C 486 -8.25 -48.63 30.73
C THR C 486 -8.31 -47.24 31.34
N LEU C 487 -9.20 -47.08 32.33
CA LEU C 487 -9.33 -45.82 33.03
C LEU C 487 -8.07 -45.56 33.85
N PRO C 488 -7.76 -44.27 34.10
CA PRO C 488 -6.57 -43.97 34.92
C PRO C 488 -6.63 -44.57 36.32
N ASN C 489 -7.82 -44.74 36.87
CA ASN C 489 -8.00 -45.27 38.22
C ASN C 489 -7.69 -46.76 38.34
N ILE C 490 -7.53 -47.50 37.24
CA ILE C 490 -7.36 -48.95 37.28
C ILE C 490 -5.96 -49.30 36.79
N THR C 491 -5.30 -50.20 37.51
CA THR C 491 -3.95 -50.65 37.18
C THR C 491 -4.00 -51.99 36.47
N VAL C 492 -3.12 -52.16 35.48
CA VAL C 492 -3.02 -53.40 34.71
C VAL C 492 -1.61 -53.95 34.87
N THR C 493 -1.51 -55.21 35.25
CA THR C 493 -0.23 -55.88 35.47
C THR C 493 -0.16 -57.12 34.59
N ASP C 494 1.00 -57.33 33.96
CA ASP C 494 1.19 -58.53 33.15
C ASP C 494 1.13 -59.78 34.01
N TYR C 495 1.77 -59.75 35.18
CA TYR C 495 1.66 -60.81 36.17
C TYR C 495 1.42 -60.21 37.54
N PRO C 496 0.76 -60.94 38.45
CA PRO C 496 0.36 -60.33 39.73
C PRO C 496 1.51 -59.80 40.56
N LYS C 497 2.71 -60.37 40.42
CA LYS C 497 3.84 -59.94 41.23
C LYS C 497 4.55 -58.71 40.67
N GLN C 498 4.12 -58.20 39.52
CA GLN C 498 4.81 -57.09 38.88
C GLN C 498 4.31 -55.75 39.42
N ILE C 499 5.25 -54.83 39.65
CA ILE C 499 4.91 -53.48 40.05
C ILE C 499 4.33 -52.73 38.85
N PHE C 500 3.27 -51.95 39.10
CA PHE C 500 2.63 -51.22 38.02
C PHE C 500 3.56 -50.17 37.41
N ARG C 501 4.36 -49.50 38.24
CA ARG C 501 5.31 -48.52 37.71
C ARG C 501 6.35 -49.19 36.82
N VAL C 502 6.68 -50.45 37.07
CA VAL C 502 7.54 -51.18 36.14
C VAL C 502 6.87 -51.29 34.78
N LYS C 503 5.56 -51.57 34.76
CA LYS C 503 4.84 -51.67 33.51
C LYS C 503 4.78 -50.33 32.78
N THR C 504 4.55 -49.24 33.52
CA THR C 504 4.32 -47.95 32.87
C THR C 504 5.60 -47.19 32.56
N THR C 505 6.70 -47.48 33.26
CA THR C 505 7.94 -46.73 33.03
C THR C 505 8.90 -47.43 32.09
N GLN C 506 8.70 -48.74 31.86
CA GLN C 506 9.65 -49.49 31.06
C GLN C 506 9.75 -48.93 29.65
N PHE C 507 10.96 -48.89 29.12
CA PHE C 507 11.21 -48.33 27.79
C PHE C 507 10.78 -49.32 26.72
N THR C 508 9.94 -48.87 25.79
CA THR C 508 9.67 -49.66 24.62
C THR C 508 10.79 -49.49 23.60
N TRP C 509 10.78 -50.35 22.58
CA TRP C 509 11.84 -50.31 21.58
C TRP C 509 11.82 -49.00 20.80
N THR C 510 10.63 -48.47 20.53
CA THR C 510 10.53 -47.18 19.86
C THR C 510 11.14 -46.07 20.71
N GLU C 511 10.88 -46.08 22.02
CA GLU C 511 11.48 -45.07 22.89
C GLU C 511 13.00 -45.22 22.95
N MET C 512 13.50 -46.46 22.96
CA MET C 512 14.93 -46.67 22.94
C MET C 512 15.56 -46.16 21.64
N LEU C 513 14.87 -46.34 20.51
CA LEU C 513 15.36 -45.80 19.25
C LEU C 513 15.34 -44.29 19.24
N ILE C 514 14.28 -43.68 19.78
CA ILE C 514 14.22 -42.22 19.88
C ILE C 514 15.33 -41.69 20.76
N MET C 515 15.67 -42.43 21.81
CA MET C 515 16.79 -42.04 22.67
C MET C 515 18.09 -41.99 21.88
N VAL C 516 18.37 -43.03 21.09
CA VAL C 516 19.57 -43.03 20.25
C VAL C 516 19.52 -41.86 19.28
N TRP C 517 18.34 -41.58 18.74
CA TRP C 517 18.17 -40.50 17.78
C TRP C 517 18.53 -39.15 18.41
N VAL C 518 18.02 -38.90 19.61
CA VAL C 518 18.24 -37.64 20.29
C VAL C 518 19.70 -37.52 20.72
N LEU C 519 20.31 -38.61 21.18
CA LEU C 519 21.73 -38.56 21.52
C LEU C 519 22.59 -38.31 20.29
N GLY C 520 22.20 -38.83 19.14
CA GLY C 520 22.94 -38.53 17.92
C GLY C 520 22.86 -37.06 17.55
N MET C 521 21.65 -36.49 17.58
CA MET C 521 21.52 -35.06 17.31
C MET C 521 22.27 -34.23 18.33
N MET C 522 22.22 -34.64 19.61
CA MET C 522 22.92 -33.90 20.66
C MET C 522 24.43 -33.97 20.47
N TRP C 523 24.94 -35.12 20.05
CA TRP C 523 26.37 -35.23 19.76
C TRP C 523 26.78 -34.33 18.60
N SER C 524 25.95 -34.29 17.55
CA SER C 524 26.25 -33.41 16.44
C SER C 524 26.29 -31.95 16.87
N GLU C 525 25.30 -31.52 17.67
CA GLU C 525 25.26 -30.14 18.12
C GLU C 525 26.39 -29.83 19.10
N CYS C 526 26.77 -30.80 19.93
CA CYS C 526 27.89 -30.60 20.84
C CYS C 526 29.20 -30.45 20.07
N LYS C 527 29.39 -31.26 19.03
CA LYS C 527 30.58 -31.12 18.21
C LYS C 527 30.61 -29.75 17.54
N GLU C 528 29.47 -29.32 17.00
CA GLU C 528 29.42 -28.01 16.36
C GLU C 528 29.71 -26.89 17.36
N LEU C 529 29.14 -26.98 18.56
CA LEU C 529 29.36 -25.95 19.58
C LEU C 529 30.82 -25.91 20.00
N TRP C 530 31.43 -27.08 20.22
CA TRP C 530 32.83 -27.10 20.63
C TRP C 530 33.74 -26.59 19.53
N LEU C 531 33.40 -26.87 18.28
CA LEU C 531 34.19 -26.34 17.16
C LEU C 531 34.07 -24.83 17.07
N GLU C 532 32.86 -24.29 17.21
CA GLU C 532 32.65 -22.86 17.02
C GLU C 532 32.95 -22.02 18.25
N GLY C 533 32.21 -22.18 19.34
CA GLY C 533 32.33 -21.30 20.48
C GLY C 533 30.98 -20.94 21.05
N PRO C 534 30.84 -21.02 22.37
CA PRO C 534 29.52 -20.80 23.00
C PRO C 534 28.93 -19.43 22.74
N ARG C 535 29.76 -18.38 22.70
CA ARG C 535 29.23 -17.03 22.54
C ARG C 535 28.48 -16.87 21.21
N GLU C 536 29.18 -17.05 20.10
CA GLU C 536 28.52 -16.87 18.81
C GLU C 536 27.59 -18.03 18.50
N TYR C 537 27.74 -19.15 19.21
CA TYR C 537 26.76 -20.22 19.10
C TYR C 537 25.41 -19.78 19.66
N ILE C 538 25.42 -19.13 20.82
CA ILE C 538 24.20 -18.57 21.39
C ILE C 538 23.73 -17.35 20.61
N LEU C 539 24.63 -16.67 19.91
CA LEU C 539 24.24 -15.49 19.14
C LEU C 539 23.14 -15.82 18.13
N GLN C 540 23.22 -16.98 17.47
CA GLN C 540 22.14 -17.40 16.59
C GLN C 540 20.92 -17.79 17.42
N LEU C 541 19.76 -17.26 17.04
CA LEU C 541 18.54 -17.54 17.80
C LEU C 541 18.02 -18.94 17.53
N TRP C 542 18.12 -19.42 16.29
CA TRP C 542 17.53 -20.69 15.93
C TRP C 542 18.37 -21.86 16.45
N ASN C 543 19.69 -21.69 16.47
CA ASN C 543 20.53 -22.72 17.07
C ASN C 543 20.25 -22.87 18.56
N VAL C 544 19.96 -21.77 19.25
CA VAL C 544 19.56 -21.84 20.65
C VAL C 544 18.27 -22.63 20.79
N LEU C 545 17.31 -22.41 19.89
CA LEU C 545 16.06 -23.16 19.93
C LEU C 545 16.30 -24.65 19.72
N ASP C 546 17.16 -25.01 18.77
CA ASP C 546 17.47 -26.42 18.53
C ASP C 546 18.14 -27.05 19.75
N PHE C 547 19.10 -26.35 20.34
CA PHE C 547 19.78 -26.86 21.52
C PHE C 547 18.81 -27.02 22.68
N GLY C 548 17.89 -26.07 22.85
CA GLY C 548 16.88 -26.21 23.89
C GLY C 548 15.94 -27.36 23.65
N MET C 549 15.59 -27.60 22.38
CA MET C 549 14.76 -28.76 22.03
C MET C 549 15.45 -30.06 22.44
N LEU C 550 16.71 -30.22 22.08
CA LEU C 550 17.42 -31.44 22.45
C LEU C 550 17.60 -31.55 23.96
N SER C 551 17.84 -30.42 24.64
CA SER C 551 17.97 -30.46 26.09
C SER C 551 16.66 -30.87 26.75
N ILE C 552 15.53 -30.40 26.22
CA ILE C 552 14.23 -30.80 26.75
C ILE C 552 14.00 -32.28 26.52
N PHE C 553 14.37 -32.80 25.34
CA PHE C 553 14.27 -34.24 25.10
C PHE C 553 15.11 -35.01 26.12
N ILE C 554 16.34 -34.57 26.35
CA ILE C 554 17.23 -35.26 27.28
C ILE C 554 16.67 -35.22 28.69
N ALA C 555 16.12 -34.08 29.10
CA ALA C 555 15.54 -33.96 30.43
C ALA C 555 14.34 -34.89 30.59
N ALA C 556 13.49 -34.96 29.56
CA ALA C 556 12.34 -35.85 29.62
C ALA C 556 12.77 -37.30 29.74
N PHE C 557 13.74 -37.71 28.93
CA PHE C 557 14.21 -39.09 28.99
C PHE C 557 14.95 -39.38 30.29
N THR C 558 15.63 -38.39 30.87
CA THR C 558 16.28 -38.59 32.16
C THR C 558 15.25 -38.78 33.27
N ALA C 559 14.17 -37.98 33.25
CA ALA C 559 13.11 -38.17 34.22
C ALA C 559 12.45 -39.54 34.06
N ARG C 560 12.23 -39.95 32.80
CA ARG C 560 11.68 -41.28 32.56
C ARG C 560 12.61 -42.37 33.08
N PHE C 561 13.92 -42.20 32.87
CA PHE C 561 14.88 -43.19 33.33
C PHE C 561 14.92 -43.25 34.85
N LEU C 562 14.79 -42.09 35.52
CA LEU C 562 14.70 -42.07 36.97
C LEU C 562 13.46 -42.80 37.47
N ALA C 563 12.32 -42.57 36.81
CA ALA C 563 11.11 -43.30 37.16
C ALA C 563 11.28 -44.79 36.97
N PHE C 564 11.94 -45.19 35.87
CA PHE C 564 12.22 -46.60 35.64
C PHE C 564 13.11 -47.17 36.74
N LEU C 565 14.12 -46.40 37.17
CA LEU C 565 15.01 -46.87 38.23
C LEU C 565 14.24 -47.07 39.54
N GLN C 566 13.36 -46.13 39.88
CA GLN C 566 12.56 -46.30 41.10
C GLN C 566 11.65 -47.52 40.98
N ALA C 567 11.01 -47.69 39.82
CA ALA C 567 10.13 -48.82 39.62
C ALA C 567 10.89 -50.14 39.72
N THR C 568 12.08 -50.21 39.13
CA THR C 568 12.84 -51.45 39.16
C THR C 568 13.44 -51.71 40.54
N LYS C 569 13.71 -50.66 41.31
CA LYS C 569 14.10 -50.86 42.71
C LYS C 569 12.95 -51.47 43.50
N ALA C 570 11.73 -50.97 43.27
CA ALA C 570 10.56 -51.59 43.92
C ALA C 570 10.38 -53.03 43.47
N GLN C 571 10.62 -53.30 42.19
CA GLN C 571 10.50 -54.66 41.67
C GLN C 571 11.53 -55.59 42.29
N GLN C 572 12.77 -55.12 42.46
CA GLN C 572 13.77 -55.93 43.15
C GLN C 572 13.36 -56.17 44.60
N TYR C 573 12.83 -55.14 45.27
CA TYR C 573 12.47 -55.28 46.68
C TYR C 573 11.36 -56.30 46.86
N VAL C 574 10.33 -56.27 45.99
CA VAL C 574 9.17 -57.12 46.21
C VAL C 574 9.54 -58.59 46.10
N ASP C 575 10.40 -58.94 45.15
CA ASP C 575 10.85 -60.33 45.08
C ASP C 575 11.98 -60.63 46.05
N SER C 576 12.61 -59.60 46.63
CA SER C 576 13.74 -59.83 47.52
C SER C 576 13.30 -60.37 48.87
N TYR C 577 12.24 -59.82 49.46
CA TYR C 577 11.87 -60.13 50.84
C TYR C 577 10.58 -60.95 50.94
N VAL C 578 9.47 -60.46 50.39
CA VAL C 578 8.20 -61.16 50.54
C VAL C 578 8.08 -62.24 49.47
N GLN C 579 7.66 -63.42 49.89
CA GLN C 579 7.53 -64.58 49.02
C GLN C 579 6.09 -65.10 49.11
N GLU C 580 5.21 -64.55 48.29
CA GLU C 580 3.82 -64.97 48.26
C GLU C 580 3.36 -65.13 46.82
N SER C 581 2.31 -65.91 46.64
CA SER C 581 1.79 -66.16 45.30
C SER C 581 1.17 -64.90 44.70
N ASP C 582 0.58 -64.05 45.54
CA ASP C 582 -0.09 -62.84 45.09
C ASP C 582 0.46 -61.64 45.82
N LEU C 583 0.43 -60.48 45.15
CA LEU C 583 0.93 -59.24 45.72
C LEU C 583 -0.15 -58.42 46.40
N SER C 584 -1.41 -58.61 46.01
CA SER C 584 -2.50 -57.80 46.55
C SER C 584 -2.66 -58.00 48.05
N GLU C 585 -2.58 -59.26 48.50
CA GLU C 585 -2.78 -59.56 49.92
C GLU C 585 -1.62 -59.08 50.80
N VAL C 586 -0.49 -58.72 50.22
CA VAL C 586 0.67 -58.31 50.99
C VAL C 586 0.56 -56.84 51.37
N THR C 587 0.85 -56.53 52.63
CA THR C 587 0.88 -55.16 53.13
C THR C 587 2.30 -54.64 52.95
N LEU C 588 2.59 -54.13 51.76
CA LEU C 588 3.92 -53.64 51.45
C LEU C 588 4.21 -52.35 52.24
N PRO C 589 5.48 -52.06 52.48
CA PRO C 589 5.82 -50.78 53.11
C PRO C 589 5.35 -49.63 52.25
N PRO C 590 4.94 -48.51 52.88
CA PRO C 590 4.32 -47.42 52.10
C PRO C 590 5.21 -46.87 50.99
N GLU C 591 6.53 -46.83 51.21
CA GLU C 591 7.43 -46.37 50.15
C GLU C 591 7.34 -47.27 48.93
N ILE C 592 7.38 -48.58 49.14
CA ILE C 592 7.24 -49.52 48.03
C ILE C 592 5.79 -49.60 47.58
N GLN C 593 4.84 -49.54 48.53
CA GLN C 593 3.43 -49.65 48.19
C GLN C 593 2.95 -48.51 47.30
N TYR C 594 3.59 -47.34 47.38
CA TYR C 594 3.22 -46.24 46.49
C TYR C 594 3.39 -46.63 45.03
N PHE C 595 4.37 -47.50 44.74
CA PHE C 595 4.61 -47.92 43.36
C PHE C 595 3.54 -48.86 42.83
N THR C 596 2.61 -49.32 43.66
CA THR C 596 1.48 -50.12 43.18
C THR C 596 0.22 -49.27 43.02
N TYR C 597 0.37 -47.98 42.79
CA TYR C 597 -0.74 -47.05 42.70
C TYR C 597 -0.97 -46.64 41.25
N ALA C 598 -2.15 -46.09 41.00
CA ALA C 598 -2.53 -45.61 39.68
C ALA C 598 -2.17 -44.15 39.51
N ARG C 599 -2.66 -43.52 38.43
CA ARG C 599 -2.36 -42.11 38.17
C ARG C 599 -3.03 -41.20 39.19
N ASP C 600 -4.20 -41.59 39.69
CA ASP C 600 -4.97 -40.78 40.61
C ASP C 600 -4.20 -40.49 41.91
N LYS C 601 -3.32 -41.41 42.30
CA LYS C 601 -2.58 -41.29 43.55
C LYS C 601 -1.11 -40.92 43.36
N TRP C 602 -0.71 -40.54 42.14
CA TRP C 602 0.66 -40.12 41.91
C TRP C 602 0.91 -38.74 42.52
N LEU C 603 2.14 -38.51 42.97
CA LEU C 603 2.52 -37.20 43.47
C LEU C 603 2.56 -36.20 42.31
N PRO C 604 2.24 -34.94 42.58
CA PRO C 604 2.30 -33.92 41.52
C PRO C 604 3.68 -33.74 40.93
N SER C 605 4.74 -34.02 41.69
CA SER C 605 6.11 -33.90 41.23
C SER C 605 6.74 -35.25 40.94
N ASP C 606 5.94 -36.22 40.49
CA ASP C 606 6.47 -37.53 40.15
C ASP C 606 7.41 -37.40 38.95
N PRO C 607 8.49 -38.18 38.92
CA PRO C 607 9.41 -38.10 37.76
C PRO C 607 8.73 -38.42 36.43
N GLN C 608 7.76 -39.34 36.42
CA GLN C 608 7.10 -39.67 35.16
C GLN C 608 6.25 -38.51 34.66
N ILE C 609 5.63 -37.76 35.57
CA ILE C 609 4.84 -36.59 35.15
C ILE C 609 5.76 -35.55 34.53
N ILE C 610 6.91 -35.30 35.14
CA ILE C 610 7.89 -34.38 34.57
C ILE C 610 8.33 -34.86 33.20
N SER C 611 8.58 -36.16 33.08
CA SER C 611 9.02 -36.74 31.82
C SER C 611 7.97 -36.55 30.74
N GLU C 612 6.70 -36.82 31.06
CA GLU C 612 5.64 -36.68 30.06
C GLU C 612 5.48 -35.23 29.63
N GLY C 613 5.50 -34.29 30.59
CA GLY C 613 5.36 -32.89 30.22
C GLY C 613 6.50 -32.41 29.34
N LEU C 614 7.74 -32.74 29.72
CA LEU C 614 8.88 -32.31 28.92
C LEU C 614 8.89 -33.01 27.57
N TYR C 615 8.46 -34.27 27.51
CA TYR C 615 8.39 -34.98 26.23
C TYR C 615 7.34 -34.36 25.32
N ALA C 616 6.21 -33.93 25.89
CA ALA C 616 5.21 -33.25 25.08
C ALA C 616 5.73 -31.93 24.54
N ILE C 617 6.43 -31.15 25.37
CA ILE C 617 7.04 -29.91 24.88
C ILE C 617 8.05 -30.21 23.79
N ALA C 618 8.85 -31.26 23.97
CA ALA C 618 9.85 -31.63 22.97
C ALA C 618 9.21 -32.05 21.66
N VAL C 619 8.09 -32.79 21.73
CA VAL C 619 7.39 -33.18 20.51
C VAL C 619 6.82 -31.95 19.81
N VAL C 620 6.28 -31.01 20.58
CA VAL C 620 5.79 -29.77 19.98
C VAL C 620 6.90 -29.02 19.27
N LEU C 621 8.09 -28.94 19.89
CA LEU C 621 9.19 -28.22 19.27
C LEU C 621 9.87 -29.01 18.16
N SER C 622 9.66 -30.33 18.10
CA SER C 622 10.37 -31.17 17.15
C SER C 622 9.97 -30.90 15.71
N PHE C 623 8.74 -30.45 15.48
CA PHE C 623 8.28 -30.18 14.12
C PHE C 623 8.73 -28.81 13.63
N SER C 624 9.45 -28.04 14.44
CA SER C 624 9.99 -26.77 14.02
C SER C 624 11.25 -26.90 13.18
N ARG C 625 11.83 -28.09 13.09
CA ARG C 625 13.01 -28.30 12.26
C ARG C 625 12.68 -28.26 10.77
N ILE C 626 11.40 -28.24 10.41
CA ILE C 626 10.98 -28.11 9.03
C ILE C 626 11.42 -26.79 8.42
N ALA C 627 11.87 -25.84 9.25
CA ALA C 627 12.47 -24.61 8.74
C ALA C 627 13.85 -24.86 8.14
N TYR C 628 14.43 -26.04 8.37
CA TYR C 628 15.65 -26.43 7.66
C TYR C 628 15.36 -27.04 6.30
N ILE C 629 14.11 -27.41 6.03
CA ILE C 629 13.74 -28.07 4.78
C ILE C 629 13.00 -27.11 3.85
N LEU C 630 12.19 -26.22 4.41
CA LEU C 630 11.42 -25.29 3.59
C LEU C 630 12.26 -24.40 2.67
N PRO C 631 13.39 -23.82 3.10
CA PRO C 631 14.09 -22.88 2.18
C PRO C 631 14.52 -23.50 0.87
N ALA C 632 14.83 -24.79 0.85
CA ALA C 632 15.20 -25.44 -0.41
C ALA C 632 14.07 -25.42 -1.41
N ASN C 633 12.82 -25.48 -0.94
CA ASN C 633 11.69 -25.42 -1.84
C ASN C 633 11.51 -24.01 -2.40
N GLU C 634 10.88 -23.92 -3.57
CA GLU C 634 10.67 -22.65 -4.25
C GLU C 634 9.37 -21.98 -3.86
N SER C 635 8.30 -22.75 -3.65
CA SER C 635 7.01 -22.15 -3.31
C SER C 635 6.98 -21.67 -1.86
N PHE C 636 7.54 -22.45 -0.94
CA PHE C 636 7.47 -22.15 0.49
C PHE C 636 8.69 -21.39 1.00
N GLY C 637 9.63 -21.04 0.13
CA GLY C 637 10.76 -20.25 0.53
C GLY C 637 10.38 -18.85 0.96
N PRO C 638 9.81 -18.07 0.03
CA PRO C 638 9.32 -16.74 0.41
C PRO C 638 8.27 -16.78 1.50
N LEU C 639 7.49 -17.86 1.58
CA LEU C 639 6.55 -18.04 2.68
C LEU C 639 7.28 -18.01 4.02
N GLN C 640 8.32 -18.83 4.17
CA GLN C 640 9.06 -18.86 5.42
C GLN C 640 9.80 -17.54 5.65
N ILE C 641 10.27 -16.91 4.58
CA ILE C 641 10.96 -15.62 4.74
C ILE C 641 10.00 -14.57 5.30
N SER C 642 8.78 -14.50 4.75
CA SER C 642 7.79 -13.58 5.25
C SER C 642 7.40 -13.90 6.67
N LEU C 643 7.25 -15.19 7.00
CA LEU C 643 6.91 -15.57 8.36
C LEU C 643 8.01 -15.16 9.34
N GLY C 644 9.27 -15.36 8.96
CA GLY C 644 10.37 -14.94 9.81
C GLY C 644 10.42 -13.44 9.99
N ARG C 645 10.19 -12.68 8.93
CA ARG C 645 10.15 -11.23 9.04
C ARG C 645 9.03 -10.78 9.98
N THR C 646 7.85 -11.37 9.84
CA THR C 646 6.75 -11.02 10.73
C THR C 646 7.06 -11.37 12.17
N VAL C 647 7.64 -12.55 12.40
CA VAL C 647 7.97 -12.96 13.77
C VAL C 647 9.01 -12.02 14.37
N LYS C 648 10.00 -11.61 13.58
CA LYS C 648 10.98 -10.64 14.06
C LYS C 648 10.31 -9.31 14.39
N ASP C 649 9.34 -8.90 13.59
CA ASP C 649 8.64 -7.64 13.85
C ASP C 649 7.73 -7.75 15.08
N ILE C 650 7.28 -8.97 15.41
CA ILE C 650 6.36 -9.15 16.52
C ILE C 650 6.96 -8.71 17.84
N PHE C 651 8.22 -9.06 18.11
CA PHE C 651 8.77 -8.93 19.46
C PHE C 651 8.75 -7.48 19.94
N LYS C 652 9.00 -6.52 19.04
CA LYS C 652 8.99 -5.11 19.44
C LYS C 652 7.63 -4.69 19.96
N PHE C 653 6.55 -5.08 19.27
CA PHE C 653 5.21 -4.80 19.73
C PHE C 653 4.84 -5.67 20.94
N MET C 654 5.42 -6.87 21.02
CA MET C 654 5.05 -7.81 22.07
C MET C 654 5.63 -7.36 23.41
N VAL C 655 6.72 -6.61 23.38
CA VAL C 655 7.21 -5.98 24.60
C VAL C 655 6.16 -5.00 25.16
N LEU C 656 5.57 -4.19 24.28
CA LEU C 656 4.52 -3.27 24.72
C LEU C 656 3.26 -4.03 25.12
N PHE C 657 2.99 -5.15 24.45
CA PHE C 657 1.94 -6.06 24.91
C PHE C 657 2.18 -6.48 26.35
N ILE C 658 3.42 -6.87 26.67
CA ILE C 658 3.75 -7.24 28.05
C ILE C 658 3.51 -6.08 28.98
N MET C 659 3.95 -4.88 28.59
CA MET C 659 3.80 -3.71 29.45
C MET C 659 2.33 -3.45 29.79
N VAL C 660 1.48 -3.34 28.77
CA VAL C 660 0.08 -3.02 28.99
C VAL C 660 -0.62 -4.17 29.71
N PHE C 661 -0.32 -5.41 29.31
CA PHE C 661 -0.93 -6.58 29.92
C PHE C 661 -0.59 -6.66 31.40
N PHE C 662 0.67 -6.43 31.76
CA PHE C 662 1.07 -6.42 33.16
C PHE C 662 0.44 -5.27 33.92
N ALA C 663 0.32 -4.09 33.29
CA ALA C 663 -0.36 -2.98 33.93
C ALA C 663 -1.78 -3.36 34.33
N PHE C 664 -2.58 -3.84 33.38
CA PHE C 664 -3.94 -4.22 33.68
C PHE C 664 -4.02 -5.43 34.60
N MET C 665 -3.08 -6.37 34.47
CA MET C 665 -3.08 -7.56 35.31
C MET C 665 -2.87 -7.19 36.77
N ILE C 666 -1.87 -6.38 37.07
CA ILE C 666 -1.65 -5.91 38.44
C ILE C 666 -2.80 -5.04 38.92
N GLY C 667 -3.32 -4.15 38.07
CA GLY C 667 -4.42 -3.30 38.50
C GLY C 667 -5.66 -4.09 38.88
N MET C 668 -6.03 -5.09 38.08
CA MET C 668 -7.21 -5.88 38.38
C MET C 668 -6.97 -6.85 39.54
N PHE C 669 -5.74 -7.38 39.65
CA PHE C 669 -5.43 -8.23 40.78
C PHE C 669 -5.55 -7.46 42.09
N ILE C 670 -5.05 -6.22 42.13
CA ILE C 670 -5.17 -5.41 43.34
C ILE C 670 -6.63 -5.14 43.65
N LEU C 671 -7.45 -4.93 42.62
CA LEU C 671 -8.87 -4.64 42.83
C LEU C 671 -9.60 -5.85 43.39
N TYR C 672 -9.35 -7.04 42.84
CA TYR C 672 -10.15 -8.21 43.16
C TYR C 672 -9.48 -9.18 44.12
N SER C 673 -8.30 -8.85 44.66
CA SER C 673 -7.60 -9.79 45.53
C SER C 673 -8.36 -10.05 46.83
N TYR C 674 -9.24 -9.14 47.24
CA TYR C 674 -9.93 -9.27 48.51
C TYR C 674 -11.25 -10.03 48.40
N TYR C 675 -11.58 -10.54 47.22
CA TYR C 675 -12.85 -11.23 47.01
C TYR C 675 -12.62 -12.67 46.54
N LEU C 676 -11.72 -13.39 47.22
CA LEU C 676 -11.39 -14.75 46.82
C LEU C 676 -12.64 -15.63 46.78
N GLY C 677 -13.44 -15.61 47.84
CA GLY C 677 -14.64 -16.42 47.88
C GLY C 677 -15.89 -15.65 47.47
N ALA C 678 -15.78 -14.32 47.41
CA ALA C 678 -16.93 -13.50 47.07
C ALA C 678 -17.25 -13.53 45.59
N LYS C 679 -16.22 -13.60 44.74
CA LYS C 679 -16.46 -13.58 43.30
C LYS C 679 -17.13 -14.88 42.85
N VAL C 680 -18.07 -14.76 41.93
CA VAL C 680 -18.79 -15.94 41.42
C VAL C 680 -17.84 -16.84 40.66
N ASN C 681 -16.91 -16.25 39.90
CA ASN C 681 -15.89 -16.99 39.16
C ASN C 681 -14.54 -16.37 39.53
N ALA C 682 -13.71 -17.14 40.23
CA ALA C 682 -12.42 -16.62 40.68
C ALA C 682 -11.49 -16.46 39.48
N ALA C 683 -11.48 -15.27 38.90
CA ALA C 683 -10.70 -14.99 37.70
C ALA C 683 -9.68 -13.88 37.90
N PHE C 684 -9.82 -13.07 38.95
CA PHE C 684 -8.85 -12.04 39.27
C PHE C 684 -8.43 -12.08 40.73
N THR C 685 -8.90 -13.06 41.50
CA THR C 685 -8.64 -13.09 42.93
C THR C 685 -7.15 -13.27 43.25
N THR C 686 -6.41 -14.00 42.43
CA THR C 686 -4.99 -14.21 42.65
C THR C 686 -4.23 -13.75 41.42
N VAL C 687 -2.90 -13.73 41.55
CA VAL C 687 -2.05 -13.27 40.45
C VAL C 687 -2.14 -14.24 39.27
N GLU C 688 -2.16 -15.55 39.55
CA GLU C 688 -2.20 -16.54 38.48
C GLU C 688 -3.51 -16.48 37.71
N GLU C 689 -4.63 -16.36 38.44
CA GLU C 689 -5.93 -16.29 37.77
C GLU C 689 -6.06 -15.00 36.97
N SER C 690 -5.55 -13.89 37.50
CA SER C 690 -5.59 -12.64 36.75
C SER C 690 -4.80 -12.75 35.45
N PHE C 691 -3.60 -13.32 35.52
CA PHE C 691 -2.81 -13.53 34.31
C PHE C 691 -3.53 -14.43 33.32
N LYS C 692 -4.08 -15.54 33.81
CA LYS C 692 -4.78 -16.48 32.94
C LYS C 692 -5.96 -15.81 32.24
N THR C 693 -6.81 -15.14 33.01
CA THR C 693 -8.00 -14.51 32.47
C THR C 693 -7.66 -13.41 31.47
N LEU C 694 -6.69 -12.54 31.79
CA LEU C 694 -6.40 -11.45 30.87
C LEU C 694 -5.63 -11.94 29.65
N PHE C 695 -4.93 -13.07 29.75
CA PHE C 695 -4.32 -13.63 28.55
C PHE C 695 -5.38 -14.26 27.65
N TRP C 696 -6.31 -15.01 28.23
CA TRP C 696 -7.33 -15.66 27.42
C TRP C 696 -8.36 -14.67 26.90
N SER C 697 -8.43 -13.47 27.50
CA SER C 697 -9.31 -12.43 26.98
C SER C 697 -8.86 -11.94 25.61
N ILE C 698 -7.59 -12.14 25.25
CA ILE C 698 -7.12 -11.72 23.93
C ILE C 698 -7.84 -12.51 22.84
N PHE C 699 -8.01 -13.81 23.05
CA PHE C 699 -8.64 -14.69 22.07
C PHE C 699 -10.14 -14.87 22.34
N GLY C 700 -10.68 -14.19 23.34
CA GLY C 700 -12.11 -14.24 23.60
C GLY C 700 -12.57 -15.45 24.38
N LEU C 701 -11.67 -16.29 24.85
CA LEU C 701 -12.05 -17.52 25.55
C LEU C 701 -12.40 -17.29 27.02
N SER C 702 -12.24 -16.08 27.53
CA SER C 702 -12.57 -15.76 28.91
C SER C 702 -13.96 -15.13 28.97
N GLU C 703 -14.79 -15.64 29.87
CA GLU C 703 -16.16 -15.17 29.98
C GLU C 703 -16.20 -13.74 30.53
N VAL C 704 -17.26 -13.03 30.15
CA VAL C 704 -17.47 -11.66 30.62
C VAL C 704 -17.91 -11.61 32.07
N THR C 705 -18.39 -12.73 32.62
CA THR C 705 -18.84 -12.80 34.01
C THR C 705 -17.67 -12.92 34.99
N SER C 706 -16.45 -12.63 34.54
CA SER C 706 -15.28 -12.73 35.41
C SER C 706 -15.12 -11.52 36.33
N VAL C 707 -15.90 -10.46 36.12
CA VAL C 707 -15.75 -9.22 36.86
C VAL C 707 -17.01 -8.88 37.65
N VAL C 708 -17.85 -9.86 37.95
CA VAL C 708 -19.09 -9.65 38.68
C VAL C 708 -18.99 -10.40 40.00
N LEU C 709 -19.46 -9.78 41.08
CA LEU C 709 -19.33 -10.32 42.42
C LEU C 709 -20.66 -10.86 42.93
N LYS C 710 -20.59 -11.57 44.05
CA LYS C 710 -21.77 -12.00 44.77
C LYS C 710 -22.23 -11.01 45.83
N TYR C 711 -21.37 -10.08 46.22
CA TYR C 711 -21.72 -9.03 47.17
C TYR C 711 -22.26 -7.82 46.43
N ASP C 712 -23.00 -6.99 47.17
CA ASP C 712 -23.58 -5.78 46.59
C ASP C 712 -22.64 -4.59 46.69
N HIS C 713 -21.40 -4.79 46.23
CA HIS C 713 -20.41 -3.72 46.14
C HIS C 713 -20.33 -3.32 44.66
N LYS C 714 -21.27 -2.47 44.24
CA LYS C 714 -21.36 -2.14 42.83
C LYS C 714 -20.21 -1.26 42.36
N PHE C 715 -19.54 -0.57 43.29
CA PHE C 715 -18.42 0.28 42.89
C PHE C 715 -17.26 -0.56 42.35
N ILE C 716 -16.86 -1.59 43.09
CA ILE C 716 -15.76 -2.45 42.66
C ILE C 716 -16.14 -3.18 41.37
N GLU C 717 -17.37 -3.69 41.30
CA GLU C 717 -17.81 -4.41 40.11
C GLU C 717 -17.82 -3.51 38.88
N ASN C 718 -18.31 -2.28 39.03
CA ASN C 718 -18.38 -1.36 37.91
C ASN C 718 -16.99 -0.94 37.47
N ILE C 719 -16.08 -0.69 38.42
CA ILE C 719 -14.71 -0.35 38.06
C ILE C 719 -14.04 -1.52 37.37
N GLY C 720 -14.31 -2.74 37.81
CA GLY C 720 -13.78 -3.91 37.12
C GLY C 720 -14.30 -4.02 35.70
N TYR C 721 -15.60 -3.77 35.51
CA TYR C 721 -16.17 -3.77 34.16
C TYR C 721 -15.50 -2.73 33.27
N VAL C 722 -15.33 -1.52 33.81
CA VAL C 722 -14.72 -0.44 33.02
C VAL C 722 -13.28 -0.78 32.67
N LEU C 723 -12.53 -1.29 33.65
CA LEU C 723 -11.13 -1.63 33.40
C LEU C 723 -11.01 -2.78 32.40
N TYR C 724 -11.90 -3.77 32.48
CA TYR C 724 -11.89 -4.86 31.52
C TYR C 724 -12.21 -4.38 30.12
N GLY C 725 -13.20 -3.50 29.99
CA GLY C 725 -13.50 -2.92 28.69
C GLY C 725 -12.35 -2.11 28.12
N ILE C 726 -11.70 -1.31 28.97
CA ILE C 726 -10.56 -0.52 28.53
C ILE C 726 -9.41 -1.42 28.13
N TYR C 727 -9.20 -2.53 28.85
CA TYR C 727 -8.14 -3.47 28.49
C TYR C 727 -8.42 -4.12 27.14
N ASN C 728 -9.67 -4.52 26.91
CA ASN C 728 -10.01 -5.11 25.61
C ASN C 728 -9.84 -4.09 24.48
N VAL C 729 -10.25 -2.85 24.72
CA VAL C 729 -10.08 -1.80 23.72
C VAL C 729 -8.60 -1.57 23.44
N THR C 730 -7.76 -1.59 24.50
CA THR C 730 -6.33 -1.41 24.31
C THR C 730 -5.72 -2.56 23.53
N MET C 731 -6.15 -3.79 23.81
CA MET C 731 -5.67 -4.93 23.03
C MET C 731 -6.04 -4.78 21.57
N VAL C 732 -7.27 -4.36 21.28
CA VAL C 732 -7.69 -4.16 19.90
C VAL C 732 -6.85 -3.07 19.24
N VAL C 733 -6.64 -1.95 19.95
CA VAL C 733 -5.90 -0.83 19.38
C VAL C 733 -4.47 -1.23 19.08
N VAL C 734 -3.82 -1.94 20.01
CA VAL C 734 -2.44 -2.36 19.82
C VAL C 734 -2.35 -3.40 18.70
N LEU C 735 -3.34 -4.29 18.59
CA LEU C 735 -3.33 -5.27 17.52
C LEU C 735 -3.42 -4.61 16.15
N LEU C 736 -4.36 -3.66 15.99
CA LEU C 736 -4.46 -2.96 14.72
C LEU C 736 -3.23 -2.10 14.46
N ASN C 737 -2.66 -1.49 15.48
CA ASN C 737 -1.44 -0.71 15.30
C ASN C 737 -0.30 -1.60 14.82
N MET C 738 -0.14 -2.77 15.42
CA MET C 738 0.90 -3.71 15.00
C MET C 738 0.67 -4.16 13.57
N LEU C 739 -0.58 -4.51 13.23
CA LEU C 739 -0.90 -4.97 11.88
C LEU C 739 -0.58 -3.88 10.85
N ILE C 740 -0.99 -2.64 11.13
CA ILE C 740 -0.74 -1.55 10.20
C ILE C 740 0.76 -1.27 10.07
N ALA C 741 1.47 -1.24 11.20
CA ALA C 741 2.89 -0.92 11.16
C ALA C 741 3.69 -1.97 10.40
N MET C 742 3.36 -3.25 10.60
CA MET C 742 4.10 -4.32 9.93
C MET C 742 3.50 -4.67 8.57
N ILE C 743 2.45 -3.96 8.15
CA ILE C 743 2.12 -3.80 6.74
C ILE C 743 3.00 -2.73 6.10
N ASN C 744 3.12 -1.57 6.74
CA ASN C 744 3.94 -0.49 6.19
C ASN C 744 5.42 -0.88 6.19
N SER C 745 5.85 -1.65 7.18
CA SER C 745 7.24 -2.10 7.22
C SER C 745 7.59 -3.06 6.10
N SER C 746 6.57 -3.66 5.46
CA SER C 746 6.85 -4.57 4.35
C SER C 746 7.50 -3.85 3.18
N TYR C 747 7.03 -2.63 2.86
CA TYR C 747 7.63 -1.85 1.80
C TYR C 747 7.87 -0.42 2.25
N ASP C 752 12.23 -6.97 -6.66
CA ASP C 752 12.58 -8.36 -6.44
C ASP C 752 13.34 -8.53 -5.13
N ASP C 753 13.07 -7.65 -4.17
CA ASP C 753 13.75 -7.74 -2.88
C ASP C 753 13.39 -9.03 -2.15
N SER C 754 12.11 -9.41 -2.19
CA SER C 754 11.72 -10.70 -1.60
C SER C 754 12.38 -11.85 -2.34
N ASP C 755 12.46 -11.76 -3.67
CA ASP C 755 13.08 -12.82 -4.44
C ASP C 755 14.56 -12.98 -4.09
N VAL C 756 15.30 -11.87 -4.02
CA VAL C 756 16.72 -11.97 -3.70
C VAL C 756 16.92 -12.41 -2.26
N GLU C 757 16.05 -12.00 -1.34
CA GLU C 757 16.16 -12.46 0.04
C GLU C 757 15.95 -13.97 0.14
N TRP C 758 14.91 -14.48 -0.55
CA TRP C 758 14.67 -15.92 -0.53
C TRP C 758 15.81 -16.68 -1.17
N LYS C 759 16.35 -16.16 -2.28
CA LYS C 759 17.46 -16.83 -2.95
C LYS C 759 18.71 -16.81 -2.09
N PHE C 760 18.91 -15.73 -1.33
CA PHE C 760 20.04 -15.68 -0.39
C PHE C 760 19.89 -16.72 0.71
N ALA C 761 18.68 -16.85 1.26
CA ALA C 761 18.46 -17.87 2.29
C ALA C 761 18.68 -19.28 1.73
N ARG C 762 18.16 -19.53 0.52
CA ARG C 762 18.34 -20.84 -0.09
C ARG C 762 19.79 -21.11 -0.42
N SER C 763 20.54 -20.07 -0.79
CA SER C 763 21.96 -20.24 -1.05
C SER C 763 22.74 -20.54 0.22
N LYS C 764 22.35 -19.91 1.34
CA LYS C 764 22.95 -20.27 2.62
C LYS C 764 22.66 -21.73 2.95
N LEU C 765 21.42 -22.17 2.72
CA LEU C 765 21.08 -23.57 2.95
C LEU C 765 21.92 -24.49 2.06
N TRP C 766 22.10 -24.12 0.80
CA TRP C 766 22.92 -24.92 -0.12
C TRP C 766 24.36 -25.02 0.38
N LEU C 767 24.94 -23.87 0.74
CA LEU C 767 26.34 -23.86 1.18
C LEU C 767 26.52 -24.57 2.51
N SER C 768 25.44 -24.71 3.29
CA SER C 768 25.54 -25.47 4.53
C SER C 768 25.85 -26.94 4.30
N TYR C 769 25.60 -27.47 3.10
CA TYR C 769 25.78 -28.88 2.82
C TYR C 769 26.96 -29.17 1.90
N PHE C 770 27.63 -28.16 1.36
CA PHE C 770 28.72 -28.40 0.42
C PHE C 770 29.87 -29.15 1.10
N ASP C 771 30.32 -28.65 2.24
CA ASP C 771 31.40 -29.29 2.99
C ASP C 771 31.20 -29.09 4.49
N LYS C 774 29.73 -33.76 7.32
CA LYS C 774 28.29 -33.69 7.06
C LYS C 774 27.92 -34.55 5.84
N THR C 775 28.04 -35.87 6.00
CA THR C 775 27.70 -36.82 4.94
C THR C 775 26.58 -37.78 5.35
N LEU C 776 26.58 -38.22 6.60
CA LEU C 776 25.59 -39.15 7.12
C LEU C 776 24.61 -38.42 8.03
N PRO C 777 23.39 -38.93 8.19
CA PRO C 777 22.41 -38.29 9.06
C PRO C 777 22.85 -38.35 10.52
N PRO C 778 22.23 -37.58 11.40
CA PRO C 778 22.64 -37.55 12.81
C PRO C 778 22.66 -38.93 13.45
N PRO C 779 21.60 -39.74 13.34
CA PRO C 779 21.66 -41.06 14.01
C PRO C 779 22.73 -41.97 13.47
N PHE C 780 23.10 -41.83 12.19
CA PHE C 780 24.09 -42.69 11.57
C PHE C 780 25.49 -42.10 11.60
N SER C 781 25.68 -40.92 12.19
CA SER C 781 27.00 -40.32 12.27
C SER C 781 27.82 -40.81 13.45
N LEU C 782 27.19 -41.53 14.39
CA LEU C 782 27.93 -42.03 15.55
C LEU C 782 28.96 -43.06 15.14
N VAL C 783 28.62 -43.94 14.20
CA VAL C 783 29.56 -44.98 13.77
C VAL C 783 30.73 -44.33 13.05
N PRO C 784 31.98 -44.76 13.30
CA PRO C 784 33.14 -44.21 12.60
C PRO C 784 33.57 -45.07 11.41
N GLN C 844 53.65 -11.50 -17.06
CA GLN C 844 52.88 -12.68 -16.68
C GLN C 844 52.52 -12.67 -15.19
N PRO C 845 51.68 -11.72 -14.78
CA PRO C 845 51.36 -11.59 -13.35
C PRO C 845 50.70 -12.84 -12.78
N THR C 846 49.52 -13.19 -13.30
CA THR C 846 48.75 -14.36 -12.91
C THR C 846 47.55 -14.43 -13.84
N ARG C 847 47.06 -15.65 -14.07
CA ARG C 847 45.84 -15.82 -14.85
C ARG C 847 44.65 -15.16 -14.17
N TYR C 848 44.53 -15.33 -12.85
CA TYR C 848 43.43 -14.71 -12.12
C TYR C 848 43.56 -13.19 -12.13
N GLN C 849 44.79 -12.68 -12.01
CA GLN C 849 45.01 -11.24 -12.11
C GLN C 849 44.63 -10.74 -13.50
N GLN C 850 44.94 -11.51 -14.55
CA GLN C 850 44.53 -11.12 -15.89
C GLN C 850 43.01 -11.07 -16.01
N ILE C 851 42.33 -12.07 -15.46
CA ILE C 851 40.86 -12.09 -15.51
C ILE C 851 40.28 -10.88 -14.80
N MET C 852 40.80 -10.58 -13.60
CA MET C 852 40.29 -9.45 -12.85
C MET C 852 40.58 -8.13 -13.55
N LYS C 853 41.76 -8.01 -14.16
CA LYS C 853 42.09 -6.80 -14.90
C LYS C 853 41.15 -6.62 -16.08
N ARG C 854 40.85 -7.69 -16.81
CA ARG C 854 39.92 -7.61 -17.92
C ARG C 854 38.53 -7.20 -17.44
N LEU C 855 38.06 -7.80 -16.34
CA LEU C 855 36.73 -7.48 -15.82
C LEU C 855 36.65 -6.03 -15.38
N ILE C 856 37.69 -5.53 -14.72
CA ILE C 856 37.68 -4.15 -14.24
C ILE C 856 37.77 -3.18 -15.40
N LYS C 857 38.56 -3.51 -16.43
CA LYS C 857 38.61 -2.69 -17.63
C LYS C 857 37.24 -2.62 -18.29
N ARG C 858 36.56 -3.76 -18.38
CA ARG C 858 35.21 -3.78 -18.93
C ARG C 858 34.24 -2.95 -18.10
N TYR C 859 34.34 -3.03 -16.77
CA TYR C 859 33.46 -2.25 -15.91
C TYR C 859 33.71 -0.76 -16.07
N VAL C 860 34.98 -0.34 -16.16
CA VAL C 860 35.31 1.06 -16.34
C VAL C 860 34.75 1.56 -17.67
N LEU C 861 34.95 0.76 -18.74
CA LEU C 861 34.43 1.16 -20.04
C LEU C 861 32.92 1.26 -20.03
N LYS C 862 32.23 0.30 -19.42
CA LYS C 862 30.78 0.32 -19.37
C LYS C 862 30.28 1.52 -18.57
N ALA C 863 30.90 1.81 -17.44
CA ALA C 863 30.49 2.96 -16.63
C ALA C 863 30.70 4.26 -17.38
N GLN C 864 31.84 4.42 -18.05
CA GLN C 864 32.09 5.63 -18.82
C GLN C 864 31.10 5.76 -19.97
N VAL C 865 30.80 4.66 -20.67
CA VAL C 865 29.85 4.71 -21.77
C VAL C 865 28.46 5.11 -21.26
N ASP C 866 28.04 4.52 -20.14
CA ASP C 866 26.74 4.85 -19.58
C ASP C 866 26.67 6.31 -19.13
N LYS C 867 27.76 6.81 -18.53
CA LYS C 867 27.75 8.19 -18.03
C LYS C 867 27.74 9.18 -19.18
N GLU C 868 28.60 8.97 -20.18
CA GLU C 868 28.66 9.92 -21.29
C GLU C 868 27.43 9.83 -22.19
N ASN C 869 26.84 8.64 -22.32
CA ASN C 869 25.63 8.50 -23.13
C ASN C 869 24.47 9.27 -22.51
N ASP C 870 24.40 9.33 -21.18
CA ASP C 870 23.38 10.11 -20.50
C ASP C 870 23.69 11.60 -20.46
N GLU C 871 24.90 12.00 -20.86
CA GLU C 871 25.31 13.40 -20.89
C GLU C 871 25.90 13.74 -22.26
N VAL C 872 25.32 13.19 -23.32
CA VAL C 872 25.80 13.46 -24.67
C VAL C 872 25.60 14.93 -25.02
N ASN C 873 24.46 15.49 -24.65
CA ASN C 873 24.16 16.89 -24.92
C ASN C 873 25.02 17.82 -24.06
N THR D 107 14.93 1.98 -58.50
CA THR D 107 13.50 2.02 -58.78
C THR D 107 13.23 2.47 -60.21
N SER D 108 12.02 2.96 -60.45
CA SER D 108 11.62 3.46 -61.76
C SER D 108 11.96 4.94 -61.94
N LEU D 109 12.59 5.57 -60.96
CA LEU D 109 12.91 6.98 -61.01
C LEU D 109 14.04 7.25 -62.00
N THR D 110 14.04 8.47 -62.54
CA THR D 110 15.08 8.92 -63.45
C THR D 110 16.01 9.90 -62.74
N ALA D 111 17.03 10.36 -63.46
CA ALA D 111 18.05 11.21 -62.84
C ALA D 111 17.50 12.60 -62.55
N GLU D 112 16.80 13.21 -63.50
CA GLU D 112 16.34 14.59 -63.31
C GLU D 112 15.32 14.69 -62.19
N GLU D 113 14.36 13.76 -62.15
CA GLU D 113 13.36 13.80 -61.09
C GLU D 113 13.97 13.45 -59.73
N GLU D 114 14.97 12.58 -59.69
CA GLU D 114 15.66 12.32 -58.43
C GLU D 114 16.41 13.55 -57.95
N ARG D 115 17.04 14.29 -58.86
CA ARG D 115 17.68 15.54 -58.49
C ARG D 115 16.66 16.53 -57.95
N PHE D 116 15.51 16.63 -58.62
CA PHE D 116 14.41 17.44 -58.11
C PHE D 116 14.04 17.04 -56.69
N LEU D 117 13.84 15.74 -56.46
CA LEU D 117 13.38 15.26 -55.17
C LEU D 117 14.40 15.55 -54.07
N ASP D 118 15.68 15.30 -54.35
CA ASP D 118 16.69 15.53 -53.31
C ASP D 118 16.87 17.02 -53.05
N ALA D 119 16.81 17.86 -54.09
CA ALA D 119 16.90 19.30 -53.88
C ALA D 119 15.73 19.79 -53.04
N ALA D 120 14.52 19.31 -53.32
CA ALA D 120 13.36 19.74 -52.56
C ALA D 120 13.44 19.25 -51.11
N GLU D 121 13.88 18.01 -50.91
CA GLU D 121 13.97 17.46 -49.56
C GLU D 121 15.03 18.19 -48.74
N TYR D 122 16.16 18.51 -49.36
CA TYR D 122 17.27 19.18 -48.67
C TYR D 122 17.18 20.70 -48.78
N GLY D 123 16.09 21.23 -49.34
CA GLY D 123 15.89 22.66 -49.40
C GLY D 123 16.84 23.43 -50.28
N ASN D 124 17.10 22.93 -51.49
CA ASN D 124 17.90 23.68 -52.48
C ASN D 124 16.94 24.52 -53.33
N ILE D 125 16.68 25.73 -52.85
CA ILE D 125 15.70 26.60 -53.51
C ILE D 125 16.09 26.95 -54.95
N PRO D 126 17.31 27.42 -55.24
CA PRO D 126 17.63 27.73 -56.65
C PRO D 126 17.56 26.52 -57.56
N VAL D 127 17.94 25.33 -57.07
CA VAL D 127 17.88 24.13 -57.89
C VAL D 127 16.43 23.80 -58.25
N VAL D 128 15.53 23.89 -57.26
CA VAL D 128 14.13 23.64 -57.52
C VAL D 128 13.56 24.68 -58.49
N ARG D 129 13.94 25.95 -58.30
CA ARG D 129 13.45 27.00 -59.19
C ARG D 129 13.89 26.75 -60.62
N LYS D 130 15.15 26.34 -60.81
CA LYS D 130 15.61 26.00 -62.15
C LYS D 130 14.88 24.77 -62.69
N MET D 131 14.57 23.81 -61.81
CA MET D 131 13.89 22.61 -62.25
C MET D 131 12.48 22.91 -62.75
N LEU D 132 11.77 23.82 -62.10
CA LEU D 132 10.40 24.13 -62.46
C LEU D 132 10.27 25.22 -63.53
N GLU D 133 11.38 25.72 -64.06
CA GLU D 133 11.34 26.76 -65.08
C GLU D 133 11.83 26.18 -66.41
N GLU D 134 10.96 26.23 -67.42
CA GLU D 134 11.29 25.82 -68.79
C GLU D 134 11.82 24.38 -68.84
N SER D 135 11.11 23.47 -68.18
CA SER D 135 11.47 22.06 -68.17
C SER D 135 10.23 21.24 -68.50
N LYS D 136 10.20 20.66 -69.71
CA LYS D 136 9.08 19.82 -70.10
C LYS D 136 8.99 18.56 -69.25
N THR D 137 10.13 17.95 -68.95
CA THR D 137 10.17 16.74 -68.13
C THR D 137 10.14 17.13 -66.66
N LEU D 138 10.51 16.19 -65.78
CA LEU D 138 10.55 16.41 -64.34
C LEU D 138 9.16 16.80 -63.81
N ASN D 139 8.23 15.85 -63.95
CA ASN D 139 6.86 16.05 -63.50
C ASN D 139 6.83 16.40 -62.02
N VAL D 140 6.00 17.39 -61.67
CA VAL D 140 6.01 17.93 -60.32
C VAL D 140 5.58 16.89 -59.30
N ASN D 141 4.55 16.10 -59.62
CA ASN D 141 4.01 15.12 -58.68
C ASN D 141 4.58 13.73 -58.89
N CYS D 142 5.79 13.60 -59.42
CA CYS D 142 6.40 12.28 -59.56
C CYS D 142 6.72 11.71 -58.19
N VAL D 143 6.33 10.44 -57.98
CA VAL D 143 6.46 9.79 -56.69
C VAL D 143 7.11 8.42 -56.89
N ASP D 144 8.00 8.07 -55.98
CA ASP D 144 8.63 6.76 -56.00
C ASP D 144 7.60 5.67 -55.70
N TYR D 145 7.99 4.42 -55.93
CA TYR D 145 7.09 3.31 -55.66
C TYR D 145 6.74 3.22 -54.19
N MET D 146 7.73 3.42 -53.31
CA MET D 146 7.54 3.39 -51.86
C MET D 146 8.11 4.65 -51.22
N GLY D 147 8.03 5.77 -51.94
CA GLY D 147 8.54 7.02 -51.43
C GLY D 147 7.49 8.10 -51.32
N GLN D 148 7.88 9.27 -50.83
CA GLN D 148 6.97 10.39 -50.64
C GLN D 148 7.02 11.32 -51.85
N ASN D 149 5.96 12.10 -52.03
CA ASN D 149 5.94 13.11 -53.06
C ASN D 149 6.96 14.20 -52.74
N ALA D 150 7.37 14.94 -53.78
CA ALA D 150 8.31 16.03 -53.59
C ALA D 150 7.73 17.09 -52.65
N LEU D 151 6.44 17.40 -52.81
CA LEU D 151 5.80 18.36 -51.92
C LEU D 151 5.75 17.83 -50.50
N GLN D 152 5.49 16.53 -50.34
CA GLN D 152 5.51 15.94 -49.01
C GLN D 152 6.90 16.03 -48.38
N LEU D 153 7.95 15.81 -49.17
CA LEU D 153 9.31 15.94 -48.66
C LEU D 153 9.61 17.39 -48.26
N ALA D 154 9.14 18.35 -49.05
CA ALA D 154 9.35 19.76 -48.72
C ALA D 154 8.57 20.15 -47.47
N VAL D 155 7.42 19.52 -47.24
CA VAL D 155 6.63 19.82 -46.05
C VAL D 155 7.26 19.19 -44.81
N GLY D 156 7.80 17.97 -44.94
CA GLY D 156 8.33 17.28 -43.77
C GLY D 156 9.45 18.03 -43.09
N ASN D 157 10.37 18.57 -43.87
CA ASN D 157 11.43 19.43 -43.36
C ASN D 157 11.08 20.86 -43.74
N GLU D 158 10.93 21.71 -42.73
CA GLU D 158 10.33 23.03 -42.91
C GLU D 158 11.05 23.84 -43.97
N HIS D 159 10.36 24.08 -45.09
CA HIS D 159 10.87 24.93 -46.17
C HIS D 159 9.66 25.64 -46.78
N LEU D 160 9.39 26.87 -46.31
CA LEU D 160 8.25 27.62 -46.80
C LEU D 160 8.42 27.97 -48.28
N GLU D 161 9.61 28.41 -48.67
CA GLU D 161 9.83 28.84 -50.05
C GLU D 161 9.64 27.68 -51.02
N VAL D 162 10.22 26.52 -50.71
CA VAL D 162 10.11 25.36 -51.59
C VAL D 162 8.65 24.92 -51.70
N THR D 163 7.95 24.87 -50.57
CA THR D 163 6.55 24.45 -50.59
C THR D 163 5.70 25.40 -51.41
N GLU D 164 5.91 26.71 -51.26
CA GLU D 164 5.12 27.68 -52.01
C GLU D 164 5.45 27.61 -53.50
N LEU D 165 6.74 27.45 -53.84
CA LEU D 165 7.13 27.31 -55.23
C LEU D 165 6.50 26.08 -55.87
N LEU D 166 6.40 24.98 -55.11
CA LEU D 166 5.66 23.81 -55.59
C LEU D 166 4.18 24.13 -55.74
N LEU D 167 3.62 24.89 -54.79
CA LEU D 167 2.22 25.27 -54.86
C LEU D 167 1.92 26.19 -56.03
N LYS D 168 2.94 26.77 -56.67
CA LYS D 168 2.70 27.52 -57.90
C LYS D 168 1.99 26.67 -58.95
N LYS D 169 2.37 25.40 -59.08
CA LYS D 169 1.81 24.55 -60.12
C LYS D 169 0.36 24.20 -59.81
N GLU D 170 -0.49 24.29 -60.85
CA GLU D 170 -1.91 24.04 -60.66
C GLU D 170 -2.21 22.56 -60.49
N ASN D 171 -1.61 21.71 -61.31
CA ASN D 171 -1.86 20.26 -61.27
C ASN D 171 -0.81 19.64 -60.35
N LEU D 172 -1.23 19.27 -59.15
CA LEU D 172 -0.32 18.71 -58.15
C LEU D 172 -1.15 18.07 -57.04
N ALA D 173 -0.83 16.83 -56.71
CA ALA D 173 -1.63 16.02 -55.81
C ALA D 173 -0.98 15.88 -54.44
N ARG D 174 -1.65 15.12 -53.57
CA ARG D 174 -1.21 14.88 -52.20
C ARG D 174 -1.09 16.17 -51.40
N ILE D 175 -1.93 17.15 -51.72
CA ILE D 175 -1.94 18.40 -50.95
C ILE D 175 -2.55 18.17 -49.58
N GLY D 176 -3.63 17.39 -49.51
CA GLY D 176 -4.27 17.14 -48.24
C GLY D 176 -3.40 16.36 -47.27
N ASP D 177 -2.66 15.37 -47.79
CA ASP D 177 -1.75 14.62 -46.93
C ASP D 177 -0.66 15.51 -46.35
N ALA D 178 -0.11 16.41 -47.16
CA ALA D 178 0.89 17.34 -46.65
C ALA D 178 0.30 18.33 -45.66
N LEU D 179 -0.96 18.74 -45.88
CA LEU D 179 -1.62 19.59 -44.91
C LEU D 179 -1.76 18.87 -43.58
N LEU D 180 -2.14 17.59 -43.61
CA LEU D 180 -2.23 16.81 -42.38
C LEU D 180 -0.87 16.67 -41.73
N LEU D 181 0.18 16.45 -42.53
CA LEU D 181 1.53 16.32 -41.97
C LEU D 181 1.96 17.61 -41.30
N ALA D 182 1.72 18.75 -41.94
CA ALA D 182 2.08 20.04 -41.35
C ALA D 182 1.28 20.32 -40.09
N ILE D 183 0.00 19.95 -40.08
CA ILE D 183 -0.83 20.13 -38.89
C ILE D 183 -0.32 19.26 -37.75
N SER D 184 0.16 18.06 -38.06
CA SER D 184 0.70 17.17 -37.04
C SER D 184 1.92 17.78 -36.35
N LYS D 185 2.56 18.77 -36.96
CA LYS D 185 3.68 19.49 -36.38
C LYS D 185 3.32 20.96 -36.22
N GLY D 186 4.30 21.77 -35.86
CA GLY D 186 4.07 23.18 -35.60
C GLY D 186 4.24 24.08 -36.81
N TYR D 187 4.18 23.51 -38.00
CA TYR D 187 4.40 24.26 -39.23
C TYR D 187 3.21 25.16 -39.55
N VAL D 188 3.04 26.24 -38.79
CA VAL D 188 1.90 27.14 -38.99
C VAL D 188 2.01 27.85 -40.33
N ARG D 189 3.21 28.32 -40.68
CA ARG D 189 3.39 29.03 -41.94
C ARG D 189 3.12 28.12 -43.14
N ILE D 190 3.58 26.88 -43.07
CA ILE D 190 3.32 25.92 -44.15
C ILE D 190 1.83 25.62 -44.25
N VAL D 191 1.15 25.52 -43.11
CA VAL D 191 -0.31 25.32 -43.12
C VAL D 191 -1.00 26.49 -43.79
N GLU D 192 -0.58 27.72 -43.45
CA GLU D 192 -1.16 28.90 -44.06
C GLU D 192 -0.93 28.93 -45.57
N ALA D 193 0.29 28.56 -46.00
CA ALA D 193 0.59 28.54 -47.42
C ALA D 193 -0.27 27.52 -48.15
N ILE D 194 -0.41 26.32 -47.56
CA ILE D 194 -1.21 25.27 -48.19
C ILE D 194 -2.67 25.68 -48.29
N LEU D 195 -3.21 26.28 -47.22
CA LEU D 195 -4.61 26.69 -47.24
C LEU D 195 -4.85 27.79 -48.28
N ASN D 196 -3.81 28.52 -48.67
CA ASN D 196 -3.94 29.53 -49.71
C ASN D 196 -4.11 28.93 -51.10
N HIS D 197 -3.91 27.62 -51.25
CA HIS D 197 -4.09 27.00 -52.56
C HIS D 197 -5.55 27.11 -52.99
N PRO D 198 -5.81 27.36 -54.28
CA PRO D 198 -7.21 27.50 -54.73
C PRO D 198 -8.04 26.25 -54.56
N GLY D 199 -7.42 25.07 -54.40
CA GLY D 199 -8.18 23.85 -54.24
C GLY D 199 -9.06 23.87 -52.99
N PHE D 200 -8.50 24.28 -51.87
CA PHE D 200 -9.28 24.36 -50.64
C PHE D 200 -10.33 25.46 -50.70
N ALA D 201 -9.96 26.60 -51.31
CA ALA D 201 -10.87 27.74 -51.33
C ALA D 201 -12.14 27.46 -52.13
N ALA D 202 -12.00 26.77 -53.26
CA ALA D 202 -13.11 26.52 -54.17
C ALA D 202 -13.62 25.08 -54.10
N SER D 203 -13.56 24.46 -52.92
CA SER D 203 -14.07 23.10 -52.76
C SER D 203 -14.39 22.85 -51.31
N LYS D 204 -15.16 21.78 -51.08
CA LYS D 204 -15.54 21.35 -49.74
C LYS D 204 -14.53 20.39 -49.12
N ARG D 205 -13.28 20.40 -49.61
CA ARG D 205 -12.28 19.46 -49.13
C ARG D 205 -11.93 19.72 -47.67
N LEU D 206 -11.79 21.00 -47.30
CA LEU D 206 -11.32 21.33 -45.95
C LEU D 206 -12.34 20.94 -44.90
N THR D 207 -13.62 21.21 -45.14
CA THR D 207 -14.63 21.00 -44.11
C THR D 207 -14.97 19.52 -43.91
N LEU D 208 -15.06 18.76 -44.99
CA LEU D 208 -15.56 17.39 -44.93
C LEU D 208 -14.40 16.40 -44.86
N SER D 209 -14.67 15.25 -44.26
CA SER D 209 -13.66 14.22 -44.09
C SER D 209 -13.30 13.58 -45.43
N PRO D 210 -12.06 13.07 -45.56
CA PRO D 210 -11.67 12.45 -46.83
C PRO D 210 -12.52 11.24 -47.20
N CYS D 211 -13.07 10.54 -46.20
CA CYS D 211 -13.84 9.33 -46.49
C CYS D 211 -15.09 9.64 -47.30
N GLU D 212 -15.78 10.74 -46.97
CA GLU D 212 -17.06 11.05 -47.58
C GLU D 212 -17.07 12.40 -48.29
N GLN D 213 -15.90 12.99 -48.55
CA GLN D 213 -15.86 14.30 -49.22
C GLN D 213 -16.40 14.21 -50.64
N GLU D 214 -15.98 13.19 -51.38
CA GLU D 214 -16.37 13.02 -52.78
C GLU D 214 -16.07 11.58 -53.17
N LEU D 215 -16.11 11.32 -54.49
CA LEU D 215 -15.75 10.00 -55.01
C LEU D 215 -14.27 9.68 -54.82
N GLN D 216 -13.49 10.60 -54.24
CA GLN D 216 -12.07 10.41 -53.95
C GLN D 216 -11.31 9.76 -55.10
N ASP D 217 -11.64 10.18 -56.32
CA ASP D 217 -10.91 9.71 -57.49
C ASP D 217 -9.45 10.15 -57.44
N ASP D 218 -9.21 11.41 -57.05
CA ASP D 218 -7.85 11.92 -56.96
C ASP D 218 -7.20 11.52 -55.63
N ASP D 219 -5.88 11.46 -55.63
CA ASP D 219 -5.11 11.12 -54.44
C ASP D 219 -4.83 12.35 -53.59
N PHE D 220 -5.89 13.04 -53.17
CA PHE D 220 -5.72 14.29 -52.44
C PHE D 220 -5.19 14.04 -51.03
N TYR D 221 -5.77 13.09 -50.31
CA TYR D 221 -5.34 12.75 -48.96
C TYR D 221 -4.52 11.47 -48.91
N ALA D 222 -4.17 10.89 -50.07
CA ALA D 222 -3.54 9.59 -50.10
C ALA D 222 -2.12 9.64 -49.55
N TYR D 223 -1.72 8.57 -48.87
CA TYR D 223 -0.37 8.40 -48.37
C TYR D 223 0.47 7.72 -49.45
N ASP D 224 1.64 7.20 -49.09
CA ASP D 224 2.64 6.70 -50.03
C ASP D 224 2.03 5.86 -51.16
N GLU D 225 1.43 4.72 -50.83
CA GLU D 225 0.91 3.82 -51.87
C GLU D 225 -0.60 3.69 -51.81
N ASP D 226 -1.16 3.25 -50.69
CA ASP D 226 -2.58 2.93 -50.60
C ASP D 226 -3.32 3.72 -49.54
N GLY D 227 -2.84 3.70 -48.30
CA GLY D 227 -3.60 4.22 -47.19
C GLY D 227 -3.48 5.73 -47.03
N THR D 228 -3.77 6.18 -45.82
CA THR D 228 -3.70 7.59 -45.45
C THR D 228 -2.78 7.73 -44.24
N ARG D 229 -2.17 8.90 -44.11
CA ARG D 229 -1.25 9.15 -43.00
C ARG D 229 -1.94 8.93 -41.66
N PHE D 230 -3.20 9.35 -41.55
CA PHE D 230 -4.02 9.13 -40.37
C PHE D 230 -5.30 8.39 -40.78
N SER D 231 -6.23 8.27 -39.84
CA SER D 231 -7.47 7.56 -40.11
C SER D 231 -8.26 8.28 -41.21
N PRO D 232 -9.02 7.54 -42.02
CA PRO D 232 -9.78 8.19 -43.10
C PRO D 232 -10.85 9.15 -42.60
N ASP D 233 -11.26 9.04 -41.34
CA ASP D 233 -12.31 9.87 -40.78
C ASP D 233 -11.76 11.05 -39.97
N ILE D 234 -10.47 11.33 -40.08
CA ILE D 234 -9.85 12.45 -39.37
C ILE D 234 -9.74 13.61 -40.34
N THR D 235 -10.52 14.66 -40.07
CA THR D 235 -10.42 15.90 -40.83
C THR D 235 -9.20 16.69 -40.36
N PRO D 236 -8.75 17.66 -41.16
CA PRO D 236 -7.63 18.51 -40.69
C PRO D 236 -7.92 19.21 -39.37
N ILE D 237 -9.15 19.66 -39.15
CA ILE D 237 -9.47 20.34 -37.89
C ILE D 237 -9.45 19.35 -36.73
N ILE D 238 -9.91 18.12 -36.95
CA ILE D 238 -9.85 17.10 -35.90
C ILE D 238 -8.39 16.81 -35.54
N LEU D 239 -7.52 16.71 -36.55
CA LEU D 239 -6.11 16.47 -36.28
C LEU D 239 -5.49 17.65 -35.54
N ALA D 240 -5.85 18.88 -35.92
CA ALA D 240 -5.32 20.05 -35.23
C ALA D 240 -5.75 20.07 -33.78
N ALA D 241 -7.00 19.70 -33.50
CA ALA D 241 -7.43 19.55 -32.11
C ALA D 241 -6.66 18.44 -31.41
N HIS D 242 -6.39 17.35 -32.11
CA HIS D 242 -5.64 16.24 -31.52
C HIS D 242 -4.25 16.70 -31.08
N CYS D 243 -3.57 17.47 -31.91
CA CYS D 243 -2.24 17.97 -31.56
C CYS D 243 -2.29 19.21 -30.68
N GLN D 244 -3.49 19.74 -30.39
CA GLN D 244 -3.67 20.92 -29.53
C GLN D 244 -2.87 22.12 -30.05
N LYS D 245 -2.85 22.28 -31.38
CA LYS D 245 -2.18 23.40 -32.01
C LYS D 245 -3.17 24.56 -32.04
N TYR D 246 -3.02 25.49 -31.10
CA TYR D 246 -3.98 26.58 -30.97
C TYR D 246 -4.01 27.45 -32.23
N GLU D 247 -2.83 27.78 -32.77
CA GLU D 247 -2.77 28.62 -33.96
C GLU D 247 -3.40 27.92 -35.16
N VAL D 248 -3.06 26.65 -35.36
CA VAL D 248 -3.61 25.90 -36.49
C VAL D 248 -5.12 25.73 -36.33
N VAL D 249 -5.58 25.45 -35.12
CA VAL D 249 -7.02 25.32 -34.87
C VAL D 249 -7.73 26.64 -35.19
N HIS D 250 -7.14 27.76 -34.76
CA HIS D 250 -7.76 29.06 -35.02
C HIS D 250 -7.82 29.34 -36.52
N MET D 251 -6.74 29.06 -37.24
CA MET D 251 -6.76 29.29 -38.69
C MET D 251 -7.78 28.42 -39.39
N LEU D 252 -7.87 27.14 -38.99
CA LEU D 252 -8.84 26.25 -39.62
C LEU D 252 -10.27 26.67 -39.31
N LEU D 253 -10.51 27.14 -38.08
CA LEU D 253 -11.85 27.61 -37.73
C LEU D 253 -12.21 28.89 -38.48
N MET D 254 -11.23 29.76 -38.70
CA MET D 254 -11.49 30.99 -39.44
C MET D 254 -11.88 30.71 -40.89
N LYS D 255 -11.50 29.56 -41.44
CA LYS D 255 -11.83 29.19 -42.80
C LYS D 255 -13.19 28.50 -42.92
N GLY D 256 -13.87 28.26 -41.80
CA GLY D 256 -15.16 27.61 -41.83
C GLY D 256 -15.15 26.13 -41.56
N ALA D 257 -14.01 25.56 -41.16
CA ALA D 257 -13.91 24.14 -40.87
C ALA D 257 -14.11 23.91 -39.39
N ARG D 258 -15.12 23.12 -39.04
CA ARG D 258 -15.44 22.81 -37.65
C ARG D 258 -15.65 21.31 -37.50
N ILE D 259 -15.43 20.81 -36.28
CA ILE D 259 -15.63 19.41 -35.97
C ILE D 259 -17.14 19.18 -35.84
N GLU D 260 -17.71 18.46 -36.80
CA GLU D 260 -19.14 18.16 -36.73
C GLU D 260 -19.42 17.22 -35.57
N ARG D 261 -20.42 17.55 -34.77
CA ARG D 261 -20.72 16.77 -33.59
C ARG D 261 -21.26 15.39 -34.01
N PRO D 262 -20.69 14.30 -33.49
CA PRO D 262 -21.20 12.98 -33.82
C PRO D 262 -22.61 12.78 -33.28
N HIS D 263 -23.38 11.96 -33.99
CA HIS D 263 -24.76 11.71 -33.60
C HIS D 263 -24.81 10.91 -32.30
N ASP D 264 -26.02 10.78 -31.77
CA ASP D 264 -26.22 9.99 -30.56
C ASP D 264 -25.89 8.52 -30.83
N TYR D 265 -25.47 7.83 -29.77
CA TYR D 265 -25.08 6.43 -29.92
C TYR D 265 -26.25 5.57 -30.39
N PHE D 266 -27.48 5.96 -30.07
CA PHE D 266 -28.67 5.22 -30.47
C PHE D 266 -29.35 5.80 -31.69
N CYS D 267 -28.68 6.70 -32.42
CA CYS D 267 -29.27 7.30 -33.60
C CYS D 267 -29.53 6.23 -34.66
N LYS D 268 -30.69 6.34 -35.32
CA LYS D 268 -31.12 5.36 -36.31
C LYS D 268 -31.33 5.97 -37.69
N CYS D 269 -30.65 7.08 -37.99
CA CYS D 269 -30.81 7.71 -39.29
C CYS D 269 -30.17 6.86 -40.39
N GLY D 270 -30.40 7.26 -41.64
CA GLY D 270 -29.86 6.51 -42.75
C GLY D 270 -28.34 6.50 -42.77
N ASP D 271 -27.72 7.64 -42.44
CA ASP D 271 -26.27 7.73 -42.47
C ASP D 271 -25.65 6.86 -41.38
N CYS D 272 -26.15 7.00 -40.14
CA CYS D 272 -25.61 6.21 -39.04
C CYS D 272 -25.85 4.72 -39.26
N MET D 273 -27.03 4.35 -39.75
CA MET D 273 -27.30 2.94 -40.01
C MET D 273 -26.43 2.41 -41.14
N GLU D 274 -26.18 3.22 -42.16
CA GLU D 274 -25.30 2.80 -43.26
C GLU D 274 -23.89 2.57 -42.77
N LYS D 275 -23.38 3.44 -41.88
CA LYS D 275 -22.05 3.22 -41.33
C LYS D 275 -22.02 2.03 -40.38
N GLN D 276 -23.09 1.81 -39.61
CA GLN D 276 -23.09 0.72 -38.64
C GLN D 276 -23.28 -0.64 -39.32
N ARG D 277 -23.91 -0.68 -40.49
CA ARG D 277 -24.17 -1.96 -41.14
C ARG D 277 -22.88 -2.67 -41.51
N HIS D 278 -21.90 -1.94 -42.03
CA HIS D 278 -20.62 -2.51 -42.43
C HIS D 278 -19.49 -1.74 -41.77
N ASP D 279 -18.50 -2.48 -41.25
CA ASP D 279 -17.30 -1.91 -40.65
C ASP D 279 -17.67 -0.99 -39.48
N SER D 280 -18.27 -1.59 -38.44
CA SER D 280 -18.72 -0.82 -37.29
C SER D 280 -17.54 -0.37 -36.42
N PHE D 281 -16.43 -1.10 -36.47
CA PHE D 281 -15.26 -0.69 -35.69
C PHE D 281 -14.72 0.65 -36.18
N SER D 282 -14.70 0.86 -37.49
CA SER D 282 -14.27 2.16 -38.01
C SER D 282 -15.22 3.26 -37.57
N HIS D 283 -16.51 2.96 -37.50
CA HIS D 283 -17.49 3.94 -37.04
C HIS D 283 -17.23 4.32 -35.58
N SER D 284 -16.99 3.32 -34.72
CA SER D 284 -16.71 3.59 -33.32
C SER D 284 -15.41 4.38 -33.17
N ARG D 285 -14.38 4.01 -33.93
CA ARG D 285 -13.12 4.74 -33.86
C ARG D 285 -13.27 6.17 -34.34
N SER D 286 -14.09 6.39 -35.38
CA SER D 286 -14.34 7.74 -35.85
C SER D 286 -15.08 8.57 -34.82
N ARG D 287 -16.06 7.96 -34.14
CA ARG D 287 -16.76 8.67 -33.07
C ARG D 287 -15.79 9.04 -31.95
N ILE D 288 -14.92 8.12 -31.57
CA ILE D 288 -13.95 8.41 -30.51
C ILE D 288 -13.00 9.51 -30.94
N ASN D 289 -12.56 9.50 -32.19
CA ASN D 289 -11.66 10.54 -32.68
C ASN D 289 -12.36 11.90 -32.70
N ALA D 290 -13.63 11.93 -33.12
CA ALA D 290 -14.37 13.19 -33.12
C ALA D 290 -14.53 13.73 -31.70
N TYR D 291 -14.79 12.85 -30.74
CA TYR D 291 -14.93 13.30 -29.36
C TYR D 291 -13.58 13.76 -28.80
N LYS D 292 -12.49 13.08 -29.16
CA LYS D 292 -11.17 13.52 -28.73
C LYS D 292 -10.83 14.89 -29.30
N GLY D 293 -11.23 15.15 -30.55
CA GLY D 293 -11.08 16.49 -31.09
C GLY D 293 -11.93 17.51 -30.36
N LEU D 294 -13.18 17.14 -30.04
CA LEU D 294 -14.06 18.05 -29.31
C LEU D 294 -13.56 18.30 -27.90
N ALA D 295 -13.04 17.26 -27.23
CA ALA D 295 -12.60 17.37 -25.85
C ALA D 295 -11.22 18.01 -25.70
N SER D 296 -10.54 18.29 -26.81
CA SER D 296 -9.23 18.91 -26.73
C SER D 296 -9.36 20.33 -26.16
N PRO D 297 -8.44 20.74 -25.28
CA PRO D 297 -8.52 22.11 -24.74
C PRO D 297 -8.45 23.19 -25.80
N ALA D 298 -7.69 22.95 -26.87
CA ALA D 298 -7.57 23.95 -27.93
C ALA D 298 -8.90 24.21 -28.60
N TYR D 299 -9.58 23.15 -29.05
CA TYR D 299 -10.86 23.31 -29.71
C TYR D 299 -11.92 23.82 -28.74
N LEU D 300 -11.87 23.37 -27.49
CA LEU D 300 -12.82 23.87 -26.49
C LEU D 300 -12.67 25.37 -26.30
N SER D 301 -11.43 25.85 -26.21
CA SER D 301 -11.21 27.26 -25.93
C SER D 301 -11.50 28.14 -27.15
N LEU D 302 -11.16 27.66 -28.34
CA LEU D 302 -11.27 28.48 -29.54
C LEU D 302 -12.52 28.19 -30.36
N SER D 303 -13.41 27.33 -29.87
CA SER D 303 -14.54 26.89 -30.69
C SER D 303 -15.70 27.88 -30.65
N SER D 304 -16.28 28.10 -29.47
CA SER D 304 -17.50 28.87 -29.35
C SER D 304 -17.46 29.71 -28.09
N GLU D 305 -18.42 30.63 -27.99
CA GLU D 305 -18.52 31.52 -26.85
C GLU D 305 -18.86 30.75 -25.57
N ASP D 306 -18.33 31.25 -24.45
CA ASP D 306 -18.53 30.66 -23.13
C ASP D 306 -18.13 29.18 -23.14
N PRO D 307 -16.83 28.89 -23.26
CA PRO D 307 -16.41 27.49 -23.43
C PRO D 307 -16.51 26.63 -22.18
N VAL D 308 -16.67 27.22 -21.00
CA VAL D 308 -16.72 26.40 -19.79
C VAL D 308 -18.01 25.59 -19.75
N LEU D 309 -19.14 26.19 -20.14
CA LEU D 309 -20.38 25.44 -20.21
C LEU D 309 -20.30 24.35 -21.27
N THR D 310 -19.70 24.66 -22.42
CA THR D 310 -19.53 23.64 -23.46
C THR D 310 -18.69 22.48 -22.95
N ALA D 311 -17.61 22.78 -22.22
CA ALA D 311 -16.77 21.72 -21.67
C ALA D 311 -17.53 20.90 -20.64
N LEU D 312 -18.37 21.53 -19.82
CA LEU D 312 -19.12 20.79 -18.81
C LEU D 312 -20.14 19.86 -19.47
N GLU D 313 -20.89 20.36 -20.45
CA GLU D 313 -21.84 19.50 -21.14
C GLU D 313 -21.12 18.38 -21.91
N LEU D 314 -19.95 18.69 -22.47
CA LEU D 314 -19.18 17.65 -23.15
C LEU D 314 -18.68 16.60 -22.17
N SER D 315 -18.31 17.01 -20.96
CA SER D 315 -17.93 16.05 -19.94
C SER D 315 -19.11 15.14 -19.58
N ASN D 316 -20.31 15.73 -19.46
CA ASN D 316 -21.49 14.92 -19.23
C ASN D 316 -21.69 13.91 -20.35
N GLU D 317 -21.59 14.38 -21.60
CA GLU D 317 -21.82 13.50 -22.74
C GLU D 317 -20.79 12.38 -22.80
N LEU D 318 -19.53 12.70 -22.50
CA LEU D 318 -18.47 11.70 -22.53
C LEU D 318 -18.65 10.68 -21.42
N ALA D 319 -19.06 11.13 -20.22
CA ALA D 319 -19.33 10.17 -19.15
C ALA D 319 -20.49 9.26 -19.50
N LYS D 320 -21.56 9.82 -20.07
CA LYS D 320 -22.70 9.00 -20.46
C LYS D 320 -22.30 7.98 -21.52
N LEU D 321 -21.49 8.39 -22.49
CA LEU D 321 -21.06 7.45 -23.53
C LEU D 321 -20.08 6.43 -22.99
N ALA D 322 -19.28 6.79 -21.98
CA ALA D 322 -18.43 5.80 -21.32
C ALA D 322 -19.28 4.74 -20.64
N ASN D 323 -20.36 5.17 -19.98
CA ASN D 323 -21.26 4.20 -19.35
C ASN D 323 -21.95 3.33 -20.40
N ILE D 324 -22.38 3.94 -21.51
CA ILE D 324 -23.15 3.20 -22.52
C ILE D 324 -22.28 2.20 -23.27
N GLU D 325 -21.08 2.63 -23.69
CA GLU D 325 -20.24 1.80 -24.55
C GLU D 325 -19.75 0.56 -23.82
N LYS D 326 -19.03 0.75 -22.72
CA LYS D 326 -18.41 -0.29 -21.91
C LYS D 326 -17.29 -1.03 -22.63
N GLU D 327 -17.01 -0.69 -23.89
CA GLU D 327 -15.88 -1.24 -24.63
C GLU D 327 -14.69 -0.29 -24.61
N PHE D 328 -14.89 0.96 -25.02
CA PHE D 328 -13.87 2.00 -24.96
C PHE D 328 -14.09 2.92 -23.77
N LYS D 329 -14.51 2.35 -22.64
CA LYS D 329 -14.83 3.15 -21.47
C LYS D 329 -13.62 3.96 -21.01
N ASN D 330 -12.42 3.39 -21.12
CA ASN D 330 -11.22 4.12 -20.71
C ASN D 330 -11.02 5.38 -21.54
N ASP D 331 -11.22 5.29 -22.86
CA ASP D 331 -11.01 6.45 -23.72
C ASP D 331 -12.00 7.55 -23.41
N TYR D 332 -13.28 7.21 -23.28
CA TYR D 332 -14.29 8.22 -22.99
C TYR D 332 -14.10 8.82 -21.61
N ARG D 333 -13.70 8.00 -20.63
CA ARG D 333 -13.42 8.53 -19.31
C ARG D 333 -12.23 9.47 -19.34
N LYS D 334 -11.20 9.14 -20.12
CA LYS D 334 -10.06 10.04 -20.27
C LYS D 334 -10.46 11.36 -20.91
N LEU D 335 -11.34 11.31 -21.91
CA LEU D 335 -11.82 12.54 -22.52
C LEU D 335 -12.63 13.37 -21.53
N SER D 336 -13.47 12.72 -20.73
CA SER D 336 -14.21 13.45 -19.71
C SER D 336 -13.28 14.08 -18.68
N MET D 337 -12.23 13.37 -18.30
CA MET D 337 -11.23 13.95 -17.39
C MET D 337 -10.53 15.13 -18.04
N GLN D 338 -10.28 15.06 -19.35
CA GLN D 338 -9.70 16.20 -20.05
C GLN D 338 -10.63 17.41 -19.98
N CYS D 339 -11.92 17.20 -20.20
CA CYS D 339 -12.88 18.31 -20.11
C CYS D 339 -12.91 18.89 -18.70
N LYS D 340 -12.93 18.02 -17.68
CA LYS D 340 -12.93 18.50 -16.30
C LYS D 340 -11.65 19.28 -15.99
N ASP D 341 -10.51 18.80 -16.49
CA ASP D 341 -9.25 19.50 -16.27
C ASP D 341 -9.25 20.86 -16.96
N PHE D 342 -9.83 20.94 -18.16
CA PHE D 342 -9.95 22.24 -18.82
C PHE D 342 -10.80 23.20 -18.01
N VAL D 343 -11.92 22.71 -17.48
CA VAL D 343 -12.79 23.57 -16.66
C VAL D 343 -12.05 24.06 -15.43
N VAL D 344 -11.34 23.14 -14.76
CA VAL D 344 -10.60 23.51 -13.55
C VAL D 344 -9.50 24.50 -13.87
N GLY D 345 -8.79 24.30 -14.99
CA GLY D 345 -7.74 25.23 -15.38
C GLY D 345 -8.27 26.61 -15.71
N VAL D 346 -9.44 26.67 -16.37
CA VAL D 346 -10.05 27.96 -16.64
C VAL D 346 -10.43 28.65 -15.33
N LEU D 347 -10.97 27.89 -14.38
CA LEU D 347 -11.31 28.47 -13.08
C LEU D 347 -10.05 28.94 -12.34
N ASP D 348 -8.93 28.24 -12.55
CA ASP D 348 -7.74 28.48 -11.73
C ASP D 348 -7.15 29.87 -11.99
N LEU D 349 -7.26 30.37 -13.22
CA LEU D 349 -6.61 31.61 -13.59
C LEU D 349 -7.32 32.86 -13.08
N CYS D 350 -8.34 32.71 -12.24
CA CYS D 350 -9.01 33.87 -11.68
C CYS D 350 -8.05 34.68 -10.82
N ARG D 351 -8.21 36.00 -10.88
CA ARG D 351 -7.42 36.90 -10.05
C ARG D 351 -8.27 37.98 -9.37
N ASP D 352 -9.58 37.97 -9.59
CA ASP D 352 -10.48 38.93 -8.96
C ASP D 352 -11.81 38.24 -8.68
N SER D 353 -12.56 38.82 -7.74
CA SER D 353 -13.85 38.23 -7.39
C SER D 353 -14.83 38.29 -8.56
N GLU D 354 -14.68 39.31 -9.42
CA GLU D 354 -15.57 39.43 -10.58
C GLU D 354 -15.38 38.26 -11.54
N GLU D 355 -14.13 37.88 -11.81
CA GLU D 355 -13.87 36.74 -12.68
C GLU D 355 -14.36 35.44 -12.05
N VAL D 356 -14.17 35.28 -10.74
CA VAL D 356 -14.67 34.10 -10.06
C VAL D 356 -16.17 34.00 -10.20
N GLU D 357 -16.89 35.10 -9.97
CA GLU D 357 -18.34 35.09 -10.14
C GLU D 357 -18.73 34.80 -11.58
N ALA D 358 -18.02 35.39 -12.54
CA ALA D 358 -18.36 35.16 -13.94
C ALA D 358 -18.23 33.69 -14.32
N ILE D 359 -17.17 33.02 -13.85
CA ILE D 359 -17.06 31.60 -14.13
C ILE D 359 -18.12 30.81 -13.37
N LEU D 360 -18.39 31.19 -12.11
CA LEU D 360 -19.33 30.42 -11.30
C LEU D 360 -20.78 30.57 -11.75
N ASN D 361 -21.11 31.61 -12.52
CA ASN D 361 -22.43 31.67 -13.15
C ASN D 361 -22.43 32.64 -14.34
N GLY D 362 -23.22 32.33 -15.36
CA GLY D 362 -23.25 33.14 -16.56
C GLY D 362 -24.02 34.44 -16.39
N ASP D 363 -24.52 34.98 -17.50
CA ASP D 363 -25.26 36.24 -17.46
C ASP D 363 -26.64 36.05 -16.85
N SER D 378 -27.26 32.93 -7.44
CA SER D 378 -27.53 31.81 -8.33
C SER D 378 -26.23 31.22 -8.87
N LEU D 379 -25.73 30.19 -8.20
CA LEU D 379 -24.47 29.54 -8.59
C LEU D 379 -24.80 28.49 -9.66
N SER D 380 -25.16 28.99 -10.85
CA SER D 380 -25.64 28.10 -11.91
C SER D 380 -24.57 27.10 -12.32
N ARG D 381 -23.34 27.57 -12.52
CA ARG D 381 -22.28 26.67 -12.97
C ARG D 381 -21.86 25.71 -11.87
N VAL D 382 -21.87 26.15 -10.61
CA VAL D 382 -21.55 25.24 -9.51
C VAL D 382 -22.60 24.13 -9.41
N LYS D 383 -23.87 24.49 -9.53
CA LYS D 383 -24.94 23.48 -9.50
C LYS D 383 -24.82 22.53 -10.68
N LEU D 384 -24.53 23.07 -11.86
CA LEU D 384 -24.40 22.24 -13.05
C LEU D 384 -23.18 21.33 -13.00
N ALA D 385 -22.11 21.75 -12.32
CA ALA D 385 -20.95 20.89 -12.13
C ALA D 385 -21.21 19.84 -11.07
N ILE D 386 -21.97 20.18 -10.02
CA ILE D 386 -22.38 19.19 -9.04
C ILE D 386 -23.24 18.12 -9.69
N LYS D 387 -24.13 18.53 -10.61
CA LYS D 387 -24.94 17.57 -11.33
C LYS D 387 -24.10 16.64 -12.19
N TYR D 388 -22.95 17.11 -12.68
CA TYR D 388 -22.10 16.31 -13.55
C TYR D 388 -20.93 15.69 -12.81
N GLU D 389 -20.90 15.79 -11.48
CA GLU D 389 -19.84 15.18 -10.66
C GLU D 389 -18.45 15.69 -11.05
N VAL D 390 -18.34 17.00 -11.30
CA VAL D 390 -17.05 17.63 -11.57
C VAL D 390 -16.48 18.01 -10.21
N LYS D 391 -15.79 17.04 -9.58
CA LYS D 391 -15.36 17.21 -8.19
C LYS D 391 -14.32 18.33 -8.05
N LYS D 392 -13.36 18.39 -8.96
CA LYS D 392 -12.25 19.32 -8.81
C LYS D 392 -12.64 20.76 -9.08
N PHE D 393 -13.67 21.00 -9.89
CA PHE D 393 -14.13 22.37 -10.12
C PHE D 393 -14.85 22.94 -8.91
N VAL D 394 -15.61 22.10 -8.20
CA VAL D 394 -16.36 22.58 -7.04
C VAL D 394 -15.49 22.64 -5.79
N ALA D 395 -14.51 21.74 -5.66
CA ALA D 395 -13.62 21.72 -4.52
C ALA D 395 -12.45 22.69 -4.66
N HIS D 396 -12.35 23.40 -5.77
CA HIS D 396 -11.25 24.34 -5.96
C HIS D 396 -11.37 25.50 -4.97
N PRO D 397 -10.26 25.99 -4.44
CA PRO D 397 -10.33 27.10 -3.48
C PRO D 397 -10.98 28.36 -4.05
N ASN D 398 -10.84 28.61 -5.34
CA ASN D 398 -11.48 29.79 -5.94
C ASN D 398 -12.99 29.72 -5.84
N CYS D 399 -13.56 28.52 -5.82
CA CYS D 399 -15.00 28.35 -5.63
C CYS D 399 -15.36 28.22 -4.15
N GLN D 400 -14.48 27.61 -3.35
CA GLN D 400 -14.74 27.46 -1.93
C GLN D 400 -14.78 28.81 -1.22
N GLN D 401 -13.94 29.75 -1.67
CA GLN D 401 -13.96 31.09 -1.08
C GLN D 401 -15.30 31.78 -1.30
N GLN D 402 -15.93 31.56 -2.45
CA GLN D 402 -17.26 32.12 -2.70
C GLN D 402 -18.33 31.37 -1.92
N LEU D 403 -18.24 30.04 -1.89
CA LEU D 403 -19.24 29.24 -1.20
C LEU D 403 -19.23 29.52 0.30
N LEU D 404 -18.06 29.81 0.87
CA LEU D 404 -17.98 30.11 2.30
C LEU D 404 -18.53 31.50 2.59
N THR D 405 -18.26 32.47 1.72
CA THR D 405 -18.81 33.81 1.91
C THR D 405 -20.34 33.79 1.83
N ILE D 406 -20.89 33.01 0.89
CA ILE D 406 -22.33 32.89 0.80
C ILE D 406 -22.89 32.09 1.97
N TRP D 407 -22.17 31.03 2.37
CA TRP D 407 -22.63 30.18 3.46
C TRP D 407 -22.69 30.95 4.78
N TYR D 408 -21.66 31.72 5.08
CA TYR D 408 -21.64 32.58 6.26
C TYR D 408 -22.12 33.99 5.93
N GLU D 409 -23.29 34.09 5.32
CA GLU D 409 -23.85 35.37 4.92
C GLU D 409 -24.56 36.03 6.10
N ASN D 410 -24.35 37.35 6.22
CA ASN D 410 -25.01 38.18 7.23
C ASN D 410 -24.55 37.83 8.64
N LEU D 411 -23.61 36.89 8.77
CA LEU D 411 -22.92 36.66 10.05
C LEU D 411 -21.50 36.21 9.71
N SER D 412 -20.57 37.16 9.75
CA SER D 412 -19.19 36.89 9.36
C SER D 412 -18.29 36.60 10.55
N GLY D 413 -18.66 37.10 11.74
CA GLY D 413 -17.82 36.88 12.91
C GLY D 413 -17.77 35.43 13.35
N LEU D 414 -18.79 34.65 13.02
CA LEU D 414 -18.85 33.25 13.43
C LEU D 414 -17.91 32.36 12.63
N ARG D 415 -17.50 32.79 11.44
CA ARG D 415 -16.63 31.95 10.61
C ARG D 415 -15.30 31.68 11.29
N GLU D 416 -14.73 32.69 11.95
CA GLU D 416 -13.41 32.55 12.56
C GLU D 416 -13.44 31.89 13.93
N GLN D 417 -14.62 31.67 14.49
CA GLN D 417 -14.72 31.03 15.80
C GLN D 417 -14.39 29.55 15.71
N THR D 418 -14.03 28.97 16.85
CA THR D 418 -13.66 27.57 16.91
C THR D 418 -14.90 26.67 16.81
N ILE D 419 -14.65 25.36 16.73
CA ILE D 419 -15.73 24.39 16.65
C ILE D 419 -16.55 24.40 17.94
N ALA D 420 -15.90 24.63 19.08
CA ALA D 420 -16.62 24.68 20.35
C ALA D 420 -17.62 25.83 20.37
N ILE D 421 -17.24 26.99 19.84
CA ILE D 421 -18.15 28.13 19.78
C ILE D 421 -19.33 27.82 18.88
N LYS D 422 -19.08 27.14 17.76
CA LYS D 422 -20.16 26.77 16.85
C LYS D 422 -21.12 25.79 17.52
N CYS D 423 -20.59 24.83 18.25
CA CYS D 423 -21.45 23.90 18.99
C CYS D 423 -22.25 24.62 20.07
N LEU D 424 -21.63 25.61 20.73
CA LEU D 424 -22.36 26.42 21.70
C LEU D 424 -23.49 27.18 21.03
N VAL D 425 -23.26 27.70 19.81
CA VAL D 425 -24.31 28.38 19.07
C VAL D 425 -25.44 27.40 18.74
N VAL D 426 -25.09 26.18 18.34
CA VAL D 426 -26.10 25.17 18.05
C VAL D 426 -26.94 24.88 19.28
N LEU D 427 -26.28 24.74 20.44
CA LEU D 427 -27.02 24.49 21.68
C LEU D 427 -27.91 25.66 22.06
N VAL D 428 -27.42 26.88 21.85
CA VAL D 428 -28.22 28.07 22.16
C VAL D 428 -29.47 28.10 21.27
N VAL D 429 -29.30 27.79 19.98
CA VAL D 429 -30.44 27.75 19.09
C VAL D 429 -31.41 26.64 19.50
N ALA D 430 -30.88 25.48 19.90
CA ALA D 430 -31.74 24.38 20.32
C ALA D 430 -32.56 24.74 21.55
N LEU D 431 -31.94 25.41 22.52
CA LEU D 431 -32.66 25.80 23.73
C LEU D 431 -33.75 26.81 23.42
N GLY D 432 -33.47 27.77 22.54
CA GLY D 432 -34.43 28.82 22.24
C GLY D 432 -35.09 28.71 20.89
N LEU D 433 -35.13 27.51 20.32
CA LEU D 433 -35.75 27.31 19.01
C LEU D 433 -37.22 27.71 18.97
N PRO D 434 -38.07 27.28 19.90
CA PRO D 434 -39.47 27.75 19.86
C PRO D 434 -39.60 29.26 19.99
N PHE D 435 -38.75 29.89 20.80
CA PHE D 435 -38.84 31.33 20.98
C PHE D 435 -38.53 32.08 19.70
N LEU D 436 -37.43 31.72 19.04
CA LEU D 436 -37.09 32.36 17.77
C LEU D 436 -38.09 32.01 16.68
N ALA D 437 -38.66 30.80 16.71
CA ALA D 437 -39.70 30.46 15.74
C ALA D 437 -40.93 31.34 15.93
N ILE D 438 -41.33 31.57 17.19
CA ILE D 438 -42.46 32.45 17.47
C ILE D 438 -42.16 33.87 17.04
N GLY D 439 -40.94 34.34 17.31
CA GLY D 439 -40.55 35.68 16.91
C GLY D 439 -40.26 35.86 15.44
N TYR D 440 -40.20 34.77 14.68
CA TYR D 440 -39.96 34.84 13.24
C TYR D 440 -41.05 35.62 12.51
N TRP D 441 -42.23 35.80 13.13
CA TRP D 441 -43.27 36.58 12.49
C TRP D 441 -42.83 38.02 12.27
N ILE D 442 -42.12 38.60 13.25
CA ILE D 442 -41.57 39.95 13.11
C ILE D 442 -40.18 39.94 12.50
N ALA D 443 -39.60 38.76 12.28
CA ALA D 443 -38.23 38.67 11.78
C ALA D 443 -38.00 39.39 10.45
N PRO D 444 -38.89 39.31 9.44
CA PRO D 444 -38.62 40.04 8.19
C PRO D 444 -38.42 41.53 8.39
N CYS D 445 -39.13 42.13 9.34
CA CYS D 445 -38.93 43.53 9.68
C CYS D 445 -37.93 43.72 10.82
N SER D 446 -37.37 42.64 11.34
CA SER D 446 -36.43 42.70 12.46
C SER D 446 -35.00 42.47 11.97
N ARG D 447 -34.04 42.95 12.76
CA ARG D 447 -32.64 42.77 12.42
C ARG D 447 -32.22 41.31 12.47
N LEU D 448 -32.72 40.57 13.47
CA LEU D 448 -32.35 39.16 13.64
C LEU D 448 -32.94 38.26 12.57
N GLY D 449 -33.95 38.72 11.84
CA GLY D 449 -34.50 37.90 10.77
C GLY D 449 -33.48 37.64 9.67
N LYS D 450 -32.63 38.63 9.39
CA LYS D 450 -31.57 38.44 8.41
C LYS D 450 -30.61 37.35 8.85
N ILE D 451 -30.27 37.31 10.14
CA ILE D 451 -29.39 36.27 10.65
C ILE D 451 -30.06 34.90 10.56
N LEU D 452 -31.32 34.83 10.99
CA LEU D 452 -32.04 33.54 10.94
C LEU D 452 -32.32 33.08 9.52
N ARG D 453 -32.28 33.98 8.53
CA ARG D 453 -32.48 33.59 7.14
C ARG D 453 -31.18 33.27 6.42
N SER D 454 -30.05 33.32 7.12
CA SER D 454 -28.78 33.04 6.50
C SER D 454 -28.66 31.56 6.13
N PRO D 455 -27.86 31.23 5.12
CA PRO D 455 -27.70 29.81 4.73
C PRO D 455 -27.08 28.95 5.81
N PHE D 456 -26.40 29.52 6.80
CA PHE D 456 -25.80 28.73 7.87
C PHE D 456 -26.78 28.50 9.00
N MET D 457 -27.47 29.56 9.45
CA MET D 457 -28.44 29.40 10.53
C MET D 457 -29.59 28.48 10.13
N LYS D 458 -29.86 28.32 8.84
CA LYS D 458 -30.79 27.29 8.42
C LYS D 458 -30.27 25.90 8.77
N PHE D 459 -28.99 25.65 8.49
CA PHE D 459 -28.41 24.35 8.81
C PHE D 459 -28.34 24.13 10.32
N VAL D 460 -27.97 25.17 11.07
CA VAL D 460 -27.93 25.04 12.53
C VAL D 460 -29.33 24.80 13.08
N ALA D 461 -30.33 25.50 12.54
CA ALA D 461 -31.70 25.29 12.98
C ALA D 461 -32.16 23.87 12.70
N HIS D 462 -31.86 23.35 11.50
CA HIS D 462 -32.26 21.98 11.17
C HIS D 462 -31.53 20.96 12.03
N ALA D 463 -30.24 21.18 12.28
CA ALA D 463 -29.48 20.25 13.11
C ALA D 463 -29.98 20.24 14.55
N ALA D 464 -30.21 21.42 15.12
CA ALA D 464 -30.75 21.51 16.47
C ALA D 464 -32.16 20.93 16.53
N SER D 465 -32.93 21.10 15.46
CA SER D 465 -34.26 20.50 15.38
C SER D 465 -34.19 18.98 15.42
N PHE D 466 -33.31 18.39 14.63
CA PHE D 466 -33.19 16.93 14.61
C PHE D 466 -32.64 16.43 15.94
N ILE D 467 -31.75 17.20 16.57
CA ILE D 467 -31.25 16.83 17.89
C ILE D 467 -32.37 16.88 18.93
N ILE D 468 -33.24 17.87 18.85
CA ILE D 468 -34.41 17.93 19.74
C ILE D 468 -35.32 16.74 19.49
N PHE D 469 -35.47 16.32 18.22
CA PHE D 469 -36.29 15.16 17.93
C PHE D 469 -35.69 13.89 18.54
N LEU D 470 -34.37 13.73 18.44
CA LEU D 470 -33.70 12.60 19.08
C LEU D 470 -33.88 12.64 20.59
N GLY D 471 -33.77 13.83 21.17
CA GLY D 471 -34.00 13.97 22.60
C GLY D 471 -35.41 13.60 22.99
N LEU D 472 -36.38 13.94 22.15
CA LEU D 472 -37.77 13.55 22.40
C LEU D 472 -37.93 12.04 22.33
N LEU D 473 -37.29 11.40 21.35
CA LEU D 473 -37.35 9.95 21.25
C LEU D 473 -36.75 9.29 22.48
N VAL D 474 -35.63 9.81 22.97
CA VAL D 474 -34.99 9.24 24.15
C VAL D 474 -35.85 9.48 25.39
N PHE D 475 -36.38 10.70 25.53
CA PHE D 475 -37.18 11.04 26.71
C PHE D 475 -38.52 10.33 26.72
N ASN D 476 -39.01 9.90 25.56
CA ASN D 476 -40.23 9.10 25.51
C ASN D 476 -40.04 7.78 26.26
N ALA D 477 -38.86 7.19 26.16
CA ALA D 477 -38.55 5.95 26.85
C ALA D 477 -38.25 6.15 28.33
N SER D 478 -38.50 7.33 28.88
CA SER D 478 -38.25 7.58 30.30
C SER D 478 -39.19 6.73 31.15
N ASP D 479 -38.95 6.78 32.46
CA ASP D 479 -39.62 5.95 33.47
C ASP D 479 -39.33 4.48 33.30
N ARG D 480 -38.47 4.12 32.33
CA ARG D 480 -38.06 2.73 32.14
C ARG D 480 -36.56 2.60 32.04
N PHE D 481 -35.79 3.67 32.28
CA PHE D 481 -34.34 3.58 32.22
C PHE D 481 -33.79 2.59 33.23
N GLU D 482 -34.32 2.61 34.45
CA GLU D 482 -33.92 1.66 35.50
C GLU D 482 -34.75 0.39 35.47
N GLY D 483 -35.62 0.23 34.48
CA GLY D 483 -36.45 -0.94 34.36
C GLY D 483 -37.86 -0.69 34.85
N ILE D 484 -38.83 -1.38 34.24
CA ILE D 484 -40.21 -1.25 34.65
C ILE D 484 -40.37 -1.80 36.07
N THR D 485 -41.07 -1.04 36.91
CA THR D 485 -41.19 -1.42 38.32
C THR D 485 -42.10 -2.62 38.51
N THR D 486 -43.07 -2.81 37.61
CA THR D 486 -44.03 -3.89 37.73
C THR D 486 -43.68 -5.01 36.74
N LEU D 487 -43.88 -6.25 37.18
CA LEU D 487 -43.63 -7.39 36.32
C LEU D 487 -44.65 -7.42 35.18
N PRO D 488 -44.28 -8.00 34.04
CA PRO D 488 -45.24 -8.08 32.92
C PRO D 488 -46.53 -8.82 33.27
N ASN D 489 -46.46 -9.78 34.18
CA ASN D 489 -47.61 -10.59 34.58
C ASN D 489 -48.63 -9.82 35.41
N ILE D 490 -48.34 -8.63 35.90
CA ILE D 490 -49.22 -7.90 36.81
C ILE D 490 -49.71 -6.63 36.12
N THR D 491 -51.02 -6.37 36.22
CA THR D 491 -51.64 -5.21 35.61
C THR D 491 -51.85 -4.12 36.66
N VAL D 492 -51.65 -2.87 36.24
CA VAL D 492 -51.82 -1.71 37.10
C VAL D 492 -52.89 -0.81 36.48
N THR D 493 -53.89 -0.44 37.28
CA THR D 493 -54.99 0.40 36.84
C THR D 493 -55.07 1.63 37.73
N ASP D 494 -55.27 2.79 37.11
CA ASP D 494 -55.45 4.02 37.89
C ASP D 494 -56.71 3.95 38.75
N TYR D 495 -57.80 3.45 38.18
CA TYR D 495 -59.02 3.19 38.93
C TYR D 495 -59.54 1.81 38.56
N PRO D 496 -60.28 1.16 39.47
CA PRO D 496 -60.66 -0.24 39.23
C PRO D 496 -61.49 -0.46 37.97
N LYS D 497 -62.25 0.54 37.54
CA LYS D 497 -63.11 0.38 36.38
C LYS D 497 -62.39 0.61 35.06
N GLN D 498 -61.11 0.95 35.08
CA GLN D 498 -60.37 1.26 33.87
C GLN D 498 -59.81 0.00 33.23
N ILE D 499 -59.90 -0.07 31.91
CA ILE D 499 -59.29 -1.16 31.16
C ILE D 499 -57.78 -0.98 31.13
N PHE D 500 -57.05 -2.08 31.30
CA PHE D 500 -55.59 -2.00 31.33
C PHE D 500 -55.03 -1.54 29.98
N ARG D 501 -55.63 -2.00 28.88
CA ARG D 501 -55.17 -1.56 27.57
C ARG D 501 -55.38 -0.07 27.36
N VAL D 502 -56.39 0.52 28.02
CA VAL D 502 -56.53 1.96 27.99
C VAL D 502 -55.32 2.61 28.65
N LYS D 503 -54.85 2.05 29.76
CA LYS D 503 -53.68 2.59 30.45
C LYS D 503 -52.42 2.46 29.61
N THR D 504 -52.24 1.32 28.94
CA THR D 504 -50.98 1.07 28.25
C THR D 504 -50.95 1.61 26.82
N THR D 505 -52.11 1.86 26.20
CA THR D 505 -52.12 2.34 24.82
C THR D 505 -52.29 3.85 24.72
N GLN D 506 -52.73 4.50 25.79
CA GLN D 506 -53.02 5.92 25.72
C GLN D 506 -51.76 6.71 25.37
N PHE D 507 -51.94 7.73 24.52
CA PHE D 507 -50.82 8.54 24.05
C PHE D 507 -50.40 9.52 25.14
N THR D 508 -49.11 9.51 25.49
CA THR D 508 -48.58 10.56 26.34
C THR D 508 -48.30 11.81 25.51
N TRP D 509 -48.04 12.92 26.20
CA TRP D 509 -47.80 14.18 25.52
C TRP D 509 -46.54 14.11 24.66
N THR D 510 -45.51 13.42 25.14
CA THR D 510 -44.29 13.25 24.35
C THR D 510 -44.58 12.48 23.07
N GLU D 511 -45.39 11.42 23.16
CA GLU D 511 -45.73 10.66 21.96
C GLU D 511 -46.55 11.51 21.00
N MET D 512 -47.46 12.34 21.52
CA MET D 512 -48.23 13.22 20.65
C MET D 512 -47.32 14.24 19.95
N LEU D 513 -46.32 14.76 20.66
CA LEU D 513 -45.37 15.66 20.03
C LEU D 513 -44.52 14.96 18.98
N ILE D 514 -44.09 13.73 19.25
CA ILE D 514 -43.34 12.96 18.26
C ILE D 514 -44.19 12.69 17.03
N MET D 515 -45.50 12.48 17.23
CA MET D 515 -46.40 12.29 16.10
C MET D 515 -46.42 13.53 15.21
N VAL D 516 -46.55 14.71 15.81
CA VAL D 516 -46.52 15.95 15.03
C VAL D 516 -45.19 16.08 14.32
N TRP D 517 -44.10 15.69 15.00
CA TRP D 517 -42.76 15.79 14.43
C TRP D 517 -42.66 14.92 13.17
N VAL D 518 -43.12 13.68 13.26
CA VAL D 518 -43.03 12.73 12.15
C VAL D 518 -43.93 13.16 11.01
N LEU D 519 -45.13 13.67 11.32
CA LEU D 519 -46.01 14.17 10.26
C LEU D 519 -45.40 15.39 9.57
N GLY D 520 -44.69 16.24 10.31
CA GLY D 520 -44.01 17.36 9.67
C GLY D 520 -42.93 16.90 8.72
N MET D 521 -42.09 15.97 9.16
CA MET D 521 -41.06 15.44 8.27
C MET D 521 -41.67 14.73 7.07
N MET D 522 -42.76 13.99 7.29
CA MET D 522 -43.43 13.30 6.20
C MET D 522 -44.02 14.27 5.20
N TRP D 523 -44.60 15.37 5.68
CA TRP D 523 -45.12 16.40 4.79
C TRP D 523 -44.00 17.03 3.96
N SER D 524 -42.85 17.31 4.59
CA SER D 524 -41.73 17.85 3.85
C SER D 524 -41.27 16.89 2.75
N GLU D 525 -41.14 15.61 3.09
CA GLU D 525 -40.70 14.63 2.10
C GLU D 525 -41.75 14.42 1.01
N CYS D 526 -43.03 14.46 1.36
CA CYS D 526 -44.08 14.33 0.35
C CYS D 526 -44.06 15.51 -0.61
N LYS D 527 -43.86 16.72 -0.09
CA LYS D 527 -43.76 17.88 -0.96
C LYS D 527 -42.56 17.75 -1.89
N GLU D 528 -41.41 17.31 -1.35
CA GLU D 528 -40.23 17.14 -2.19
C GLU D 528 -40.47 16.08 -3.27
N LEU D 529 -41.09 14.96 -2.90
CA LEU D 529 -41.36 13.90 -3.86
C LEU D 529 -42.31 14.36 -4.95
N TRP D 530 -43.38 15.07 -4.57
CA TRP D 530 -44.33 15.54 -5.57
C TRP D 530 -43.71 16.58 -6.49
N LEU D 531 -42.81 17.42 -5.95
CA LEU D 531 -42.11 18.38 -6.80
C LEU D 531 -41.17 17.69 -7.77
N GLU D 532 -40.41 16.70 -7.31
CA GLU D 532 -39.41 16.06 -8.15
C GLU D 532 -39.97 14.98 -9.06
N GLY D 533 -40.48 13.88 -8.51
CA GLY D 533 -40.86 12.73 -9.30
C GLY D 533 -40.43 11.42 -8.66
N PRO D 534 -41.36 10.46 -8.61
CA PRO D 534 -41.07 9.21 -7.88
C PRO D 534 -39.87 8.44 -8.42
N ARG D 535 -39.66 8.44 -9.74
CA ARG D 535 -38.57 7.64 -10.31
C ARG D 535 -37.21 8.10 -9.79
N GLU D 536 -36.84 9.35 -10.07
CA GLU D 536 -35.53 9.82 -9.63
C GLU D 536 -35.51 10.08 -8.13
N TYR D 537 -36.68 10.17 -7.50
CA TYR D 537 -36.73 10.21 -6.04
C TYR D 537 -36.26 8.88 -5.45
N ILE D 538 -36.73 7.76 -6.01
CA ILE D 538 -36.27 6.45 -5.59
C ILE D 538 -34.84 6.18 -6.06
N LEU D 539 -34.40 6.87 -7.12
CA LEU D 539 -33.03 6.65 -7.61
C LEU D 539 -31.99 6.92 -6.52
N GLN D 540 -32.20 7.96 -5.72
CA GLN D 540 -31.30 8.19 -4.59
C GLN D 540 -31.53 7.12 -3.52
N LEU D 541 -30.44 6.52 -3.05
CA LEU D 541 -30.56 5.46 -2.06
C LEU D 541 -30.89 6.01 -0.68
N TRP D 542 -30.32 7.16 -0.32
CA TRP D 542 -30.48 7.67 1.03
C TRP D 542 -31.86 8.30 1.23
N ASN D 543 -32.41 8.92 0.18
CA ASN D 543 -33.77 9.42 0.25
C ASN D 543 -34.77 8.29 0.45
N VAL D 544 -34.53 7.14 -0.18
CA VAL D 544 -35.35 5.96 0.04
C VAL D 544 -35.29 5.53 1.50
N LEU D 545 -34.09 5.56 2.09
CA LEU D 545 -33.95 5.19 3.49
C LEU D 545 -34.72 6.15 4.39
N ASP D 546 -34.64 7.45 4.11
CA ASP D 546 -35.37 8.43 4.91
C ASP D 546 -36.88 8.22 4.79
N PHE D 547 -37.36 8.00 3.57
CA PHE D 547 -38.79 7.76 3.36
C PHE D 547 -39.24 6.50 4.07
N GLY D 548 -38.43 5.44 4.02
CA GLY D 548 -38.76 4.22 4.75
C GLY D 548 -38.78 4.43 6.25
N MET D 549 -37.85 5.23 6.77
CA MET D 549 -37.85 5.56 8.19
C MET D 549 -39.15 6.24 8.59
N LEU D 550 -39.57 7.26 7.85
CA LEU D 550 -40.82 7.93 8.18
C LEU D 550 -42.02 7.01 8.01
N SER D 551 -42.01 6.15 6.99
CA SER D 551 -43.10 5.21 6.81
C SER D 551 -43.19 4.22 7.97
N ILE D 552 -42.04 3.77 8.48
CA ILE D 552 -42.02 2.89 9.64
C ILE D 552 -42.55 3.60 10.87
N PHE D 553 -42.16 4.87 11.06
CA PHE D 553 -42.74 5.65 12.17
C PHE D 553 -44.25 5.73 12.05
N ILE D 554 -44.75 6.02 10.84
CA ILE D 554 -46.19 6.17 10.63
C ILE D 554 -46.90 4.85 10.89
N ALA D 555 -46.31 3.74 10.43
CA ALA D 555 -46.93 2.43 10.65
C ALA D 555 -46.97 2.09 12.14
N ALA D 556 -45.89 2.39 12.87
CA ALA D 556 -45.88 2.14 14.31
C ALA D 556 -46.95 2.96 15.02
N PHE D 557 -47.06 4.24 14.69
CA PHE D 557 -48.06 5.08 15.32
C PHE D 557 -49.47 4.69 14.91
N THR D 558 -49.66 4.21 13.69
CA THR D 558 -50.97 3.73 13.26
C THR D 558 -51.38 2.47 14.03
N ALA D 559 -50.44 1.55 14.23
CA ALA D 559 -50.73 0.37 15.04
C ALA D 559 -51.05 0.76 16.48
N ARG D 560 -50.29 1.71 17.02
CA ARG D 560 -50.58 2.20 18.37
C ARG D 560 -51.97 2.84 18.45
N PHE D 561 -52.33 3.61 17.42
CA PHE D 561 -53.64 4.26 17.41
C PHE D 561 -54.75 3.23 17.30
N LEU D 562 -54.53 2.16 16.53
CA LEU D 562 -55.51 1.07 16.45
C LEU D 562 -55.68 0.38 17.80
N ALA D 563 -54.55 0.13 18.49
CA ALA D 563 -54.64 -0.44 19.83
C ALA D 563 -55.39 0.48 20.79
N PHE D 564 -55.14 1.79 20.68
CA PHE D 564 -55.87 2.75 21.50
C PHE D 564 -57.36 2.72 21.20
N LEU D 565 -57.71 2.61 19.91
CA LEU D 565 -59.12 2.55 19.53
C LEU D 565 -59.80 1.31 20.11
N GLN D 566 -59.12 0.15 20.03
CA GLN D 566 -59.70 -1.05 20.62
C GLN D 566 -59.85 -0.91 22.14
N ALA D 567 -58.84 -0.35 22.79
CA ALA D 567 -58.89 -0.17 24.24
C ALA D 567 -60.03 0.77 24.62
N THR D 568 -60.20 1.86 23.88
CA THR D 568 -61.25 2.82 24.21
C THR D 568 -62.63 2.28 23.87
N LYS D 569 -62.73 1.40 22.87
CA LYS D 569 -64.00 0.71 22.63
C LYS D 569 -64.36 -0.18 23.81
N ALA D 570 -63.37 -0.90 24.34
CA ALA D 570 -63.61 -1.71 25.53
C ALA D 570 -64.00 -0.83 26.73
N GLN D 571 -63.34 0.32 26.85
CA GLN D 571 -63.66 1.25 27.94
C GLN D 571 -65.07 1.80 27.82
N GLN D 572 -65.52 2.14 26.60
CA GLN D 572 -66.89 2.54 26.41
C GLN D 572 -67.86 1.41 26.75
N TYR D 573 -67.53 0.18 26.34
CA TYR D 573 -68.42 -0.94 26.59
C TYR D 573 -68.58 -1.20 28.08
N VAL D 574 -67.49 -1.15 28.84
CA VAL D 574 -67.56 -1.55 30.25
C VAL D 574 -68.45 -0.60 31.03
N ASP D 575 -68.37 0.71 30.75
CA ASP D 575 -69.28 1.63 31.42
C ASP D 575 -70.65 1.69 30.76
N SER D 576 -70.78 1.15 29.55
CA SER D 576 -72.06 1.23 28.84
C SER D 576 -73.10 0.29 29.43
N TYR D 577 -72.73 -0.95 29.74
CA TYR D 577 -73.69 -1.98 30.12
C TYR D 577 -73.60 -2.37 31.59
N VAL D 578 -72.45 -2.81 32.06
CA VAL D 578 -72.33 -3.29 33.44
C VAL D 578 -72.11 -2.10 34.37
N GLN D 579 -72.86 -2.07 35.47
CA GLN D 579 -72.80 -0.99 36.46
C GLN D 579 -72.49 -1.61 37.82
N GLU D 580 -71.20 -1.75 38.12
CA GLU D 580 -70.76 -2.29 39.39
C GLU D 580 -69.63 -1.45 39.93
N SER D 581 -69.43 -1.52 41.25
CA SER D 581 -68.38 -0.74 41.90
C SER D 581 -66.99 -1.24 41.49
N ASP D 582 -66.86 -2.54 41.24
CA ASP D 582 -65.58 -3.13 40.89
C ASP D 582 -65.70 -3.91 39.59
N LEU D 583 -64.59 -3.97 38.85
CA LEU D 583 -64.55 -4.68 37.57
C LEU D 583 -64.08 -6.12 37.71
N SER D 584 -63.32 -6.43 38.76
CA SER D 584 -62.76 -7.77 38.91
C SER D 584 -63.86 -8.82 39.05
N GLU D 585 -64.89 -8.53 39.84
CA GLU D 585 -65.96 -9.51 40.07
C GLU D 585 -66.85 -9.72 38.86
N VAL D 586 -66.78 -8.86 37.85
CA VAL D 586 -67.64 -8.97 36.68
C VAL D 586 -67.05 -9.97 35.70
N THR D 587 -67.91 -10.84 35.17
CA THR D 587 -67.54 -11.80 34.14
C THR D 587 -67.79 -11.15 32.79
N LEU D 588 -66.81 -10.39 32.32
CA LEU D 588 -66.94 -9.68 31.06
C LEU D 588 -66.93 -10.66 29.90
N PRO D 589 -67.53 -10.29 28.76
CA PRO D 589 -67.44 -11.13 27.58
C PRO D 589 -66.00 -11.32 27.16
N PRO D 590 -65.65 -12.48 26.61
CA PRO D 590 -64.23 -12.76 26.34
C PRO D 590 -63.57 -11.75 25.42
N GLU D 591 -64.30 -11.21 24.44
CA GLU D 591 -63.72 -10.20 23.56
C GLU D 591 -63.31 -8.96 24.35
N ILE D 592 -64.19 -8.49 25.24
CA ILE D 592 -63.85 -7.35 26.09
C ILE D 592 -62.90 -7.78 27.21
N GLN D 593 -63.10 -8.99 27.75
CA GLN D 593 -62.27 -9.46 28.85
C GLN D 593 -60.81 -9.61 28.45
N TYR D 594 -60.52 -9.86 27.17
CA TYR D 594 -59.14 -9.94 26.72
C TYR D 594 -58.40 -8.64 26.99
N PHE D 595 -59.11 -7.51 26.94
CA PHE D 595 -58.48 -6.22 27.18
C PHE D 595 -58.12 -5.98 28.64
N THR D 596 -58.53 -6.85 29.56
CA THR D 596 -58.10 -6.77 30.95
C THR D 596 -56.95 -7.71 31.25
N TYR D 597 -56.16 -8.06 30.24
CA TYR D 597 -55.07 -9.02 30.38
C TYR D 597 -53.72 -8.32 30.36
N ALA D 598 -52.70 -9.03 30.83
CA ALA D 598 -51.35 -8.51 30.86
C ALA D 598 -50.60 -8.88 29.59
N ARG D 599 -49.28 -8.66 29.57
CA ARG D 599 -48.48 -8.96 28.39
C ARG D 599 -48.39 -10.46 28.13
N ASP D 600 -48.41 -11.27 29.19
CA ASP D 600 -48.27 -12.71 29.08
C ASP D 600 -49.37 -13.33 28.24
N LYS D 601 -50.55 -12.72 28.24
CA LYS D 601 -51.71 -13.27 27.54
C LYS D 601 -52.06 -12.49 26.26
N TRP D 602 -51.19 -11.60 25.80
CA TRP D 602 -51.43 -10.88 24.56
C TRP D 602 -51.23 -11.82 23.36
N LEU D 603 -51.99 -11.58 22.30
CA LEU D 603 -51.81 -12.32 21.07
C LEU D 603 -50.48 -11.94 20.42
N PRO D 604 -49.84 -12.88 19.73
CA PRO D 604 -48.56 -12.56 19.07
C PRO D 604 -48.70 -11.48 18.01
N SER D 605 -49.88 -11.32 17.41
CA SER D 605 -50.12 -10.31 16.39
C SER D 605 -50.94 -9.14 16.92
N ASP D 606 -50.76 -8.83 18.20
CA ASP D 606 -51.47 -7.70 18.78
C ASP D 606 -51.00 -6.40 18.12
N PRO D 607 -51.90 -5.43 17.92
CA PRO D 607 -51.46 -4.16 17.31
C PRO D 607 -50.40 -3.44 18.12
N GLN D 608 -50.43 -3.53 19.45
CA GLN D 608 -49.42 -2.85 20.25
C GLN D 608 -48.05 -3.48 20.07
N ILE D 609 -47.99 -4.81 19.90
CA ILE D 609 -46.71 -5.47 19.66
C ILE D 609 -46.12 -5.01 18.32
N ILE D 610 -46.96 -4.95 17.29
CA ILE D 610 -46.50 -4.43 16.00
C ILE D 610 -46.01 -3.00 16.14
N SER D 611 -46.76 -2.19 16.89
CA SER D 611 -46.38 -0.80 17.10
C SER D 611 -45.03 -0.68 17.79
N GLU D 612 -44.81 -1.46 18.84
CA GLU D 612 -43.55 -1.40 19.56
C GLU D 612 -42.38 -1.86 18.69
N GLY D 613 -42.57 -2.94 17.94
CA GLY D 613 -41.48 -3.39 17.08
C GLY D 613 -41.12 -2.38 16.01
N LEU D 614 -42.14 -1.84 15.33
CA LEU D 614 -41.88 -0.84 14.29
C LEU D 614 -41.31 0.43 14.88
N TYR D 615 -41.75 0.82 16.08
CA TYR D 615 -41.21 2.01 16.73
C TYR D 615 -39.76 1.81 17.11
N ALA D 616 -39.39 0.60 17.55
CA ALA D 616 -37.99 0.32 17.85
C ALA D 616 -37.14 0.38 16.58
N ILE D 617 -37.63 -0.18 15.48
CA ILE D 617 -36.90 -0.09 14.21
C ILE D 617 -36.76 1.37 13.80
N ALA D 618 -37.82 2.15 13.96
CA ALA D 618 -37.79 3.56 13.59
C ALA D 618 -36.79 4.33 14.45
N VAL D 619 -36.73 4.03 15.75
CA VAL D 619 -35.75 4.69 16.62
C VAL D 619 -34.33 4.32 16.21
N VAL D 620 -34.12 3.05 15.85
CA VAL D 620 -32.79 2.63 15.38
C VAL D 620 -32.41 3.40 14.13
N LEU D 621 -33.35 3.57 13.19
CA LEU D 621 -33.03 4.26 11.94
C LEU D 621 -33.00 5.78 12.11
N SER D 622 -33.57 6.30 13.20
CA SER D 622 -33.68 7.74 13.37
C SER D 622 -32.34 8.42 13.57
N PHE D 623 -31.37 7.72 14.14
CA PHE D 623 -30.04 8.30 14.38
C PHE D 623 -29.16 8.27 13.14
N SER D 624 -29.67 7.74 12.02
CA SER D 624 -28.93 7.74 10.77
C SER D 624 -28.98 9.08 10.05
N ARG D 625 -29.84 10.00 10.50
CA ARG D 625 -29.92 11.32 9.88
C ARG D 625 -28.70 12.17 10.19
N ILE D 626 -27.83 11.72 11.11
CA ILE D 626 -26.60 12.42 11.43
C ILE D 626 -25.66 12.48 10.22
N ALA D 627 -25.94 11.70 9.18
CA ALA D 627 -25.20 11.83 7.93
C ALA D 627 -25.54 13.10 7.18
N TYR D 628 -26.62 13.79 7.58
CA TYR D 628 -26.89 15.13 7.06
C TYR D 628 -26.12 16.22 7.81
N ILE D 629 -25.56 15.91 8.97
CA ILE D 629 -24.86 16.88 9.79
C ILE D 629 -23.36 16.71 9.71
N LEU D 630 -22.90 15.46 9.60
CA LEU D 630 -21.46 15.21 9.55
C LEU D 630 -20.72 15.91 8.41
N PRO D 631 -21.23 15.95 7.17
CA PRO D 631 -20.41 16.54 6.08
C PRO D 631 -20.02 17.98 6.32
N ALA D 632 -20.83 18.76 7.03
CA ALA D 632 -20.48 20.14 7.31
C ALA D 632 -19.23 20.23 8.19
N ASN D 633 -19.02 19.26 9.06
CA ASN D 633 -17.83 19.25 9.90
C ASN D 633 -16.59 18.89 9.06
N GLU D 634 -15.44 19.34 9.53
CA GLU D 634 -14.18 19.13 8.83
C GLU D 634 -13.48 17.84 9.25
N SER D 635 -13.55 17.47 10.53
CA SER D 635 -12.87 16.26 10.98
C SER D 635 -13.61 15.00 10.55
N PHE D 636 -14.94 15.01 10.64
CA PHE D 636 -15.75 13.83 10.36
C PHE D 636 -16.26 13.77 8.92
N GLY D 637 -15.91 14.74 8.08
CA GLY D 637 -16.28 14.71 6.70
C GLY D 637 -15.66 13.55 5.94
N PRO D 638 -14.32 13.55 5.86
CA PRO D 638 -13.64 12.40 5.23
C PRO D 638 -13.93 11.08 5.93
N LEU D 639 -14.22 11.11 7.23
CA LEU D 639 -14.66 9.91 7.93
C LEU D 639 -15.92 9.34 7.28
N GLN D 640 -16.95 10.17 7.12
CA GLN D 640 -18.19 9.70 6.52
C GLN D 640 -17.98 9.33 5.06
N ILE D 641 -17.11 10.05 4.36
CA ILE D 641 -16.83 9.72 2.96
C ILE D 641 -16.23 8.33 2.84
N SER D 642 -15.24 8.03 3.70
CA SER D 642 -14.62 6.71 3.70
C SER D 642 -15.62 5.64 4.08
N LEU D 643 -16.47 5.92 5.08
CA LEU D 643 -17.48 4.94 5.47
C LEU D 643 -18.46 4.67 4.34
N GLY D 644 -18.88 5.71 3.62
CA GLY D 644 -19.76 5.51 2.49
C GLY D 644 -19.11 4.72 1.37
N ARG D 645 -17.83 5.00 1.10
CA ARG D 645 -17.12 4.23 0.08
C ARG D 645 -17.02 2.76 0.47
N THR D 646 -16.69 2.49 1.73
CA THR D 646 -16.61 1.10 2.19
C THR D 646 -17.97 0.42 2.11
N VAL D 647 -19.04 1.11 2.51
CA VAL D 647 -20.37 0.51 2.46
C VAL D 647 -20.75 0.20 1.02
N LYS D 648 -20.44 1.11 0.10
CA LYS D 648 -20.71 0.86 -1.32
C LYS D 648 -19.92 -0.34 -1.82
N ASP D 649 -18.67 -0.48 -1.35
CA ASP D 649 -17.86 -1.63 -1.77
C ASP D 649 -18.37 -2.93 -1.15
N ILE D 650 -19.05 -2.84 0.00
CA ILE D 650 -19.49 -4.05 0.69
C ILE D 650 -20.47 -4.87 -0.16
N PHE D 651 -21.44 -4.21 -0.81
CA PHE D 651 -22.56 -4.94 -1.40
C PHE D 651 -22.11 -5.94 -2.45
N LYS D 652 -21.08 -5.61 -3.23
CA LYS D 652 -20.60 -6.53 -4.25
C LYS D 652 -20.10 -7.83 -3.63
N PHE D 653 -19.33 -7.75 -2.55
CA PHE D 653 -18.87 -8.93 -1.83
C PHE D 653 -20.02 -9.58 -1.05
N MET D 654 -20.99 -8.79 -0.62
CA MET D 654 -22.07 -9.29 0.22
C MET D 654 -23.04 -10.13 -0.61
N VAL D 655 -23.13 -9.86 -1.91
CA VAL D 655 -23.86 -10.76 -2.80
C VAL D 655 -23.25 -12.16 -2.80
N LEU D 656 -21.91 -12.24 -2.88
CA LEU D 656 -21.24 -13.52 -2.83
C LEU D 656 -21.35 -14.14 -1.44
N PHE D 657 -21.36 -13.30 -0.40
CA PHE D 657 -21.69 -13.78 0.94
C PHE D 657 -23.04 -14.47 0.95
N ILE D 658 -24.05 -13.85 0.33
CA ILE D 658 -25.37 -14.47 0.26
C ILE D 658 -25.29 -15.80 -0.48
N MET D 659 -24.56 -15.83 -1.59
CA MET D 659 -24.48 -17.06 -2.38
C MET D 659 -23.89 -18.21 -1.56
N VAL D 660 -22.72 -17.99 -0.97
CA VAL D 660 -22.05 -19.06 -0.22
C VAL D 660 -22.85 -19.42 1.03
N PHE D 661 -23.38 -18.41 1.72
CA PHE D 661 -24.16 -18.64 2.93
C PHE D 661 -25.40 -19.46 2.63
N PHE D 662 -26.11 -19.13 1.56
CA PHE D 662 -27.28 -19.91 1.16
C PHE D 662 -26.90 -21.32 0.72
N ALA D 663 -25.76 -21.48 0.03
CA ALA D 663 -25.30 -22.81 -0.33
C ALA D 663 -25.14 -23.68 0.90
N PHE D 664 -24.35 -23.22 1.88
CA PHE D 664 -24.13 -24.00 3.08
C PHE D 664 -25.40 -24.13 3.93
N MET D 665 -26.24 -23.10 3.94
CA MET D 665 -27.49 -23.15 4.70
C MET D 665 -28.41 -24.23 4.18
N ILE D 666 -28.65 -24.27 2.88
CA ILE D 666 -29.45 -25.34 2.30
C ILE D 666 -28.79 -26.71 2.44
N GLY D 667 -27.47 -26.79 2.25
CA GLY D 667 -26.80 -28.07 2.40
C GLY D 667 -26.93 -28.66 3.78
N MET D 668 -26.73 -27.83 4.82
CA MET D 668 -26.83 -28.32 6.18
C MET D 668 -28.28 -28.56 6.60
N PHE D 669 -29.20 -27.73 6.11
CA PHE D 669 -30.61 -27.98 6.40
C PHE D 669 -31.06 -29.31 5.84
N ILE D 670 -30.65 -29.63 4.61
CA ILE D 670 -31.00 -30.93 4.03
C ILE D 670 -30.40 -32.06 4.84
N LEU D 671 -29.18 -31.88 5.34
CA LEU D 671 -28.52 -32.92 6.12
C LEU D 671 -29.23 -33.16 7.44
N TYR D 672 -29.59 -32.10 8.15
CA TYR D 672 -30.09 -32.22 9.52
C TYR D 672 -31.60 -32.08 9.66
N SER D 673 -32.34 -31.99 8.55
CA SER D 673 -33.78 -31.79 8.66
C SER D 673 -34.49 -33.00 9.26
N TYR D 674 -33.88 -34.17 9.21
CA TYR D 674 -34.52 -35.40 9.69
C TYR D 674 -34.24 -35.68 11.16
N TYR D 675 -33.53 -34.79 11.85
CA TYR D 675 -33.18 -35.00 13.24
C TYR D 675 -33.73 -33.89 14.13
N LEU D 676 -35.01 -33.56 13.96
CA LEU D 676 -35.60 -32.47 14.73
C LEU D 676 -35.48 -32.71 16.23
N GLY D 677 -35.85 -33.90 16.69
CA GLY D 677 -35.75 -34.21 18.10
C GLY D 677 -34.48 -34.95 18.46
N ALA D 678 -33.77 -35.45 17.46
CA ALA D 678 -32.55 -36.22 17.71
C ALA D 678 -31.38 -35.32 18.07
N LYS D 679 -31.29 -34.13 17.47
CA LYS D 679 -30.17 -33.25 17.74
C LYS D 679 -30.24 -32.71 19.16
N VAL D 680 -29.08 -32.62 19.82
CA VAL D 680 -29.04 -32.11 21.18
C VAL D 680 -29.42 -30.64 21.21
N ASN D 681 -29.00 -29.88 20.21
CA ASN D 681 -29.35 -28.47 20.07
C ASN D 681 -29.90 -28.28 18.66
N ALA D 682 -31.20 -27.96 18.56
CA ALA D 682 -31.83 -27.83 17.26
C ALA D 682 -31.33 -26.56 16.57
N ALA D 683 -30.29 -26.68 15.78
CA ALA D 683 -29.65 -25.55 15.12
C ALA D 683 -29.66 -25.65 13.61
N PHE D 684 -29.89 -26.83 13.06
CA PHE D 684 -30.02 -27.01 11.62
C PHE D 684 -31.26 -27.80 11.23
N THR D 685 -32.11 -28.15 12.20
CA THR D 685 -33.26 -29.00 11.92
C THR D 685 -34.26 -28.35 10.98
N THR D 686 -34.42 -27.02 11.05
CA THR D 686 -35.34 -26.33 10.17
C THR D 686 -34.59 -25.25 9.40
N VAL D 687 -35.28 -24.64 8.44
CA VAL D 687 -34.67 -23.60 7.62
C VAL D 687 -34.31 -22.38 8.45
N GLU D 688 -35.20 -22.00 9.37
CA GLU D 688 -34.97 -20.80 10.18
C GLU D 688 -33.79 -20.99 11.12
N GLU D 689 -33.72 -22.17 11.77
CA GLU D 689 -32.61 -22.42 12.69
C GLU D 689 -31.29 -22.52 11.93
N SER D 690 -31.29 -23.13 10.75
CA SER D 690 -30.07 -23.20 9.95
C SER D 690 -29.59 -21.80 9.58
N PHE D 691 -30.51 -20.93 9.13
CA PHE D 691 -30.13 -19.57 8.81
C PHE D 691 -29.58 -18.85 10.03
N LYS D 692 -30.27 -18.98 11.17
CA LYS D 692 -29.85 -18.31 12.40
C LYS D 692 -28.45 -18.75 12.81
N THR D 693 -28.23 -20.07 12.87
CA THR D 693 -26.95 -20.61 13.30
C THR D 693 -25.82 -20.23 12.36
N LEU D 694 -26.02 -20.34 11.05
CA LEU D 694 -24.93 -20.02 10.14
C LEU D 694 -24.68 -18.52 10.05
N PHE D 695 -25.69 -17.69 10.34
CA PHE D 695 -25.44 -16.26 10.41
C PHE D 695 -24.65 -15.90 11.67
N TRP D 696 -25.04 -16.48 12.81
CA TRP D 696 -24.34 -16.17 14.05
C TRP D 696 -22.96 -16.81 14.11
N SER D 697 -22.71 -17.80 13.26
CA SER D 697 -21.37 -18.39 13.19
C SER D 697 -20.34 -17.41 12.64
N ILE D 698 -20.79 -16.38 11.91
CA ILE D 698 -19.86 -15.38 11.40
C ILE D 698 -19.18 -14.65 12.54
N PHE D 699 -19.94 -14.27 13.56
CA PHE D 699 -19.44 -13.54 14.71
C PHE D 699 -19.03 -14.45 15.86
N GLY D 700 -19.13 -15.76 15.69
CA GLY D 700 -18.69 -16.69 16.70
C GLY D 700 -19.66 -16.93 17.83
N LEU D 701 -20.88 -16.38 17.74
CA LEU D 701 -21.85 -16.52 18.83
C LEU D 701 -22.58 -17.86 18.80
N SER D 702 -22.37 -18.69 17.78
CA SER D 702 -23.02 -19.98 17.68
C SER D 702 -22.09 -21.07 18.21
N GLU D 703 -22.60 -21.93 19.08
CA GLU D 703 -21.79 -22.96 19.70
C GLU D 703 -21.38 -24.02 18.68
N VAL D 704 -20.23 -24.65 18.95
CA VAL D 704 -19.74 -25.72 18.10
C VAL D 704 -20.53 -27.01 18.26
N THR D 705 -21.30 -27.14 19.34
CA THR D 705 -22.11 -28.32 19.60
C THR D 705 -23.40 -28.34 18.78
N SER D 706 -23.50 -27.50 17.75
CA SER D 706 -24.70 -27.44 16.93
C SER D 706 -24.76 -28.55 15.89
N VAL D 707 -23.68 -29.31 15.71
CA VAL D 707 -23.61 -30.32 14.66
C VAL D 707 -23.39 -31.72 15.25
N VAL D 708 -23.74 -31.93 16.51
CA VAL D 708 -23.57 -33.21 17.17
C VAL D 708 -24.96 -33.74 17.54
N LEU D 709 -25.16 -35.05 17.34
CA LEU D 709 -26.46 -35.68 17.51
C LEU D 709 -26.49 -36.50 18.80
N LYS D 710 -27.70 -36.94 19.15
CA LYS D 710 -27.89 -37.88 20.25
C LYS D 710 -27.89 -39.34 19.78
N TYR D 711 -28.05 -39.58 18.48
CA TYR D 711 -28.00 -40.91 17.91
C TYR D 711 -26.56 -41.24 17.50
N ASP D 712 -26.29 -42.53 17.38
CA ASP D 712 -24.96 -43.00 16.98
C ASP D 712 -24.83 -43.10 15.47
N HIS D 713 -25.19 -42.02 14.77
CA HIS D 713 -25.01 -41.91 13.32
C HIS D 713 -23.79 -41.00 13.11
N LYS D 714 -22.60 -41.60 13.19
CA LYS D 714 -21.38 -40.81 13.14
C LYS D 714 -21.11 -40.26 11.74
N PHE D 715 -21.70 -40.86 10.71
CA PHE D 715 -21.49 -40.37 9.35
C PHE D 715 -22.09 -38.99 9.17
N ILE D 716 -23.36 -38.82 9.56
CA ILE D 716 -24.02 -37.53 9.44
C ILE D 716 -23.33 -36.48 10.31
N GLU D 717 -22.99 -36.87 11.55
CA GLU D 717 -22.35 -35.93 12.46
C GLU D 717 -20.99 -35.48 11.92
N ASN D 718 -20.20 -36.42 11.39
CA ASN D 718 -18.88 -36.08 10.88
C ASN D 718 -18.98 -35.21 9.64
N ILE D 719 -19.95 -35.51 8.75
CA ILE D 719 -20.14 -34.67 7.58
C ILE D 719 -20.60 -33.28 7.98
N GLY D 720 -21.45 -33.18 9.00
CA GLY D 720 -21.83 -31.88 9.50
C GLY D 720 -20.66 -31.11 10.06
N TYR D 721 -19.78 -31.78 10.82
CA TYR D 721 -18.58 -31.13 11.32
C TYR D 721 -17.70 -30.63 10.19
N VAL D 722 -17.50 -31.46 9.17
CA VAL D 722 -16.64 -31.08 8.04
C VAL D 722 -17.24 -29.90 7.30
N LEU D 723 -18.56 -29.94 7.05
CA LEU D 723 -19.21 -28.85 6.34
C LEU D 723 -19.18 -27.56 7.14
N TYR D 724 -19.37 -27.65 8.45
CA TYR D 724 -19.29 -26.46 9.30
C TYR D 724 -17.90 -25.86 9.29
N GLY D 725 -16.87 -26.72 9.37
CA GLY D 725 -15.50 -26.22 9.28
C GLY D 725 -15.20 -25.57 7.94
N ILE D 726 -15.66 -26.19 6.85
CA ILE D 726 -15.45 -25.62 5.53
C ILE D 726 -16.20 -24.29 5.39
N TYR D 727 -17.39 -24.19 5.97
CA TYR D 727 -18.14 -22.95 5.93
C TYR D 727 -17.41 -21.83 6.68
N ASN D 728 -16.88 -22.16 7.86
CA ASN D 728 -16.14 -21.15 8.62
C ASN D 728 -14.87 -20.73 7.87
N VAL D 729 -14.18 -21.70 7.26
CA VAL D 729 -12.99 -21.37 6.47
C VAL D 729 -13.36 -20.48 5.29
N THR D 730 -14.48 -20.77 4.64
CA THR D 730 -14.93 -19.95 3.52
C THR D 730 -15.27 -18.54 3.97
N MET D 731 -15.94 -18.41 5.11
CA MET D 731 -16.23 -17.08 5.64
C MET D 731 -14.95 -16.31 5.92
N VAL D 732 -13.95 -16.96 6.51
CA VAL D 732 -12.67 -16.30 6.77
C VAL D 732 -12.02 -15.89 5.45
N VAL D 733 -12.00 -16.78 4.47
CA VAL D 733 -11.34 -16.50 3.20
C VAL D 733 -12.02 -15.32 2.50
N VAL D 734 -13.35 -15.32 2.48
CA VAL D 734 -14.08 -14.24 1.81
C VAL D 734 -13.89 -12.93 2.57
N LEU D 735 -13.84 -12.98 3.90
CA LEU D 735 -13.63 -11.76 4.68
C LEU D 735 -12.26 -11.15 4.38
N LEU D 736 -11.21 -11.97 4.39
CA LEU D 736 -9.89 -11.46 4.06
C LEU D 736 -9.81 -10.99 2.62
N ASN D 737 -10.46 -11.70 1.69
CA ASN D 737 -10.48 -11.27 0.30
C ASN D 737 -11.14 -9.90 0.17
N MET D 738 -12.28 -9.70 0.84
CA MET D 738 -12.96 -8.41 0.80
C MET D 738 -12.10 -7.31 1.39
N LEU D 739 -11.47 -7.59 2.54
CA LEU D 739 -10.62 -6.60 3.19
C LEU D 739 -9.46 -6.20 2.29
N ILE D 740 -8.80 -7.19 1.68
CA ILE D 740 -7.66 -6.89 0.81
C ILE D 740 -8.11 -6.13 -0.43
N ALA D 741 -9.22 -6.54 -1.04
CA ALA D 741 -9.68 -5.91 -2.27
C ALA D 741 -10.09 -4.46 -2.03
N MET D 742 -10.77 -4.19 -0.91
CA MET D 742 -11.20 -2.83 -0.62
C MET D 742 -10.16 -2.04 0.16
N ILE D 743 -8.99 -2.63 0.43
CA ILE D 743 -7.77 -1.89 0.65
C ILE D 743 -7.15 -1.44 -0.67
N ASN D 744 -7.02 -2.37 -1.62
CA ASN D 744 -6.44 -2.02 -2.92
C ASN D 744 -7.33 -1.04 -3.67
N SER D 745 -8.65 -1.16 -3.51
CA SER D 745 -9.56 -0.24 -4.18
C SER D 745 -9.45 1.19 -3.65
N SER D 746 -8.86 1.37 -2.47
CA SER D 746 -8.70 2.72 -1.93
C SER D 746 -7.78 3.56 -2.81
N TYR D 747 -6.69 2.98 -3.31
CA TYR D 747 -5.79 3.69 -4.19
C TYR D 747 -5.44 2.85 -5.42
N ASP D 752 -4.73 14.49 -3.15
CA ASP D 752 -5.80 15.16 -2.43
C ASP D 752 -7.18 14.73 -2.95
N ASP D 753 -7.25 13.50 -3.46
CA ASP D 753 -8.51 12.99 -3.97
C ASP D 753 -9.55 12.88 -2.87
N SER D 754 -9.15 12.40 -1.69
CA SER D 754 -10.07 12.35 -0.55
C SER D 754 -10.48 13.76 -0.15
N ASP D 755 -9.54 14.70 -0.16
CA ASP D 755 -9.85 16.08 0.21
C ASP D 755 -10.87 16.69 -0.74
N VAL D 756 -10.65 16.53 -2.06
CA VAL D 756 -11.59 17.12 -3.01
C VAL D 756 -12.94 16.41 -2.95
N GLU D 757 -12.96 15.10 -2.71
CA GLU D 757 -14.23 14.40 -2.56
C GLU D 757 -15.01 14.91 -1.35
N TRP D 758 -14.33 15.06 -0.22
CA TRP D 758 -15.01 15.58 0.98
C TRP D 758 -15.50 17.00 0.75
N LYS D 759 -14.69 17.84 0.10
CA LYS D 759 -15.09 19.21 -0.16
C LYS D 759 -16.27 19.27 -1.11
N PHE D 760 -16.32 18.34 -2.08
CA PHE D 760 -17.46 18.27 -2.98
C PHE D 760 -18.73 17.88 -2.23
N ALA D 761 -18.63 16.90 -1.34
CA ALA D 761 -19.79 16.53 -0.53
C ALA D 761 -20.26 17.68 0.35
N ARG D 762 -19.31 18.37 0.98
CA ARG D 762 -19.67 19.49 1.84
C ARG D 762 -20.26 20.65 1.03
N SER D 763 -19.79 20.83 -0.20
CA SER D 763 -20.35 21.87 -1.06
C SER D 763 -21.76 21.52 -1.49
N LYS D 764 -22.03 20.23 -1.75
CA LYS D 764 -23.41 19.81 -2.02
C LYS D 764 -24.29 20.10 -0.82
N LEU D 765 -23.80 19.79 0.39
CA LEU D 765 -24.56 20.09 1.60
C LEU D 765 -24.82 21.59 1.72
N TRP D 766 -23.81 22.41 1.44
CA TRP D 766 -23.98 23.86 1.50
C TRP D 766 -25.04 24.33 0.52
N LEU D 767 -24.95 23.86 -0.73
CA LEU D 767 -25.89 24.30 -1.76
C LEU D 767 -27.30 23.79 -1.49
N SER D 768 -27.43 22.73 -0.69
CA SER D 768 -28.75 22.23 -0.33
C SER D 768 -29.52 23.25 0.52
N TYR D 769 -28.85 24.19 1.16
CA TYR D 769 -29.50 25.14 2.05
C TYR D 769 -29.56 26.56 1.51
N PHE D 770 -28.93 26.84 0.35
CA PHE D 770 -28.91 28.21 -0.16
C PHE D 770 -30.32 28.68 -0.50
N ASP D 771 -31.07 27.89 -1.27
CA ASP D 771 -32.45 28.24 -1.62
C ASP D 771 -33.30 26.98 -1.75
N LYS D 774 -37.12 26.32 2.37
CA LYS D 774 -36.24 25.71 3.35
C LYS D 774 -35.68 26.76 4.31
N THR D 775 -36.55 27.32 5.14
CA THR D 775 -36.16 28.30 6.14
C THR D 775 -36.46 27.86 7.57
N LEU D 776 -37.57 27.18 7.78
CA LEU D 776 -37.97 26.70 9.10
C LEU D 776 -37.77 25.19 9.20
N PRO D 777 -37.59 24.67 10.41
CA PRO D 777 -37.41 23.22 10.57
C PRO D 777 -38.67 22.46 10.19
N PRO D 778 -38.58 21.14 10.02
CA PRO D 778 -39.74 20.35 9.60
C PRO D 778 -40.96 20.55 10.50
N PRO D 779 -40.83 20.43 11.83
CA PRO D 779 -42.03 20.58 12.67
C PRO D 779 -42.65 21.97 12.60
N PHE D 780 -41.84 23.00 12.34
CA PHE D 780 -42.32 24.37 12.31
C PHE D 780 -42.68 24.83 10.90
N SER D 781 -42.54 23.98 9.89
CA SER D 781 -42.87 24.36 8.52
C SER D 781 -44.35 24.19 8.21
N LEU D 782 -45.11 23.52 9.08
CA LEU D 782 -46.54 23.33 8.83
C LEU D 782 -47.29 24.66 8.86
N VAL D 783 -46.95 25.53 9.79
CA VAL D 783 -47.64 26.82 9.90
C VAL D 783 -47.33 27.66 8.68
N PRO D 784 -48.31 28.35 8.07
CA PRO D 784 -48.06 29.23 6.93
C PRO D 784 -47.89 30.70 7.33
N GLN D 844 -19.04 46.28 -28.25
CA GLN D 844 -19.58 46.13 -26.90
C GLN D 844 -20.46 44.87 -26.78
N PRO D 845 -19.85 43.69 -26.90
CA PRO D 845 -20.64 42.45 -26.87
C PRO D 845 -21.40 42.26 -25.57
N THR D 846 -20.69 42.15 -24.46
CA THR D 846 -21.23 42.00 -23.12
C THR D 846 -20.06 42.05 -22.14
N ARG D 847 -20.33 42.49 -20.92
CA ARG D 847 -19.31 42.47 -19.88
C ARG D 847 -18.88 41.04 -19.57
N TYR D 848 -19.85 40.12 -19.46
CA TYR D 848 -19.52 38.73 -19.19
C TYR D 848 -18.75 38.12 -20.35
N GLN D 849 -19.13 38.46 -21.59
CA GLN D 849 -18.38 38.00 -22.74
C GLN D 849 -16.96 38.54 -22.73
N GLN D 850 -16.78 39.80 -22.32
CA GLN D 850 -15.44 40.36 -22.20
C GLN D 850 -14.62 39.60 -21.15
N ILE D 851 -15.23 39.28 -20.01
CA ILE D 851 -14.53 38.55 -18.96
C ILE D 851 -14.12 37.17 -19.47
N MET D 852 -15.04 36.47 -20.13
CA MET D 852 -14.71 35.15 -20.64
C MET D 852 -13.64 35.19 -21.72
N LYS D 853 -13.69 36.20 -22.59
CA LYS D 853 -12.67 36.35 -23.61
C LYS D 853 -11.30 36.59 -22.99
N ARG D 854 -11.25 37.44 -21.97
CA ARG D 854 -9.98 37.68 -21.28
C ARG D 854 -9.45 36.41 -20.62
N LEU D 855 -10.34 35.66 -19.96
CA LEU D 855 -9.92 34.43 -19.29
C LEU D 855 -9.41 33.40 -20.30
N ILE D 856 -10.09 33.27 -21.44
CA ILE D 856 -9.66 32.29 -22.44
C ILE D 856 -8.36 32.72 -23.09
N LYS D 857 -8.20 34.02 -23.33
CA LYS D 857 -6.92 34.52 -23.85
C LYS D 857 -5.79 34.22 -22.89
N ARG D 858 -6.03 34.44 -21.59
CA ARG D 858 -5.02 34.11 -20.58
C ARG D 858 -4.72 32.62 -20.57
N TYR D 859 -5.74 31.77 -20.68
CA TYR D 859 -5.52 30.33 -20.69
C TYR D 859 -4.71 29.89 -21.90
N VAL D 860 -5.02 30.45 -23.07
CA VAL D 860 -4.27 30.12 -24.28
C VAL D 860 -2.82 30.53 -24.14
N LEU D 861 -2.58 31.75 -23.63
CA LEU D 861 -1.22 32.22 -23.44
C LEU D 861 -0.46 31.34 -22.45
N LYS D 862 -1.10 30.98 -21.35
CA LYS D 862 -0.45 30.14 -20.34
C LYS D 862 -0.13 28.76 -20.90
N ALA D 863 -1.07 28.17 -21.64
CA ALA D 863 -0.82 26.85 -22.22
C ALA D 863 0.31 26.89 -23.22
N GLN D 864 0.34 27.92 -24.08
CA GLN D 864 1.41 28.04 -25.05
C GLN D 864 2.76 28.25 -24.36
N VAL D 865 2.79 29.08 -23.32
CA VAL D 865 4.04 29.33 -22.59
C VAL D 865 4.53 28.04 -21.95
N ASP D 866 3.62 27.29 -21.32
CA ASP D 866 4.02 26.04 -20.68
C ASP D 866 4.52 25.02 -21.70
N LYS D 867 3.86 24.95 -22.86
CA LYS D 867 4.25 23.97 -23.87
C LYS D 867 5.60 24.31 -24.48
N GLU D 868 5.80 25.58 -24.85
CA GLU D 868 7.07 25.97 -25.47
C GLU D 868 8.21 25.98 -24.48
N ASN D 869 7.93 26.30 -23.21
CA ASN D 869 8.99 26.27 -22.20
C ASN D 869 9.50 24.87 -21.97
N ASP D 870 8.64 23.86 -22.07
CA ASP D 870 9.05 22.47 -21.96
C ASP D 870 9.68 21.93 -23.23
N GLU D 871 9.63 22.68 -24.33
CA GLU D 871 10.20 22.29 -25.61
C GLU D 871 11.07 23.41 -26.17
N VAL D 872 11.80 24.10 -25.27
CA VAL D 872 12.66 25.19 -25.71
C VAL D 872 13.80 24.65 -26.58
N ASN D 873 14.38 23.53 -26.19
CA ASN D 873 15.46 22.91 -26.96
C ASN D 873 14.96 22.35 -28.27
#